data_6Z1U
#
_entry.id   6Z1U
#
_cell.length_a   1.00
_cell.length_b   1.00
_cell.length_c   1.00
_cell.angle_alpha   90.00
_cell.angle_beta   90.00
_cell.angle_gamma   90.00
#
_symmetry.space_group_name_H-M   'P 1'
#
loop_
_entity.id
_entity.type
_entity.pdbx_description
1 polymer 'ATP synthase subunit alpha, mitochondrial'
2 polymer 'ATP synthase subunit beta, mitochondrial'
3 polymer 'ATP synthase subunit gamma, mitochondrial'
4 polymer 'ATP synthase subunit delta, mitochondrial'
5 polymer 'ATP synthase subunit epsilon, mitochondrial'
6 polymer 'ATPase inhibitor, mitochondrial'
7 polymer 'ATP synthase F(0) complex subunit C2, mitochondrial'
8 polymer 'ATP synthase subunit O, mitochondrial'
9 polymer 'ATP synthase F(0) complex subunit B1, mitochondrial'
10 polymer 'ATP synthase-coupling factor 6, mitochondrial'
11 non-polymer "ADENOSINE-5'-TRIPHOSPHATE"
12 non-polymer 'MAGNESIUM ION'
13 non-polymer "ADENOSINE-5'-DIPHOSPHATE"
14 water water
#
loop_
_entity_poly.entity_id
_entity_poly.type
_entity_poly.pdbx_seq_one_letter_code
_entity_poly.pdbx_strand_id
1 'polypeptide(L)'
;EKTGTAEVSSILEERILGADTSVDLEETGRVLSIGDGIARVHGLRNVQAEEMVEFSSGLKGMSLNLEPDNVGVVVFGNDK
LIKEGDIVKRTGAIVDVPVGEELLGRVVDALGNAIDGKGPIGSKARRRVGLKAPGIIPRISVREPMQTGIKAVDSLVPIG
RGQRELIIGDRQTGKTSIAIDTIINQKRFNDGTDEKKKLYCIYVAIGQKRSTVAQLVKRLTDADAMKYTIVVSATASDAA
PLQYLAPYSGCSMGEYFRDNGKHALIIYDDLSKQAVAYRQMSLLLRRPPGREAYPGDVFYLHSRLLERAAKMNDAFGGGS
LTALPVIETQAGDVSAYIPTNVISITDGQIFLETELFYKGIRPAINVGLSVSRVGSAAQTRAMKQVAGTMKLELAQYREV
AAFAQFGSDLDAATQQLLSRGVRLTELLKQGQYSPMAIEEQVAVIYAGVRGYLDKLEPSKITKFENAFLSHVISQHQALL
GKIRTDGKISEESDAKLKEIVTNFLAGFEA
;
A,B,C
2 'polypeptide(L)'
;AAQASPSPKAGATTGRIVAVIGAVVDVQFDEGLPPILNALEVQGRETRLVLEVAQHLGESTVRTIAMDGTEGLVRGQKVL
DSGAPIRIPVGPETLGRIMNVIGEPIDERGPIKTKQFAAIHAEAPEFVEMSVEQEILVTGIKVVDLLAPYAKGGKIGLFG
GAGVGKTVLIMELINNVAKAHGGYSVFAGVGERTREGNDLYHEMIESGVINLKDATSKVALVYGQMNEPPGARARVALTG
LTVAEYFRDQEGQDVLLFIDNIFRFTQAGSEVSALLGRIPSAVGYQPTLATDMGTMQERITTTKKGSITSVQAIYVPADD
LTDPAPATTFAHLDATTVLSRAIAELGIYPAVDPLDSTSRIMDPNIVGSEHYDVARGVQKILQDYKSLQDIIAILGMDEL
SEEDKLTVSRARKIQRFLSQPFQVAEVFTGHLGKLVPLKETIKGFQQILAGEYDHLPEQAFYMVGPIEEAVAKADKLAEE
HS
;
D,E,F
3 'polypeptide(L)'
;ATLKDITRRLKSIKNIQKITKSMKMVAAAKYARAERELKPARVYGVGSLALYEKADIKTPEDKKKHLIIGVSSDRGLCGA
IHSSVAKQMKSEAANLAAAGKEVKIIGVGDKIRSILHRTHSDQFLVTFKEVGRRPPTFGDASVIALELLNSGYEFDEGSI
IFNRFRSVISYKTEEKPIFSLDTISSAESMSIYDDIDADVLRNYQEYSLANIIYYSLKESTTSEQSARMTAMDNASKNAS
EMIDKLTLTFNRTRQAVITKELIEIISGAAALD
;
G
4 'polypeptide(L)'
;AEAAAAQAPAAGPGQMSFTFASPTQVFFNSANVRQVDVPTQTGAFGILAAHVPTLQVLRPGLVVVHAEDGTTSKYFVSSG
SVTVNADSSVQLLAEEAVTLDMLDLGAAKANLEKAQSELLGAADEATRAEIQIRIEANEALVKALE
;
H
5 'polypeptide(L)' VAYWRQAGLSYIRYSQICAKAVRDALKTEFKANAMKTSGSTIKIVKVKKE I
6 'polypeptide(L)' GSESGDNVRSSAGAVRDAGGAFGKREQAEEERYFRARAKEQLAALKKHHENEISHHAKEIHHHHHH J
7 'polypeptide(L)' DIDTAAKFIGAGAATVGVAGSGAGIGTVFGSLIIGYARNPSL(M3L)QQLFSYAILGFALSEAMGLFCLMVAFLILFAM K,L,M,N,P,Q,R,O
8 'polypeptide(L)'
;FAKLVRPPVQIYGIEGRYATALYSAASKQNKLEQVEKELLRVGQILKEPKMAASLLNPYVKRSVKVKSLSDMTAKEKFSP
LTSNLINLLAENGRLTNTPAVISAFSTMMSVHRGEVPCTVTTASALDEATLTELKTVLKSFLSKGQVLKLEVKIDPSIMG
GMIVRIGEKYVDMSAKTKIQKLSRAMREIL
;
S
9 'polypeptide(L)'
;PVPPLPEHGGKVRFGLIPEEFFQFLYPKTGVTGPYVLGTGLILYLLSKEIYVITPETFSAISTIGFLVYIVKKYGASVGE
FADKLNEQKIAQLEEVKQASIKQIQDAIDMEKSQQALVQKRHYLFDVQRNNIAMALEVTYRERLHRVYREVKNRLDYHIS
VQNMMRQKEQEHMINWVEKRVVQSISAQQEKETIAKCIADLKLLSKKAQAQPVM
;
b
10 'polypeptide(L)' NKELDPVQKLFVDKIREYRTKRQTSGGPVDAGPEYQQDLDRELFKLKQMYGKADMNTFPNFTFEDPKFEVVEKPQS h
#
loop_
_chem_comp.id
_chem_comp.type
_chem_comp.name
_chem_comp.formula
ADP non-polymer ADENOSINE-5'-DIPHOSPHATE 'C10 H15 N5 O10 P2'
ATP non-polymer ADENOSINE-5'-TRIPHOSPHATE 'C10 H16 N5 O13 P3'
MG non-polymer 'MAGNESIUM ION' 'Mg 2'
#
# COMPACT_ATOMS: atom_id res chain seq x y z
N VAL A 8 -48.65 14.18 -56.81
CA VAL A 8 -48.51 14.03 -55.37
C VAL A 8 -49.44 15.03 -54.67
N SER A 9 -49.75 16.12 -55.37
CA SER A 9 -50.64 17.13 -54.79
C SER A 9 -51.97 16.51 -54.37
N SER A 10 -52.41 15.46 -55.07
CA SER A 10 -53.60 14.74 -54.66
C SER A 10 -53.44 14.17 -53.26
N ILE A 11 -52.21 14.00 -52.79
CA ILE A 11 -51.97 13.43 -51.48
C ILE A 11 -51.87 14.51 -50.40
N LEU A 12 -51.40 15.70 -50.74
CA LEU A 12 -51.18 16.74 -49.75
C LEU A 12 -52.44 17.50 -49.38
N GLU A 13 -53.52 17.33 -50.14
CA GLU A 13 -54.76 18.02 -49.77
C GLU A 13 -55.53 17.28 -48.68
N GLU A 14 -55.34 15.96 -48.56
CA GLU A 14 -55.79 15.29 -47.34
C GLU A 14 -54.83 15.57 -46.19
N ARG A 15 -53.57 15.88 -46.49
CA ARG A 15 -52.67 16.39 -45.46
C ARG A 15 -53.20 17.70 -44.90
N ILE A 16 -53.65 18.60 -45.77
CA ILE A 16 -54.21 19.87 -45.31
C ILE A 16 -55.54 19.65 -44.62
N LEU A 17 -56.42 18.83 -45.21
CA LEU A 17 -57.74 18.63 -44.63
C LEU A 17 -57.64 18.06 -43.22
N GLY A 18 -56.75 17.09 -43.01
CA GLY A 18 -56.63 16.45 -41.72
C GLY A 18 -55.92 17.32 -40.69
N ALA A 19 -56.47 18.51 -40.44
CA ALA A 19 -55.90 19.46 -39.49
C ALA A 19 -56.96 19.86 -38.46
N ASP A 20 -56.59 20.78 -37.58
CA ASP A 20 -57.46 21.31 -36.54
C ASP A 20 -57.29 22.83 -36.55
N THR A 21 -58.12 23.52 -37.34
CA THR A 21 -57.99 24.95 -37.52
C THR A 21 -58.60 25.75 -36.38
N SER A 22 -59.36 25.12 -35.50
CA SER A 22 -60.11 25.87 -34.49
C SER A 22 -59.16 26.61 -33.55
N VAL A 23 -59.69 27.66 -32.94
CA VAL A 23 -58.94 28.48 -31.99
C VAL A 23 -59.54 28.28 -30.61
N ASP A 24 -58.98 28.94 -29.60
CA ASP A 24 -59.46 28.77 -28.25
C ASP A 24 -59.14 30.00 -27.42
N LEU A 25 -59.90 30.17 -26.33
CA LEU A 25 -59.61 31.18 -25.32
C LEU A 25 -58.68 30.54 -24.31
N GLU A 26 -57.41 30.90 -24.38
CA GLU A 26 -56.37 30.27 -23.58
C GLU A 26 -55.66 31.32 -22.73
N GLU A 27 -55.09 30.87 -21.63
CA GLU A 27 -54.33 31.77 -20.78
C GLU A 27 -52.97 32.04 -21.41
N THR A 28 -52.19 32.91 -20.78
CA THR A 28 -50.97 33.35 -21.45
C THR A 28 -50.15 34.22 -20.51
N GLY A 29 -48.82 34.07 -20.61
CA GLY A 29 -47.90 35.00 -20.01
C GLY A 29 -46.89 35.43 -21.06
N ARG A 30 -46.03 36.36 -20.68
CA ARG A 30 -45.03 36.88 -21.60
C ARG A 30 -43.65 36.71 -20.98
N VAL A 31 -42.68 36.32 -21.80
CA VAL A 31 -41.33 36.10 -21.30
C VAL A 31 -40.77 37.41 -20.80
N LEU A 32 -40.16 37.39 -19.61
CA LEU A 32 -39.38 38.53 -19.13
C LEU A 32 -37.93 38.38 -19.50
N SER A 33 -37.43 37.15 -19.52
CA SER A 33 -36.01 36.89 -19.64
C SER A 33 -35.83 35.55 -20.32
N ILE A 34 -34.61 35.32 -20.80
CA ILE A 34 -34.28 34.06 -21.44
C ILE A 34 -32.77 33.99 -21.52
N GLY A 35 -32.23 32.79 -21.51
CA GLY A 35 -30.80 32.64 -21.60
C GLY A 35 -30.34 31.40 -20.88
N ASP A 36 -29.43 30.65 -21.49
CA ASP A 36 -28.96 29.38 -20.97
C ASP A 36 -30.03 28.31 -21.06
N GLY A 37 -31.14 28.58 -21.73
CA GLY A 37 -32.21 27.62 -21.88
C GLY A 37 -33.28 27.69 -20.82
N ILE A 38 -33.46 28.84 -20.18
CA ILE A 38 -34.37 28.99 -19.06
C ILE A 38 -35.16 30.27 -19.27
N ALA A 39 -36.43 30.14 -19.63
CA ALA A 39 -37.30 31.29 -19.75
C ALA A 39 -37.87 31.65 -18.39
N ARG A 40 -38.06 32.93 -18.15
CA ARG A 40 -38.71 33.41 -16.94
C ARG A 40 -40.03 34.04 -17.40
N VAL A 41 -41.04 33.23 -17.53
CA VAL A 41 -42.31 33.75 -18.00
C VAL A 41 -42.95 34.55 -16.88
N HIS A 42 -43.70 35.58 -17.25
CA HIS A 42 -44.41 36.41 -16.30
C HIS A 42 -45.89 36.36 -16.64
N GLY A 43 -46.71 36.06 -15.64
CA GLY A 43 -48.11 35.81 -15.88
C GLY A 43 -48.38 34.34 -15.64
N LEU A 44 -49.23 33.73 -16.45
CA LEU A 44 -49.56 32.32 -16.28
C LEU A 44 -50.02 32.06 -14.85
N ARG A 45 -50.95 32.88 -14.38
CA ARG A 45 -51.30 32.85 -12.97
C ARG A 45 -51.88 31.51 -12.56
N ASN A 46 -52.42 30.73 -13.48
CA ASN A 46 -53.06 29.46 -13.18
C ASN A 46 -52.31 28.30 -13.81
N VAL A 47 -50.99 28.32 -13.71
CA VAL A 47 -50.14 27.32 -14.31
C VAL A 47 -49.78 26.29 -13.26
N GLN A 48 -50.05 25.03 -13.55
CA GLN A 48 -49.70 23.96 -12.63
C GLN A 48 -48.20 23.69 -12.66
N ALA A 49 -47.64 23.39 -11.50
CA ALA A 49 -46.24 23.00 -11.46
C ALA A 49 -46.01 21.78 -12.33
N GLU A 50 -44.92 21.78 -13.08
CA GLU A 50 -44.60 20.68 -13.99
C GLU A 50 -45.71 20.50 -15.03
N GLU A 51 -45.89 21.51 -15.85
CA GLU A 51 -46.93 21.54 -16.87
C GLU A 51 -46.33 21.96 -18.21
N MET A 52 -46.91 21.50 -19.31
CA MET A 52 -46.38 21.81 -20.63
C MET A 52 -46.95 23.14 -21.11
N VAL A 53 -46.10 24.15 -21.22
CA VAL A 53 -46.46 25.40 -21.84
C VAL A 53 -45.83 25.42 -23.23
N GLU A 54 -46.36 26.28 -24.10
CA GLU A 54 -45.90 26.38 -25.47
C GLU A 54 -45.54 27.83 -25.78
N PHE A 55 -44.35 28.04 -26.30
CA PHE A 55 -43.96 29.37 -26.71
C PHE A 55 -44.55 29.68 -28.08
N SER A 56 -44.57 30.97 -28.43
CA SER A 56 -45.19 31.35 -29.69
C SER A 56 -44.43 30.75 -30.87
N SER A 57 -43.10 30.80 -30.84
CA SER A 57 -42.32 30.35 -31.98
C SER A 57 -42.55 28.89 -32.31
N GLY A 58 -42.95 28.08 -31.34
CA GLY A 58 -43.27 26.69 -31.61
C GLY A 58 -42.68 25.71 -30.61
N LEU A 59 -41.68 26.15 -29.85
CA LEU A 59 -41.05 25.26 -28.89
C LEU A 59 -42.04 24.85 -27.82
N LYS A 60 -41.57 23.98 -26.92
CA LYS A 60 -42.30 23.58 -25.73
C LYS A 60 -41.58 24.13 -24.51
N GLY A 61 -42.12 23.84 -23.35
CA GLY A 61 -41.46 24.15 -22.10
C GLY A 61 -42.22 23.50 -20.98
N MET A 62 -41.53 23.29 -19.87
CA MET A 62 -42.11 22.58 -18.74
C MET A 62 -41.97 23.48 -17.52
N SER A 63 -43.08 24.09 -17.12
CA SER A 63 -43.01 25.19 -16.16
C SER A 63 -42.61 24.64 -14.81
N LEU A 64 -41.31 24.60 -14.57
CA LEU A 64 -40.74 23.81 -13.48
C LEU A 64 -40.72 24.56 -12.15
N ASN A 65 -40.52 25.88 -12.16
CA ASN A 65 -40.20 26.60 -10.94
C ASN A 65 -41.18 27.76 -10.74
N LEU A 66 -42.31 27.48 -10.09
CA LEU A 66 -43.32 28.52 -9.87
C LEU A 66 -42.87 29.44 -8.75
N GLU A 67 -42.28 30.54 -9.08
CA GLU A 67 -41.92 31.53 -8.09
C GLU A 67 -43.06 32.51 -7.89
N PRO A 68 -43.07 33.26 -6.79
CA PRO A 68 -44.26 34.07 -6.49
C PRO A 68 -44.62 35.05 -7.58
N ASP A 69 -43.65 35.60 -8.30
CA ASP A 69 -43.91 36.64 -9.28
C ASP A 69 -43.77 36.18 -10.72
N ASN A 70 -42.92 35.19 -10.98
CA ASN A 70 -42.70 34.68 -12.32
C ASN A 70 -42.62 33.17 -12.24
N VAL A 71 -42.76 32.52 -13.39
CA VAL A 71 -42.67 31.07 -13.48
C VAL A 71 -41.45 30.73 -14.32
N GLY A 72 -40.52 29.99 -13.74
CA GLY A 72 -39.34 29.55 -14.45
C GLY A 72 -39.61 28.33 -15.29
N VAL A 73 -39.66 28.53 -16.59
CA VAL A 73 -39.92 27.50 -17.58
C VAL A 73 -38.59 27.07 -18.19
N VAL A 74 -38.48 25.79 -18.54
CA VAL A 74 -37.28 25.23 -19.14
C VAL A 74 -37.61 24.84 -20.57
N VAL A 75 -36.91 25.44 -21.53
CA VAL A 75 -37.26 25.24 -22.94
C VAL A 75 -36.85 23.85 -23.37
N PHE A 76 -37.69 23.21 -24.18
CA PHE A 76 -37.35 21.92 -24.78
C PHE A 76 -36.67 22.11 -26.12
N GLY A 77 -35.62 22.91 -26.15
CA GLY A 77 -34.86 23.09 -27.37
C GLY A 77 -34.03 24.35 -27.30
N ASN A 78 -33.40 24.64 -28.42
CA ASN A 78 -32.59 25.85 -28.52
C ASN A 78 -33.49 27.06 -28.34
N ASP A 79 -33.12 27.93 -27.41
CA ASP A 79 -33.89 29.14 -27.17
C ASP A 79 -33.54 30.27 -28.13
N LYS A 80 -32.64 30.02 -29.08
CA LYS A 80 -32.40 31.00 -30.14
C LYS A 80 -33.71 31.53 -30.70
N LEU A 81 -34.76 30.73 -30.68
CA LEU A 81 -36.05 31.12 -31.25
C LEU A 81 -36.89 31.95 -30.29
N ILE A 82 -36.45 32.14 -29.05
CA ILE A 82 -37.23 32.84 -28.05
C ILE A 82 -36.60 34.19 -27.80
N LYS A 83 -37.45 35.17 -27.47
CA LYS A 83 -36.99 36.51 -27.17
C LYS A 83 -37.79 37.06 -26.00
N GLU A 84 -37.17 37.95 -25.25
CA GLU A 84 -37.86 38.66 -24.19
C GLU A 84 -39.04 39.42 -24.79
N GLY A 85 -40.25 39.00 -24.46
CA GLY A 85 -41.43 39.61 -25.04
C GLY A 85 -42.35 38.57 -25.66
N ASP A 86 -41.80 37.42 -26.01
CA ASP A 86 -42.61 36.38 -26.62
C ASP A 86 -43.78 36.00 -25.73
N ILE A 87 -44.69 35.21 -26.28
CA ILE A 87 -45.91 34.81 -25.62
C ILE A 87 -45.84 33.32 -25.32
N VAL A 88 -46.12 32.95 -24.08
CA VAL A 88 -46.15 31.57 -23.64
C VAL A 88 -47.60 31.24 -23.28
N LYS A 89 -48.19 30.29 -24.00
CA LYS A 89 -49.58 29.92 -23.80
C LYS A 89 -49.62 28.54 -23.14
N ARG A 90 -50.26 28.46 -21.99
CA ARG A 90 -50.30 27.20 -21.27
C ARG A 90 -51.25 26.23 -21.96
N THR A 91 -51.06 24.93 -21.68
CA THR A 91 -51.88 23.90 -22.27
C THR A 91 -52.73 23.14 -21.26
N GLY A 92 -52.46 23.27 -19.97
CA GLY A 92 -53.26 22.61 -18.97
C GLY A 92 -52.85 21.19 -18.65
N ALA A 93 -51.88 20.63 -19.37
CA ALA A 93 -51.55 19.23 -19.28
C ALA A 93 -50.17 19.03 -18.69
N ILE A 94 -50.10 18.21 -17.65
CA ILE A 94 -48.82 17.69 -17.22
C ILE A 94 -48.19 16.96 -18.40
N VAL A 95 -46.88 16.77 -18.33
CA VAL A 95 -46.18 16.13 -19.43
C VAL A 95 -46.68 14.70 -19.55
N ASP A 96 -47.06 14.29 -20.76
CA ASP A 96 -47.50 12.94 -21.02
C ASP A 96 -46.93 12.46 -22.35
N VAL A 97 -46.98 11.15 -22.56
CA VAL A 97 -46.38 10.53 -23.74
C VAL A 97 -47.28 9.43 -24.25
N PRO A 98 -47.18 9.12 -25.53
CA PRO A 98 -47.94 8.00 -26.07
C PRO A 98 -47.41 6.68 -25.53
N VAL A 99 -48.27 5.67 -25.57
CA VAL A 99 -47.90 4.33 -25.17
C VAL A 99 -48.65 3.35 -26.06
N GLY A 100 -48.46 2.07 -25.79
CA GLY A 100 -49.14 1.02 -26.50
C GLY A 100 -48.15 0.07 -27.11
N GLU A 101 -48.65 -0.83 -27.94
CA GLU A 101 -47.80 -1.73 -28.70
C GLU A 101 -47.53 -1.21 -30.09
N GLU A 102 -47.99 0.00 -30.41
CA GLU A 102 -47.64 0.63 -31.67
C GLU A 102 -46.19 1.09 -31.69
N LEU A 103 -45.60 1.32 -30.52
CA LEU A 103 -44.24 1.81 -30.44
C LEU A 103 -43.22 0.72 -30.74
N LEU A 104 -43.52 -0.52 -30.43
CA LEU A 104 -42.57 -1.60 -30.63
C LEU A 104 -42.02 -1.57 -32.05
N GLY A 105 -40.70 -1.57 -32.16
CA GLY A 105 -40.04 -1.50 -33.44
C GLY A 105 -39.72 -0.10 -33.92
N ARG A 106 -40.19 0.92 -33.22
CA ARG A 106 -39.93 2.31 -33.59
C ARG A 106 -38.76 2.86 -32.81
N VAL A 107 -38.40 4.10 -33.14
CA VAL A 107 -37.45 4.88 -32.37
C VAL A 107 -38.13 6.20 -32.07
N VAL A 108 -38.32 6.49 -30.80
CA VAL A 108 -39.02 7.69 -30.39
C VAL A 108 -38.05 8.55 -29.60
N ASP A 109 -38.31 9.84 -29.57
CA ASP A 109 -37.49 10.74 -28.78
C ASP A 109 -38.10 10.87 -27.38
N ALA A 110 -37.62 11.82 -26.59
CA ALA A 110 -38.03 11.88 -25.20
C ALA A 110 -39.53 12.08 -25.06
N LEU A 111 -40.17 12.73 -26.02
CA LEU A 111 -41.58 13.05 -25.93
C LEU A 111 -42.45 12.12 -26.76
N GLY A 112 -41.93 10.97 -27.16
CA GLY A 112 -42.70 10.06 -27.97
C GLY A 112 -43.03 10.56 -29.36
N ASN A 113 -42.07 11.17 -30.04
CA ASN A 113 -42.22 11.60 -31.42
C ASN A 113 -41.25 10.78 -32.27
N ALA A 114 -41.79 10.05 -33.24
CA ALA A 114 -40.93 9.20 -34.07
C ALA A 114 -39.84 10.03 -34.71
N ILE A 115 -38.60 9.77 -34.32
CA ILE A 115 -37.43 10.33 -35.00
C ILE A 115 -36.83 9.32 -35.96
N ASP A 116 -37.61 8.34 -36.40
CA ASP A 116 -37.14 7.30 -37.29
C ASP A 116 -37.52 7.55 -38.73
N GLY A 117 -38.21 8.64 -39.03
CA GLY A 117 -38.88 8.75 -40.31
C GLY A 117 -39.97 7.72 -40.35
N LYS A 118 -39.88 6.76 -41.27
CA LYS A 118 -40.59 5.50 -41.16
C LYS A 118 -42.04 5.67 -40.70
N GLY A 119 -42.64 6.81 -41.01
CA GLY A 119 -44.03 7.06 -40.68
C GLY A 119 -44.22 7.63 -39.30
N PRO A 120 -45.46 7.96 -38.95
CA PRO A 120 -45.75 8.44 -37.59
C PRO A 120 -46.22 7.32 -36.67
N ILE A 121 -46.13 7.59 -35.37
CA ILE A 121 -46.62 6.65 -34.37
C ILE A 121 -48.13 6.65 -34.40
N GLY A 122 -48.72 5.45 -34.41
CA GLY A 122 -50.16 5.33 -34.45
C GLY A 122 -50.78 4.96 -33.12
N SER A 123 -50.22 5.48 -32.04
CA SER A 123 -50.72 5.15 -30.71
C SER A 123 -52.07 5.80 -30.46
N LYS A 124 -52.92 5.09 -29.73
CA LYS A 124 -54.22 5.61 -29.31
C LYS A 124 -54.20 6.18 -27.91
N ALA A 125 -53.48 5.54 -26.99
CA ALA A 125 -53.52 5.88 -25.57
C ALA A 125 -52.26 6.62 -25.16
N ARG A 126 -52.44 7.72 -24.44
CA ARG A 126 -51.34 8.45 -23.82
C ARG A 126 -51.32 8.15 -22.33
N ARG A 127 -50.31 8.68 -21.66
CA ARG A 127 -50.12 8.37 -20.25
C ARG A 127 -49.14 9.37 -19.66
N ARG A 128 -49.36 9.73 -18.40
CA ARG A 128 -48.49 10.72 -17.78
C ARG A 128 -47.07 10.19 -17.67
N VAL A 129 -46.17 11.04 -17.17
CA VAL A 129 -44.81 10.62 -16.88
C VAL A 129 -44.47 10.74 -15.40
N GLY A 130 -45.32 11.35 -14.60
CA GLY A 130 -45.03 11.54 -13.20
C GLY A 130 -46.00 10.78 -12.31
N LEU A 131 -46.32 9.56 -12.72
CA LEU A 131 -47.18 8.72 -11.92
C LEU A 131 -46.39 8.18 -10.72
N LYS A 132 -47.13 7.64 -9.75
CA LYS A 132 -46.51 7.04 -8.59
C LYS A 132 -46.28 5.55 -8.82
N ALA A 133 -45.28 5.02 -8.14
CA ALA A 133 -45.02 3.60 -8.21
C ALA A 133 -46.14 2.83 -7.51
N PRO A 134 -46.34 1.56 -7.87
CA PRO A 134 -47.35 0.77 -7.16
C PRO A 134 -46.96 0.58 -5.71
N GLY A 135 -47.97 0.48 -4.86
CA GLY A 135 -47.74 0.49 -3.43
C GLY A 135 -47.05 -0.74 -2.91
N ILE A 136 -47.28 -1.05 -1.64
CA ILE A 136 -46.67 -2.22 -1.02
C ILE A 136 -47.52 -3.46 -1.18
N ILE A 137 -48.82 -3.31 -1.41
CA ILE A 137 -49.72 -4.44 -1.52
C ILE A 137 -49.72 -4.96 -2.95
N PRO A 138 -49.79 -4.11 -3.98
CA PRO A 138 -49.78 -4.63 -5.35
C PRO A 138 -48.63 -5.58 -5.63
N ARG A 139 -47.43 -5.29 -5.16
CA ARG A 139 -46.29 -6.12 -5.51
C ARG A 139 -46.41 -7.50 -4.90
N ILE A 140 -45.74 -8.46 -5.53
CA ILE A 140 -45.56 -9.80 -4.98
C ILE A 140 -44.09 -10.16 -5.19
N SER A 141 -43.58 -11.02 -4.32
CA SER A 141 -42.15 -11.31 -4.29
C SER A 141 -41.63 -11.65 -5.67
N VAL A 142 -40.33 -11.43 -5.89
CA VAL A 142 -39.71 -11.69 -7.18
C VAL A 142 -39.42 -13.18 -7.28
N ARG A 143 -39.97 -13.82 -8.28
CA ARG A 143 -39.90 -15.27 -8.41
C ARG A 143 -39.43 -15.75 -9.78
N GLU A 144 -39.85 -15.10 -10.86
CA GLU A 144 -39.47 -15.56 -12.18
C GLU A 144 -38.05 -15.11 -12.53
N PRO A 145 -37.34 -15.85 -13.35
CA PRO A 145 -36.03 -15.40 -13.83
C PRO A 145 -36.12 -14.67 -15.16
N MET A 146 -35.19 -13.77 -15.35
CA MET A 146 -35.01 -13.07 -16.61
C MET A 146 -33.71 -13.57 -17.20
N GLN A 147 -33.81 -14.54 -18.11
CA GLN A 147 -32.60 -15.08 -18.72
C GLN A 147 -31.91 -14.00 -19.53
N THR A 148 -30.78 -13.52 -19.05
CA THR A 148 -30.01 -12.53 -19.79
C THR A 148 -29.17 -13.16 -20.89
N GLY A 149 -29.01 -14.47 -20.90
CA GLY A 149 -28.22 -15.12 -21.91
C GLY A 149 -26.72 -15.01 -21.71
N ILE A 150 -26.28 -14.42 -20.61
CA ILE A 150 -24.86 -14.26 -20.33
C ILE A 150 -24.53 -15.22 -19.19
N LYS A 151 -23.47 -16.03 -19.39
CA LYS A 151 -23.18 -17.09 -18.43
C LYS A 151 -22.95 -16.52 -17.04
N ALA A 152 -22.11 -15.48 -16.95
CA ALA A 152 -21.76 -14.95 -15.63
C ALA A 152 -22.98 -14.33 -14.96
N VAL A 153 -23.70 -13.48 -15.68
CA VAL A 153 -24.85 -12.81 -15.09
C VAL A 153 -25.90 -13.83 -14.70
N ASP A 154 -26.15 -14.80 -15.55
CA ASP A 154 -27.32 -15.67 -15.43
C ASP A 154 -27.13 -16.79 -14.42
N SER A 155 -25.93 -17.00 -13.90
CA SER A 155 -25.68 -18.07 -12.94
C SER A 155 -25.17 -17.58 -11.60
N LEU A 156 -24.25 -16.62 -11.58
CA LEU A 156 -23.66 -16.13 -10.34
C LEU A 156 -24.39 -14.92 -9.76
N VAL A 157 -24.89 -14.03 -10.61
CA VAL A 157 -25.61 -12.85 -10.17
C VAL A 157 -26.95 -12.82 -10.88
N PRO A 158 -27.90 -13.64 -10.49
CA PRO A 158 -29.14 -13.77 -11.25
C PRO A 158 -29.98 -12.51 -11.21
N ILE A 159 -30.95 -12.45 -12.11
CA ILE A 159 -31.80 -11.28 -12.29
C ILE A 159 -33.23 -11.76 -12.48
N GLY A 160 -34.05 -11.65 -11.45
CA GLY A 160 -35.45 -11.98 -11.59
C GLY A 160 -36.21 -10.87 -12.25
N ARG A 161 -37.47 -11.12 -12.57
CA ARG A 161 -38.30 -10.13 -13.25
C ARG A 161 -39.04 -9.31 -12.20
N GLY A 162 -38.82 -8.02 -12.22
CA GLY A 162 -39.31 -7.12 -11.21
C GLY A 162 -38.24 -6.59 -10.30
N GLN A 163 -36.99 -6.64 -10.71
CA GLN A 163 -35.86 -6.35 -9.85
C GLN A 163 -34.99 -5.30 -10.53
N ARG A 164 -34.56 -4.31 -9.76
CA ARG A 164 -33.62 -3.32 -10.27
C ARG A 164 -32.22 -3.88 -10.11
N GLU A 165 -31.44 -3.89 -11.20
CA GLU A 165 -30.11 -4.49 -11.16
C GLU A 165 -29.14 -3.52 -11.81
N LEU A 166 -28.57 -2.63 -11.00
CA LEU A 166 -27.54 -1.73 -11.49
C LEU A 166 -26.51 -2.48 -12.30
N ILE A 167 -26.08 -1.89 -13.41
CA ILE A 167 -24.93 -2.34 -14.17
C ILE A 167 -23.92 -1.21 -14.06
N ILE A 168 -22.93 -1.37 -13.19
CA ILE A 168 -22.05 -0.27 -12.82
C ILE A 168 -20.64 -0.61 -13.26
N GLY A 169 -19.93 0.38 -13.77
CA GLY A 169 -18.55 0.11 -14.13
C GLY A 169 -17.88 1.25 -14.86
N ASP A 170 -16.57 1.19 -15.01
CA ASP A 170 -15.85 2.30 -15.62
C ASP A 170 -16.24 2.41 -17.09
N ARG A 171 -15.61 3.36 -17.77
CA ARG A 171 -15.90 3.57 -19.18
C ARG A 171 -15.29 2.45 -20.03
N GLN A 172 -15.98 2.13 -21.11
CA GLN A 172 -15.59 1.06 -22.03
C GLN A 172 -15.12 -0.18 -21.28
N THR A 173 -16.04 -0.75 -20.50
CA THR A 173 -15.85 -2.10 -19.96
C THR A 173 -16.90 -3.08 -20.46
N GLY A 174 -17.90 -2.63 -21.20
CA GLY A 174 -18.87 -3.54 -21.76
C GLY A 174 -20.19 -3.53 -21.05
N LYS A 175 -20.70 -2.35 -20.72
CA LYS A 175 -21.98 -2.24 -20.04
C LYS A 175 -23.12 -2.30 -21.04
N THR A 176 -23.10 -1.41 -22.03
CA THR A 176 -24.07 -1.46 -23.10
C THR A 176 -24.06 -2.81 -23.78
N SER A 177 -22.90 -3.46 -23.87
CA SER A 177 -22.85 -4.79 -24.48
C SER A 177 -23.65 -5.80 -23.68
N ILE A 178 -23.55 -5.74 -22.35
CA ILE A 178 -24.36 -6.63 -21.53
C ILE A 178 -25.84 -6.33 -21.76
N ALA A 179 -26.21 -5.06 -21.79
CA ALA A 179 -27.62 -4.75 -21.99
C ALA A 179 -28.11 -5.22 -23.35
N ILE A 180 -27.28 -5.10 -24.38
CA ILE A 180 -27.71 -5.50 -25.71
C ILE A 180 -27.75 -7.00 -25.86
N ASP A 181 -26.83 -7.73 -25.22
CA ASP A 181 -26.97 -9.18 -25.19
C ASP A 181 -28.26 -9.57 -24.49
N THR A 182 -28.61 -8.88 -23.41
CA THR A 182 -29.89 -9.15 -22.76
C THR A 182 -31.05 -8.90 -23.71
N ILE A 183 -30.99 -7.82 -24.48
CA ILE A 183 -32.09 -7.52 -25.39
C ILE A 183 -32.20 -8.59 -26.46
N ILE A 184 -31.05 -9.00 -27.02
CA ILE A 184 -31.08 -9.95 -28.11
C ILE A 184 -31.54 -11.31 -27.63
N ASN A 185 -31.18 -11.70 -26.40
CA ASN A 185 -31.52 -13.02 -25.93
C ASN A 185 -33.03 -13.25 -25.94
N GLN A 186 -33.81 -12.22 -25.64
CA GLN A 186 -35.25 -12.40 -25.54
C GLN A 186 -35.90 -12.80 -26.84
N LYS A 187 -35.16 -12.89 -27.94
CA LYS A 187 -35.77 -13.28 -29.21
C LYS A 187 -36.41 -14.65 -29.11
N ARG A 188 -35.69 -15.62 -28.54
CA ARG A 188 -36.20 -16.97 -28.48
C ARG A 188 -37.53 -17.03 -27.74
N PHE A 189 -37.70 -16.19 -26.72
CA PHE A 189 -38.96 -16.14 -26.00
C PHE A 189 -40.03 -15.42 -26.82
N ASN A 190 -39.66 -14.29 -27.43
CA ASN A 190 -40.62 -13.47 -28.14
C ASN A 190 -40.98 -14.01 -29.51
N ASP A 191 -40.34 -15.10 -29.93
CA ASP A 191 -40.78 -15.83 -31.11
C ASP A 191 -41.62 -17.04 -30.75
N GLY A 192 -41.43 -17.60 -29.57
CA GLY A 192 -42.16 -18.80 -29.18
C GLY A 192 -43.64 -18.54 -28.99
N THR A 193 -44.27 -19.34 -28.13
CA THR A 193 -45.72 -19.30 -27.96
C THR A 193 -46.15 -18.66 -26.65
N ASP A 194 -45.63 -19.16 -25.51
CA ASP A 194 -46.14 -18.73 -24.21
C ASP A 194 -46.01 -17.21 -24.06
N GLU A 195 -47.05 -16.61 -23.51
CA GLU A 195 -47.07 -15.17 -23.26
C GLU A 195 -46.63 -14.83 -21.84
N LYS A 196 -46.27 -15.83 -21.04
CA LYS A 196 -45.73 -15.63 -19.72
C LYS A 196 -44.21 -15.65 -19.70
N LYS A 197 -43.58 -15.61 -20.87
CA LYS A 197 -42.14 -15.53 -20.97
C LYS A 197 -41.70 -14.50 -21.99
N LYS A 198 -42.63 -13.75 -22.57
CA LYS A 198 -42.28 -12.74 -23.56
C LYS A 198 -41.88 -11.46 -22.86
N LEU A 199 -40.69 -10.98 -23.13
CA LEU A 199 -40.17 -9.75 -22.55
C LEU A 199 -40.12 -8.68 -23.64
N TYR A 200 -40.74 -7.54 -23.37
CA TYR A 200 -40.82 -6.45 -24.34
C TYR A 200 -39.77 -5.40 -23.99
N CYS A 201 -38.52 -5.71 -24.32
CA CYS A 201 -37.40 -4.85 -23.98
C CYS A 201 -37.67 -3.41 -24.39
N ILE A 202 -37.13 -2.48 -23.61
CA ILE A 202 -37.07 -1.06 -23.95
C ILE A 202 -35.63 -0.64 -23.74
N TYR A 203 -35.19 0.38 -24.44
CA TYR A 203 -33.81 0.84 -24.31
C TYR A 203 -33.79 2.36 -24.38
N VAL A 204 -33.57 3.01 -23.25
CA VAL A 204 -33.48 4.46 -23.19
C VAL A 204 -32.03 4.86 -23.36
N ALA A 205 -31.75 5.68 -24.36
CA ALA A 205 -30.39 6.13 -24.68
C ALA A 205 -30.29 7.60 -24.30
N ILE A 206 -29.53 7.89 -23.25
CA ILE A 206 -29.39 9.24 -22.73
C ILE A 206 -27.96 9.70 -22.93
N GLY A 207 -27.80 10.90 -23.44
CA GLY A 207 -26.48 11.49 -23.56
C GLY A 207 -25.58 10.88 -24.62
N GLN A 208 -25.96 9.76 -25.22
CA GLN A 208 -25.18 9.19 -26.30
C GLN A 208 -25.30 10.07 -27.53
N LYS A 209 -24.41 9.86 -28.50
CA LYS A 209 -24.47 10.57 -29.75
C LYS A 209 -25.20 9.75 -30.79
N ARG A 210 -25.92 10.44 -31.68
CA ARG A 210 -26.84 9.75 -32.57
C ARG A 210 -26.15 8.69 -33.40
N SER A 211 -24.85 8.82 -33.62
CA SER A 211 -24.13 7.74 -34.29
C SER A 211 -24.17 6.46 -33.47
N THR A 212 -24.01 6.58 -32.16
CA THR A 212 -24.03 5.39 -31.32
C THR A 212 -25.41 4.74 -31.31
N VAL A 213 -26.47 5.53 -31.18
CA VAL A 213 -27.81 4.96 -31.20
C VAL A 213 -28.12 4.37 -32.56
N ALA A 214 -27.61 4.99 -33.63
CA ALA A 214 -27.81 4.42 -34.96
C ALA A 214 -27.13 3.07 -35.09
N GLN A 215 -25.88 2.96 -34.65
CA GLN A 215 -25.21 1.67 -34.67
C GLN A 215 -25.95 0.66 -33.84
N LEU A 216 -26.48 1.09 -32.69
CA LEU A 216 -27.23 0.18 -31.85
C LEU A 216 -28.45 -0.37 -32.57
N VAL A 217 -29.27 0.51 -33.14
CA VAL A 217 -30.47 0.03 -33.83
C VAL A 217 -30.07 -0.83 -35.00
N LYS A 218 -28.91 -0.59 -35.59
CA LYS A 218 -28.43 -1.48 -36.63
C LYS A 218 -28.14 -2.88 -36.09
N ARG A 219 -27.50 -2.96 -34.92
CA ARG A 219 -27.28 -4.26 -34.30
C ARG A 219 -28.61 -4.95 -34.04
N LEU A 220 -29.56 -4.22 -33.47
CA LEU A 220 -30.84 -4.82 -33.12
C LEU A 220 -31.59 -5.28 -34.36
N THR A 221 -31.53 -4.52 -35.45
CA THR A 221 -32.20 -4.93 -36.67
C THR A 221 -31.50 -6.14 -37.29
N ASP A 222 -30.18 -6.17 -37.30
CA ASP A 222 -29.48 -7.35 -37.81
C ASP A 222 -29.90 -8.59 -37.04
N ALA A 223 -29.86 -8.51 -35.72
CA ALA A 223 -30.32 -9.62 -34.89
C ALA A 223 -31.83 -9.75 -34.87
N ASP A 224 -32.53 -8.99 -35.71
CA ASP A 224 -33.99 -8.98 -35.76
C ASP A 224 -34.57 -8.97 -34.36
N ALA A 225 -34.15 -7.99 -33.58
CA ALA A 225 -34.62 -7.83 -32.20
C ALA A 225 -35.34 -6.52 -32.00
N MET A 226 -35.82 -5.89 -33.06
CA MET A 226 -36.59 -4.65 -32.93
C MET A 226 -38.09 -4.90 -32.91
N LYS A 227 -38.56 -6.01 -33.46
CA LYS A 227 -40.00 -6.23 -33.51
C LYS A 227 -40.64 -6.23 -32.12
N TYR A 228 -39.85 -6.23 -31.05
CA TYR A 228 -40.38 -6.13 -29.71
C TYR A 228 -39.66 -5.09 -28.84
N THR A 229 -38.74 -4.33 -29.40
CA THR A 229 -38.00 -3.32 -28.66
C THR A 229 -38.48 -1.93 -29.03
N ILE A 230 -38.60 -1.08 -28.03
CA ILE A 230 -38.68 0.36 -28.24
C ILE A 230 -37.31 0.93 -27.94
N VAL A 231 -36.96 2.03 -28.59
CA VAL A 231 -35.68 2.69 -28.38
C VAL A 231 -35.95 4.18 -28.21
N VAL A 232 -36.19 4.61 -26.97
CA VAL A 232 -36.21 6.03 -26.71
C VAL A 232 -34.79 6.57 -26.87
N SER A 233 -34.68 7.87 -27.08
CA SER A 233 -33.37 8.45 -27.32
C SER A 233 -33.41 9.94 -27.02
N ALA A 234 -32.68 10.36 -25.98
CA ALA A 234 -32.42 11.78 -25.72
C ALA A 234 -30.92 11.94 -25.86
N THR A 235 -30.47 12.22 -27.08
CA THR A 235 -29.06 12.15 -27.40
C THR A 235 -28.37 13.46 -27.01
N ALA A 236 -27.04 13.47 -27.14
CA ALA A 236 -26.23 14.49 -26.49
C ALA A 236 -26.65 15.90 -26.90
N SER A 237 -27.15 16.08 -28.12
CA SER A 237 -27.46 17.42 -28.60
C SER A 237 -28.83 17.91 -28.15
N ASP A 238 -29.64 17.05 -27.56
CA ASP A 238 -30.99 17.45 -27.17
C ASP A 238 -30.96 18.15 -25.83
N ALA A 239 -31.66 19.28 -25.76
CA ALA A 239 -31.52 20.21 -24.64
C ALA A 239 -31.65 19.47 -23.32
N ALA A 240 -31.14 20.05 -22.25
CA ALA A 240 -31.11 19.35 -20.97
C ALA A 240 -32.46 18.78 -20.58
N PRO A 241 -33.58 19.48 -20.73
CA PRO A 241 -34.85 18.88 -20.29
C PRO A 241 -35.20 17.59 -20.97
N LEU A 242 -34.81 17.40 -22.23
CA LEU A 242 -35.15 16.17 -22.92
C LEU A 242 -34.30 15.00 -22.51
N GLN A 243 -33.19 15.22 -21.80
CA GLN A 243 -32.46 14.12 -21.20
C GLN A 243 -32.91 13.84 -19.78
N TYR A 244 -33.27 14.88 -19.04
CA TYR A 244 -33.84 14.67 -17.72
C TYR A 244 -35.16 13.94 -17.79
N LEU A 245 -35.83 13.97 -18.94
CA LEU A 245 -37.20 13.48 -19.06
C LEU A 245 -37.31 12.19 -19.84
N ALA A 246 -36.27 11.76 -20.54
CA ALA A 246 -36.36 10.51 -21.29
C ALA A 246 -36.58 9.30 -20.40
N PRO A 247 -35.88 9.13 -19.28
CA PRO A 247 -36.11 7.93 -18.47
C PRO A 247 -37.53 7.77 -18.03
N TYR A 248 -38.23 8.87 -17.75
CA TYR A 248 -39.62 8.74 -17.34
C TYR A 248 -40.52 8.41 -18.52
N SER A 249 -40.20 8.89 -19.71
CA SER A 249 -40.92 8.45 -20.89
C SER A 249 -40.77 6.95 -21.09
N GLY A 250 -39.54 6.46 -20.99
CA GLY A 250 -39.33 5.03 -21.11
C GLY A 250 -40.06 4.26 -20.03
N CYS A 251 -39.97 4.72 -18.79
CA CYS A 251 -40.59 3.99 -17.69
C CYS A 251 -42.10 4.01 -17.80
N SER A 252 -42.69 5.02 -18.43
CA SER A 252 -44.13 5.01 -18.64
C SER A 252 -44.52 4.10 -19.80
N MET A 253 -43.74 4.12 -20.89
CA MET A 253 -43.98 3.15 -21.94
C MET A 253 -43.88 1.73 -21.41
N GLY A 254 -43.07 1.51 -20.37
CA GLY A 254 -42.98 0.20 -19.76
C GLY A 254 -44.06 -0.06 -18.74
N GLU A 255 -44.48 0.97 -18.03
CA GLU A 255 -45.58 0.80 -17.08
C GLU A 255 -46.85 0.42 -17.79
N TYR A 256 -47.03 0.86 -19.03
CA TYR A 256 -48.20 0.40 -19.78
C TYR A 256 -48.23 -1.12 -19.85
N PHE A 257 -47.13 -1.73 -20.31
CA PHE A 257 -47.06 -3.19 -20.33
C PHE A 257 -47.25 -3.75 -18.93
N ARG A 258 -46.51 -3.22 -17.96
CA ARG A 258 -46.54 -3.80 -16.62
C ARG A 258 -47.97 -3.90 -16.11
N ASP A 259 -48.73 -2.83 -16.22
CA ASP A 259 -50.10 -2.87 -15.72
C ASP A 259 -51.07 -3.47 -16.72
N ASN A 260 -50.61 -3.85 -17.91
CA ASN A 260 -51.41 -4.61 -18.86
C ASN A 260 -51.07 -6.09 -18.85
N GLY A 261 -50.65 -6.62 -17.70
CA GLY A 261 -50.41 -8.04 -17.59
C GLY A 261 -49.33 -8.58 -18.50
N LYS A 262 -48.46 -7.74 -19.01
CA LYS A 262 -47.33 -8.16 -19.81
C LYS A 262 -46.03 -7.97 -19.02
N HIS A 263 -44.94 -8.45 -19.59
CA HIS A 263 -43.64 -8.36 -18.96
C HIS A 263 -42.74 -7.48 -19.81
N ALA A 264 -42.13 -6.49 -19.17
CA ALA A 264 -41.29 -5.52 -19.86
C ALA A 264 -39.89 -5.56 -19.29
N LEU A 265 -39.04 -4.69 -19.82
CA LEU A 265 -37.65 -4.60 -19.38
C LEU A 265 -37.11 -3.30 -19.93
N ILE A 266 -36.59 -2.44 -19.06
CA ILE A 266 -36.19 -1.10 -19.44
C ILE A 266 -34.75 -0.89 -19.03
N ILE A 267 -33.95 -0.34 -19.94
CA ILE A 267 -32.51 -0.19 -19.75
C ILE A 267 -32.16 1.27 -19.94
N TYR A 268 -31.87 1.96 -18.84
CA TYR A 268 -31.44 3.35 -18.92
C TYR A 268 -29.93 3.37 -19.10
N ASP A 269 -29.44 4.22 -20.00
CA ASP A 269 -28.03 4.16 -20.38
C ASP A 269 -27.58 5.55 -20.84
N ASP A 270 -26.93 6.34 -19.99
CA ASP A 270 -26.63 6.05 -18.58
C ASP A 270 -27.68 6.73 -17.74
N LEU A 271 -27.63 6.53 -16.42
CA LEU A 271 -28.35 7.40 -15.51
C LEU A 271 -27.46 8.51 -14.99
N SER A 272 -26.16 8.34 -15.03
CA SER A 272 -25.21 9.37 -14.64
C SER A 272 -25.13 10.49 -15.66
N LYS A 273 -25.97 10.48 -16.70
CA LYS A 273 -26.13 11.61 -17.58
C LYS A 273 -27.49 12.26 -17.45
N GLN A 274 -28.52 11.51 -17.09
CA GLN A 274 -29.74 12.15 -16.62
C GLN A 274 -29.47 12.98 -15.39
N ALA A 275 -28.63 12.47 -14.47
CA ALA A 275 -28.32 13.25 -13.28
C ALA A 275 -27.60 14.54 -13.63
N VAL A 276 -26.69 14.49 -14.59
CA VAL A 276 -25.96 15.69 -15.02
C VAL A 276 -26.91 16.68 -15.69
N ALA A 277 -27.82 16.18 -16.55
CA ALA A 277 -28.79 17.08 -17.17
C ALA A 277 -29.66 17.75 -16.13
N TYR A 278 -30.08 16.99 -15.11
CA TYR A 278 -30.89 17.61 -14.06
C TYR A 278 -30.08 18.61 -13.26
N ARG A 279 -28.80 18.33 -13.02
CA ARG A 279 -27.98 19.30 -12.31
C ARG A 279 -27.91 20.61 -13.08
N GLN A 280 -27.72 20.54 -14.39
CA GLN A 280 -27.73 21.76 -15.19
C GLN A 280 -29.06 22.47 -15.07
N MET A 281 -30.16 21.76 -15.28
CA MET A 281 -31.48 22.38 -15.17
C MET A 281 -31.64 23.10 -13.85
N SER A 282 -31.16 22.50 -12.75
CA SER A 282 -31.34 23.12 -11.45
C SER A 282 -30.42 24.31 -11.28
N LEU A 283 -29.11 24.11 -11.47
CA LEU A 283 -28.18 25.21 -11.29
C LEU A 283 -28.58 26.43 -12.11
N LEU A 284 -29.18 26.22 -13.27
CA LEU A 284 -29.60 27.38 -14.05
C LEU A 284 -30.87 28.01 -13.49
N LEU A 285 -31.79 27.21 -12.96
CA LEU A 285 -32.94 27.76 -12.27
C LEU A 285 -32.57 28.41 -10.94
N ARG A 286 -31.33 28.24 -10.50
CA ARG A 286 -30.79 28.85 -9.29
C ARG A 286 -31.21 28.13 -8.02
N ARG A 287 -31.66 26.88 -8.13
CA ARG A 287 -31.97 26.13 -6.92
C ARG A 287 -30.68 25.88 -6.14
N PRO A 288 -30.76 25.80 -4.81
CA PRO A 288 -29.54 25.64 -4.02
C PRO A 288 -28.78 24.39 -4.44
N PRO A 289 -27.46 24.46 -4.56
CA PRO A 289 -26.70 23.26 -4.90
C PRO A 289 -26.36 22.44 -3.66
N GLY A 290 -25.66 21.35 -3.85
CA GLY A 290 -25.27 20.48 -2.75
C GLY A 290 -23.93 19.84 -3.02
N ARG A 291 -23.74 18.60 -2.58
CA ARG A 291 -22.48 17.91 -2.82
C ARG A 291 -22.27 17.72 -4.31
N GLU A 292 -21.06 18.00 -4.78
CA GLU A 292 -20.70 17.88 -6.20
C GLU A 292 -21.60 18.75 -7.08
N ALA A 293 -22.30 19.70 -6.49
CA ALA A 293 -23.18 20.65 -7.16
C ALA A 293 -24.53 20.06 -7.50
N TYR A 294 -24.79 18.79 -7.23
CA TYR A 294 -26.10 18.24 -7.49
C TYR A 294 -27.12 18.85 -6.52
N PRO A 295 -28.34 19.05 -6.96
CA PRO A 295 -29.35 19.60 -6.05
C PRO A 295 -29.67 18.63 -4.92
N GLY A 296 -30.67 18.93 -4.12
CA GLY A 296 -31.09 17.97 -3.10
C GLY A 296 -32.02 16.89 -3.59
N ASP A 297 -32.49 16.97 -4.83
CA ASP A 297 -33.44 16.01 -5.37
C ASP A 297 -32.79 14.88 -6.15
N VAL A 298 -31.47 14.85 -6.27
CA VAL A 298 -30.84 13.89 -7.16
C VAL A 298 -30.93 12.50 -6.56
N PHE A 299 -31.51 12.37 -5.37
CA PHE A 299 -31.89 11.05 -4.89
C PHE A 299 -33.37 10.81 -5.15
N TYR A 300 -34.22 11.75 -4.75
CA TYR A 300 -35.63 11.66 -5.10
C TYR A 300 -35.78 11.45 -6.60
N LEU A 301 -34.96 12.13 -7.40
CA LEU A 301 -35.00 11.97 -8.84
C LEU A 301 -34.97 10.50 -9.24
N HIS A 302 -33.86 9.83 -8.92
CA HIS A 302 -33.72 8.44 -9.31
C HIS A 302 -34.69 7.54 -8.56
N SER A 303 -34.79 7.73 -7.25
CA SER A 303 -35.61 6.81 -6.46
C SER A 303 -37.02 6.75 -7.00
N ARG A 304 -37.63 7.88 -7.32
CA ARG A 304 -39.00 7.82 -7.80
C ARG A 304 -39.08 7.23 -9.20
N LEU A 305 -37.94 6.93 -9.82
CA LEU A 305 -37.85 6.25 -11.11
C LEU A 305 -37.64 4.75 -10.96
N LEU A 306 -36.59 4.36 -10.27
CA LEU A 306 -36.24 2.96 -10.10
C LEU A 306 -37.15 2.27 -9.12
N GLU A 307 -38.18 2.93 -8.61
CA GLU A 307 -39.16 2.29 -7.76
C GLU A 307 -40.45 2.01 -8.50
N ARG A 308 -40.52 2.33 -9.78
CA ARG A 308 -41.62 1.86 -10.62
C ARG A 308 -41.39 0.44 -11.13
N ALA A 309 -40.15 -0.03 -11.13
CA ALA A 309 -39.84 -1.38 -11.55
C ALA A 309 -40.38 -2.32 -10.49
N ALA A 310 -41.53 -2.92 -10.76
CA ALA A 310 -42.24 -3.74 -9.81
C ALA A 310 -42.49 -5.10 -10.42
N LYS A 311 -43.19 -5.95 -9.68
CA LYS A 311 -43.70 -7.24 -10.19
C LYS A 311 -45.10 -7.38 -9.62
N MET A 312 -46.08 -6.82 -10.32
CA MET A 312 -47.43 -6.80 -9.81
C MET A 312 -47.89 -8.21 -9.46
N ASN A 313 -48.86 -8.30 -8.58
CA ASN A 313 -49.38 -9.59 -8.15
C ASN A 313 -50.33 -10.11 -9.22
N ASP A 314 -51.10 -11.14 -8.89
CA ASP A 314 -52.03 -11.72 -9.83
C ASP A 314 -53.41 -11.10 -9.79
N ALA A 315 -53.64 -10.16 -8.86
CA ALA A 315 -54.88 -9.41 -8.85
C ALA A 315 -54.78 -8.13 -9.66
N PHE A 316 -53.58 -7.58 -9.80
CA PHE A 316 -53.35 -6.41 -10.63
C PHE A 316 -52.90 -6.76 -12.03
N GLY A 317 -52.86 -8.05 -12.36
CA GLY A 317 -52.58 -8.47 -13.72
C GLY A 317 -51.50 -9.52 -13.81
N GLY A 318 -50.47 -9.40 -12.98
CA GLY A 318 -49.31 -10.26 -13.09
C GLY A 318 -48.20 -9.71 -13.93
N GLY A 319 -48.28 -8.44 -14.35
CA GLY A 319 -47.25 -7.86 -15.16
C GLY A 319 -45.92 -7.76 -14.44
N SER A 320 -45.04 -6.89 -14.93
CA SER A 320 -43.68 -6.82 -14.43
C SER A 320 -42.97 -5.67 -15.14
N LEU A 321 -41.82 -5.28 -14.60
CA LEU A 321 -40.99 -4.29 -15.27
C LEU A 321 -39.60 -4.35 -14.64
N THR A 322 -38.68 -5.05 -15.28
CA THR A 322 -37.31 -5.08 -14.80
C THR A 322 -36.69 -3.70 -15.01
N ALA A 323 -35.46 -3.51 -14.51
CA ALA A 323 -34.78 -2.25 -14.74
C ALA A 323 -33.28 -2.49 -14.60
N LEU A 324 -32.50 -2.01 -15.56
CA LEU A 324 -31.06 -2.24 -15.59
C LEU A 324 -30.34 -0.91 -15.78
N PRO A 325 -30.44 0.00 -14.82
CA PRO A 325 -29.75 1.28 -14.95
C PRO A 325 -28.26 1.08 -15.12
N VAL A 326 -27.71 1.68 -16.15
CA VAL A 326 -26.27 1.64 -16.42
C VAL A 326 -25.63 2.85 -15.78
N ILE A 327 -24.57 2.63 -15.00
CA ILE A 327 -23.87 3.70 -14.31
C ILE A 327 -22.39 3.63 -14.64
N GLU A 328 -21.80 4.80 -14.90
CA GLU A 328 -20.38 4.91 -15.18
C GLU A 328 -19.69 5.54 -13.98
N THR A 329 -18.70 4.84 -13.43
CA THR A 329 -17.96 5.30 -12.27
C THR A 329 -16.56 5.73 -12.68
N GLN A 330 -16.12 6.86 -12.17
CA GLN A 330 -14.84 7.44 -12.57
C GLN A 330 -13.71 6.68 -11.88
N ALA A 331 -13.18 5.68 -12.57
CA ALA A 331 -12.04 4.91 -12.10
C ALA A 331 -12.38 4.16 -10.81
N GLY A 332 -13.43 3.37 -10.87
CA GLY A 332 -13.80 2.56 -9.73
C GLY A 332 -14.09 3.35 -8.48
N ASP A 333 -14.45 4.63 -8.62
CA ASP A 333 -14.86 5.45 -7.49
C ASP A 333 -16.33 5.20 -7.25
N VAL A 334 -16.63 4.05 -6.63
CA VAL A 334 -18.01 3.71 -6.30
C VAL A 334 -18.55 4.55 -5.16
N SER A 335 -17.71 5.39 -4.56
CA SER A 335 -18.13 6.21 -3.43
C SER A 335 -18.59 7.59 -3.85
N ALA A 336 -18.56 7.92 -5.13
CA ALA A 336 -18.98 9.24 -5.58
C ALA A 336 -20.45 9.42 -5.24
N TYR A 337 -21.02 10.58 -5.57
CA TYR A 337 -22.38 10.85 -5.13
C TYR A 337 -23.38 9.98 -5.87
N ILE A 338 -23.43 10.08 -7.18
CA ILE A 338 -24.44 9.34 -7.95
C ILE A 338 -24.27 7.84 -7.83
N PRO A 339 -23.07 7.26 -7.93
CA PRO A 339 -22.97 5.81 -7.78
C PRO A 339 -23.54 5.31 -6.48
N THR A 340 -23.35 6.01 -5.36
CA THR A 340 -23.93 5.56 -4.11
C THR A 340 -25.41 5.88 -4.01
N ASN A 341 -25.85 6.97 -4.64
CA ASN A 341 -27.28 7.25 -4.67
C ASN A 341 -28.03 6.14 -5.38
N VAL A 342 -27.46 5.63 -6.48
CA VAL A 342 -28.15 4.62 -7.26
C VAL A 342 -27.77 3.21 -6.85
N ILE A 343 -26.78 3.05 -5.97
CA ILE A 343 -26.47 1.73 -5.44
C ILE A 343 -27.33 1.41 -4.23
N SER A 344 -27.85 2.43 -3.55
CA SER A 344 -28.69 2.25 -2.38
C SER A 344 -30.17 2.24 -2.72
N ILE A 345 -30.51 2.30 -4.01
CA ILE A 345 -31.88 2.19 -4.45
C ILE A 345 -32.19 0.83 -5.05
N THR A 346 -31.21 0.18 -5.65
CA THR A 346 -31.45 -1.01 -6.46
C THR A 346 -31.21 -2.27 -5.66
N ASP A 347 -31.58 -3.40 -6.26
CA ASP A 347 -31.52 -4.70 -5.62
C ASP A 347 -30.25 -5.46 -5.93
N GLY A 348 -29.28 -4.85 -6.58
CA GLY A 348 -28.06 -5.57 -6.90
C GLY A 348 -27.05 -4.66 -7.55
N GLN A 349 -26.06 -5.31 -8.18
CA GLN A 349 -25.08 -4.59 -8.98
C GLN A 349 -24.24 -5.59 -9.72
N ILE A 350 -24.00 -5.34 -11.00
CA ILE A 350 -23.15 -6.18 -11.82
C ILE A 350 -21.88 -5.40 -12.11
N PHE A 351 -20.88 -5.53 -11.26
CA PHE A 351 -19.71 -4.68 -11.36
C PHE A 351 -18.82 -5.15 -12.50
N LEU A 352 -18.42 -4.22 -13.35
CA LEU A 352 -17.50 -4.49 -14.45
C LEU A 352 -16.19 -3.78 -14.19
N GLU A 353 -15.07 -4.43 -14.51
CA GLU A 353 -13.77 -3.88 -14.22
C GLU A 353 -12.87 -4.06 -15.42
N THR A 354 -11.87 -3.18 -15.56
CA THR A 354 -11.00 -3.18 -16.71
C THR A 354 -9.72 -3.98 -16.52
N GLU A 355 -9.36 -4.32 -15.28
CA GLU A 355 -8.33 -5.34 -15.10
C GLU A 355 -8.82 -6.69 -15.61
N LEU A 356 -10.09 -6.99 -15.41
CA LEU A 356 -10.65 -8.24 -15.90
C LEU A 356 -10.91 -8.20 -17.40
N PHE A 357 -11.22 -7.03 -17.94
CA PHE A 357 -11.53 -6.94 -19.37
C PHE A 357 -10.30 -7.19 -20.21
N TYR A 358 -9.11 -6.90 -19.69
CA TYR A 358 -7.89 -7.06 -20.46
C TYR A 358 -7.11 -8.31 -20.11
N LYS A 359 -7.35 -8.90 -18.94
CA LYS A 359 -6.87 -10.24 -18.68
C LYS A 359 -7.51 -11.24 -19.63
N GLY A 360 -8.59 -10.85 -20.29
CA GLY A 360 -9.29 -11.72 -21.20
C GLY A 360 -10.60 -12.26 -20.69
N ILE A 361 -11.05 -11.82 -19.52
CA ILE A 361 -12.28 -12.33 -18.92
C ILE A 361 -13.41 -11.42 -19.42
N ARG A 362 -13.94 -11.73 -20.59
CA ARG A 362 -14.99 -10.93 -21.19
C ARG A 362 -16.25 -11.76 -21.34
N PRO A 363 -17.41 -11.31 -20.81
CA PRO A 363 -17.72 -10.03 -20.17
C PRO A 363 -16.96 -9.82 -18.88
N ALA A 364 -16.53 -8.58 -18.66
CA ALA A 364 -15.59 -8.28 -17.58
C ALA A 364 -16.31 -8.15 -16.26
N ILE A 365 -17.13 -9.11 -15.91
CA ILE A 365 -17.88 -9.04 -14.66
C ILE A 365 -16.98 -9.47 -13.53
N ASN A 366 -17.18 -8.88 -12.36
CA ASN A 366 -16.30 -9.04 -11.22
C ASN A 366 -17.14 -9.66 -10.12
N VAL A 367 -17.21 -10.99 -10.11
CA VAL A 367 -18.15 -11.69 -9.26
C VAL A 367 -17.91 -11.43 -7.79
N GLY A 368 -16.74 -10.91 -7.43
CA GLY A 368 -16.50 -10.57 -6.05
C GLY A 368 -17.39 -9.46 -5.56
N LEU A 369 -17.55 -8.41 -6.36
CA LEU A 369 -18.33 -7.25 -5.97
C LEU A 369 -19.77 -7.32 -6.44
N SER A 370 -20.05 -8.06 -7.50
CA SER A 370 -21.40 -8.16 -8.00
C SER A 370 -22.25 -9.02 -7.08
N VAL A 371 -23.43 -8.53 -6.72
CA VAL A 371 -24.36 -9.26 -5.89
C VAL A 371 -25.77 -9.05 -6.44
N SER A 372 -26.65 -9.98 -6.10
CA SER A 372 -28.07 -9.82 -6.35
C SER A 372 -28.82 -10.18 -5.09
N ARG A 373 -29.72 -9.32 -4.65
CA ARG A 373 -30.35 -9.47 -3.35
C ARG A 373 -31.63 -10.28 -3.40
N VAL A 374 -32.00 -10.83 -4.55
CA VAL A 374 -32.98 -11.91 -4.58
C VAL A 374 -32.28 -13.26 -4.46
N GLY A 375 -31.21 -13.46 -5.22
CA GLY A 375 -30.32 -14.59 -4.99
C GLY A 375 -30.81 -15.92 -5.53
N SER A 376 -31.00 -16.89 -4.63
CA SER A 376 -31.39 -18.22 -5.05
C SER A 376 -32.66 -18.17 -5.89
N ALA A 377 -33.70 -17.52 -5.38
CA ALA A 377 -34.85 -17.24 -6.20
C ALA A 377 -34.38 -16.48 -7.44
N ALA A 378 -35.25 -16.41 -8.45
CA ALA A 378 -34.90 -15.83 -9.73
C ALA A 378 -33.93 -16.70 -10.50
N GLN A 379 -33.85 -17.99 -10.15
CA GLN A 379 -33.13 -18.98 -10.95
C GLN A 379 -34.03 -20.18 -11.14
N THR A 380 -33.79 -20.91 -12.22
CA THR A 380 -34.47 -22.18 -12.46
C THR A 380 -33.78 -23.29 -11.69
N ARG A 381 -34.58 -24.28 -11.27
CA ARG A 381 -34.04 -25.30 -10.39
C ARG A 381 -32.80 -25.94 -10.99
N ALA A 382 -32.76 -26.10 -12.31
CA ALA A 382 -31.57 -26.64 -12.95
C ALA A 382 -30.38 -25.73 -12.74
N MET A 383 -30.50 -24.49 -13.19
CA MET A 383 -29.41 -23.54 -13.01
C MET A 383 -29.11 -23.35 -11.54
N LYS A 384 -30.10 -23.50 -10.67
CA LYS A 384 -29.85 -23.39 -9.24
C LYS A 384 -28.91 -24.49 -8.77
N GLN A 385 -29.24 -25.73 -9.13
CA GLN A 385 -28.40 -26.86 -8.76
C GLN A 385 -26.97 -26.66 -9.22
N VAL A 386 -26.80 -26.22 -10.47
CA VAL A 386 -25.44 -26.07 -11.01
C VAL A 386 -24.72 -24.90 -10.34
N ALA A 387 -25.41 -23.75 -10.25
CA ALA A 387 -24.75 -22.52 -9.85
C ALA A 387 -24.46 -22.46 -8.37
N GLY A 388 -25.18 -23.20 -7.53
CA GLY A 388 -24.79 -23.23 -6.12
C GLY A 388 -23.38 -23.73 -5.95
N THR A 389 -23.08 -24.89 -6.52
CA THR A 389 -21.74 -25.43 -6.45
C THR A 389 -20.75 -24.54 -7.17
N MET A 390 -21.14 -23.98 -8.33
CA MET A 390 -20.21 -23.12 -9.04
C MET A 390 -19.84 -21.89 -8.21
N LYS A 391 -20.82 -21.28 -7.56
CA LYS A 391 -20.57 -20.10 -6.74
C LYS A 391 -19.65 -20.44 -5.59
N LEU A 392 -19.91 -21.56 -4.90
CA LEU A 392 -19.03 -21.93 -3.79
C LEU A 392 -17.62 -22.20 -4.27
N GLU A 393 -17.47 -22.91 -5.39
CA GLU A 393 -16.14 -23.20 -5.90
C GLU A 393 -15.40 -21.93 -6.28
N LEU A 394 -16.07 -20.99 -6.93
CA LEU A 394 -15.40 -19.76 -7.32
C LEU A 394 -15.05 -18.92 -6.09
N ALA A 395 -15.92 -18.89 -5.09
CA ALA A 395 -15.59 -18.16 -3.88
C ALA A 395 -14.35 -18.75 -3.21
N GLN A 396 -14.26 -20.09 -3.16
CA GLN A 396 -13.07 -20.72 -2.61
C GLN A 396 -11.84 -20.38 -3.43
N TYR A 397 -11.98 -20.36 -4.75
CA TYR A 397 -10.85 -20.00 -5.60
C TYR A 397 -10.35 -18.59 -5.33
N ARG A 398 -11.27 -17.62 -5.29
CA ARG A 398 -10.84 -16.22 -5.22
C ARG A 398 -9.97 -15.97 -4.00
N GLU A 399 -10.34 -16.53 -2.86
CA GLU A 399 -9.64 -16.23 -1.62
C GLU A 399 -8.21 -16.77 -1.60
N VAL A 400 -7.86 -17.68 -2.52
CA VAL A 400 -6.50 -18.21 -2.57
C VAL A 400 -5.95 -18.08 -3.97
N ALA A 401 -6.50 -17.16 -4.76
CA ALA A 401 -5.94 -16.89 -6.07
C ALA A 401 -4.64 -16.11 -5.97
N ALA A 402 -4.35 -15.52 -4.81
CA ALA A 402 -3.13 -14.75 -4.67
C ALA A 402 -1.90 -15.61 -4.87
N PHE A 403 -1.99 -16.90 -4.55
CA PHE A 403 -0.86 -17.80 -4.75
C PHE A 403 -0.71 -18.23 -6.19
N ALA A 404 -1.71 -17.94 -7.03
CA ALA A 404 -1.71 -18.43 -8.40
C ALA A 404 -0.35 -18.29 -9.05
N GLN A 405 0.32 -17.15 -8.84
CA GLN A 405 1.58 -16.92 -9.50
C GLN A 405 2.65 -17.91 -9.07
N PHE A 406 2.42 -18.63 -7.97
CA PHE A 406 3.30 -19.71 -7.55
C PHE A 406 2.72 -21.07 -7.88
N GLY A 407 1.59 -21.42 -7.26
CA GLY A 407 0.89 -22.64 -7.63
C GLY A 407 1.63 -23.85 -7.12
N SER A 408 2.79 -24.13 -7.70
CA SER A 408 3.66 -25.15 -7.16
C SER A 408 4.11 -24.73 -5.76
N ASP A 409 4.91 -25.57 -5.12
CA ASP A 409 5.41 -25.30 -3.78
C ASP A 409 4.27 -25.19 -2.78
N LEU A 410 3.09 -25.70 -3.13
CA LEU A 410 1.91 -25.55 -2.30
C LEU A 410 1.19 -26.88 -2.20
N ASP A 411 0.29 -26.94 -1.22
CA ASP A 411 -0.44 -28.17 -0.95
C ASP A 411 -1.28 -28.57 -2.15
N ALA A 412 -1.45 -29.87 -2.34
CA ALA A 412 -2.25 -30.36 -3.45
C ALA A 412 -3.71 -29.93 -3.33
N ALA A 413 -4.17 -29.57 -2.14
CA ALA A 413 -5.55 -29.09 -1.99
C ALA A 413 -5.73 -27.73 -2.64
N THR A 414 -4.85 -26.77 -2.33
CA THR A 414 -4.95 -25.48 -2.99
C THR A 414 -4.62 -25.59 -4.47
N GLN A 415 -3.74 -26.52 -4.84
CA GLN A 415 -3.49 -26.75 -6.26
C GLN A 415 -4.76 -27.22 -6.95
N GLN A 416 -5.53 -28.09 -6.29
CA GLN A 416 -6.83 -28.48 -6.83
C GLN A 416 -7.75 -27.28 -6.92
N LEU A 417 -7.77 -26.44 -5.89
CA LEU A 417 -8.67 -25.29 -5.91
C LEU A 417 -8.34 -24.37 -7.08
N LEU A 418 -7.06 -24.11 -7.31
CA LEU A 418 -6.69 -23.29 -8.45
C LEU A 418 -7.03 -23.97 -9.77
N SER A 419 -6.76 -25.27 -9.87
CA SER A 419 -7.04 -25.99 -11.10
C SER A 419 -8.52 -26.12 -11.36
N ARG A 420 -9.37 -25.86 -10.38
CA ARG A 420 -10.81 -25.80 -10.64
C ARG A 420 -11.28 -24.39 -10.95
N GLY A 421 -10.79 -23.41 -10.18
CA GLY A 421 -11.17 -22.04 -10.42
C GLY A 421 -10.76 -21.55 -11.79
N VAL A 422 -9.59 -21.98 -12.27
CA VAL A 422 -9.16 -21.54 -13.59
C VAL A 422 -10.11 -22.03 -14.66
N ARG A 423 -10.48 -23.31 -14.60
CA ARG A 423 -11.41 -23.83 -15.59
C ARG A 423 -12.74 -23.09 -15.52
N LEU A 424 -13.25 -22.85 -14.31
CA LEU A 424 -14.54 -22.17 -14.21
C LEU A 424 -14.46 -20.75 -14.75
N THR A 425 -13.38 -20.03 -14.43
CA THR A 425 -13.18 -18.70 -14.99
C THR A 425 -13.17 -18.73 -16.51
N GLU A 426 -12.50 -19.72 -17.10
CA GLU A 426 -12.46 -19.78 -18.56
C GLU A 426 -13.79 -20.18 -19.14
N LEU A 427 -14.59 -20.94 -18.41
CA LEU A 427 -15.92 -21.29 -18.90
C LEU A 427 -16.82 -20.07 -18.91
N LEU A 428 -16.65 -19.18 -17.95
CA LEU A 428 -17.51 -18.00 -17.89
C LEU A 428 -17.23 -17.01 -19.01
N LYS A 429 -16.06 -17.06 -19.65
CA LYS A 429 -15.79 -16.19 -20.77
C LYS A 429 -16.81 -16.44 -21.86
N GLN A 430 -17.27 -15.37 -22.49
CA GLN A 430 -18.34 -15.45 -23.47
C GLN A 430 -18.04 -14.52 -24.62
N GLY A 431 -18.66 -14.79 -25.76
CA GLY A 431 -18.54 -13.93 -26.92
C GLY A 431 -19.45 -12.74 -26.80
N GLN A 432 -19.55 -12.01 -27.90
CA GLN A 432 -20.32 -10.78 -27.95
C GLN A 432 -21.55 -10.99 -28.83
N TYR A 433 -22.72 -10.63 -28.31
CA TYR A 433 -23.99 -10.89 -28.98
C TYR A 433 -24.15 -12.37 -29.30
N SER A 434 -23.78 -13.22 -28.35
CA SER A 434 -23.97 -14.66 -28.47
C SER A 434 -24.56 -15.19 -27.16
N PRO A 435 -25.78 -14.77 -26.82
CA PRO A 435 -26.42 -15.31 -25.63
C PRO A 435 -26.87 -16.75 -25.84
N MET A 436 -26.94 -17.50 -24.74
CA MET A 436 -27.24 -18.92 -24.77
C MET A 436 -28.47 -19.23 -23.94
N ALA A 437 -29.33 -20.09 -24.47
CA ALA A 437 -30.49 -20.52 -23.70
C ALA A 437 -30.04 -21.14 -22.38
N ILE A 438 -30.95 -21.20 -21.42
CA ILE A 438 -30.55 -21.60 -20.08
C ILE A 438 -30.06 -23.04 -20.06
N GLU A 439 -30.69 -23.91 -20.83
CA GLU A 439 -30.28 -25.32 -20.78
C GLU A 439 -28.89 -25.55 -21.34
N GLU A 440 -28.48 -24.76 -22.35
CA GLU A 440 -27.10 -24.89 -22.81
C GLU A 440 -26.12 -24.38 -21.76
N GLN A 441 -26.48 -23.31 -21.06
CA GLN A 441 -25.66 -22.86 -19.95
C GLN A 441 -25.53 -23.94 -18.90
N VAL A 442 -26.64 -24.60 -18.57
CA VAL A 442 -26.62 -25.66 -17.57
C VAL A 442 -25.74 -26.80 -18.04
N ALA A 443 -25.83 -27.18 -19.31
CA ALA A 443 -24.99 -28.25 -19.82
C ALA A 443 -23.52 -27.91 -19.68
N VAL A 444 -23.14 -26.70 -20.12
CA VAL A 444 -21.72 -26.33 -20.07
C VAL A 444 -21.22 -26.28 -18.63
N ILE A 445 -21.98 -25.63 -17.75
CA ILE A 445 -21.50 -25.47 -16.39
C ILE A 445 -21.56 -26.78 -15.62
N TYR A 446 -22.43 -27.71 -16.03
CA TYR A 446 -22.39 -29.05 -15.48
C TYR A 446 -21.12 -29.76 -15.89
N ALA A 447 -20.78 -29.70 -17.17
CA ALA A 447 -19.51 -30.26 -17.61
C ALA A 447 -18.34 -29.59 -16.93
N GLY A 448 -18.52 -28.39 -16.41
CA GLY A 448 -17.43 -27.67 -15.77
C GLY A 448 -17.26 -27.92 -14.29
N VAL A 449 -18.37 -27.96 -13.54
CA VAL A 449 -18.30 -28.04 -12.08
C VAL A 449 -18.22 -29.47 -11.55
N ARG A 450 -18.48 -30.47 -12.38
CA ARG A 450 -18.43 -31.86 -11.94
C ARG A 450 -17.08 -32.50 -12.21
N GLY A 451 -16.10 -31.74 -12.65
CA GLY A 451 -14.75 -32.24 -12.81
C GLY A 451 -14.43 -32.81 -14.17
N TYR A 452 -15.32 -32.68 -15.14
CA TYR A 452 -15.08 -33.23 -16.46
C TYR A 452 -14.19 -32.33 -17.30
N LEU A 453 -13.40 -31.46 -16.67
CA LEU A 453 -12.36 -30.72 -17.37
C LEU A 453 -11.06 -30.60 -16.60
N ASP A 454 -11.02 -30.96 -15.31
CA ASP A 454 -9.84 -30.67 -14.49
C ASP A 454 -8.56 -31.16 -15.13
N LYS A 455 -8.65 -32.21 -15.95
CA LYS A 455 -7.48 -32.78 -16.62
C LYS A 455 -7.27 -32.22 -18.00
N LEU A 456 -7.99 -31.15 -18.36
CA LEU A 456 -7.90 -30.54 -19.68
C LEU A 456 -7.27 -29.16 -19.53
N GLU A 457 -6.24 -28.89 -20.32
CA GLU A 457 -5.43 -27.70 -20.10
C GLU A 457 -6.27 -26.45 -20.26
N PRO A 458 -6.08 -25.42 -19.42
CA PRO A 458 -6.99 -24.27 -19.47
C PRO A 458 -7.08 -23.64 -20.85
N SER A 459 -5.97 -23.57 -21.57
CA SER A 459 -5.95 -22.85 -22.84
C SER A 459 -6.97 -23.38 -23.82
N LYS A 460 -7.38 -24.65 -23.68
CA LYS A 460 -8.29 -25.27 -24.61
C LYS A 460 -9.75 -25.20 -24.19
N ILE A 461 -10.03 -24.76 -22.96
CA ILE A 461 -11.39 -24.88 -22.45
C ILE A 461 -12.38 -24.22 -23.40
N THR A 462 -12.07 -22.99 -23.82
CA THR A 462 -12.99 -22.29 -24.71
C THR A 462 -13.36 -23.16 -25.90
N LYS A 463 -12.36 -23.73 -26.57
CA LYS A 463 -12.64 -24.63 -27.68
C LYS A 463 -13.68 -25.65 -27.27
N PHE A 464 -13.36 -26.45 -26.25
CA PHE A 464 -14.28 -27.45 -25.75
C PHE A 464 -15.67 -26.86 -25.67
N GLU A 465 -15.81 -25.76 -24.93
CA GLU A 465 -17.12 -25.17 -24.72
C GLU A 465 -17.87 -25.11 -26.04
N ASN A 466 -17.35 -24.35 -27.00
CA ASN A 466 -18.06 -24.19 -28.26
C ASN A 466 -18.34 -25.55 -28.88
N ALA A 467 -17.31 -26.37 -29.03
CA ALA A 467 -17.51 -27.69 -29.62
C ALA A 467 -18.64 -28.40 -28.91
N PHE A 468 -18.58 -28.46 -27.58
CA PHE A 468 -19.59 -29.18 -26.84
C PHE A 468 -20.98 -28.68 -27.21
N LEU A 469 -21.16 -27.36 -27.23
CA LEU A 469 -22.46 -26.82 -27.56
C LEU A 469 -22.92 -27.33 -28.93
N SER A 470 -22.05 -27.22 -29.93
CA SER A 470 -22.46 -27.66 -31.26
C SER A 470 -22.75 -29.15 -31.28
N HIS A 471 -22.08 -29.90 -30.41
CA HIS A 471 -22.30 -31.34 -30.36
C HIS A 471 -23.50 -31.72 -29.49
N VAL A 472 -24.12 -30.76 -28.81
CA VAL A 472 -25.30 -31.06 -28.00
C VAL A 472 -26.52 -30.46 -28.68
N ILE A 473 -26.34 -29.30 -29.31
CA ILE A 473 -27.46 -28.65 -29.96
C ILE A 473 -27.97 -29.48 -31.11
N SER A 474 -27.07 -30.02 -31.92
CA SER A 474 -27.43 -30.74 -33.13
C SER A 474 -27.62 -32.24 -32.92
N GLN A 475 -27.38 -32.74 -31.70
CA GLN A 475 -27.47 -34.17 -31.43
C GLN A 475 -28.55 -34.51 -30.42
N HIS A 476 -28.54 -33.87 -29.26
CA HIS A 476 -29.40 -34.29 -28.16
C HIS A 476 -30.38 -33.20 -27.81
N GLN A 477 -31.04 -32.63 -28.83
CA GLN A 477 -32.06 -31.63 -28.56
C GLN A 477 -33.16 -32.17 -27.65
N ALA A 478 -33.40 -33.48 -27.68
CA ALA A 478 -34.41 -34.06 -26.81
C ALA A 478 -34.03 -33.88 -25.35
N LEU A 479 -32.77 -34.15 -25.00
CA LEU A 479 -32.33 -33.97 -23.62
C LEU A 479 -32.47 -32.52 -23.19
N LEU A 480 -32.05 -31.59 -24.06
CA LEU A 480 -32.15 -30.19 -23.70
C LEU A 480 -33.60 -29.77 -23.51
N GLY A 481 -34.48 -30.23 -24.39
CA GLY A 481 -35.90 -29.96 -24.20
C GLY A 481 -36.42 -30.51 -22.89
N LYS A 482 -35.93 -31.69 -22.51
CA LYS A 482 -36.32 -32.27 -21.23
C LYS A 482 -35.88 -31.39 -20.08
N ILE A 483 -34.67 -30.84 -20.16
CA ILE A 483 -34.18 -29.96 -19.10
C ILE A 483 -34.98 -28.66 -19.07
N ARG A 484 -35.35 -28.15 -20.24
CA ARG A 484 -35.94 -26.82 -20.34
C ARG A 484 -37.42 -26.84 -19.93
N THR A 485 -38.19 -27.79 -20.44
CA THR A 485 -39.63 -27.78 -20.20
C THR A 485 -39.94 -27.93 -18.72
N ASP A 486 -39.22 -28.80 -18.03
CA ASP A 486 -39.23 -28.88 -16.56
C ASP A 486 -37.83 -28.48 -16.10
N GLY A 487 -37.72 -27.31 -15.50
CA GLY A 487 -36.41 -26.72 -15.28
C GLY A 487 -35.59 -27.36 -14.19
N LYS A 488 -35.51 -28.69 -14.19
CA LYS A 488 -34.73 -29.39 -13.17
C LYS A 488 -33.98 -30.55 -13.84
N ILE A 489 -33.02 -31.09 -13.10
CA ILE A 489 -32.23 -32.21 -13.58
C ILE A 489 -32.66 -33.47 -12.83
N SER A 490 -33.64 -34.19 -13.37
CA SER A 490 -34.02 -35.47 -12.80
C SER A 490 -32.90 -36.49 -13.01
N GLU A 491 -32.72 -37.37 -12.03
CA GLU A 491 -31.58 -38.28 -12.01
C GLU A 491 -31.34 -38.89 -13.38
N GLU A 492 -32.40 -39.19 -14.12
CA GLU A 492 -32.23 -39.69 -15.47
C GLU A 492 -31.52 -38.67 -16.34
N SER A 493 -31.97 -37.41 -16.29
CA SER A 493 -31.31 -36.35 -17.05
C SER A 493 -29.90 -36.14 -16.55
N ASP A 494 -29.69 -36.23 -15.24
CA ASP A 494 -28.34 -36.09 -14.70
C ASP A 494 -27.40 -37.14 -15.28
N ALA A 495 -27.80 -38.40 -15.23
CA ALA A 495 -26.95 -39.46 -15.75
C ALA A 495 -26.73 -39.32 -17.24
N LYS A 496 -27.77 -38.94 -17.98
CA LYS A 496 -27.60 -38.76 -19.42
C LYS A 496 -26.61 -37.65 -19.71
N LEU A 497 -26.67 -36.55 -18.96
CA LEU A 497 -25.69 -35.49 -19.11
C LEU A 497 -24.30 -35.99 -18.80
N LYS A 498 -24.16 -36.78 -17.73
CA LYS A 498 -22.85 -37.32 -17.38
C LYS A 498 -22.30 -38.14 -18.54
N GLU A 499 -23.15 -38.98 -19.13
CA GLU A 499 -22.67 -39.84 -20.22
C GLU A 499 -22.26 -39.00 -21.42
N ILE A 500 -23.06 -38.00 -21.78
CA ILE A 500 -22.70 -37.17 -22.92
C ILE A 500 -21.37 -36.48 -22.66
N VAL A 501 -21.22 -35.88 -21.48
CA VAL A 501 -19.98 -35.16 -21.18
C VAL A 501 -18.79 -36.10 -21.24
N THR A 502 -18.89 -37.24 -20.56
CA THR A 502 -17.75 -38.15 -20.49
C THR A 502 -17.37 -38.66 -21.86
N ASN A 503 -18.35 -39.22 -22.58
CA ASN A 503 -18.01 -39.82 -23.87
C ASN A 503 -17.49 -38.77 -24.83
N PHE A 504 -18.07 -37.57 -24.82
CA PHE A 504 -17.57 -36.51 -25.70
C PHE A 504 -16.14 -36.16 -25.36
N LEU A 505 -15.86 -35.88 -24.08
CA LEU A 505 -14.50 -35.52 -23.71
C LEU A 505 -13.53 -36.62 -24.14
N ALA A 506 -13.96 -37.88 -24.04
CA ALA A 506 -13.08 -38.97 -24.44
C ALA A 506 -12.67 -38.83 -25.90
N GLY A 507 -13.61 -38.47 -26.77
CA GLY A 507 -13.30 -38.30 -28.17
C GLY A 507 -12.82 -36.91 -28.51
N PHE A 508 -11.94 -36.36 -27.69
CA PHE A 508 -11.36 -35.06 -27.94
C PHE A 508 -10.42 -34.68 -26.81
N LYS B 2 -31.47 45.21 -5.09
CA LYS B 2 -31.39 44.97 -3.65
C LYS B 2 -32.79 44.90 -3.05
N THR B 3 -32.86 44.96 -1.73
CA THR B 3 -34.12 44.98 -0.99
C THR B 3 -33.76 45.22 0.47
N GLY B 4 -34.80 45.28 1.32
CA GLY B 4 -34.60 45.44 2.73
C GLY B 4 -35.33 44.35 3.50
N THR B 5 -34.96 44.22 4.78
CA THR B 5 -35.57 43.22 5.65
C THR B 5 -36.64 43.80 6.55
N ALA B 6 -36.55 45.07 6.90
CA ALA B 6 -37.63 45.79 7.53
C ALA B 6 -38.51 46.52 6.52
N GLU B 7 -38.25 46.34 5.23
CA GLU B 7 -39.08 46.85 4.16
C GLU B 7 -40.19 45.87 3.80
N VAL B 8 -40.96 45.46 4.79
CA VAL B 8 -42.08 44.57 4.55
C VAL B 8 -43.36 45.39 4.61
N SER B 9 -44.43 44.84 4.05
CA SER B 9 -45.70 45.56 4.04
C SER B 9 -46.20 45.81 5.45
N SER B 10 -46.08 44.80 6.32
CA SER B 10 -46.64 44.91 7.67
C SER B 10 -45.98 46.02 8.47
N ILE B 11 -44.82 46.50 8.03
CA ILE B 11 -44.12 47.59 8.70
C ILE B 11 -44.35 48.91 7.98
N LEU B 12 -44.26 48.89 6.65
CA LEU B 12 -44.48 50.11 5.88
C LEU B 12 -45.89 50.63 6.08
N GLU B 13 -46.85 49.73 6.31
CA GLU B 13 -48.21 50.20 6.57
C GLU B 13 -48.27 50.93 7.90
N GLU B 14 -47.73 50.33 8.97
CA GLU B 14 -47.71 50.99 10.26
C GLU B 14 -47.06 52.35 10.13
N ARG B 15 -45.99 52.45 9.36
CA ARG B 15 -45.27 53.71 9.26
C ARG B 15 -45.99 54.73 8.39
N ILE B 16 -46.73 54.28 7.39
CA ILE B 16 -47.36 55.22 6.45
C ILE B 16 -48.45 56.00 7.14
N LEU B 17 -49.34 55.33 7.85
CA LEU B 17 -50.44 55.99 8.53
C LEU B 17 -50.09 56.38 9.96
N GLY B 18 -48.81 56.48 10.28
CA GLY B 18 -48.37 57.02 11.56
C GLY B 18 -48.73 56.22 12.77
N ALA B 19 -49.19 54.98 12.61
CA ALA B 19 -49.64 54.20 13.76
C ALA B 19 -48.51 53.82 14.70
N ASP B 20 -47.25 53.98 14.28
CA ASP B 20 -46.15 53.55 15.13
C ASP B 20 -46.05 54.34 16.43
N THR B 21 -46.73 55.49 16.51
CA THR B 21 -46.72 56.27 17.74
C THR B 21 -47.33 55.50 18.91
N SER B 22 -48.12 54.47 18.62
CA SER B 22 -48.83 53.72 19.64
C SER B 22 -48.00 52.59 20.23
N VAL B 23 -47.26 51.87 19.38
CA VAL B 23 -46.45 50.74 19.82
C VAL B 23 -45.04 51.23 20.11
N ASP B 24 -44.52 50.86 21.28
CA ASP B 24 -43.16 51.24 21.64
C ASP B 24 -42.16 50.51 20.76
N LEU B 25 -41.15 51.24 20.30
CA LEU B 25 -40.04 50.66 19.58
C LEU B 25 -38.70 50.90 20.24
N GLU B 26 -38.62 51.77 21.24
CA GLU B 26 -37.37 51.96 21.96
C GLU B 26 -37.15 50.90 23.01
N GLU B 27 -38.18 50.13 23.37
CA GLU B 27 -38.05 49.15 24.44
C GLU B 27 -38.79 47.85 24.12
N THR B 28 -39.18 47.64 22.87
CA THR B 28 -39.99 46.48 22.53
C THR B 28 -40.03 46.34 21.02
N GLY B 29 -39.88 45.10 20.53
CA GLY B 29 -39.87 44.84 19.12
C GLY B 29 -40.86 43.74 18.77
N ARG B 30 -40.99 43.50 17.47
CA ARG B 30 -41.87 42.46 16.95
C ARG B 30 -41.07 41.57 16.02
N VAL B 31 -41.11 40.26 16.25
CA VAL B 31 -40.29 39.34 15.51
C VAL B 31 -40.66 39.42 14.04
N LEU B 32 -39.77 39.97 13.22
CA LEU B 32 -40.05 40.02 11.79
C LEU B 32 -40.10 38.63 11.20
N SER B 33 -39.16 37.76 11.59
CA SER B 33 -39.10 36.44 10.98
C SER B 33 -38.24 35.51 11.81
N ILE B 34 -38.82 34.41 12.28
CA ILE B 34 -38.09 33.37 12.99
C ILE B 34 -37.76 32.27 12.00
N GLY B 35 -36.49 31.94 11.87
CA GLY B 35 -36.11 30.86 10.98
C GLY B 35 -34.67 30.46 11.21
N ASP B 36 -34.35 29.21 10.97
CA ASP B 36 -32.98 28.73 11.10
C ASP B 36 -32.40 29.08 12.47
N GLY B 37 -33.24 29.01 13.49
CA GLY B 37 -32.80 29.27 14.86
C GLY B 37 -32.40 30.70 15.15
N ILE B 38 -32.66 31.64 14.25
CA ILE B 38 -32.40 33.05 14.48
C ILE B 38 -33.67 33.83 14.17
N ALA B 39 -33.92 34.87 14.95
CA ALA B 39 -35.10 35.71 14.80
C ALA B 39 -34.65 37.10 14.37
N ARG B 40 -35.08 37.53 13.19
CA ARG B 40 -34.93 38.92 12.82
C ARG B 40 -36.06 39.68 13.49
N VAL B 41 -35.71 40.58 14.40
CA VAL B 41 -36.67 41.29 15.24
C VAL B 41 -36.62 42.76 14.88
N HIS B 42 -37.78 43.39 14.80
CA HIS B 42 -37.88 44.78 14.40
C HIS B 42 -38.25 45.65 15.58
N GLY B 43 -37.44 46.67 15.85
CA GLY B 43 -37.62 47.55 16.98
C GLY B 43 -36.41 47.51 17.89
N LEU B 44 -36.66 47.58 19.19
CA LEU B 44 -35.61 47.47 20.19
C LEU B 44 -34.50 48.47 19.94
N ARG B 45 -34.87 49.73 19.70
CA ARG B 45 -33.86 50.72 19.37
C ARG B 45 -32.86 50.93 20.51
N ASN B 46 -33.23 50.59 21.74
CA ASN B 46 -32.35 50.80 22.89
C ASN B 46 -31.75 49.49 23.40
N VAL B 47 -31.53 48.53 22.51
CA VAL B 47 -30.98 47.25 22.91
C VAL B 47 -29.47 47.30 22.74
N GLN B 48 -28.75 46.92 23.78
CA GLN B 48 -27.31 46.83 23.73
C GLN B 48 -26.89 45.53 23.05
N ALA B 49 -25.79 45.57 22.33
CA ALA B 49 -25.28 44.35 21.73
C ALA B 49 -25.06 43.33 22.82
N GLU B 50 -25.49 42.09 22.57
CA GLU B 50 -25.41 40.97 23.48
C GLU B 50 -26.29 41.13 24.71
N GLU B 51 -27.25 42.04 24.69
CA GLU B 51 -28.27 42.07 25.72
C GLU B 51 -29.06 40.76 25.67
N MET B 52 -29.82 40.51 26.73
CA MET B 52 -30.60 39.28 26.87
C MET B 52 -32.07 39.65 26.79
N VAL B 53 -32.62 39.60 25.58
CA VAL B 53 -34.03 39.92 25.38
C VAL B 53 -34.89 38.69 25.68
N GLU B 54 -36.16 38.94 25.96
CA GLU B 54 -37.10 37.91 26.37
C GLU B 54 -38.30 37.94 25.46
N PHE B 55 -38.62 36.81 24.83
CA PHE B 55 -39.70 36.76 23.88
C PHE B 55 -41.04 36.75 24.60
N SER B 56 -42.11 36.61 23.83
CA SER B 56 -43.47 36.60 24.37
C SER B 56 -43.96 35.20 24.72
N SER B 57 -43.15 34.17 24.46
CA SER B 57 -43.48 32.81 24.84
C SER B 57 -42.72 32.35 26.08
N GLY B 58 -42.07 33.28 26.78
CA GLY B 58 -41.22 32.94 27.89
C GLY B 58 -39.82 32.56 27.51
N LEU B 59 -39.52 32.45 26.22
CA LEU B 59 -38.18 32.11 25.79
C LEU B 59 -37.23 33.25 26.12
N LYS B 60 -35.96 33.06 25.78
CA LYS B 60 -34.97 34.10 25.98
C LYS B 60 -33.91 33.97 24.91
N GLY B 61 -33.52 35.10 24.32
CA GLY B 61 -32.45 35.12 23.34
C GLY B 61 -31.53 36.28 23.61
N MET B 62 -30.45 36.34 22.86
CA MET B 62 -29.52 37.45 22.95
C MET B 62 -29.32 38.07 21.57
N SER B 63 -29.17 39.40 21.55
CA SER B 63 -29.06 40.12 20.30
C SER B 63 -27.61 40.12 19.82
N LEU B 64 -27.37 39.52 18.66
CA LEU B 64 -26.04 39.47 18.08
C LEU B 64 -25.81 40.64 17.13
N ASN B 65 -26.57 40.69 16.05
CA ASN B 65 -26.39 41.69 15.01
C ASN B 65 -27.35 42.84 15.28
N LEU B 66 -26.81 44.02 15.49
CA LEU B 66 -27.63 45.22 15.54
C LEU B 66 -27.59 45.89 14.17
N GLU B 67 -28.24 45.23 13.21
CA GLU B 67 -28.33 45.79 11.89
C GLU B 67 -29.13 47.08 11.94
N PRO B 68 -28.91 48.00 11.00
CA PRO B 68 -29.48 49.34 11.14
C PRO B 68 -30.98 49.35 11.25
N ASP B 69 -31.67 48.39 10.66
CA ASP B 69 -33.13 48.39 10.62
C ASP B 69 -33.77 47.35 11.53
N ASN B 70 -33.10 46.22 11.79
CA ASN B 70 -33.69 45.20 12.62
C ASN B 70 -32.61 44.42 13.34
N VAL B 71 -32.83 44.20 14.65
CA VAL B 71 -31.92 43.38 15.42
C VAL B 71 -31.97 41.94 14.94
N GLY B 72 -30.90 41.22 15.21
CA GLY B 72 -30.88 39.78 14.99
C GLY B 72 -30.67 39.10 16.32
N VAL B 73 -31.48 38.10 16.66
CA VAL B 73 -31.52 37.55 18.00
C VAL B 73 -31.39 36.04 17.90
N VAL B 74 -30.46 35.46 18.66
CA VAL B 74 -30.37 34.01 18.76
C VAL B 74 -31.21 33.57 19.94
N VAL B 75 -32.08 32.61 19.71
CA VAL B 75 -33.04 32.15 20.70
C VAL B 75 -32.43 31.00 21.48
N PHE B 76 -32.35 31.14 22.79
CA PHE B 76 -31.82 30.07 23.65
C PHE B 76 -32.95 29.11 23.94
N GLY B 77 -33.25 28.29 22.96
CA GLY B 77 -34.32 27.34 23.08
C GLY B 77 -34.75 26.85 21.71
N ASN B 78 -35.99 26.42 21.64
CA ASN B 78 -36.55 25.87 20.41
C ASN B 78 -37.44 26.92 19.79
N ASP B 79 -37.12 27.34 18.56
CA ASP B 79 -37.89 28.38 17.90
C ASP B 79 -39.30 27.93 17.54
N LYS B 80 -39.58 26.63 17.63
CA LYS B 80 -40.95 26.15 17.52
C LYS B 80 -41.93 27.04 18.27
N LEU B 81 -41.49 27.65 19.36
CA LEU B 81 -42.35 28.43 20.24
C LEU B 81 -42.49 29.88 19.80
N ILE B 82 -41.76 30.31 18.78
CA ILE B 82 -41.72 31.70 18.36
C ILE B 82 -42.41 31.81 17.00
N LYS B 83 -43.19 32.86 16.84
CA LYS B 83 -43.93 33.09 15.61
C LYS B 83 -43.72 34.53 15.18
N GLU B 84 -43.51 34.73 13.89
CA GLU B 84 -43.49 36.08 13.35
C GLU B 84 -44.67 36.87 13.90
N GLY B 85 -44.37 38.06 14.41
CA GLY B 85 -45.36 38.89 15.05
C GLY B 85 -45.31 38.89 16.57
N ASP B 86 -44.60 37.94 17.17
CA ASP B 86 -44.48 37.92 18.62
C ASP B 86 -43.72 39.13 19.11
N ILE B 87 -43.99 39.53 20.35
CA ILE B 87 -43.44 40.75 20.93
C ILE B 87 -42.26 40.39 21.81
N VAL B 88 -41.13 41.05 21.56
CA VAL B 88 -39.88 40.79 22.25
C VAL B 88 -39.56 41.99 23.14
N LYS B 89 -39.24 41.74 24.40
CA LYS B 89 -39.02 42.80 25.37
C LYS B 89 -37.58 42.79 25.85
N ARG B 90 -37.03 43.98 26.05
CA ARG B 90 -35.68 44.08 26.57
C ARG B 90 -35.59 43.45 27.95
N THR B 91 -34.37 43.37 28.46
CA THR B 91 -34.14 43.08 29.87
C THR B 91 -33.04 43.94 30.47
N GLY B 92 -32.38 44.78 29.69
CA GLY B 92 -31.44 45.74 30.23
C GLY B 92 -30.31 45.11 31.02
N ALA B 93 -29.77 44.00 30.54
CA ALA B 93 -28.69 43.31 31.25
C ALA B 93 -27.96 42.42 30.27
N ILE B 94 -26.67 42.69 30.06
CA ILE B 94 -25.87 41.82 29.21
C ILE B 94 -26.08 40.40 29.69
N VAL B 95 -26.11 39.46 28.75
CA VAL B 95 -26.48 38.08 29.05
C VAL B 95 -25.62 37.60 30.21
N ASP B 96 -26.27 37.25 31.32
CA ASP B 96 -25.57 36.87 32.53
C ASP B 96 -26.29 35.71 33.19
N VAL B 97 -25.67 35.18 34.24
CA VAL B 97 -26.18 33.96 34.89
C VAL B 97 -26.02 34.11 36.39
N PRO B 98 -26.91 33.46 37.15
CA PRO B 98 -26.77 33.49 38.60
C PRO B 98 -25.51 32.76 39.04
N VAL B 99 -24.95 33.21 40.15
CA VAL B 99 -23.77 32.59 40.73
C VAL B 99 -23.91 32.59 42.24
N GLY B 100 -22.96 31.94 42.89
CA GLY B 100 -22.91 31.89 44.34
C GLY B 100 -22.75 30.47 44.80
N GLU B 101 -22.84 30.28 46.12
CA GLU B 101 -22.85 28.97 46.71
C GLU B 101 -24.25 28.42 46.89
N GLU B 102 -25.26 29.13 46.40
CA GLU B 102 -26.62 28.62 46.39
C GLU B 102 -26.87 27.69 45.23
N LEU B 103 -25.90 27.54 44.34
CA LEU B 103 -25.97 26.60 43.23
C LEU B 103 -25.37 25.26 43.57
N LEU B 104 -24.52 25.19 44.59
CA LEU B 104 -23.81 23.96 44.89
C LEU B 104 -24.79 22.82 45.14
N GLY B 105 -24.54 21.69 44.50
CA GLY B 105 -25.42 20.55 44.63
C GLY B 105 -26.63 20.57 43.72
N ARG B 106 -26.74 21.57 42.86
CA ARG B 106 -27.86 21.69 41.95
C ARG B 106 -27.42 21.33 40.55
N VAL B 107 -28.38 20.90 39.74
CA VAL B 107 -28.21 20.80 38.30
C VAL B 107 -28.93 21.98 37.67
N VAL B 108 -28.27 22.69 36.77
CA VAL B 108 -28.84 23.85 36.13
C VAL B 108 -28.60 23.75 34.65
N ASP B 109 -29.56 24.18 33.85
CA ASP B 109 -29.33 24.25 32.42
C ASP B 109 -28.43 25.44 32.12
N ALA B 110 -28.08 25.61 30.84
CA ALA B 110 -27.04 26.56 30.48
C ALA B 110 -27.32 27.98 30.95
N LEU B 111 -28.53 28.27 31.44
CA LEU B 111 -28.90 29.63 31.81
C LEU B 111 -29.12 29.80 33.31
N GLY B 112 -28.86 28.78 34.11
CA GLY B 112 -29.07 28.86 35.53
C GLY B 112 -30.46 28.54 36.01
N ASN B 113 -31.26 27.83 35.21
CA ASN B 113 -32.60 27.41 35.60
C ASN B 113 -32.55 25.95 36.00
N ALA B 114 -32.74 25.68 37.30
CA ALA B 114 -32.59 24.32 37.80
C ALA B 114 -33.48 23.36 37.06
N ILE B 115 -32.92 22.22 36.67
CA ILE B 115 -33.67 21.19 35.95
C ILE B 115 -33.71 19.88 36.73
N ASP B 116 -33.45 19.92 38.03
CA ASP B 116 -33.63 18.75 38.88
C ASP B 116 -34.90 18.82 39.69
N GLY B 117 -35.74 19.83 39.48
CA GLY B 117 -37.02 19.90 40.18
C GLY B 117 -36.88 19.94 41.68
N LYS B 118 -35.92 20.71 42.19
CA LYS B 118 -35.74 20.88 43.62
C LYS B 118 -35.94 22.34 44.04
N GLY B 119 -36.64 23.12 43.24
CA GLY B 119 -36.95 24.48 43.60
C GLY B 119 -35.98 25.47 43.02
N PRO B 120 -36.30 26.76 43.11
CA PRO B 120 -35.48 27.77 42.46
C PRO B 120 -34.11 27.89 43.08
N ILE B 121 -33.15 28.31 42.26
CA ILE B 121 -31.80 28.63 42.72
C ILE B 121 -31.89 29.98 43.41
N GLY B 122 -31.96 29.98 44.74
CA GLY B 122 -32.08 31.22 45.47
C GLY B 122 -30.76 31.93 45.62
N SER B 123 -30.24 32.48 44.53
CA SER B 123 -28.97 33.20 44.54
C SER B 123 -29.22 34.70 44.44
N LYS B 124 -28.17 35.47 44.76
CA LYS B 124 -28.25 36.92 44.79
C LYS B 124 -27.43 37.59 43.72
N ALA B 125 -26.23 37.08 43.41
CA ALA B 125 -25.33 37.70 42.47
C ALA B 125 -25.52 37.13 41.08
N ARG B 126 -25.53 38.01 40.08
CA ARG B 126 -25.60 37.62 38.68
C ARG B 126 -24.33 38.11 38.00
N ARG B 127 -23.59 37.19 37.41
CA ARG B 127 -22.32 37.50 36.78
C ARG B 127 -22.46 37.32 35.27
N ARG B 128 -21.85 38.22 34.51
CA ARG B 128 -21.91 38.10 33.06
C ARG B 128 -21.30 36.78 32.61
N VAL B 129 -21.52 36.46 31.34
CA VAL B 129 -20.86 35.31 30.73
C VAL B 129 -19.83 35.84 29.75
N GLY B 130 -20.07 37.04 29.23
CA GLY B 130 -19.16 37.65 28.28
C GLY B 130 -18.10 38.49 28.95
N LEU B 131 -17.54 38.00 30.04
CA LEU B 131 -16.50 38.75 30.74
C LEU B 131 -15.15 38.53 30.07
N LYS B 132 -14.19 39.31 30.52
CA LYS B 132 -12.82 39.22 30.07
C LYS B 132 -12.01 38.37 31.05
N ALA B 133 -10.95 37.76 30.56
CA ALA B 133 -10.10 36.98 31.42
C ALA B 133 -9.11 37.88 32.16
N PRO B 134 -8.55 37.40 33.27
CA PRO B 134 -7.61 38.23 34.02
C PRO B 134 -6.39 38.58 33.19
N GLY B 135 -5.91 39.80 33.37
CA GLY B 135 -4.80 40.29 32.58
C GLY B 135 -3.48 39.62 32.89
N ILE B 136 -2.39 40.28 32.51
CA ILE B 136 -1.06 39.70 32.70
C ILE B 136 -0.68 39.71 34.18
N ILE B 137 -1.04 40.78 34.89
CA ILE B 137 -0.48 41.07 36.21
C ILE B 137 -1.18 40.28 37.31
N PRO B 138 -2.51 40.18 37.32
CA PRO B 138 -3.18 39.47 38.41
C PRO B 138 -2.65 38.07 38.65
N ARG B 139 -2.29 37.35 37.59
CA ARG B 139 -1.87 35.97 37.74
C ARG B 139 -0.48 35.87 38.36
N ILE B 140 -0.21 34.71 38.96
CA ILE B 140 1.13 34.28 39.29
C ILE B 140 1.24 32.80 38.95
N SER B 141 2.45 32.25 39.10
CA SER B 141 2.69 30.89 38.70
C SER B 141 1.72 29.94 39.42
N VAL B 142 1.75 28.69 39.01
CA VAL B 142 0.89 27.65 39.55
C VAL B 142 1.68 26.88 40.60
N ARG B 143 1.22 26.93 41.85
CA ARG B 143 1.99 26.43 42.97
C ARG B 143 1.34 25.25 43.69
N GLU B 144 0.10 25.40 44.14
CA GLU B 144 -0.54 24.31 44.85
C GLU B 144 -0.79 23.15 43.90
N PRO B 145 -0.89 21.93 44.41
CA PRO B 145 -1.31 20.80 43.57
C PRO B 145 -2.81 20.56 43.66
N MET B 146 -3.36 20.05 42.56
CA MET B 146 -4.76 19.66 42.48
C MET B 146 -4.77 18.14 42.40
N GLN B 147 -4.89 17.49 43.56
CA GLN B 147 -4.77 16.05 43.62
C GLN B 147 -5.86 15.40 42.80
N THR B 148 -5.46 14.74 41.72
CA THR B 148 -6.42 14.09 40.84
C THR B 148 -7.04 12.87 41.48
N GLY B 149 -6.28 12.13 42.28
CA GLY B 149 -6.75 10.87 42.81
C GLY B 149 -6.49 9.70 41.90
N ILE B 150 -5.81 9.91 40.78
CA ILE B 150 -5.48 8.85 39.83
C ILE B 150 -3.97 8.69 39.85
N LYS B 151 -3.49 7.45 39.88
CA LYS B 151 -2.07 7.22 40.02
C LYS B 151 -1.29 7.83 38.85
N ALA B 152 -1.74 7.56 37.63
CA ALA B 152 -0.99 8.03 36.46
C ALA B 152 -0.97 9.56 36.40
N VAL B 153 -2.12 10.18 36.58
CA VAL B 153 -2.19 11.63 36.46
C VAL B 153 -1.35 12.31 37.53
N ASP B 154 -1.41 11.81 38.76
CA ASP B 154 -0.67 12.44 39.85
C ASP B 154 0.82 12.15 39.79
N SER B 155 1.22 11.03 39.21
CA SER B 155 2.62 10.68 39.18
C SER B 155 3.34 11.27 37.97
N LEU B 156 2.79 11.09 36.78
CA LEU B 156 3.48 11.40 35.54
C LEU B 156 2.94 12.61 34.80
N VAL B 157 1.72 13.04 35.08
CA VAL B 157 1.14 14.20 34.43
C VAL B 157 0.56 15.09 35.51
N PRO B 158 1.37 15.60 36.43
CA PRO B 158 0.83 16.33 37.56
C PRO B 158 0.07 17.57 37.12
N ILE B 159 -0.99 17.89 37.86
CA ILE B 159 -1.84 19.03 37.56
C ILE B 159 -1.74 20.01 38.71
N GLY B 160 -1.47 21.27 38.40
CA GLY B 160 -1.46 22.33 39.39
C GLY B 160 -2.85 22.88 39.56
N ARG B 161 -2.93 24.07 40.13
CA ARG B 161 -4.19 24.80 40.28
C ARG B 161 -4.12 26.06 39.45
N GLY B 162 -5.13 26.26 38.61
CA GLY B 162 -5.08 27.28 37.60
C GLY B 162 -4.51 26.81 36.29
N GLN B 163 -4.00 25.59 36.24
CA GLN B 163 -3.45 25.03 35.02
C GLN B 163 -4.57 24.42 34.19
N ARG B 164 -4.63 24.81 32.92
CA ARG B 164 -5.60 24.25 31.98
C ARG B 164 -5.04 22.95 31.43
N GLU B 165 -5.59 21.83 31.87
CA GLU B 165 -5.18 20.54 31.34
C GLU B 165 -6.01 20.26 30.09
N LEU B 166 -5.91 19.07 29.54
CA LEU B 166 -6.67 18.72 28.36
C LEU B 166 -6.78 17.21 28.32
N ILE B 167 -7.97 16.69 28.57
CA ILE B 167 -8.20 15.25 28.48
C ILE B 167 -8.67 14.99 27.05
N ILE B 168 -7.74 14.57 26.19
CA ILE B 168 -8.00 14.43 24.77
C ILE B 168 -7.82 12.98 24.39
N GLY B 169 -8.81 12.41 23.72
CA GLY B 169 -8.67 11.05 23.29
C GLY B 169 -9.93 10.47 22.69
N ASP B 170 -9.78 9.48 21.81
CA ASP B 170 -10.89 8.93 21.06
C ASP B 170 -12.04 8.57 21.98
N ARG B 171 -13.24 8.46 21.43
CA ARG B 171 -14.42 8.26 22.25
C ARG B 171 -14.39 6.90 22.93
N GLN B 172 -15.12 6.80 24.03
CA GLN B 172 -15.15 5.60 24.86
C GLN B 172 -13.74 5.17 25.23
N THR B 173 -13.06 6.05 25.96
CA THR B 173 -11.68 5.78 26.35
C THR B 173 -11.40 6.02 27.83
N GLY B 174 -12.22 6.79 28.53
CA GLY B 174 -11.96 7.01 29.94
C GLY B 174 -11.74 8.47 30.26
N LYS B 175 -12.40 9.36 29.54
CA LYS B 175 -12.29 10.78 29.83
C LYS B 175 -13.28 11.20 30.91
N THR B 176 -14.56 10.96 30.68
CA THR B 176 -15.53 11.21 31.74
C THR B 176 -15.15 10.49 33.02
N SER B 177 -14.53 9.31 32.92
CA SER B 177 -14.14 8.59 34.12
C SER B 177 -13.06 9.34 34.89
N ILE B 178 -12.07 9.90 34.18
CA ILE B 178 -11.06 10.69 34.85
C ILE B 178 -11.68 11.91 35.51
N ALA B 179 -12.63 12.54 34.82
CA ALA B 179 -13.28 13.71 35.41
C ALA B 179 -14.03 13.33 36.68
N ILE B 180 -14.75 12.21 36.67
CA ILE B 180 -15.50 11.82 37.85
C ILE B 180 -14.57 11.43 38.98
N ASP B 181 -13.44 10.79 38.67
CA ASP B 181 -12.48 10.50 39.73
C ASP B 181 -11.95 11.78 40.34
N THR B 182 -11.63 12.76 39.51
CA THR B 182 -11.13 14.03 40.04
C THR B 182 -12.19 14.75 40.85
N ILE B 183 -13.46 14.57 40.52
CA ILE B 183 -14.51 15.28 41.24
C ILE B 183 -14.84 14.58 42.55
N ILE B 184 -14.69 13.25 42.60
CA ILE B 184 -14.96 12.53 43.83
C ILE B 184 -13.77 12.56 44.78
N ASN B 185 -12.56 12.73 44.24
CA ASN B 185 -11.38 12.70 45.09
C ASN B 185 -11.24 13.96 45.93
N GLN B 186 -12.02 15.00 45.68
CA GLN B 186 -11.96 16.20 46.47
C GLN B 186 -12.81 16.12 47.73
N LYS B 187 -13.51 15.02 47.94
CA LYS B 187 -14.32 14.90 49.15
C LYS B 187 -13.45 14.99 50.38
N ARG B 188 -12.28 14.35 50.35
CA ARG B 188 -11.41 14.35 51.51
C ARG B 188 -10.97 15.75 51.88
N PHE B 189 -10.60 16.56 50.88
CA PHE B 189 -10.18 17.93 51.16
C PHE B 189 -11.35 18.80 51.58
N ASN B 190 -12.54 18.53 51.05
CA ASN B 190 -13.71 19.35 51.34
C ASN B 190 -14.38 18.98 52.66
N ASP B 191 -13.67 18.31 53.56
CA ASP B 191 -14.19 17.97 54.88
C ASP B 191 -13.20 18.39 55.95
N GLY B 192 -12.67 19.60 55.84
CA GLY B 192 -11.79 20.19 56.82
C GLY B 192 -12.23 21.61 57.13
N THR B 193 -11.23 22.47 57.37
CA THR B 193 -11.50 23.87 57.64
C THR B 193 -10.69 24.77 56.71
N ASP B 194 -9.46 24.37 56.42
CA ASP B 194 -8.55 25.20 55.64
C ASP B 194 -9.17 25.48 54.27
N GLU B 195 -9.54 26.73 54.03
CA GLU B 195 -10.01 27.13 52.72
C GLU B 195 -8.94 27.02 51.65
N LYS B 196 -7.67 26.86 52.04
CA LYS B 196 -6.62 26.73 51.05
C LYS B 196 -6.67 25.42 50.31
N LYS B 197 -7.41 24.43 50.82
CA LYS B 197 -7.48 23.11 50.22
C LYS B 197 -8.81 22.85 49.54
N LYS B 198 -9.91 23.29 50.11
CA LYS B 198 -11.22 22.97 49.57
C LYS B 198 -11.30 23.37 48.10
N LEU B 199 -11.78 22.46 47.27
CA LEU B 199 -11.90 22.67 45.83
C LEU B 199 -13.33 22.39 45.42
N TYR B 200 -13.99 23.39 44.83
CA TYR B 200 -15.37 23.25 44.41
C TYR B 200 -15.43 22.94 42.93
N CYS B 201 -16.11 21.87 42.57
CA CYS B 201 -16.10 21.37 41.22
C CYS B 201 -17.34 21.78 40.45
N ILE B 202 -17.15 21.99 39.16
CA ILE B 202 -18.21 22.35 38.23
C ILE B 202 -18.07 21.40 37.05
N TYR B 203 -19.19 20.84 36.59
CA TYR B 203 -19.16 19.88 35.49
C TYR B 203 -20.13 20.36 34.43
N VAL B 204 -19.60 20.74 33.26
CA VAL B 204 -20.42 21.20 32.15
C VAL B 204 -20.56 20.03 31.19
N ALA B 205 -21.79 19.62 30.93
CA ALA B 205 -22.09 18.50 30.04
C ALA B 205 -22.73 19.05 28.79
N ILE B 206 -21.98 19.06 27.69
CA ILE B 206 -22.36 19.73 26.46
C ILE B 206 -22.61 18.67 25.40
N GLY B 207 -23.77 18.72 24.77
CA GLY B 207 -24.06 17.80 23.71
C GLY B 207 -23.91 16.35 24.12
N GLN B 208 -24.17 16.08 25.40
CA GLN B 208 -23.97 14.76 25.98
C GLN B 208 -25.33 14.19 26.39
N LYS B 209 -25.56 12.93 26.04
CA LYS B 209 -26.83 12.27 26.30
C LYS B 209 -27.37 12.61 27.68
N ARG B 210 -28.65 12.99 27.73
CA ARG B 210 -29.22 13.39 29.01
C ARG B 210 -29.31 12.23 29.99
N SER B 211 -29.51 11.01 29.49
CA SER B 211 -29.47 9.87 30.38
C SER B 211 -28.11 9.75 31.05
N THR B 212 -27.04 10.01 30.28
CA THR B 212 -25.70 9.94 30.85
C THR B 212 -25.51 10.97 31.95
N VAL B 213 -25.98 12.19 31.74
CA VAL B 213 -25.83 13.20 32.78
C VAL B 213 -26.64 12.82 34.01
N ALA B 214 -27.83 12.24 33.80
CA ALA B 214 -28.63 11.80 34.95
C ALA B 214 -27.91 10.73 35.74
N GLN B 215 -27.33 9.75 35.05
CA GLN B 215 -26.59 8.70 35.74
C GLN B 215 -25.38 9.28 36.45
N LEU B 216 -24.71 10.24 35.83
CA LEU B 216 -23.55 10.87 36.45
C LEU B 216 -23.94 11.58 37.74
N VAL B 217 -25.04 12.33 37.72
CA VAL B 217 -25.48 13.00 38.94
C VAL B 217 -25.82 11.97 40.01
N LYS B 218 -26.49 10.88 39.62
CA LYS B 218 -26.81 9.85 40.60
C LYS B 218 -25.54 9.24 41.19
N ARG B 219 -24.55 8.97 40.34
CA ARG B 219 -23.31 8.39 40.83
C ARG B 219 -22.59 9.33 41.76
N LEU B 220 -22.60 10.63 41.45
CA LEU B 220 -21.97 11.60 42.35
C LEU B 220 -22.68 11.62 43.70
N THR B 221 -24.01 11.78 43.70
CA THR B 221 -24.70 11.79 44.98
C THR B 221 -24.57 10.47 45.72
N ASP B 222 -24.28 9.38 45.02
CA ASP B 222 -24.01 8.11 45.70
C ASP B 222 -22.79 8.22 46.60
N ALA B 223 -21.87 9.15 46.32
CA ALA B 223 -20.66 9.32 47.09
C ALA B 223 -20.61 10.67 47.78
N ASP B 224 -21.77 11.28 48.03
CA ASP B 224 -21.85 12.60 48.66
C ASP B 224 -20.79 13.53 48.08
N ALA B 225 -20.50 13.39 46.80
CA ALA B 225 -19.65 14.32 46.07
C ALA B 225 -20.47 15.34 45.32
N MET B 226 -21.69 15.62 45.80
CA MET B 226 -22.58 16.57 45.17
C MET B 226 -22.81 17.79 46.03
N LYS B 227 -22.64 17.67 47.35
CA LYS B 227 -22.77 18.81 48.24
C LYS B 227 -21.89 19.97 47.85
N TYR B 228 -20.89 19.74 46.99
CA TYR B 228 -19.93 20.78 46.62
C TYR B 228 -19.70 20.86 45.12
N THR B 229 -20.62 20.33 44.31
CA THR B 229 -20.46 20.32 42.86
C THR B 229 -21.63 21.03 42.22
N ILE B 230 -21.36 21.70 41.11
CA ILE B 230 -22.41 22.22 40.24
C ILE B 230 -22.36 21.38 38.97
N VAL B 231 -23.51 21.20 38.34
CA VAL B 231 -23.60 20.43 37.10
C VAL B 231 -24.41 21.26 36.11
N VAL B 232 -23.73 21.92 35.20
CA VAL B 232 -24.39 22.65 34.13
C VAL B 232 -24.59 21.67 32.98
N SER B 233 -25.76 21.73 32.34
CA SER B 233 -26.18 20.64 31.45
C SER B 233 -26.87 21.22 30.22
N ALA B 234 -26.16 21.22 29.09
CA ALA B 234 -26.73 21.55 27.79
C ALA B 234 -26.54 20.31 26.93
N THR B 235 -27.46 19.37 27.06
CA THR B 235 -27.28 18.03 26.52
C THR B 235 -27.56 18.03 25.03
N ALA B 236 -27.67 16.84 24.44
CA ALA B 236 -27.73 16.73 22.98
C ALA B 236 -28.99 17.36 22.42
N SER B 237 -30.12 17.18 23.09
CA SER B 237 -31.38 17.70 22.55
C SER B 237 -31.39 19.21 22.53
N ASP B 238 -30.81 19.85 23.54
CA ASP B 238 -30.93 21.30 23.69
C ASP B 238 -30.44 22.04 22.47
N ALA B 239 -31.19 23.05 22.05
CA ALA B 239 -30.87 23.81 20.86
C ALA B 239 -29.43 24.27 20.89
N ALA B 240 -28.86 24.47 19.71
CA ALA B 240 -27.43 24.76 19.64
C ALA B 240 -27.01 25.95 20.48
N PRO B 241 -27.75 27.06 20.54
CA PRO B 241 -27.30 28.19 21.36
C PRO B 241 -27.10 27.82 22.82
N LEU B 242 -27.87 26.91 23.37
CA LEU B 242 -27.65 26.51 24.75
C LEU B 242 -26.37 25.71 24.89
N GLN B 243 -26.09 24.80 23.96
CA GLN B 243 -24.82 24.10 23.97
C GLN B 243 -23.65 25.06 23.75
N TYR B 244 -23.90 26.20 23.11
CA TYR B 244 -22.91 27.24 22.94
C TYR B 244 -22.66 28.02 24.23
N LEU B 245 -23.70 28.35 24.99
CA LEU B 245 -23.48 29.08 26.23
C LEU B 245 -23.00 28.23 27.38
N ALA B 246 -23.32 26.93 27.38
CA ALA B 246 -23.04 26.13 28.58
C ALA B 246 -21.62 26.33 29.10
N PRO B 247 -20.58 26.27 28.27
CA PRO B 247 -19.24 26.47 28.82
C PRO B 247 -19.04 27.83 29.44
N TYR B 248 -19.62 28.89 28.86
CA TYR B 248 -19.44 30.21 29.45
C TYR B 248 -20.24 30.34 30.74
N SER B 249 -21.42 29.74 30.82
CA SER B 249 -22.15 29.75 32.07
C SER B 249 -21.36 29.05 33.16
N GLY B 250 -20.80 27.89 32.85
CA GLY B 250 -19.98 27.20 33.83
C GLY B 250 -18.76 28.00 34.23
N CYS B 251 -18.08 28.59 33.26
CA CYS B 251 -16.87 29.32 33.56
C CYS B 251 -17.17 30.56 34.39
N SER B 252 -18.35 31.16 34.23
CA SER B 252 -18.71 32.28 35.08
C SER B 252 -19.05 31.83 36.49
N MET B 253 -19.83 30.76 36.61
CA MET B 253 -20.12 30.23 37.93
C MET B 253 -18.85 29.85 38.66
N GLY B 254 -17.79 29.51 37.92
CA GLY B 254 -16.50 29.25 38.56
C GLY B 254 -15.69 30.50 38.83
N GLU B 255 -15.75 31.49 37.94
CA GLU B 255 -15.06 32.74 38.22
C GLU B 255 -15.57 33.37 39.49
N TYR B 256 -16.85 33.18 39.80
CA TYR B 256 -17.35 33.75 41.04
C TYR B 256 -16.50 33.27 42.22
N PHE B 257 -16.15 31.99 42.23
CA PHE B 257 -15.25 31.49 43.27
C PHE B 257 -13.85 32.05 43.09
N ARG B 258 -13.33 32.01 41.86
CA ARG B 258 -11.94 32.42 41.65
C ARG B 258 -11.71 33.83 42.17
N ASP B 259 -12.69 34.71 42.01
CA ASP B 259 -12.53 36.10 42.43
C ASP B 259 -12.69 36.30 43.93
N ASN B 260 -13.13 35.29 44.66
CA ASN B 260 -13.39 35.40 46.10
C ASN B 260 -12.46 34.49 46.90
N GLY B 261 -11.23 34.33 46.44
CA GLY B 261 -10.24 33.64 47.23
C GLY B 261 -10.46 32.16 47.40
N LYS B 262 -11.42 31.57 46.71
CA LYS B 262 -11.65 30.14 46.77
C LYS B 262 -11.14 29.46 45.51
N HIS B 263 -11.07 28.14 45.54
CA HIS B 263 -10.50 27.35 44.46
C HIS B 263 -11.57 26.50 43.83
N ALA B 264 -11.71 26.59 42.52
CA ALA B 264 -12.72 25.84 41.78
C ALA B 264 -12.05 24.96 40.74
N LEU B 265 -12.87 24.15 40.07
CA LEU B 265 -12.35 23.17 39.11
C LEU B 265 -13.45 22.86 38.11
N ILE B 266 -13.33 23.34 36.89
CA ILE B 266 -14.39 23.22 35.91
C ILE B 266 -13.99 22.20 34.86
N ILE B 267 -14.92 21.31 34.53
CA ILE B 267 -14.68 20.23 33.58
C ILE B 267 -15.65 20.39 32.43
N TYR B 268 -15.16 20.80 31.28
CA TYR B 268 -15.97 20.90 30.09
C TYR B 268 -15.98 19.56 29.39
N ASP B 269 -17.17 19.00 29.16
CA ASP B 269 -17.33 17.65 28.62
C ASP B 269 -18.40 17.72 27.55
N ASP B 270 -18.04 18.06 26.31
CA ASP B 270 -16.67 18.39 25.91
C ASP B 270 -16.65 19.52 24.90
N LEU B 271 -15.52 20.20 24.78
CA LEU B 271 -15.45 21.39 23.95
C LEU B 271 -15.66 21.08 22.48
N SER B 272 -15.40 19.85 22.04
CA SER B 272 -15.60 19.56 20.63
C SER B 272 -17.07 19.74 20.24
N LYS B 273 -17.99 19.34 21.12
CA LYS B 273 -19.40 19.49 20.81
C LYS B 273 -19.84 20.94 20.90
N GLN B 274 -19.20 21.74 21.74
CA GLN B 274 -19.45 23.17 21.66
C GLN B 274 -19.02 23.71 20.32
N ALA B 275 -17.87 23.27 19.82
CA ALA B 275 -17.39 23.78 18.54
C ALA B 275 -18.32 23.38 17.41
N VAL B 276 -18.86 22.17 17.46
CA VAL B 276 -19.84 21.74 16.47
C VAL B 276 -21.10 22.59 16.56
N ALA B 277 -21.58 22.86 17.77
CA ALA B 277 -22.77 23.69 17.91
C ALA B 277 -22.52 25.09 17.37
N TYR B 278 -21.34 25.65 17.63
CA TYR B 278 -21.03 26.97 17.11
C TYR B 278 -20.96 26.96 15.58
N ARG B 279 -20.40 25.90 15.00
CA ARG B 279 -20.39 25.83 13.55
C ARG B 279 -21.80 25.80 12.99
N GLN B 280 -22.70 25.07 13.66
CA GLN B 280 -24.09 25.12 13.23
C GLN B 280 -24.62 26.54 13.31
N MET B 281 -24.47 27.18 14.47
CA MET B 281 -24.98 28.54 14.63
C MET B 281 -24.47 29.46 13.55
N SER B 282 -23.22 29.29 13.15
CA SER B 282 -22.66 30.19 12.14
C SER B 282 -23.21 29.87 10.77
N LEU B 283 -23.07 28.62 10.32
CA LEU B 283 -23.53 28.27 8.99
C LEU B 283 -25.00 28.56 8.80
N LEU B 284 -25.79 28.62 9.88
CA LEU B 284 -27.17 29.04 9.72
C LEU B 284 -27.32 30.55 9.65
N LEU B 285 -26.28 31.33 9.96
CA LEU B 285 -26.29 32.77 9.76
C LEU B 285 -25.57 33.17 8.48
N ARG B 286 -25.24 32.20 7.63
CA ARG B 286 -24.63 32.39 6.33
C ARG B 286 -23.16 32.77 6.43
N ARG B 287 -22.61 32.92 7.62
CA ARG B 287 -21.21 33.31 7.73
C ARG B 287 -20.35 32.36 6.91
N PRO B 288 -19.21 32.79 6.41
CA PRO B 288 -18.40 31.93 5.56
C PRO B 288 -17.87 30.74 6.33
N PRO B 289 -17.77 29.57 5.71
CA PRO B 289 -17.07 28.45 6.33
C PRO B 289 -15.57 28.60 6.18
N GLY B 290 -14.85 27.67 6.80
CA GLY B 290 -13.41 27.71 6.82
C GLY B 290 -12.80 26.37 6.54
N ARG B 291 -11.99 25.88 7.47
CA ARG B 291 -11.36 24.57 7.34
C ARG B 291 -12.21 23.56 8.10
N GLU B 292 -12.82 22.63 7.37
CA GLU B 292 -13.82 21.70 7.88
C GLU B 292 -15.17 22.36 8.08
N ALA B 293 -15.37 23.54 7.52
CA ALA B 293 -16.58 24.34 7.61
C ALA B 293 -16.68 25.08 8.94
N TYR B 294 -15.74 24.90 9.85
CA TYR B 294 -15.76 25.68 11.08
C TYR B 294 -15.54 27.16 10.74
N PRO B 295 -16.25 28.07 11.40
CA PRO B 295 -16.04 29.49 11.11
C PRO B 295 -14.59 29.86 11.32
N GLY B 296 -14.25 31.08 10.89
CA GLY B 296 -12.88 31.54 11.08
C GLY B 296 -12.51 31.67 12.54
N ASP B 297 -13.47 31.98 13.40
CA ASP B 297 -13.21 32.31 14.80
C ASP B 297 -13.59 31.18 15.74
N VAL B 298 -13.29 29.93 15.39
CA VAL B 298 -13.53 28.84 16.32
C VAL B 298 -12.31 28.67 17.19
N PHE B 299 -11.41 29.64 17.16
CA PHE B 299 -10.29 29.71 18.09
C PHE B 299 -10.46 30.83 19.11
N TYR B 300 -11.03 31.96 18.71
CA TYR B 300 -11.47 32.95 19.66
C TYR B 300 -12.78 32.56 20.30
N LEU B 301 -13.21 31.32 20.11
CA LEU B 301 -14.34 30.77 20.84
C LEU B 301 -13.88 29.98 22.05
N HIS B 302 -12.77 29.25 21.90
CA HIS B 302 -12.19 28.52 23.02
C HIS B 302 -11.26 29.40 23.84
N SER B 303 -10.40 30.18 23.20
CA SER B 303 -9.42 30.95 23.95
C SER B 303 -10.09 31.88 24.94
N ARG B 304 -11.11 32.60 24.51
CA ARG B 304 -11.79 33.49 25.43
C ARG B 304 -12.51 32.74 26.55
N LEU B 305 -12.55 31.42 26.49
CA LEU B 305 -13.16 30.58 27.52
C LEU B 305 -12.11 29.94 28.40
N LEU B 306 -11.06 29.40 27.82
CA LEU B 306 -10.01 28.72 28.57
C LEU B 306 -8.96 29.68 29.08
N GLU B 307 -9.03 30.97 28.75
CA GLU B 307 -8.12 31.94 29.32
C GLU B 307 -8.61 32.48 30.66
N ARG B 308 -9.83 32.15 31.05
CA ARG B 308 -10.34 32.55 32.36
C ARG B 308 -9.95 31.58 33.46
N ALA B 309 -9.39 30.43 33.11
CA ALA B 309 -8.97 29.44 34.11
C ALA B 309 -7.57 29.82 34.59
N ALA B 310 -7.52 30.89 35.38
CA ALA B 310 -6.29 31.50 35.81
C ALA B 310 -6.03 31.19 37.28
N LYS B 311 -4.92 31.72 37.78
CA LYS B 311 -4.48 31.54 39.16
C LYS B 311 -4.18 32.93 39.71
N MET B 312 -5.20 33.59 40.26
CA MET B 312 -5.02 34.91 40.84
C MET B 312 -3.87 34.87 41.84
N ASN B 313 -3.31 36.04 42.16
CA ASN B 313 -2.27 36.12 43.17
C ASN B 313 -2.84 36.70 44.45
N ASP B 314 -2.00 36.76 45.48
CA ASP B 314 -2.50 37.17 46.80
C ASP B 314 -3.13 38.55 46.76
N ALA B 315 -2.66 39.43 45.88
CA ALA B 315 -3.21 40.77 45.82
C ALA B 315 -4.69 40.75 45.49
N PHE B 316 -5.08 39.93 44.53
CA PHE B 316 -6.47 39.90 44.09
C PHE B 316 -7.32 38.91 44.86
N GLY B 317 -6.72 38.07 45.69
CA GLY B 317 -7.49 37.14 46.49
C GLY B 317 -6.82 35.79 46.63
N GLY B 318 -5.90 35.47 45.72
CA GLY B 318 -5.28 34.17 45.75
C GLY B 318 -6.18 33.06 45.28
N GLY B 319 -7.26 33.40 44.59
CA GLY B 319 -8.20 32.39 44.12
C GLY B 319 -7.61 31.48 43.08
N SER B 320 -8.45 30.87 42.26
CA SER B 320 -8.01 29.89 41.28
C SER B 320 -9.23 29.40 40.53
N LEU B 321 -8.98 28.80 39.37
CA LEU B 321 -10.02 28.10 38.62
C LEU B 321 -9.30 27.17 37.65
N THR B 322 -9.18 25.90 38.03
CA THR B 322 -8.60 24.92 37.13
C THR B 322 -9.56 24.68 35.98
N ALA B 323 -9.12 23.93 34.98
CA ALA B 323 -9.99 23.58 33.88
C ALA B 323 -9.45 22.32 33.23
N LEU B 324 -10.35 21.39 32.92
CA LEU B 324 -9.98 20.11 32.31
C LEU B 324 -10.86 19.87 31.09
N PRO B 325 -10.72 20.70 30.07
CA PRO B 325 -11.52 20.49 28.87
C PRO B 325 -11.29 19.11 28.29
N VAL B 326 -12.37 18.49 27.88
CA VAL B 326 -12.32 17.17 27.27
C VAL B 326 -12.45 17.35 25.77
N ILE B 327 -11.79 16.48 25.01
CA ILE B 327 -11.83 16.53 23.55
C ILE B 327 -11.89 15.10 23.02
N GLU B 328 -12.74 14.89 22.03
CA GLU B 328 -12.92 13.58 21.41
C GLU B 328 -12.32 13.63 20.02
N THR B 329 -11.04 13.32 19.93
CA THR B 329 -10.44 13.20 18.61
C THR B 329 -11.19 12.14 17.82
N GLN B 330 -11.07 12.22 16.50
CA GLN B 330 -11.58 11.17 15.65
C GLN B 330 -10.58 10.03 15.69
N ALA B 331 -10.67 9.08 14.75
CA ALA B 331 -10.03 7.79 14.92
C ALA B 331 -8.70 7.88 15.67
N GLY B 332 -7.76 8.63 15.12
CA GLY B 332 -6.49 8.81 15.81
C GLY B 332 -5.85 10.16 15.58
N ASP B 333 -6.58 11.07 14.95
CA ASP B 333 -6.00 12.32 14.47
C ASP B 333 -5.99 13.34 15.60
N VAL B 334 -4.81 13.60 16.14
CA VAL B 334 -4.60 14.75 17.00
C VAL B 334 -3.93 15.88 16.23
N SER B 335 -4.13 15.93 14.92
CA SER B 335 -3.71 17.06 14.10
C SER B 335 -4.90 17.71 13.40
N ALA B 336 -6.12 17.31 13.73
CA ALA B 336 -7.28 17.91 13.11
C ALA B 336 -7.38 19.37 13.52
N TYR B 337 -8.43 20.03 13.07
CA TYR B 337 -8.53 21.46 13.32
C TYR B 337 -8.72 21.75 14.80
N ILE B 338 -9.67 21.09 15.45
CA ILE B 338 -10.04 21.47 16.81
C ILE B 338 -9.08 20.89 17.84
N PRO B 339 -8.67 19.64 17.73
CA PRO B 339 -7.64 19.16 18.66
C PRO B 339 -6.41 20.03 18.68
N THR B 340 -5.98 20.52 17.51
CA THR B 340 -4.84 21.40 17.44
C THR B 340 -5.18 22.79 17.96
N ASN B 341 -6.38 23.29 17.65
CA ASN B 341 -6.77 24.59 18.14
C ASN B 341 -6.81 24.63 19.66
N VAL B 342 -7.06 23.51 20.31
CA VAL B 342 -7.14 23.48 21.76
C VAL B 342 -5.85 23.00 22.41
N ILE B 343 -5.00 22.27 21.68
CA ILE B 343 -3.72 21.88 22.24
C ILE B 343 -2.80 23.07 22.37
N SER B 344 -3.07 24.16 21.66
CA SER B 344 -2.26 25.36 21.71
C SER B 344 -2.91 26.44 22.56
N ILE B 345 -3.93 26.10 23.33
CA ILE B 345 -4.52 27.02 24.29
C ILE B 345 -4.28 26.58 25.73
N THR B 346 -4.06 25.30 25.96
CA THR B 346 -3.93 24.74 27.29
C THR B 346 -2.46 24.59 27.67
N ASP B 347 -2.23 24.32 28.95
CA ASP B 347 -0.89 24.19 29.51
C ASP B 347 -0.47 22.74 29.68
N GLY B 348 -1.19 21.80 29.08
CA GLY B 348 -0.88 20.41 29.28
C GLY B 348 -1.68 19.55 28.33
N GLN B 349 -1.58 18.25 28.52
CA GLN B 349 -2.35 17.30 27.73
C GLN B 349 -2.39 15.99 28.47
N ILE B 350 -3.45 15.21 28.23
CA ILE B 350 -3.53 13.86 28.74
C ILE B 350 -4.09 12.97 27.65
N PHE B 351 -3.21 12.30 26.92
CA PHE B 351 -3.63 11.49 25.78
C PHE B 351 -4.10 10.14 26.26
N LEU B 352 -5.36 9.82 26.00
CA LEU B 352 -5.91 8.52 26.36
C LEU B 352 -5.94 7.68 25.10
N GLU B 353 -4.88 6.93 24.87
CA GLU B 353 -4.80 6.07 23.71
C GLU B 353 -5.84 4.97 23.80
N THR B 354 -6.38 4.56 22.65
CA THR B 354 -7.42 3.55 22.62
C THR B 354 -6.88 2.13 22.52
N GLU B 355 -5.71 1.94 21.92
CA GLU B 355 -5.10 0.61 21.91
C GLU B 355 -4.82 0.16 23.34
N LEU B 356 -4.21 1.03 24.15
CA LEU B 356 -4.01 0.71 25.54
C LEU B 356 -5.32 0.35 26.22
N PHE B 357 -6.38 1.08 25.92
CA PHE B 357 -7.66 0.81 26.56
C PHE B 357 -8.19 -0.57 26.17
N TYR B 358 -8.02 -0.96 24.92
CA TYR B 358 -8.41 -2.32 24.53
C TYR B 358 -7.58 -3.34 25.27
N LYS B 359 -6.27 -3.10 25.39
CA LYS B 359 -5.37 -4.04 26.03
C LYS B 359 -5.49 -4.03 27.54
N GLY B 360 -6.54 -3.46 28.10
CA GLY B 360 -6.82 -3.59 29.51
C GLY B 360 -6.06 -2.65 30.42
N ILE B 361 -5.31 -1.70 29.87
CA ILE B 361 -4.55 -0.76 30.69
C ILE B 361 -5.47 0.44 30.92
N ARG B 362 -6.31 0.33 31.94
CA ARG B 362 -7.29 1.35 32.28
C ARG B 362 -6.94 1.95 33.63
N PRO B 363 -6.70 3.26 33.77
CA PRO B 363 -6.82 4.32 32.78
C PRO B 363 -5.88 4.13 31.61
N ALA B 364 -6.27 4.63 30.44
CA ALA B 364 -5.52 4.43 29.22
C ALA B 364 -4.48 5.50 29.00
N ILE B 365 -4.16 6.28 30.02
CA ILE B 365 -3.32 7.45 29.86
C ILE B 365 -2.03 7.06 29.16
N ASN B 366 -1.83 7.59 27.97
CA ASN B 366 -0.61 7.38 27.22
C ASN B 366 0.44 8.32 27.76
N VAL B 367 1.57 7.77 28.19
CA VAL B 367 2.67 8.58 28.68
C VAL B 367 3.65 8.76 27.53
N GLY B 368 4.43 9.82 27.62
CA GLY B 368 5.29 10.21 26.52
C GLY B 368 4.62 11.25 25.67
N LEU B 369 3.39 10.99 25.25
CA LEU B 369 2.60 12.01 24.59
C LEU B 369 1.85 12.90 25.57
N SER B 370 1.85 12.56 26.85
CA SER B 370 1.15 13.33 27.87
C SER B 370 2.15 14.15 28.64
N VAL B 371 1.91 15.46 28.73
CA VAL B 371 2.79 16.36 29.46
C VAL B 371 1.95 17.29 30.31
N SER B 372 2.58 17.84 31.34
CA SER B 372 1.99 18.92 32.12
C SER B 372 3.10 19.95 32.27
N ARG B 373 3.17 20.89 31.32
CA ARG B 373 4.31 21.79 31.27
C ARG B 373 4.47 22.56 32.57
N VAL B 374 3.38 22.78 33.29
CA VAL B 374 3.39 23.66 34.46
C VAL B 374 3.26 22.91 35.78
N GLY B 375 2.86 21.64 35.76
CA GLY B 375 2.57 20.94 36.99
C GLY B 375 3.79 20.53 37.78
N SER B 376 4.97 20.49 37.15
CA SER B 376 6.16 20.06 37.86
C SER B 376 6.47 20.99 39.02
N ALA B 377 6.31 22.31 38.82
CA ALA B 377 6.53 23.25 39.91
C ALA B 377 5.53 23.09 41.03
N ALA B 378 4.39 22.44 40.78
CA ALA B 378 3.34 22.23 41.76
C ALA B 378 3.15 20.72 41.92
N GLN B 379 3.88 20.13 42.86
CA GLN B 379 3.77 18.71 43.11
C GLN B 379 4.33 18.42 44.50
N THR B 380 3.58 17.68 45.31
CA THR B 380 4.03 17.37 46.65
C THR B 380 5.40 16.71 46.61
N ARG B 381 6.29 17.18 47.48
CA ARG B 381 7.68 16.75 47.36
C ARG B 381 7.86 15.25 47.57
N ALA B 382 6.96 14.60 48.30
CA ALA B 382 7.02 13.13 48.36
C ALA B 382 6.77 12.54 46.99
N MET B 383 5.67 12.94 46.34
CA MET B 383 5.39 12.48 45.00
C MET B 383 6.50 12.88 44.04
N LYS B 384 7.21 13.96 44.31
CA LYS B 384 8.35 14.29 43.47
C LYS B 384 9.49 13.32 43.71
N GLN B 385 9.79 13.02 44.98
CA GLN B 385 10.84 12.07 45.29
C GLN B 385 10.61 10.74 44.60
N VAL B 386 9.35 10.37 44.42
CA VAL B 386 9.04 9.09 43.79
C VAL B 386 8.94 9.21 42.25
N ALA B 387 8.24 10.22 41.75
CA ALA B 387 8.07 10.36 40.32
C ALA B 387 9.39 10.63 39.62
N GLY B 388 10.26 11.46 40.21
CA GLY B 388 11.53 11.75 39.58
C GLY B 388 12.23 10.52 39.07
N THR B 389 12.04 9.40 39.76
CA THR B 389 12.60 8.13 39.30
C THR B 389 11.60 7.29 38.52
N MET B 390 10.31 7.38 38.82
CA MET B 390 9.35 6.56 38.08
C MET B 390 9.32 6.96 36.61
N LYS B 391 9.30 8.26 36.34
CA LYS B 391 9.33 8.74 34.96
C LYS B 391 10.60 8.28 34.26
N LEU B 392 11.73 8.32 34.96
CA LEU B 392 12.99 7.89 34.36
C LEU B 392 12.94 6.41 34.00
N GLU B 393 12.44 5.58 34.91
CA GLU B 393 12.38 4.15 34.65
C GLU B 393 11.47 3.85 33.47
N LEU B 394 10.31 4.51 33.42
CA LEU B 394 9.42 4.27 32.29
C LEU B 394 10.02 4.78 30.99
N ALA B 395 10.74 5.91 31.04
CA ALA B 395 11.38 6.42 29.85
C ALA B 395 12.40 5.44 29.30
N GLN B 396 13.21 4.85 30.20
CA GLN B 396 14.13 3.81 29.76
C GLN B 396 13.38 2.61 29.20
N TYR B 397 12.28 2.23 29.84
CA TYR B 397 11.52 1.07 29.40
C TYR B 397 10.98 1.26 28.00
N ARG B 398 10.53 2.47 27.68
CA ARG B 398 9.90 2.69 26.39
C ARG B 398 10.88 2.56 25.23
N GLU B 399 12.18 2.70 25.50
CA GLU B 399 13.17 2.46 24.44
C GLU B 399 13.35 0.97 24.18
N VAL B 400 13.37 0.17 25.25
CA VAL B 400 13.65 -1.26 25.13
C VAL B 400 12.36 -2.02 24.89
N ALA B 401 11.27 -1.30 24.63
CA ALA B 401 9.99 -1.90 24.31
C ALA B 401 9.83 -2.19 22.82
N ALA B 402 10.84 -1.84 22.02
CA ALA B 402 10.79 -2.06 20.58
C ALA B 402 11.36 -3.42 20.17
N PHE B 403 11.89 -4.19 21.11
CA PHE B 403 12.48 -5.48 20.80
C PHE B 403 11.72 -6.60 21.50
N LEU B 410 17.90 -11.45 24.94
CA LEU B 410 18.57 -10.19 25.25
C LEU B 410 19.42 -10.30 26.51
N ASP B 411 20.47 -9.47 26.57
CA ASP B 411 21.28 -9.41 27.77
C ASP B 411 20.43 -9.03 28.96
N ALA B 412 20.96 -9.29 30.16
CA ALA B 412 20.16 -9.10 31.37
C ALA B 412 19.84 -7.64 31.64
N ALA B 413 20.56 -6.70 31.02
CA ALA B 413 20.26 -5.28 31.24
C ALA B 413 18.88 -4.94 30.69
N THR B 414 18.63 -5.27 29.43
CA THR B 414 17.32 -4.96 28.85
C THR B 414 16.23 -5.82 29.46
N GLN B 415 16.54 -7.05 29.87
CA GLN B 415 15.55 -7.84 30.58
C GLN B 415 15.17 -7.19 31.89
N GLN B 416 16.16 -6.65 32.61
CA GLN B 416 15.87 -5.93 33.85
C GLN B 416 15.00 -4.72 33.57
N LEU B 417 15.33 -3.95 32.53
CA LEU B 417 14.54 -2.77 32.22
C LEU B 417 13.11 -3.13 31.83
N LEU B 418 12.96 -4.19 31.03
CA LEU B 418 11.63 -4.65 30.67
C LEU B 418 10.84 -5.06 31.91
N SER B 419 11.47 -5.80 32.82
CA SER B 419 10.78 -6.20 34.03
C SER B 419 10.32 -4.99 34.82
N ARG B 420 11.20 -4.01 34.97
CA ARG B 420 10.84 -2.81 35.72
C ARG B 420 9.67 -2.09 35.06
N GLY B 421 9.74 -1.91 33.75
CA GLY B 421 8.67 -1.22 33.06
C GLY B 421 7.34 -1.93 33.19
N VAL B 422 7.34 -3.26 33.02
CA VAL B 422 6.10 -4.01 33.11
C VAL B 422 5.52 -3.91 34.51
N ARG B 423 6.37 -4.02 35.53
CA ARG B 423 5.88 -3.90 36.90
C ARG B 423 5.25 -2.54 37.13
N LEU B 424 5.91 -1.48 36.67
CA LEU B 424 5.39 -0.14 36.90
C LEU B 424 4.06 0.08 36.19
N THR B 425 3.97 -0.30 34.91
CA THR B 425 2.71 -0.12 34.21
C THR B 425 1.61 -0.94 34.86
N GLU B 426 1.91 -2.17 35.29
CA GLU B 426 0.89 -2.95 35.98
C GLU B 426 0.44 -2.27 37.25
N LEU B 427 1.34 -1.55 37.94
CA LEU B 427 0.90 -0.74 39.07
C LEU B 427 -0.05 0.36 38.61
N LEU B 428 0.28 1.03 37.52
CA LEU B 428 -0.44 2.25 37.15
C LEU B 428 -1.89 2.02 36.79
N LYS B 429 -2.31 0.77 36.55
CA LYS B 429 -3.73 0.53 36.37
C LYS B 429 -4.49 0.96 37.62
N GLN B 430 -5.80 1.02 37.50
CA GLN B 430 -6.62 1.46 38.62
C GLN B 430 -8.08 1.14 38.32
N GLY B 431 -8.87 1.07 39.37
CA GLY B 431 -10.27 0.74 39.24
C GLY B 431 -11.04 1.91 38.68
N GLN B 432 -12.23 2.15 39.21
CA GLN B 432 -13.06 3.25 38.75
C GLN B 432 -13.85 3.79 39.94
N TYR B 433 -13.95 5.10 40.02
CA TYR B 433 -14.61 5.75 41.15
C TYR B 433 -13.95 5.34 42.47
N SER B 434 -12.67 5.01 42.43
CA SER B 434 -11.90 4.60 43.60
C SER B 434 -10.61 5.39 43.62
N PRO B 435 -10.68 6.70 43.87
CA PRO B 435 -9.47 7.49 43.96
C PRO B 435 -8.80 7.32 45.32
N MET B 436 -7.47 7.31 45.32
CA MET B 436 -6.69 7.07 46.52
C MET B 436 -5.89 8.31 46.89
N ALA B 437 -5.89 8.65 48.18
CA ALA B 437 -5.17 9.81 48.65
C ALA B 437 -3.71 9.73 48.27
N ILE B 438 -3.02 10.86 48.32
CA ILE B 438 -1.66 10.93 47.80
C ILE B 438 -0.72 10.07 48.62
N GLU B 439 -1.01 9.88 49.92
CA GLU B 439 -0.12 9.07 50.75
C GLU B 439 -0.11 7.62 50.28
N GLU B 440 -1.27 7.06 49.97
CA GLU B 440 -1.28 5.71 49.44
C GLU B 440 -0.61 5.64 48.07
N GLN B 441 -0.73 6.69 47.27
CA GLN B 441 -0.03 6.71 46.00
C GLN B 441 1.48 6.64 46.21
N VAL B 442 2.01 7.46 47.11
CA VAL B 442 3.45 7.41 47.32
C VAL B 442 3.86 6.05 47.86
N ALA B 443 3.06 5.49 48.77
CA ALA B 443 3.40 4.17 49.30
C ALA B 443 3.53 3.15 48.18
N VAL B 444 2.51 3.03 47.33
CA VAL B 444 2.53 1.97 46.32
C VAL B 444 3.57 2.25 45.25
N ILE B 445 3.66 3.49 44.78
CA ILE B 445 4.61 3.81 43.72
C ILE B 445 6.03 3.63 44.24
N TYR B 446 6.28 3.93 45.50
CA TYR B 446 7.60 3.71 46.08
C TYR B 446 7.90 2.23 46.15
N ALA B 447 6.98 1.44 46.71
CA ALA B 447 7.21 0.00 46.78
C ALA B 447 7.40 -0.61 45.40
N GLY B 448 6.91 0.06 44.35
CA GLY B 448 7.13 -0.44 43.01
C GLY B 448 8.45 -0.02 42.41
N VAL B 449 8.76 1.27 42.47
CA VAL B 449 9.96 1.79 41.84
C VAL B 449 11.21 1.26 42.52
N ARG B 450 11.17 1.08 43.84
CA ARG B 450 12.35 0.64 44.56
C ARG B 450 12.63 -0.86 44.41
N GLY B 451 12.01 -1.51 43.43
CA GLY B 451 12.38 -2.84 43.03
C GLY B 451 11.73 -3.96 43.80
N TYR B 452 11.07 -3.66 44.93
CA TYR B 452 10.55 -4.75 45.75
C TYR B 452 9.57 -5.62 44.99
N LEU B 453 8.94 -5.11 43.95
CA LEU B 453 8.03 -5.93 43.15
C LEU B 453 8.70 -6.57 41.96
N ASP B 454 10.04 -6.52 41.87
CA ASP B 454 10.72 -7.21 40.79
C ASP B 454 10.53 -8.72 40.89
N LYS B 455 10.29 -9.23 42.10
CA LYS B 455 10.16 -10.66 42.37
C LYS B 455 8.70 -11.08 42.46
N LEU B 456 7.82 -10.46 41.68
CA LEU B 456 6.43 -10.85 41.60
C LEU B 456 6.06 -11.10 40.14
N GLU B 457 5.29 -12.14 39.91
CA GLU B 457 4.82 -12.44 38.57
C GLU B 457 3.95 -11.28 38.09
N PRO B 458 4.21 -10.73 36.89
CA PRO B 458 3.50 -9.51 36.46
C PRO B 458 2.03 -9.50 36.84
N SER B 459 1.30 -10.54 36.43
CA SER B 459 -0.13 -10.57 36.68
C SER B 459 -0.46 -10.41 38.16
N LYS B 460 0.45 -10.79 39.06
CA LYS B 460 0.14 -10.74 40.47
C LYS B 460 0.22 -9.34 41.06
N ILE B 461 0.90 -8.40 40.40
CA ILE B 461 0.92 -7.05 40.95
C ILE B 461 -0.50 -6.52 41.08
N THR B 462 -1.32 -6.74 40.06
CA THR B 462 -2.70 -6.27 40.10
C THR B 462 -3.39 -6.65 41.40
N LYS B 463 -2.96 -7.73 42.05
CA LYS B 463 -3.52 -8.11 43.34
C LYS B 463 -2.70 -7.53 44.49
N PHE B 464 -1.38 -7.66 44.41
CA PHE B 464 -0.52 -7.14 45.47
C PHE B 464 -0.99 -5.77 45.92
N GLU B 465 -0.98 -4.80 44.99
CA GLU B 465 -1.41 -3.45 45.28
C GLU B 465 -2.64 -3.45 46.16
N ASN B 466 -3.73 -4.06 45.68
CA ASN B 466 -4.97 -4.09 46.45
C ASN B 466 -4.67 -4.43 47.89
N ALA B 467 -4.16 -5.64 48.12
CA ALA B 467 -3.89 -6.09 49.48
C ALA B 467 -3.04 -5.07 50.22
N PHE B 468 -1.95 -4.64 49.59
CA PHE B 468 -1.04 -3.72 50.27
C PHE B 468 -1.81 -2.55 50.85
N LEU B 469 -2.69 -1.95 50.04
CA LEU B 469 -3.40 -0.77 50.51
C LEU B 469 -4.06 -1.07 51.84
N SER B 470 -4.85 -2.14 51.89
CA SER B 470 -5.53 -2.48 53.13
C SER B 470 -4.54 -2.57 54.28
N HIS B 471 -3.45 -3.31 54.07
CA HIS B 471 -2.51 -3.54 55.15
C HIS B 471 -1.93 -2.25 55.70
N VAL B 472 -1.84 -1.20 54.87
CA VAL B 472 -1.32 0.07 55.33
C VAL B 472 -2.43 1.04 55.72
N ILE B 473 -3.66 0.83 55.23
CA ILE B 473 -4.73 1.76 55.59
C ILE B 473 -5.12 1.57 57.05
N SER B 474 -4.81 0.41 57.62
CA SER B 474 -5.17 0.11 59.01
C SER B 474 -3.95 0.14 59.92
N GLN B 475 -2.92 -0.64 59.61
CA GLN B 475 -1.82 -0.83 60.54
C GLN B 475 -0.99 0.44 60.71
N HIS B 476 -0.76 1.17 59.62
CA HIS B 476 0.25 2.22 59.63
C HIS B 476 -0.33 3.59 59.34
N GLN B 477 -1.46 3.91 59.98
CA GLN B 477 -2.00 5.25 59.85
C GLN B 477 -0.95 6.30 60.21
N ALA B 478 -0.12 6.03 61.21
CA ALA B 478 0.81 7.05 61.70
C ALA B 478 1.82 7.43 60.62
N LEU B 479 2.36 6.44 59.90
CA LEU B 479 3.36 6.73 58.88
C LEU B 479 2.77 7.61 57.79
N LEU B 480 1.58 7.26 57.30
CA LEU B 480 0.94 8.06 56.28
C LEU B 480 0.65 9.46 56.79
N GLY B 481 0.21 9.57 58.05
CA GLY B 481 -0.01 10.89 58.61
C GLY B 481 1.25 11.73 58.60
N LYS B 482 2.38 11.13 58.98
CA LYS B 482 3.63 11.88 58.95
C LYS B 482 4.01 12.28 57.55
N ILE B 483 3.84 11.38 56.59
CA ILE B 483 4.18 11.71 55.20
C ILE B 483 3.33 12.88 54.72
N ARG B 484 2.02 12.81 54.94
CA ARG B 484 1.14 13.89 54.48
C ARG B 484 1.50 15.20 55.16
N THR B 485 1.58 15.20 56.49
CA THR B 485 1.80 16.46 57.21
C THR B 485 3.13 17.07 56.83
N ASP B 486 4.20 16.27 56.77
CA ASP B 486 5.48 16.79 56.34
C ASP B 486 5.56 16.99 54.84
N GLY B 487 4.65 16.38 54.08
CA GLY B 487 4.64 16.52 52.64
C GLY B 487 5.77 15.82 51.91
N LYS B 488 6.82 15.40 52.61
CA LYS B 488 7.97 14.76 51.99
C LYS B 488 8.32 13.50 52.76
N ILE B 489 8.88 12.54 52.05
CA ILE B 489 9.33 11.30 52.68
C ILE B 489 10.61 11.60 53.45
N SER B 490 10.47 11.81 54.76
CA SER B 490 11.64 12.00 55.60
C SER B 490 12.48 10.74 55.63
N GLU B 491 13.80 10.92 55.74
CA GLU B 491 14.70 9.78 55.70
C GLU B 491 14.27 8.69 56.67
N GLU B 492 13.85 9.08 57.88
CA GLU B 492 13.30 8.10 58.80
C GLU B 492 12.03 7.49 58.23
N SER B 493 11.19 8.31 57.59
CA SER B 493 9.99 7.77 56.96
C SER B 493 10.34 6.83 55.82
N ASP B 494 11.41 7.12 55.08
CA ASP B 494 11.87 6.19 54.07
C ASP B 494 12.28 4.87 54.70
N ALA B 495 13.02 4.93 55.80
CA ALA B 495 13.43 3.69 56.48
C ALA B 495 12.21 2.88 56.90
N LYS B 496 11.22 3.55 57.49
CA LYS B 496 9.99 2.86 57.83
C LYS B 496 9.37 2.24 56.59
N LEU B 497 8.92 3.05 55.64
CA LEU B 497 8.29 2.50 54.44
C LEU B 497 9.06 1.29 53.93
N LYS B 498 10.39 1.35 53.96
CA LYS B 498 11.19 0.23 53.50
C LYS B 498 10.93 -1.01 54.34
N GLU B 499 10.97 -0.88 55.67
CA GLU B 499 10.83 -2.07 56.49
C GLU B 499 9.40 -2.61 56.43
N ILE B 500 8.40 -1.73 56.36
CA ILE B 500 7.02 -2.19 56.21
C ILE B 500 6.83 -2.94 54.90
N VAL B 501 7.36 -2.40 53.79
CA VAL B 501 7.17 -3.09 52.53
C VAL B 501 7.86 -4.44 52.56
N THR B 502 9.07 -4.49 53.12
CA THR B 502 9.78 -5.77 53.20
C THR B 502 8.98 -6.78 54.00
N ASN B 503 8.51 -6.38 55.18
CA ASN B 503 7.77 -7.31 56.03
C ASN B 503 6.51 -7.80 55.34
N PHE B 504 5.74 -6.89 54.74
CA PHE B 504 4.52 -7.31 54.06
C PHE B 504 4.84 -8.24 52.91
N LEU B 505 5.86 -7.92 52.12
CA LEU B 505 6.20 -8.76 50.97
C LEU B 505 6.60 -10.15 51.42
N ALA B 506 7.26 -10.25 52.57
CA ALA B 506 7.73 -11.54 53.06
C ALA B 506 6.72 -12.66 52.83
N GLY B 507 5.51 -12.49 53.35
CA GLY B 507 4.54 -13.57 53.35
C GLY B 507 3.27 -13.30 52.56
N PHE B 508 3.39 -12.68 51.38
CA PHE B 508 2.20 -12.41 50.59
C PHE B 508 1.76 -13.64 49.81
N GLU B 509 2.59 -14.10 48.88
CA GLU B 509 2.24 -15.21 47.99
C GLU B 509 0.80 -15.12 47.51
N VAL C 23 -21.75 69.70 -11.65
CA VAL C 23 -20.41 69.18 -11.88
C VAL C 23 -20.39 68.39 -13.17
N ASP C 24 -19.21 68.20 -13.74
CA ASP C 24 -19.05 67.52 -15.03
C ASP C 24 -18.98 66.02 -14.79
N LEU C 25 -20.12 65.37 -14.82
CA LEU C 25 -20.16 63.91 -14.68
C LEU C 25 -19.78 63.19 -15.96
N GLU C 26 -19.37 63.91 -17.00
CA GLU C 26 -18.90 63.29 -18.23
C GLU C 26 -17.41 63.03 -18.19
N GLU C 27 -16.65 63.95 -17.63
CA GLU C 27 -15.19 63.87 -17.62
C GLU C 27 -14.65 63.77 -16.20
N THR C 28 -15.49 63.62 -15.20
CA THR C 28 -15.04 63.71 -13.81
C THR C 28 -16.16 63.22 -12.89
N GLY C 29 -15.85 62.21 -12.08
CA GLY C 29 -16.77 61.67 -11.12
C GLY C 29 -16.30 61.92 -9.70
N ARG C 30 -17.08 61.42 -8.75
CA ARG C 30 -16.78 61.58 -7.34
C ARG C 30 -16.82 60.22 -6.66
N VAL C 31 -15.86 59.97 -5.77
CA VAL C 31 -15.82 58.67 -5.12
C VAL C 31 -17.10 58.45 -4.33
N LEU C 32 -17.54 57.21 -4.28
CA LEU C 32 -18.70 56.79 -3.50
C LEU C 32 -18.32 56.01 -2.26
N SER C 33 -17.53 54.95 -2.41
CA SER C 33 -17.22 54.08 -1.28
C SER C 33 -15.84 53.48 -1.51
N ILE C 34 -14.82 54.17 -1.02
CA ILE C 34 -13.47 53.63 -1.03
C ILE C 34 -13.35 52.62 0.09
N GLY C 35 -12.75 51.47 -0.20
CA GLY C 35 -12.49 50.53 0.85
C GLY C 35 -11.63 49.36 0.41
N ASP C 36 -10.56 49.10 1.17
CA ASP C 36 -9.70 47.94 0.97
C ASP C 36 -8.99 47.95 -0.37
N GLY C 37 -9.03 49.08 -1.09
CA GLY C 37 -8.26 49.25 -2.31
C GLY C 37 -9.10 49.57 -3.53
N ILE C 38 -10.42 49.36 -3.47
CA ILE C 38 -11.30 49.53 -4.62
C ILE C 38 -12.23 50.69 -4.34
N ALA C 39 -12.34 51.59 -5.30
CA ALA C 39 -13.19 52.77 -5.18
C ALA C 39 -14.32 52.68 -6.19
N ARG C 40 -15.55 52.77 -5.73
CA ARG C 40 -16.66 53.05 -6.63
C ARG C 40 -16.66 54.54 -6.92
N VAL C 41 -16.95 54.90 -8.16
CA VAL C 41 -16.90 56.30 -8.58
C VAL C 41 -18.19 56.61 -9.32
N HIS C 42 -18.94 57.58 -8.81
CA HIS C 42 -20.19 58.02 -9.42
C HIS C 42 -19.87 59.10 -10.43
N GLY C 43 -20.24 58.86 -11.69
CA GLY C 43 -19.94 59.79 -12.78
C GLY C 43 -19.03 59.15 -13.80
N LEU C 44 -18.13 59.95 -14.33
CA LEU C 44 -17.16 59.48 -15.32
C LEU C 44 -17.86 58.79 -16.48
N ARG C 45 -18.96 59.40 -16.95
CA ARG C 45 -19.76 58.74 -17.96
C ARG C 45 -19.00 58.48 -19.25
N ASN C 46 -17.89 59.15 -19.48
CA ASN C 46 -17.08 58.97 -20.68
C ASN C 46 -15.73 58.40 -20.33
N VAL C 47 -15.69 57.38 -19.49
CA VAL C 47 -14.45 56.73 -19.08
C VAL C 47 -14.33 55.40 -19.79
N GLN C 48 -13.19 55.18 -20.43
CA GLN C 48 -12.96 53.95 -21.15
C GLN C 48 -12.62 52.82 -20.19
N ALA C 49 -12.92 51.59 -20.61
CA ALA C 49 -12.56 50.44 -19.80
C ALA C 49 -11.05 50.31 -19.71
N GLU C 50 -10.55 50.07 -18.51
CA GLU C 50 -9.12 49.97 -18.24
C GLU C 50 -8.38 51.22 -18.68
N GLU C 51 -9.03 52.36 -18.50
CA GLU C 51 -8.40 53.67 -18.61
C GLU C 51 -7.94 54.12 -17.24
N MET C 52 -6.99 55.05 -17.23
CA MET C 52 -6.33 55.47 -16.00
C MET C 52 -6.93 56.79 -15.52
N VAL C 53 -7.54 56.77 -14.35
CA VAL C 53 -8.06 57.97 -13.73
C VAL C 53 -7.03 58.45 -12.71
N GLU C 54 -6.96 59.77 -12.51
CA GLU C 54 -6.12 60.34 -11.48
C GLU C 54 -7.00 60.83 -10.35
N PHE C 55 -6.77 60.32 -9.15
CA PHE C 55 -7.41 60.87 -7.98
C PHE C 55 -6.78 62.22 -7.65
N SER C 56 -7.52 63.03 -6.89
CA SER C 56 -7.05 64.36 -6.59
C SER C 56 -5.81 64.37 -5.70
N SER C 57 -5.45 63.23 -5.10
CA SER C 57 -4.36 63.16 -4.14
C SER C 57 -3.11 62.56 -4.76
N GLY C 58 -2.82 62.84 -6.02
CA GLY C 58 -1.64 62.32 -6.69
C GLY C 58 -1.71 60.86 -7.07
N LEU C 59 -2.59 60.08 -6.45
CA LEU C 59 -2.71 58.67 -6.75
C LEU C 59 -3.20 58.48 -8.18
N LYS C 60 -3.34 57.22 -8.57
CA LYS C 60 -3.89 56.86 -9.86
C LYS C 60 -4.68 55.57 -9.69
N GLY C 61 -5.54 55.29 -10.65
CA GLY C 61 -6.31 54.06 -10.63
C GLY C 61 -6.68 53.69 -12.04
N MET C 62 -7.20 52.49 -12.21
CA MET C 62 -7.54 51.95 -13.52
C MET C 62 -9.00 51.52 -13.48
N SER C 63 -9.84 52.17 -14.27
CA SER C 63 -11.27 51.90 -14.24
C SER C 63 -11.54 50.53 -14.85
N LEU C 64 -11.73 49.53 -14.00
CA LEU C 64 -11.90 48.16 -14.48
C LEU C 64 -13.37 47.81 -14.70
N ASN C 65 -14.23 47.98 -13.70
CA ASN C 65 -15.63 47.66 -13.86
C ASN C 65 -16.40 48.88 -14.32
N LEU C 66 -17.19 48.72 -15.38
CA LEU C 66 -18.05 49.80 -15.86
C LEU C 66 -19.48 49.33 -15.66
N GLU C 67 -20.05 49.62 -14.51
CA GLU C 67 -21.41 49.23 -14.20
C GLU C 67 -22.38 50.30 -14.67
N PRO C 68 -23.68 49.99 -14.68
CA PRO C 68 -24.64 50.96 -15.21
C PRO C 68 -24.72 52.24 -14.40
N ASP C 69 -24.26 52.22 -13.16
CA ASP C 69 -24.40 53.37 -12.27
C ASP C 69 -23.07 53.93 -11.78
N ASN C 70 -22.14 53.08 -11.40
CA ASN C 70 -20.86 53.54 -10.85
C ASN C 70 -19.73 52.70 -11.39
N VAL C 71 -18.53 53.28 -11.38
CA VAL C 71 -17.35 52.69 -11.98
C VAL C 71 -16.48 52.11 -10.89
N GLY C 72 -16.09 50.85 -11.04
CA GLY C 72 -15.19 50.23 -10.10
C GLY C 72 -13.75 50.43 -10.51
N VAL C 73 -13.04 51.29 -9.78
CA VAL C 73 -11.68 51.70 -10.04
C VAL C 73 -10.77 51.04 -9.02
N VAL C 74 -9.56 50.71 -9.42
CA VAL C 74 -8.56 50.12 -8.53
C VAL C 74 -7.44 51.12 -8.33
N VAL C 75 -7.13 51.42 -7.08
CA VAL C 75 -6.19 52.48 -6.73
C VAL C 75 -4.77 51.92 -6.74
N PHE C 76 -3.90 52.50 -7.57
CA PHE C 76 -2.50 52.07 -7.64
C PHE C 76 -1.74 52.65 -6.44
N GLY C 77 -2.08 52.13 -5.28
CA GLY C 77 -1.39 52.54 -4.07
C GLY C 77 -2.22 52.21 -2.85
N ASN C 78 -1.90 52.88 -1.76
CA ASN C 78 -2.68 52.76 -0.54
C ASN C 78 -3.70 53.88 -0.49
N ASP C 79 -4.94 53.51 -0.19
CA ASP C 79 -6.06 54.45 -0.22
C ASP C 79 -6.30 55.12 1.11
N LYS C 80 -5.27 55.33 1.92
CA LYS C 80 -5.43 56.18 3.09
C LYS C 80 -5.96 57.55 2.68
N LEU C 81 -5.46 58.08 1.57
CA LEU C 81 -5.71 59.46 1.18
C LEU C 81 -7.05 59.64 0.47
N ILE C 82 -7.70 58.56 0.06
CA ILE C 82 -8.97 58.64 -0.65
C ILE C 82 -10.09 58.61 0.38
N LYS C 83 -11.04 59.53 0.25
CA LYS C 83 -12.23 59.55 1.08
C LYS C 83 -13.44 59.70 0.19
N GLU C 84 -14.58 59.19 0.65
CA GLU C 84 -15.81 59.42 -0.06
C GLU C 84 -15.98 60.91 -0.29
N GLY C 85 -16.34 61.30 -1.51
CA GLY C 85 -16.47 62.68 -1.88
C GLY C 85 -15.31 63.22 -2.69
N ASP C 86 -14.18 62.53 -2.71
CA ASP C 86 -13.07 62.98 -3.54
C ASP C 86 -13.48 63.04 -4.99
N ILE C 87 -12.71 63.77 -5.79
CA ILE C 87 -13.02 64.00 -7.19
C ILE C 87 -12.02 63.22 -8.03
N VAL C 88 -12.52 62.21 -8.74
CA VAL C 88 -11.74 61.41 -9.67
C VAL C 88 -11.92 62.00 -11.06
N LYS C 89 -10.83 62.10 -11.82
CA LYS C 89 -10.86 62.72 -13.13
C LYS C 89 -10.02 61.89 -14.09
N ARG C 90 -10.61 61.45 -15.18
CA ARG C 90 -9.92 60.56 -16.10
C ARG C 90 -8.76 61.27 -16.78
N THR C 91 -7.76 60.49 -17.19
CA THR C 91 -6.65 61.02 -17.94
C THR C 91 -6.93 61.04 -19.44
N GLY C 92 -7.65 60.04 -19.94
CA GLY C 92 -8.01 59.98 -21.34
C GLY C 92 -7.26 58.95 -22.15
N ALA C 93 -6.45 58.10 -21.53
CA ALA C 93 -5.64 57.15 -22.28
C ALA C 93 -5.52 55.85 -21.51
N ILE C 94 -5.73 54.73 -22.21
CA ILE C 94 -5.61 53.40 -21.64
C ILE C 94 -4.26 53.31 -20.94
N VAL C 95 -4.18 52.51 -19.88
CA VAL C 95 -2.96 52.45 -19.09
C VAL C 95 -1.77 52.24 -20.00
N ASP C 96 -0.65 52.89 -19.67
CA ASP C 96 0.54 52.77 -20.48
C ASP C 96 1.74 53.11 -19.63
N VAL C 97 2.91 52.70 -20.09
CA VAL C 97 4.15 52.82 -19.34
C VAL C 97 5.23 53.40 -20.24
N PRO C 98 6.20 54.12 -19.70
CA PRO C 98 7.32 54.57 -20.53
C PRO C 98 8.15 53.38 -20.99
N VAL C 99 8.75 53.53 -22.16
CA VAL C 99 9.66 52.54 -22.70
C VAL C 99 10.79 53.26 -23.41
N GLY C 100 11.86 52.53 -23.66
CA GLY C 100 12.97 53.08 -24.41
C GLY C 100 14.28 52.53 -23.88
N GLU C 101 15.36 52.93 -24.54
CA GLU C 101 16.69 52.62 -24.07
C GLU C 101 17.04 53.41 -22.82
N GLU C 102 16.25 54.42 -22.48
CA GLU C 102 16.56 55.27 -21.33
C GLU C 102 16.21 54.61 -20.01
N LEU C 103 15.59 53.43 -20.02
CA LEU C 103 15.29 52.72 -18.80
C LEU C 103 16.43 51.81 -18.36
N LEU C 104 17.35 51.48 -19.24
CA LEU C 104 18.36 50.49 -18.92
C LEU C 104 19.14 50.90 -17.69
N GLY C 105 19.41 49.93 -16.83
CA GLY C 105 20.11 50.20 -15.60
C GLY C 105 19.35 51.09 -14.65
N ARG C 106 18.03 50.96 -14.62
CA ARG C 106 17.18 51.70 -13.70
C ARG C 106 16.27 50.70 -13.01
N VAL C 107 15.95 50.98 -11.76
CA VAL C 107 14.90 50.26 -11.05
C VAL C 107 13.65 51.13 -11.14
N VAL C 108 12.58 50.57 -11.70
CA VAL C 108 11.36 51.34 -11.91
C VAL C 108 10.22 50.66 -11.16
N ASP C 109 9.21 51.46 -10.87
CA ASP C 109 8.00 50.96 -10.25
C ASP C 109 7.13 50.28 -11.30
N ALA C 110 6.06 49.64 -10.85
CA ALA C 110 5.21 48.92 -11.79
C ALA C 110 4.57 49.85 -12.80
N LEU C 111 4.56 51.15 -12.55
CA LEU C 111 4.02 52.13 -13.48
C LEU C 111 5.08 52.77 -14.36
N GLY C 112 6.35 52.73 -13.95
CA GLY C 112 7.42 53.34 -14.70
C GLY C 112 7.98 54.56 -14.01
N ASN C 113 7.99 54.56 -12.67
CA ASN C 113 8.52 55.66 -11.87
C ASN C 113 9.76 55.15 -11.15
N ALA C 114 10.94 55.65 -11.54
CA ALA C 114 12.18 55.19 -10.93
C ALA C 114 12.08 55.20 -9.42
N ILE C 115 12.65 54.20 -8.79
CA ILE C 115 12.65 54.11 -7.33
C ILE C 115 14.05 53.86 -6.81
N ASP C 116 15.06 54.06 -7.65
CA ASP C 116 16.45 53.92 -7.21
C ASP C 116 17.05 55.25 -6.78
N GLY C 117 16.26 56.32 -6.77
CA GLY C 117 16.79 57.61 -6.38
C GLY C 117 17.88 58.13 -7.29
N LYS C 118 17.87 57.72 -8.56
CA LYS C 118 18.81 58.22 -9.54
C LYS C 118 18.23 59.38 -10.36
N GLY C 119 17.01 59.79 -10.09
CA GLY C 119 16.44 60.94 -10.75
C GLY C 119 15.31 60.58 -11.70
N PRO C 120 14.90 61.54 -12.52
CA PRO C 120 13.81 61.28 -13.45
C PRO C 120 14.17 60.20 -14.44
N ILE C 121 13.17 59.42 -14.85
CA ILE C 121 13.44 58.30 -15.74
C ILE C 121 13.79 58.80 -17.13
N GLY C 122 13.05 59.79 -17.63
CA GLY C 122 13.42 60.47 -18.86
C GLY C 122 13.30 59.64 -20.11
N SER C 123 12.06 59.32 -20.51
CA SER C 123 11.80 58.51 -21.68
C SER C 123 11.03 59.32 -22.71
N LYS C 124 11.24 59.00 -23.98
CA LYS C 124 10.64 59.72 -25.10
C LYS C 124 9.55 58.91 -25.79
N ALA C 125 8.94 57.94 -25.12
CA ALA C 125 7.94 57.11 -25.76
C ALA C 125 7.18 56.32 -24.70
N ARG C 126 5.86 56.32 -24.80
CA ARG C 126 5.01 55.48 -23.98
C ARG C 126 4.57 54.26 -24.78
N ARG C 127 3.90 53.34 -24.08
CA ARG C 127 3.41 52.14 -24.74
C ARG C 127 2.35 51.50 -23.86
N ARG C 128 1.29 50.99 -24.47
CA ARG C 128 0.21 50.40 -23.70
C ARG C 128 0.65 49.09 -23.07
N VAL C 129 -0.04 48.71 -21.99
CA VAL C 129 0.25 47.45 -21.32
C VAL C 129 -0.68 46.35 -21.82
N GLY C 130 -1.97 46.66 -21.90
CA GLY C 130 -2.93 45.71 -22.41
C GLY C 130 -2.95 45.69 -23.92
N LEU C 131 -1.83 45.32 -24.52
CA LEU C 131 -1.68 45.30 -25.96
C LEU C 131 -1.81 43.88 -26.47
N LYS C 132 -1.76 43.71 -27.79
CA LYS C 132 -2.02 42.44 -28.43
C LYS C 132 -0.72 41.81 -28.91
N ALA C 133 -0.60 40.50 -28.74
CA ALA C 133 0.60 39.79 -29.15
C ALA C 133 0.68 39.72 -30.67
N PRO C 134 1.88 39.56 -31.22
CA PRO C 134 2.01 39.49 -32.68
C PRO C 134 1.38 38.22 -33.23
N GLY C 135 0.62 38.39 -34.31
CA GLY C 135 -0.18 37.30 -34.83
C GLY C 135 0.64 36.17 -35.42
N ILE C 136 0.04 35.47 -36.38
CA ILE C 136 0.68 34.28 -36.93
C ILE C 136 1.83 34.65 -37.85
N ILE C 137 1.66 35.68 -38.66
CA ILE C 137 2.56 35.92 -39.78
C ILE C 137 3.88 36.53 -39.31
N PRO C 138 3.88 37.53 -38.42
CA PRO C 138 5.15 38.14 -38.05
C PRO C 138 6.19 37.15 -37.56
N ARG C 139 5.77 36.17 -36.79
CA ARG C 139 6.71 35.28 -36.14
C ARG C 139 7.42 34.40 -37.17
N ILE C 140 8.64 33.98 -36.82
CA ILE C 140 9.39 32.99 -37.56
C ILE C 140 9.94 31.99 -36.56
N SER C 141 10.23 30.79 -37.04
CA SER C 141 10.66 29.71 -36.16
C SER C 141 11.83 30.16 -35.28
N VAL C 142 12.03 29.48 -34.16
CA VAL C 142 13.09 29.82 -33.22
C VAL C 142 14.38 29.14 -33.68
N ARG C 143 15.42 29.93 -33.85
CA ARG C 143 16.64 29.42 -34.47
C ARG C 143 17.91 29.68 -33.66
N GLU C 144 18.02 30.84 -33.03
CA GLU C 144 19.26 31.21 -32.35
C GLU C 144 19.27 30.71 -30.92
N PRO C 145 20.43 30.60 -30.29
CA PRO C 145 20.50 30.22 -28.89
C PRO C 145 20.58 31.42 -27.95
N MET C 146 19.98 31.26 -26.79
CA MET C 146 20.04 32.25 -25.72
C MET C 146 20.89 31.65 -24.62
N GLN C 147 22.20 31.91 -24.68
CA GLN C 147 23.14 31.28 -23.76
C GLN C 147 22.78 31.58 -22.32
N THR C 148 22.38 30.55 -21.57
CA THR C 148 22.10 30.69 -20.15
C THR C 148 23.35 30.61 -19.30
N GLY C 149 24.41 29.99 -19.80
CA GLY C 149 25.61 29.87 -19.03
C GLY C 149 25.58 28.80 -17.97
N ILE C 150 24.53 28.00 -17.93
CA ILE C 150 24.39 26.94 -16.93
C ILE C 150 24.56 25.62 -17.66
N LYS C 151 25.59 24.86 -17.28
CA LYS C 151 25.96 23.66 -18.02
C LYS C 151 24.80 22.71 -18.16
N ALA C 152 23.88 22.71 -17.21
CA ALA C 152 22.76 21.76 -17.24
C ALA C 152 21.65 22.19 -18.16
N VAL C 153 21.62 23.45 -18.58
CA VAL C 153 20.56 23.98 -19.43
C VAL C 153 21.02 24.08 -20.88
N ASP C 154 22.19 24.67 -21.11
CA ASP C 154 22.69 24.77 -22.48
C ASP C 154 22.88 23.41 -23.11
N SER C 155 23.20 22.39 -22.31
CA SER C 155 23.49 21.08 -22.87
C SER C 155 22.21 20.29 -23.11
N LEU C 156 21.37 20.16 -22.08
CA LEU C 156 20.25 19.23 -22.10
C LEU C 156 18.93 19.89 -22.43
N VAL C 157 18.55 20.94 -21.71
CA VAL C 157 17.30 21.64 -21.96
C VAL C 157 17.65 23.02 -22.54
N PRO C 158 18.10 23.09 -23.78
CA PRO C 158 18.53 24.38 -24.32
C PRO C 158 17.36 25.33 -24.51
N ILE C 159 17.68 26.61 -24.59
CA ILE C 159 16.69 27.67 -24.74
C ILE C 159 17.07 28.50 -25.94
N GLY C 160 16.10 28.76 -26.81
CA GLY C 160 16.32 29.57 -27.99
C GLY C 160 15.71 30.94 -27.84
N ARG C 161 16.14 31.89 -28.65
CA ARG C 161 15.62 33.25 -28.57
C ARG C 161 14.23 33.31 -29.20
N GLY C 162 13.28 33.84 -28.46
CA GLY C 162 11.88 33.79 -28.86
C GLY C 162 11.12 32.66 -28.23
N GLN C 163 11.68 31.99 -27.24
CA GLN C 163 11.08 30.83 -26.62
C GLN C 163 10.72 31.14 -25.17
N ARG C 164 9.60 30.60 -24.73
CA ARG C 164 9.13 30.77 -23.37
C ARG C 164 9.42 29.49 -22.61
N GLU C 165 10.13 29.59 -21.50
CA GLU C 165 10.67 28.42 -20.81
C GLU C 165 10.39 28.55 -19.32
N LEU C 166 9.34 27.92 -18.86
CA LEU C 166 8.98 27.94 -17.45
C LEU C 166 10.17 27.59 -16.58
N ILE C 167 10.11 27.95 -15.31
CA ILE C 167 11.06 27.48 -14.31
C ILE C 167 10.25 27.20 -13.06
N ILE C 168 9.95 25.94 -12.80
CA ILE C 168 8.94 25.57 -11.83
C ILE C 168 9.62 24.75 -10.74
N GLY C 169 9.44 25.16 -9.49
CA GLY C 169 10.04 24.41 -8.41
C GLY C 169 9.59 24.90 -7.05
N ASP C 170 9.77 24.04 -6.06
CA ASP C 170 9.33 24.34 -4.71
C ASP C 170 10.11 25.53 -4.16
N ARG C 171 9.84 25.91 -2.92
CA ARG C 171 10.54 27.05 -2.33
C ARG C 171 12.03 26.76 -2.23
N GLN C 172 12.84 27.77 -2.50
CA GLN C 172 14.27 27.70 -2.26
C GLN C 172 14.90 26.47 -2.90
N THR C 173 14.83 26.42 -4.23
CA THR C 173 15.54 25.40 -4.99
C THR C 173 16.43 26.01 -6.05
N GLY C 174 16.62 27.32 -6.05
CA GLY C 174 17.54 27.93 -6.98
C GLY C 174 16.92 28.26 -8.31
N LYS C 175 15.84 29.03 -8.29
CA LYS C 175 15.21 29.54 -9.51
C LYS C 175 15.68 30.93 -9.86
N THR C 176 15.61 31.87 -8.92
CA THR C 176 16.25 33.15 -9.14
C THR C 176 17.74 32.99 -9.39
N SER C 177 18.33 31.88 -8.94
CA SER C 177 19.72 31.61 -9.30
C SER C 177 19.86 31.37 -10.79
N ILE C 178 18.95 30.58 -11.38
CA ILE C 178 18.96 30.40 -12.83
C ILE C 178 18.77 31.75 -13.52
N ALA C 179 17.81 32.53 -13.03
CA ALA C 179 17.52 33.81 -13.65
C ALA C 179 18.74 34.73 -13.63
N ILE C 180 19.38 34.86 -12.47
CA ILE C 180 20.50 35.78 -12.37
C ILE C 180 21.74 35.25 -13.09
N ASP C 181 21.96 33.94 -13.12
CA ASP C 181 23.04 33.44 -13.95
C ASP C 181 22.80 33.79 -15.40
N THR C 182 21.56 33.65 -15.87
CA THR C 182 21.26 34.03 -17.24
C THR C 182 21.49 35.52 -17.47
N ILE C 183 21.10 36.36 -16.51
CA ILE C 183 21.25 37.79 -16.71
C ILE C 183 22.71 38.19 -16.69
N ILE C 184 23.51 37.55 -15.85
CA ILE C 184 24.93 37.89 -15.77
C ILE C 184 25.65 37.41 -17.01
N ASN C 185 25.31 36.23 -17.52
CA ASN C 185 26.09 35.64 -18.59
C ASN C 185 26.07 36.49 -19.84
N GLN C 186 25.02 37.27 -20.05
CA GLN C 186 24.94 38.06 -21.28
C GLN C 186 25.96 39.18 -21.33
N LYS C 187 26.78 39.35 -20.29
CA LYS C 187 27.80 40.39 -20.32
C LYS C 187 28.91 40.05 -21.31
N ARG C 188 29.10 38.78 -21.64
CA ARG C 188 30.07 38.44 -22.68
C ARG C 188 29.71 39.09 -23.99
N PHE C 189 28.41 39.13 -24.30
CA PHE C 189 27.89 39.53 -25.60
C PHE C 189 27.55 41.01 -25.63
N ASN C 190 27.05 41.54 -24.53
CA ASN C 190 26.64 42.94 -24.49
C ASN C 190 27.81 43.89 -24.42
N ASP C 191 29.04 43.39 -24.49
CA ASP C 191 30.22 44.24 -24.56
C ASP C 191 31.01 44.00 -25.84
N GLY C 192 30.50 43.18 -26.74
CA GLY C 192 31.18 42.90 -28.00
C GLY C 192 30.77 43.88 -29.09
N THR C 193 31.37 43.66 -30.26
CA THR C 193 31.09 44.51 -31.42
C THR C 193 29.73 44.19 -32.03
N ASP C 194 29.38 42.91 -32.06
CA ASP C 194 28.15 42.49 -32.73
C ASP C 194 26.92 43.02 -32.03
N GLU C 195 25.83 43.15 -32.78
CA GLU C 195 24.56 43.59 -32.25
C GLU C 195 23.44 42.58 -32.44
N LYS C 196 23.64 41.56 -33.25
CA LYS C 196 22.69 40.46 -33.31
C LYS C 196 22.87 39.46 -32.18
N LYS C 197 23.93 39.63 -31.37
CA LYS C 197 24.15 38.78 -30.20
C LYS C 197 23.78 39.48 -28.90
N LYS C 198 23.57 40.79 -28.93
CA LYS C 198 23.29 41.52 -27.71
C LYS C 198 21.87 41.25 -27.24
N LEU C 199 21.72 40.96 -25.95
CA LEU C 199 20.44 40.55 -25.38
C LEU C 199 20.23 41.34 -24.10
N TYR C 200 19.42 42.39 -24.18
CA TYR C 200 19.07 43.16 -23.00
C TYR C 200 18.10 42.38 -22.13
N CYS C 201 18.13 42.63 -20.84
CA CYS C 201 17.38 41.84 -19.88
C CYS C 201 16.46 42.71 -19.05
N ILE C 202 15.33 42.13 -18.68
CA ILE C 202 14.32 42.77 -17.84
C ILE C 202 13.97 41.79 -16.74
N TYR C 203 13.93 42.25 -15.51
CA TYR C 203 13.61 41.39 -14.37
C TYR C 203 12.41 41.98 -13.66
N VAL C 204 11.30 41.26 -13.66
CA VAL C 204 10.07 41.71 -13.04
C VAL C 204 9.92 40.97 -11.73
N ALA C 205 10.02 41.70 -10.63
CA ALA C 205 9.95 41.13 -9.29
C ALA C 205 8.56 41.37 -8.74
N ILE C 206 7.71 40.35 -8.78
CA ILE C 206 6.36 40.42 -8.25
C ILE C 206 6.34 39.78 -6.88
N GLY C 207 5.86 40.51 -5.89
CA GLY C 207 5.58 39.90 -4.61
C GLY C 207 6.76 39.54 -3.76
N GLN C 208 7.96 39.95 -4.14
CA GLN C 208 9.16 39.66 -3.37
C GLN C 208 9.23 40.61 -2.17
N LYS C 209 10.39 40.69 -1.54
CA LYS C 209 10.69 41.71 -0.55
C LYS C 209 11.46 42.85 -1.20
N ARG C 210 11.36 44.04 -0.60
CA ARG C 210 12.27 45.10 -1.00
C ARG C 210 13.71 44.70 -0.68
N SER C 211 13.91 43.98 0.41
CA SER C 211 15.24 43.52 0.75
C SER C 211 15.79 42.60 -0.31
N THR C 212 14.98 41.66 -0.80
CA THR C 212 15.44 40.72 -1.80
C THR C 212 15.74 41.41 -3.12
N VAL C 213 14.90 42.35 -3.53
CA VAL C 213 15.16 43.07 -4.77
C VAL C 213 16.41 43.93 -4.64
N ALA C 214 16.59 44.57 -3.49
CA ALA C 214 17.80 45.37 -3.30
C ALA C 214 19.04 44.49 -3.33
N GLN C 215 18.98 43.32 -2.71
CA GLN C 215 20.11 42.41 -2.74
C GLN C 215 20.38 41.95 -4.16
N LEU C 216 19.32 41.70 -4.92
CA LEU C 216 19.49 41.29 -6.31
C LEU C 216 20.18 42.37 -7.12
N VAL C 217 19.74 43.62 -6.94
CA VAL C 217 20.36 44.71 -7.68
C VAL C 217 21.80 44.89 -7.27
N LYS C 218 22.10 44.69 -5.98
CA LYS C 218 23.48 44.81 -5.53
C LYS C 218 24.34 43.72 -6.15
N ARG C 219 23.83 42.49 -6.22
CA ARG C 219 24.63 41.42 -6.81
C ARG C 219 24.72 41.55 -8.32
N LEU C 220 23.77 42.22 -8.94
CA LEU C 220 23.91 42.53 -10.37
C LEU C 220 24.97 43.60 -10.58
N THR C 221 24.94 44.66 -9.78
CA THR C 221 25.92 45.72 -9.93
C THR C 221 27.34 45.22 -9.73
N ASP C 222 27.53 44.24 -8.86
CA ASP C 222 28.85 43.67 -8.66
C ASP C 222 29.37 42.93 -9.88
N ALA C 223 28.51 42.63 -10.85
CA ALA C 223 28.94 42.07 -12.12
C ALA C 223 28.85 43.08 -13.25
N ASP C 224 28.59 44.35 -12.93
CA ASP C 224 28.34 45.37 -13.94
C ASP C 224 27.38 44.86 -14.99
N ALA C 225 26.34 44.16 -14.55
CA ALA C 225 25.29 43.67 -15.41
C ALA C 225 24.04 44.52 -15.33
N MET C 226 24.11 45.69 -14.70
CA MET C 226 22.98 46.61 -14.69
C MET C 226 23.04 47.63 -15.81
N LYS C 227 24.17 47.74 -16.50
CA LYS C 227 24.24 48.69 -17.59
C LYS C 227 23.35 48.31 -18.76
N TYR C 228 22.81 47.09 -18.77
CA TYR C 228 21.93 46.63 -19.83
C TYR C 228 20.71 45.90 -19.28
N THR C 229 20.35 46.13 -18.04
CA THR C 229 19.21 45.47 -17.40
C THR C 229 18.21 46.50 -16.92
N ILE C 230 16.95 46.13 -16.92
CA ILE C 230 15.88 46.87 -16.27
C ILE C 230 15.34 46.00 -15.16
N VAL C 231 14.81 46.62 -14.11
CA VAL C 231 14.27 45.88 -12.97
C VAL C 231 12.94 46.51 -12.60
N VAL C 232 11.86 45.92 -13.05
CA VAL C 232 10.53 46.36 -12.60
C VAL C 232 10.25 45.70 -11.28
N SER C 233 9.69 46.46 -10.34
CA SER C 233 9.59 46.03 -8.95
C SER C 233 8.20 46.32 -8.42
N ALA C 234 7.43 45.26 -8.18
CA ALA C 234 6.16 45.35 -7.47
C ALA C 234 6.29 44.43 -6.27
N THR C 235 6.87 44.95 -5.21
CA THR C 235 7.24 44.13 -4.05
C THR C 235 5.99 43.77 -3.27
N ALA C 236 6.17 43.20 -2.08
CA ALA C 236 5.05 42.66 -1.34
C ALA C 236 4.11 43.76 -0.87
N SER C 237 4.64 44.91 -0.48
CA SER C 237 3.81 45.95 0.11
C SER C 237 2.95 46.66 -0.93
N ASP C 238 3.45 46.78 -2.15
CA ASP C 238 2.74 47.56 -3.16
C ASP C 238 1.35 47.00 -3.41
N ALA C 239 0.37 47.90 -3.51
CA ALA C 239 -1.02 47.49 -3.59
C ALA C 239 -1.22 46.40 -4.62
N ALA C 240 -2.23 45.58 -4.41
CA ALA C 240 -2.47 44.45 -5.31
C ALA C 240 -2.48 44.83 -6.77
N PRO C 241 -3.10 45.94 -7.20
CA PRO C 241 -3.09 46.25 -8.63
C PRO C 241 -1.69 46.38 -9.20
N LEU C 242 -0.74 46.93 -8.45
CA LEU C 242 0.61 47.06 -8.99
C LEU C 242 1.25 45.70 -9.17
N GLN C 243 1.00 44.75 -8.27
CA GLN C 243 1.51 43.42 -8.47
C GLN C 243 0.83 42.74 -9.65
N TYR C 244 -0.43 43.06 -9.89
CA TYR C 244 -1.12 42.49 -11.04
C TYR C 244 -0.62 43.09 -12.34
N LEU C 245 -0.10 44.31 -12.30
CA LEU C 245 0.30 45.03 -13.50
C LEU C 245 1.79 45.01 -13.75
N ALA C 246 2.61 44.55 -12.83
CA ALA C 246 4.05 44.53 -13.08
C ALA C 246 4.41 43.69 -14.29
N PRO C 247 3.94 42.46 -14.42
CA PRO C 247 4.37 41.65 -15.57
C PRO C 247 4.03 42.28 -16.90
N TYR C 248 2.89 42.94 -17.02
CA TYR C 248 2.54 43.58 -18.28
C TYR C 248 3.43 44.79 -18.54
N SER C 249 3.75 45.56 -17.51
CA SER C 249 4.68 46.66 -17.68
C SER C 249 6.02 46.16 -18.18
N GLY C 250 6.55 45.11 -17.56
CA GLY C 250 7.81 44.56 -18.02
C GLY C 250 7.71 44.05 -19.44
N CYS C 251 6.63 43.35 -19.76
CA CYS C 251 6.51 42.79 -21.09
C CYS C 251 6.41 43.88 -22.14
N SER C 252 5.84 45.04 -21.79
CA SER C 252 5.80 46.14 -22.75
C SER C 252 7.17 46.79 -22.92
N MET C 253 7.87 47.01 -21.80
CA MET C 253 9.22 47.54 -21.90
C MET C 253 10.09 46.62 -22.75
N GLY C 254 9.81 45.32 -22.74
CA GLY C 254 10.55 44.40 -23.59
C GLY C 254 10.04 44.34 -25.01
N GLU C 255 8.74 44.50 -25.20
CA GLU C 255 8.20 44.54 -26.56
C GLU C 255 8.75 45.72 -27.33
N TYR C 256 9.12 46.79 -26.63
CA TYR C 256 9.77 47.89 -27.34
C TYR C 256 11.03 47.41 -28.07
N PHE C 257 11.92 46.74 -27.35
CA PHE C 257 13.13 46.22 -27.98
C PHE C 257 12.79 45.17 -29.03
N ARG C 258 11.83 44.30 -28.74
CA ARG C 258 11.49 43.28 -29.73
C ARG C 258 11.06 43.91 -31.04
N ASP C 259 10.15 44.89 -30.98
CA ASP C 259 9.68 45.54 -32.19
C ASP C 259 10.81 46.26 -32.90
N ASN C 260 11.65 46.98 -32.15
CA ASN C 260 12.68 47.80 -32.77
C ASN C 260 13.90 47.01 -33.19
N GLY C 261 13.80 45.69 -33.35
CA GLY C 261 14.87 44.93 -33.94
C GLY C 261 16.00 44.55 -33.02
N LYS C 262 15.86 44.73 -31.72
CA LYS C 262 16.85 44.34 -30.76
C LYS C 262 16.31 43.20 -29.90
N HIS C 263 17.13 42.19 -29.67
CA HIS C 263 16.69 41.06 -28.86
C HIS C 263 16.53 41.50 -27.42
N ALA C 264 15.77 40.72 -26.67
CA ALA C 264 15.46 41.07 -25.29
C ALA C 264 15.21 39.78 -24.51
N LEU C 265 14.91 39.95 -23.23
CA LEU C 265 14.66 38.84 -22.33
C LEU C 265 13.77 39.36 -21.23
N ILE C 266 13.11 38.47 -20.50
CA ILE C 266 12.27 38.90 -19.40
C ILE C 266 12.05 37.73 -18.47
N ILE C 267 12.08 38.01 -17.17
CA ILE C 267 12.09 36.98 -16.14
C ILE C 267 11.05 37.37 -15.11
N TYR C 268 9.82 36.88 -15.27
CA TYR C 268 8.79 37.11 -14.27
C TYR C 268 9.08 36.23 -13.07
N ASP C 269 9.08 36.81 -11.89
CA ASP C 269 9.63 36.11 -10.73
C ASP C 269 8.94 36.62 -9.46
N ASP C 270 7.86 35.96 -9.03
CA ASP C 270 7.24 34.80 -9.66
C ASP C 270 5.97 35.21 -10.37
N LEU C 271 5.28 34.24 -10.95
CA LEU C 271 3.96 34.47 -11.54
C LEU C 271 2.83 34.04 -10.64
N SER C 272 3.03 33.02 -9.82
CA SER C 272 2.01 32.66 -8.84
C SER C 272 1.61 33.84 -7.98
N LYS C 273 2.57 34.73 -7.68
CA LYS C 273 2.23 35.91 -6.89
C LYS C 273 1.40 36.89 -7.68
N GLN C 274 1.59 36.97 -9.00
CA GLN C 274 0.69 37.77 -9.80
C GLN C 274 -0.71 37.17 -9.82
N ALA C 275 -0.81 35.85 -9.87
CA ALA C 275 -2.14 35.24 -9.83
C ALA C 275 -2.82 35.54 -8.52
N VAL C 276 -2.09 35.50 -7.42
CA VAL C 276 -2.67 35.85 -6.12
C VAL C 276 -3.12 37.31 -6.10
N ALA C 277 -2.29 38.22 -6.60
CA ALA C 277 -2.67 39.62 -6.62
C ALA C 277 -3.93 39.83 -7.45
N TYR C 278 -4.02 39.18 -8.60
CA TYR C 278 -5.23 39.28 -9.40
C TYR C 278 -6.42 38.73 -8.66
N ARG C 279 -6.25 37.60 -7.96
CA ARG C 279 -7.39 37.05 -7.23
C ARG C 279 -7.90 38.03 -6.20
N GLN C 280 -7.01 38.65 -5.45
CA GLN C 280 -7.45 39.66 -4.50
C GLN C 280 -8.18 40.78 -5.20
N MET C 281 -7.56 41.34 -6.23
CA MET C 281 -8.11 42.48 -6.92
C MET C 281 -9.47 42.18 -7.53
N SER C 282 -9.74 40.91 -7.86
CA SER C 282 -10.99 40.52 -8.48
C SER C 282 -12.03 40.05 -7.50
N LEU C 283 -11.62 39.60 -6.31
CA LEU C 283 -12.58 39.31 -5.26
C LEU C 283 -13.01 40.56 -4.52
N LEU C 284 -12.27 41.65 -4.64
CA LEU C 284 -12.69 42.89 -4.02
C LEU C 284 -13.58 43.73 -4.95
N LEU C 285 -13.55 43.49 -6.25
CA LEU C 285 -14.54 44.06 -7.16
C LEU C 285 -15.83 43.27 -7.16
N ARG C 286 -15.97 42.29 -6.29
CA ARG C 286 -17.16 41.48 -6.13
C ARG C 286 -17.39 40.52 -7.29
N ARG C 287 -16.43 40.39 -8.19
CA ARG C 287 -16.55 39.37 -9.21
C ARG C 287 -16.52 37.99 -8.57
N PRO C 288 -17.37 37.05 -8.99
CA PRO C 288 -17.47 35.78 -8.29
C PRO C 288 -16.19 34.98 -8.45
N PRO C 289 -15.90 34.07 -7.52
CA PRO C 289 -14.68 33.27 -7.63
C PRO C 289 -14.85 32.02 -8.48
N GLY C 290 -13.75 31.29 -8.68
CA GLY C 290 -13.75 30.06 -9.43
C GLY C 290 -13.12 28.92 -8.66
N ARG C 291 -12.09 28.28 -9.22
CA ARG C 291 -11.39 27.24 -8.50
C ARG C 291 -10.34 27.85 -7.57
N GLU C 292 -10.20 27.27 -6.39
CA GLU C 292 -9.28 27.78 -5.39
C GLU C 292 -9.51 29.25 -5.10
N ALA C 293 -10.68 29.77 -5.43
CA ALA C 293 -11.08 31.15 -5.28
C ALA C 293 -10.48 32.05 -6.36
N TYR C 294 -9.64 31.53 -7.25
CA TYR C 294 -9.16 32.35 -8.34
C TYR C 294 -10.31 32.69 -9.26
N PRO C 295 -10.29 33.87 -9.88
CA PRO C 295 -11.29 34.16 -10.90
C PRO C 295 -11.21 33.14 -12.01
N GLY C 296 -12.21 33.14 -12.89
CA GLY C 296 -12.20 32.19 -13.96
C GLY C 296 -11.08 32.40 -14.96
N ASP C 297 -10.51 33.59 -15.00
CA ASP C 297 -9.64 34.00 -16.10
C ASP C 297 -8.17 33.77 -15.84
N VAL C 298 -7.77 33.23 -14.69
CA VAL C 298 -6.34 33.13 -14.43
C VAL C 298 -5.58 32.41 -15.52
N PHE C 299 -6.28 31.78 -16.47
CA PHE C 299 -5.60 31.32 -17.67
C PHE C 299 -5.42 32.46 -18.65
N TYR C 300 -6.52 33.11 -19.03
CA TYR C 300 -6.39 34.26 -19.92
C TYR C 300 -5.55 35.37 -19.32
N LEU C 301 -5.18 35.26 -18.05
CA LEU C 301 -4.29 36.26 -17.46
C LEU C 301 -2.85 36.03 -17.90
N HIS C 302 -2.38 34.80 -17.85
CA HIS C 302 -0.99 34.50 -18.18
C HIS C 302 -0.81 34.31 -19.68
N SER C 303 -1.71 33.58 -20.33
CA SER C 303 -1.62 33.39 -21.77
C SER C 303 -1.54 34.74 -22.48
N ARG C 304 -2.48 35.62 -22.19
CA ARG C 304 -2.42 36.98 -22.71
C ARG C 304 -1.02 37.56 -22.59
N LEU C 305 -0.31 37.21 -21.52
CA LEU C 305 0.98 37.82 -21.23
C LEU C 305 2.12 37.05 -21.91
N LEU C 306 2.09 35.72 -21.82
CA LEU C 306 3.19 34.94 -22.36
C LEU C 306 3.16 34.87 -23.87
N GLU C 307 2.00 34.99 -24.50
CA GLU C 307 1.94 34.91 -25.95
C GLU C 307 2.63 36.09 -26.60
N ARG C 308 3.09 37.06 -25.81
CA ARG C 308 3.82 38.19 -26.37
C ARG C 308 5.29 37.89 -26.61
N ALA C 309 5.81 36.82 -26.04
CA ALA C 309 7.21 36.43 -26.25
C ALA C 309 7.32 35.82 -27.63
N ALA C 310 7.71 36.64 -28.60
CA ALA C 310 7.73 36.25 -30.00
C ALA C 310 9.16 36.25 -30.52
N LYS C 311 9.30 35.85 -31.79
CA LYS C 311 10.55 35.96 -32.53
C LYS C 311 10.15 36.47 -33.90
N MET C 312 10.13 37.78 -34.07
CA MET C 312 9.64 38.37 -35.30
C MET C 312 10.55 37.98 -36.46
N ASN C 313 9.96 37.89 -37.65
CA ASN C 313 10.71 37.50 -38.83
C ASN C 313 11.58 38.66 -39.27
N ASP C 314 12.17 38.57 -40.45
CA ASP C 314 13.10 39.59 -40.92
C ASP C 314 12.43 40.75 -41.62
N ALA C 315 11.14 40.65 -41.92
CA ALA C 315 10.39 41.79 -42.41
C ALA C 315 9.86 42.66 -41.29
N PHE C 316 9.92 42.19 -40.04
CA PHE C 316 9.48 42.93 -38.88
C PHE C 316 10.64 43.28 -37.95
N GLY C 317 11.87 43.17 -38.42
CA GLY C 317 13.02 43.59 -37.65
C GLY C 317 13.92 42.46 -37.23
N GLY C 318 13.33 41.33 -36.84
CA GLY C 318 14.11 40.23 -36.31
C GLY C 318 14.35 40.30 -34.82
N GLY C 319 13.57 41.10 -34.09
CA GLY C 319 13.73 41.17 -32.66
C GLY C 319 13.34 39.87 -32.00
N SER C 320 13.08 39.90 -30.69
CA SER C 320 12.68 38.71 -29.97
C SER C 320 12.41 39.12 -28.53
N LEU C 321 11.75 38.24 -27.79
CA LEU C 321 11.53 38.48 -26.37
C LEU C 321 11.39 37.12 -25.70
N THR C 322 12.48 36.61 -25.17
CA THR C 322 12.46 35.37 -24.42
C THR C 322 11.82 35.62 -23.06
N ALA C 323 10.89 34.76 -22.67
CA ALA C 323 10.24 34.87 -21.38
C ALA C 323 10.63 33.68 -20.51
N LEU C 324 10.86 33.94 -19.23
CA LEU C 324 11.26 32.90 -18.28
C LEU C 324 10.38 32.98 -17.04
N PRO C 325 9.09 32.72 -17.19
CA PRO C 325 8.23 32.73 -16.01
C PRO C 325 8.71 31.75 -14.96
N VAL C 326 8.61 32.15 -13.70
CA VAL C 326 9.05 31.35 -12.58
C VAL C 326 7.83 31.04 -11.72
N ILE C 327 7.62 29.76 -11.44
CA ILE C 327 6.46 29.31 -10.67
C ILE C 327 6.97 28.54 -9.46
N GLU C 328 6.30 28.73 -8.33
CA GLU C 328 6.59 28.00 -7.09
C GLU C 328 5.45 27.05 -6.81
N THR C 329 5.71 25.76 -6.93
CA THR C 329 4.73 24.76 -6.59
C THR C 329 4.70 24.54 -5.09
N GLN C 330 3.55 24.11 -4.58
CA GLN C 330 3.34 23.92 -3.16
C GLN C 330 3.56 22.46 -2.83
N ALA C 331 4.70 22.15 -2.20
CA ALA C 331 5.04 20.79 -1.83
C ALA C 331 5.30 19.93 -3.05
N GLY C 332 6.00 20.48 -4.03
CA GLY C 332 6.31 19.74 -5.24
C GLY C 332 5.06 19.21 -5.90
N ASP C 333 4.05 20.07 -6.00
CA ASP C 333 2.74 19.72 -6.55
C ASP C 333 2.61 20.39 -7.90
N VAL C 334 3.10 19.72 -8.93
CA VAL C 334 3.00 20.25 -10.29
C VAL C 334 1.59 20.14 -10.84
N SER C 335 0.73 19.37 -10.18
CA SER C 335 -0.63 19.17 -10.62
C SER C 335 -1.61 20.08 -9.91
N ALA C 336 -1.14 21.23 -9.43
CA ALA C 336 -2.02 22.20 -8.80
C ALA C 336 -2.74 22.97 -9.89
N TYR C 337 -3.38 24.07 -9.53
CA TYR C 337 -4.17 24.80 -10.53
C TYR C 337 -3.28 25.68 -11.39
N ILE C 338 -2.52 26.58 -10.78
CA ILE C 338 -1.77 27.57 -11.56
C ILE C 338 -0.53 26.95 -12.18
N PRO C 339 0.18 26.05 -11.50
CA PRO C 339 1.29 25.37 -12.17
C PRO C 339 0.87 24.68 -13.44
N THR C 340 -0.30 24.04 -13.48
CA THR C 340 -0.77 23.42 -14.71
C THR C 340 -1.43 24.41 -15.65
N ASN C 341 -1.81 25.58 -15.16
CA ASN C 341 -2.25 26.62 -16.08
C ASN C 341 -1.08 27.19 -16.86
N VAL C 342 0.09 27.29 -16.24
CA VAL C 342 1.24 27.83 -16.95
C VAL C 342 2.01 26.76 -17.72
N ILE C 343 2.08 25.53 -17.19
CA ILE C 343 2.83 24.49 -17.88
C ILE C 343 2.27 24.24 -19.27
N SER C 344 1.00 24.52 -19.47
CA SER C 344 0.36 24.30 -20.76
C SER C 344 0.42 25.53 -21.65
N ILE C 345 1.16 26.55 -21.25
CA ILE C 345 1.22 27.81 -21.99
C ILE C 345 2.61 28.00 -22.58
N THR C 346 3.61 27.42 -21.93
CA THR C 346 5.00 27.65 -22.27
C THR C 346 5.53 26.55 -23.17
N ASP C 347 6.73 26.77 -23.68
CA ASP C 347 7.35 25.90 -24.67
C ASP C 347 8.30 24.89 -24.05
N GLY C 348 8.24 24.69 -22.74
CA GLY C 348 9.11 23.73 -22.09
C GLY C 348 8.97 23.81 -20.59
N GLN C 349 9.99 23.32 -19.90
CA GLN C 349 10.02 23.36 -18.45
C GLN C 349 11.46 23.25 -18.00
N ILE C 350 11.71 23.66 -16.77
CA ILE C 350 12.98 23.39 -16.09
C ILE C 350 12.59 22.97 -14.67
N PHE C 351 12.42 21.68 -14.45
CA PHE C 351 11.85 21.21 -13.20
C PHE C 351 12.94 21.18 -12.15
N LEU C 352 12.97 22.19 -11.30
CA LEU C 352 13.87 22.19 -10.15
C LEU C 352 13.29 21.27 -9.10
N GLU C 353 14.03 20.23 -8.73
CA GLU C 353 13.60 19.29 -7.71
C GLU C 353 14.27 19.63 -6.39
N THR C 354 13.52 19.51 -5.31
CA THR C 354 14.03 19.90 -4.00
C THR C 354 14.70 18.77 -3.27
N GLU C 355 14.79 17.58 -3.87
CA GLU C 355 15.61 16.50 -3.32
C GLU C 355 16.85 16.22 -4.14
N LEU C 356 16.83 16.49 -5.44
CA LEU C 356 18.07 16.63 -6.16
C LEU C 356 18.90 17.78 -5.60
N PHE C 357 18.23 18.74 -4.96
CA PHE C 357 18.93 19.90 -4.44
C PHE C 357 19.68 19.60 -3.15
N TYR C 358 19.32 18.51 -2.47
CA TYR C 358 20.05 18.06 -1.29
C TYR C 358 20.97 16.89 -1.61
N LYS C 359 20.49 15.89 -2.35
CA LYS C 359 21.35 14.77 -2.71
C LYS C 359 22.63 15.23 -3.39
N GLY C 360 22.76 16.50 -3.71
CA GLY C 360 24.03 17.04 -4.15
C GLY C 360 23.89 17.89 -5.39
N ILE C 361 22.99 17.51 -6.29
CA ILE C 361 22.88 18.17 -7.58
C ILE C 361 22.45 19.61 -7.38
N ARG C 362 23.35 20.55 -7.65
CA ARG C 362 22.99 21.95 -7.76
C ARG C 362 23.64 22.49 -9.03
N PRO C 363 22.90 23.19 -9.90
CA PRO C 363 21.48 23.55 -9.79
C PRO C 363 20.62 22.32 -9.89
N ALA C 364 19.49 22.33 -9.21
CA ALA C 364 18.72 21.11 -9.05
C ALA C 364 17.99 20.71 -10.26
N ILE C 365 18.29 21.27 -11.43
CA ILE C 365 17.53 20.98 -12.63
C ILE C 365 17.33 19.49 -12.74
N ASN C 366 16.08 19.07 -12.89
CA ASN C 366 15.73 17.66 -13.03
C ASN C 366 15.63 17.37 -14.52
N VAL C 367 16.57 16.58 -15.02
CA VAL C 367 16.54 16.21 -16.42
C VAL C 367 15.64 14.99 -16.59
N GLY C 368 15.18 14.79 -17.82
CA GLY C 368 14.22 13.74 -18.12
C GLY C 368 12.81 14.25 -17.95
N LEU C 369 12.58 15.10 -16.96
CA LEU C 369 11.33 15.84 -16.84
C LEU C 369 11.40 17.22 -17.46
N SER C 370 12.60 17.74 -17.71
CA SER C 370 12.76 19.08 -18.26
C SER C 370 12.84 18.99 -19.78
N VAL C 371 11.78 19.37 -20.46
CA VAL C 371 11.72 19.33 -21.90
C VAL C 371 11.88 20.73 -22.43
N SER C 372 12.21 20.83 -23.72
CA SER C 372 12.24 22.11 -24.43
C SER C 372 11.64 21.89 -25.81
N ARG C 373 10.32 22.09 -25.91
CA ARG C 373 9.57 21.72 -27.10
C ARG C 373 10.16 22.31 -28.38
N VAL C 374 11.01 23.32 -28.26
CA VAL C 374 11.84 23.75 -29.37
C VAL C 374 13.15 22.99 -29.29
N GLY C 375 13.89 23.21 -28.22
CA GLY C 375 15.05 22.39 -27.93
C GLY C 375 16.16 22.47 -28.96
N SER C 376 16.39 21.36 -29.67
CA SER C 376 17.66 21.15 -30.33
C SER C 376 17.94 22.23 -31.37
N ALA C 377 16.92 22.65 -32.13
CA ALA C 377 17.14 23.63 -33.17
C ALA C 377 17.78 24.90 -32.62
N ALA C 378 17.51 25.21 -31.36
CA ALA C 378 18.09 26.41 -30.76
C ALA C 378 19.59 26.27 -30.54
N GLN C 379 20.05 25.07 -30.21
CA GLN C 379 21.42 24.90 -29.74
C GLN C 379 22.44 25.33 -30.80
N THR C 380 23.68 25.40 -30.37
CA THR C 380 24.80 25.70 -31.25
C THR C 380 25.53 24.41 -31.59
N ARG C 381 25.89 24.27 -32.87
CA ARG C 381 26.40 22.99 -33.36
C ARG C 381 27.52 22.45 -32.49
N ALA C 382 28.44 23.32 -32.07
CA ALA C 382 29.54 22.87 -31.24
C ALA C 382 29.02 22.13 -30.01
N MET C 383 28.07 22.73 -29.30
CA MET C 383 27.54 22.09 -28.11
C MET C 383 26.62 20.94 -28.44
N LYS C 384 25.97 20.99 -29.62
CA LYS C 384 25.11 19.88 -30.03
C LYS C 384 25.91 18.61 -30.18
N GLN C 385 27.12 18.70 -30.75
CA GLN C 385 27.94 17.52 -30.99
C GLN C 385 28.05 16.67 -29.73
N VAL C 386 28.33 17.31 -28.59
CA VAL C 386 28.55 16.56 -27.36
C VAL C 386 27.26 16.33 -26.59
N ALA C 387 26.35 17.31 -26.59
CA ALA C 387 25.10 17.15 -25.85
C ALA C 387 24.27 16.00 -26.39
N GLY C 388 24.32 15.76 -27.69
CA GLY C 388 23.58 14.62 -28.24
C GLY C 388 23.98 13.32 -27.57
N THR C 389 25.27 13.09 -27.44
CA THR C 389 25.75 11.87 -26.81
C THR C 389 25.49 11.88 -25.31
N MET C 390 25.65 13.04 -24.68
CA MET C 390 25.43 13.14 -23.24
C MET C 390 23.99 12.80 -22.89
N LYS C 391 23.04 13.20 -23.73
CA LYS C 391 21.65 12.87 -23.48
C LYS C 391 21.46 11.36 -23.33
N LEU C 392 21.98 10.59 -24.29
CA LEU C 392 21.81 9.14 -24.25
C LEU C 392 22.55 8.54 -23.06
N GLU C 393 23.78 8.98 -22.82
CA GLU C 393 24.56 8.40 -21.72
C GLU C 393 23.85 8.62 -20.39
N LEU C 394 23.36 9.83 -20.16
CA LEU C 394 22.64 10.12 -18.93
C LEU C 394 21.31 9.41 -18.88
N ALA C 395 20.64 9.22 -20.02
CA ALA C 395 19.37 8.50 -19.99
C ALA C 395 19.59 7.07 -19.50
N GLN C 396 20.59 6.39 -20.04
CA GLN C 396 20.89 5.05 -19.56
C GLN C 396 21.31 5.08 -18.10
N TYR C 397 22.12 6.07 -17.72
CA TYR C 397 22.56 6.15 -16.34
C TYR C 397 21.38 6.32 -15.40
N ARG C 398 20.37 7.07 -15.81
CA ARG C 398 19.21 7.26 -14.96
C ARG C 398 18.29 6.04 -14.97
N GLU C 399 18.34 5.23 -16.02
CA GLU C 399 17.65 3.94 -15.94
C GLU C 399 18.31 3.04 -14.90
N VAL C 400 19.64 3.04 -14.84
CA VAL C 400 20.34 2.09 -13.98
C VAL C 400 21.09 2.76 -12.84
N ALA C 401 20.63 3.91 -12.39
CA ALA C 401 21.22 4.60 -11.24
C ALA C 401 20.57 4.20 -9.93
N ALA C 402 19.58 3.32 -9.97
CA ALA C 402 18.91 2.85 -8.76
C ALA C 402 19.59 1.63 -8.18
N PHE C 403 20.91 1.56 -8.29
CA PHE C 403 21.67 0.36 -7.93
C PHE C 403 22.52 0.53 -6.70
N ALA C 404 22.33 1.63 -5.95
CA ALA C 404 22.95 1.69 -4.63
C ALA C 404 22.47 0.55 -3.76
N GLN C 405 21.31 -0.02 -4.09
CA GLN C 405 20.79 -1.18 -3.38
C GLN C 405 21.72 -2.38 -3.48
N PHE C 406 22.63 -2.38 -4.44
CA PHE C 406 23.48 -3.55 -4.64
C PHE C 406 24.84 -3.15 -5.22
N LEU C 410 29.26 -5.62 -10.00
CA LEU C 410 28.28 -5.51 -11.07
C LEU C 410 28.90 -5.86 -12.41
N ASP C 411 28.05 -6.05 -13.41
CA ASP C 411 28.53 -6.36 -14.74
C ASP C 411 29.55 -5.32 -15.18
N ALA C 412 30.33 -5.69 -16.21
CA ALA C 412 31.30 -4.76 -16.76
C ALA C 412 30.63 -3.56 -17.41
N ALA C 413 29.65 -3.82 -18.28
CA ALA C 413 29.00 -2.74 -19.01
C ALA C 413 28.20 -1.84 -18.09
N THR C 414 27.39 -2.44 -17.21
CA THR C 414 26.61 -1.62 -16.29
C THR C 414 27.49 -0.90 -15.29
N GLN C 415 28.60 -1.52 -14.87
CA GLN C 415 29.52 -0.80 -14.02
C GLN C 415 30.10 0.40 -14.74
N GLN C 416 30.46 0.23 -16.01
CA GLN C 416 30.96 1.36 -16.78
C GLN C 416 29.89 2.44 -16.90
N LEU C 417 28.63 2.04 -17.13
CA LEU C 417 27.56 3.02 -17.25
C LEU C 417 27.37 3.80 -15.95
N LEU C 418 27.38 3.11 -14.81
CA LEU C 418 27.26 3.81 -13.54
C LEU C 418 28.41 4.78 -13.34
N SER C 419 29.63 4.36 -13.64
CA SER C 419 30.77 5.25 -13.48
C SER C 419 30.64 6.47 -14.38
N ARG C 420 30.30 6.25 -15.66
CA ARG C 420 30.21 7.35 -16.61
C ARG C 420 29.10 8.30 -16.21
N GLY C 421 27.96 7.78 -15.77
CA GLY C 421 26.90 8.63 -15.32
C GLY C 421 27.29 9.47 -14.12
N VAL C 422 27.99 8.88 -13.17
CA VAL C 422 28.45 9.66 -12.03
C VAL C 422 29.37 10.77 -12.50
N ARG C 423 30.28 10.47 -13.44
CA ARG C 423 31.18 11.50 -13.93
C ARG C 423 30.40 12.65 -14.54
N LEU C 424 29.46 12.33 -15.43
CA LEU C 424 28.72 13.39 -16.11
C LEU C 424 27.87 14.19 -15.13
N THR C 425 27.20 13.52 -14.19
CA THR C 425 26.43 14.24 -13.19
C THR C 425 27.30 15.22 -12.43
N GLU C 426 28.45 14.75 -11.94
CA GLU C 426 29.35 15.65 -11.23
C GLU C 426 29.78 16.79 -12.11
N LEU C 427 29.88 16.56 -13.41
CA LEU C 427 30.23 17.64 -14.33
C LEU C 427 29.13 18.69 -14.39
N LEU C 428 27.87 18.27 -14.40
CA LEU C 428 26.79 19.23 -14.55
C LEU C 428 26.75 20.23 -13.40
N LYS C 429 27.08 19.81 -12.19
CA LYS C 429 27.05 20.70 -11.04
C LYS C 429 27.76 22.00 -11.36
N GLN C 430 27.40 23.08 -10.68
CA GLN C 430 27.99 24.37 -10.99
C GLN C 430 27.91 25.28 -9.78
N GLY C 431 28.78 26.28 -9.77
CA GLY C 431 28.81 27.24 -8.68
C GLY C 431 27.59 28.14 -8.69
N GLN C 432 27.71 29.35 -8.14
CA GLN C 432 26.60 30.28 -8.08
C GLN C 432 27.05 31.63 -8.60
N TYR C 433 26.25 32.23 -9.49
CA TYR C 433 26.60 33.50 -10.12
C TYR C 433 27.96 33.41 -10.80
N SER C 434 28.28 32.24 -11.34
CA SER C 434 29.52 32.04 -12.09
C SER C 434 29.20 31.35 -13.40
N PRO C 435 28.43 32.00 -14.27
CA PRO C 435 28.18 31.42 -15.59
C PRO C 435 29.46 31.26 -16.37
N MET C 436 29.51 30.23 -17.21
CA MET C 436 30.70 29.92 -17.98
C MET C 436 30.38 29.94 -19.46
N ALA C 437 31.29 30.52 -20.24
CA ALA C 437 31.08 30.67 -21.68
C ALA C 437 30.74 29.33 -22.31
N ILE C 438 30.16 29.40 -23.52
CA ILE C 438 29.72 28.17 -24.18
C ILE C 438 30.91 27.35 -24.65
N GLU C 439 31.99 28.00 -25.09
CA GLU C 439 33.17 27.26 -25.51
C GLU C 439 33.77 26.48 -24.35
N GLU C 440 33.82 27.08 -23.16
CA GLU C 440 34.31 26.35 -22.00
C GLU C 440 33.39 25.20 -21.63
N GLN C 441 32.08 25.42 -21.74
CA GLN C 441 31.14 24.33 -21.49
C GLN C 441 31.39 23.18 -22.44
N VAL C 442 31.62 23.48 -23.71
CA VAL C 442 31.90 22.43 -24.68
C VAL C 442 33.18 21.72 -24.33
N ALA C 443 34.21 22.47 -23.93
CA ALA C 443 35.46 21.84 -23.53
C ALA C 443 35.22 20.82 -22.42
N VAL C 444 34.54 21.24 -21.35
CA VAL C 444 34.35 20.35 -20.20
C VAL C 444 33.48 19.17 -20.59
N ILE C 445 32.38 19.42 -21.28
CA ILE C 445 31.45 18.34 -21.62
C ILE C 445 32.13 17.34 -22.54
N TYR C 446 32.92 17.83 -23.50
CA TYR C 446 33.66 16.95 -24.39
C TYR C 446 34.66 16.11 -23.62
N ALA C 447 35.38 16.74 -22.68
CA ALA C 447 36.27 15.96 -21.84
C ALA C 447 35.51 14.82 -21.16
N GLY C 448 34.37 15.14 -20.56
CA GLY C 448 33.66 14.12 -19.79
C GLY C 448 33.07 13.02 -20.64
N VAL C 449 32.50 13.38 -21.81
CA VAL C 449 31.76 12.42 -22.63
C VAL C 449 32.66 11.59 -23.53
N ARG C 450 33.96 11.89 -23.57
CA ARG C 450 34.90 11.16 -24.40
C ARG C 450 35.69 10.13 -23.60
N GLY C 451 35.31 9.88 -22.36
CA GLY C 451 35.95 8.86 -21.57
C GLY C 451 37.26 9.25 -20.93
N TYR C 452 37.67 10.52 -21.07
CA TYR C 452 38.88 11.00 -20.43
C TYR C 452 38.64 11.39 -18.98
N LEU C 453 37.62 10.82 -18.35
CA LEU C 453 37.36 11.00 -16.93
C LEU C 453 37.07 9.71 -16.20
N ASP C 454 36.77 8.62 -16.91
CA ASP C 454 36.19 7.45 -16.27
C ASP C 454 37.13 6.74 -15.32
N LYS C 455 38.30 7.32 -15.02
CA LYS C 455 39.19 6.75 -14.01
C LYS C 455 39.31 7.61 -12.76
N LEU C 456 38.95 8.89 -12.84
CA LEU C 456 39.10 9.78 -11.69
C LEU C 456 38.09 9.46 -10.60
N GLU C 457 38.47 9.76 -9.36
CA GLU C 457 37.58 9.55 -8.24
C GLU C 457 36.31 10.40 -8.43
N PRO C 458 35.13 9.86 -8.12
CA PRO C 458 33.90 10.63 -8.35
C PRO C 458 33.92 12.01 -7.71
N SER C 459 34.50 12.13 -6.52
CA SER C 459 34.55 13.43 -5.85
C SER C 459 35.71 14.30 -6.30
N LYS C 460 36.63 13.77 -7.12
CA LYS C 460 37.69 14.59 -7.68
C LYS C 460 37.24 15.39 -8.88
N ILE C 461 36.03 15.12 -9.39
CA ILE C 461 35.60 15.77 -10.63
C ILE C 461 35.51 17.26 -10.46
N THR C 462 35.08 17.72 -9.29
CA THR C 462 34.90 19.16 -9.09
C THR C 462 36.24 19.90 -9.19
N LYS C 463 37.23 19.44 -8.44
CA LYS C 463 38.54 20.10 -8.49
C LYS C 463 39.15 19.96 -9.87
N PHE C 464 39.01 18.79 -10.49
CA PHE C 464 39.54 18.63 -11.84
C PHE C 464 38.90 19.62 -12.80
N GLU C 465 37.59 19.77 -12.72
CA GLU C 465 36.88 20.67 -13.63
C GLU C 465 37.33 22.10 -13.42
N ASN C 466 37.44 22.53 -12.17
CA ASN C 466 37.86 23.90 -11.92
C ASN C 466 39.27 24.13 -12.45
N ALA C 467 40.20 23.22 -12.15
CA ALA C 467 41.57 23.39 -12.60
C ALA C 467 41.66 23.36 -14.11
N PHE C 468 40.87 22.49 -14.75
CA PHE C 468 40.87 22.41 -16.20
C PHE C 468 40.37 23.70 -16.82
N LEU C 469 39.31 24.28 -16.24
CA LEU C 469 38.89 25.60 -16.68
C LEU C 469 40.03 26.60 -16.59
N SER C 470 40.68 26.67 -15.43
CA SER C 470 41.74 27.66 -15.27
C SER C 470 42.82 27.47 -16.32
N HIS C 471 43.25 26.22 -16.52
CA HIS C 471 44.26 25.92 -17.52
C HIS C 471 43.83 26.37 -18.90
N VAL C 472 42.74 25.80 -19.42
CA VAL C 472 42.37 26.05 -20.81
C VAL C 472 42.06 27.52 -21.03
N ILE C 473 41.55 28.21 -20.02
CA ILE C 473 41.38 29.66 -20.13
C ILE C 473 42.73 30.34 -20.27
N SER C 474 43.71 29.90 -19.47
CA SER C 474 45.04 30.52 -19.51
C SER C 474 45.69 30.35 -20.86
N GLN C 475 45.98 29.10 -21.24
CA GLN C 475 46.91 28.81 -22.33
C GLN C 475 46.22 28.78 -23.70
N HIS C 476 45.10 28.06 -23.81
CA HIS C 476 44.54 27.70 -25.12
C HIS C 476 43.41 28.61 -25.53
N GLN C 477 43.48 29.90 -25.20
CA GLN C 477 42.48 30.84 -25.69
C GLN C 477 42.30 30.72 -27.20
N ALA C 478 43.34 30.24 -27.90
CA ALA C 478 43.23 30.08 -29.35
C ALA C 478 42.20 29.01 -29.71
N LEU C 479 42.26 27.86 -29.06
CA LEU C 479 41.34 26.78 -29.40
C LEU C 479 39.90 27.14 -29.04
N LEU C 480 39.69 27.70 -27.84
CA LEU C 480 38.36 28.13 -27.46
C LEU C 480 37.84 29.19 -28.41
N GLY C 481 38.69 30.14 -28.79
CA GLY C 481 38.29 31.14 -29.77
C GLY C 481 37.91 30.51 -31.09
N LYS C 482 38.65 29.49 -31.51
CA LYS C 482 38.32 28.80 -32.75
C LYS C 482 36.95 28.15 -32.68
N ILE C 483 36.68 27.43 -31.59
CA ILE C 483 35.36 26.81 -31.44
C ILE C 483 34.28 27.87 -31.41
N ARG C 484 34.50 28.94 -30.66
CA ARG C 484 33.48 29.98 -30.53
C ARG C 484 33.18 30.63 -31.86
N THR C 485 34.22 30.94 -32.64
CA THR C 485 34.02 31.66 -33.89
C THR C 485 33.40 30.76 -34.95
N ASP C 486 33.91 29.53 -35.09
CA ASP C 486 33.39 28.62 -36.10
C ASP C 486 32.15 27.88 -35.65
N GLY C 487 31.84 27.90 -34.36
CA GLY C 487 30.60 27.33 -33.87
C GLY C 487 30.51 25.82 -33.87
N LYS C 488 31.58 25.13 -34.27
CA LYS C 488 31.56 23.67 -34.29
C LYS C 488 32.95 23.15 -34.00
N ILE C 489 33.01 21.92 -33.51
CA ILE C 489 34.27 21.27 -33.18
C ILE C 489 34.85 20.68 -34.47
N SER C 490 35.67 21.45 -35.16
CA SER C 490 36.33 20.94 -36.35
C SER C 490 37.14 19.70 -36.01
N GLU C 491 37.53 18.95 -37.04
CA GLU C 491 38.37 17.79 -36.82
C GLU C 491 39.74 18.22 -36.29
N GLU C 492 40.30 19.30 -36.83
CA GLU C 492 41.50 19.86 -36.22
C GLU C 492 41.22 20.35 -34.81
N SER C 493 40.07 21.01 -34.62
CA SER C 493 39.69 21.45 -33.29
C SER C 493 39.57 20.26 -32.36
N ASP C 494 38.94 19.18 -32.83
CA ASP C 494 38.79 17.99 -32.01
C ASP C 494 40.15 17.42 -31.64
N ALA C 495 41.07 17.35 -32.61
CA ALA C 495 42.38 16.79 -32.33
C ALA C 495 43.11 17.61 -31.27
N LYS C 496 43.12 18.93 -31.42
CA LYS C 496 43.81 19.75 -30.44
C LYS C 496 43.14 19.65 -29.08
N LEU C 497 41.82 19.63 -29.05
CA LEU C 497 41.11 19.50 -27.78
C LEU C 497 41.47 18.19 -27.09
N LYS C 498 41.48 17.08 -27.84
CA LYS C 498 41.83 15.80 -27.25
C LYS C 498 43.25 15.81 -26.73
N GLU C 499 44.16 16.43 -27.48
CA GLU C 499 45.54 16.51 -27.02
C GLU C 499 45.63 17.28 -25.71
N ILE C 500 44.92 18.40 -25.60
CA ILE C 500 44.96 19.16 -24.36
C ILE C 500 44.40 18.32 -23.23
N VAL C 501 43.26 17.66 -23.46
CA VAL C 501 42.61 16.92 -22.40
C VAL C 501 43.54 15.82 -21.88
N THR C 502 44.17 15.08 -22.79
CA THR C 502 45.05 14.00 -22.35
C THR C 502 46.31 14.53 -21.68
N ASN C 503 46.94 15.53 -22.28
CA ASN C 503 48.16 16.09 -21.70
C ASN C 503 47.90 16.73 -20.35
N PHE C 504 46.66 17.12 -20.07
CA PHE C 504 46.33 17.66 -18.76
C PHE C 504 45.98 16.55 -17.77
N LEU C 505 45.14 15.60 -18.19
CA LEU C 505 44.78 14.50 -17.31
C LEU C 505 46.03 13.78 -16.82
N ALA C 506 46.95 13.46 -17.74
CA ALA C 506 48.22 12.91 -17.31
C ALA C 506 48.99 13.90 -16.46
N GLY C 507 48.82 15.19 -16.71
CA GLY C 507 49.38 16.24 -15.89
C GLY C 507 48.57 16.56 -14.67
N PHE C 508 47.50 15.81 -14.42
CA PHE C 508 46.68 15.99 -13.23
C PHE C 508 47.22 15.16 -12.08
N THR D 13 -31.20 47.53 -36.17
CA THR D 13 -31.51 48.35 -35.02
C THR D 13 -30.22 48.97 -34.47
N THR D 14 -30.31 49.59 -33.29
CA THR D 14 -29.14 50.23 -32.70
C THR D 14 -29.36 50.38 -31.21
N GLY D 15 -28.53 49.73 -30.41
CA GLY D 15 -28.58 49.83 -28.97
C GLY D 15 -27.36 50.54 -28.41
N ARG D 16 -27.25 50.51 -27.08
CA ARG D 16 -26.19 51.19 -26.38
C ARG D 16 -25.53 50.24 -25.41
N ILE D 17 -24.25 50.44 -25.17
CA ILE D 17 -23.56 49.68 -24.12
C ILE D 17 -23.92 50.29 -22.78
N VAL D 18 -24.39 49.47 -21.85
CA VAL D 18 -24.68 49.95 -20.51
C VAL D 18 -23.68 49.44 -19.48
N ALA D 19 -23.02 48.30 -19.71
CA ALA D 19 -22.01 47.87 -18.76
C ALA D 19 -20.93 47.09 -19.49
N VAL D 20 -19.71 47.15 -18.96
CA VAL D 20 -18.56 46.44 -19.52
C VAL D 20 -17.80 45.83 -18.36
N ILE D 21 -18.10 44.58 -18.02
CA ILE D 21 -17.47 43.90 -16.89
C ILE D 21 -16.58 42.81 -17.46
N GLY D 22 -15.28 42.96 -17.26
CA GLY D 22 -14.37 41.97 -17.80
C GLY D 22 -14.51 41.91 -19.31
N ALA D 23 -14.85 40.73 -19.82
CA ALA D 23 -15.11 40.54 -21.24
C ALA D 23 -16.58 40.20 -21.49
N VAL D 24 -17.47 40.87 -20.77
CA VAL D 24 -18.90 40.70 -20.95
C VAL D 24 -19.52 42.09 -21.00
N VAL D 25 -20.24 42.38 -22.07
CA VAL D 25 -20.81 43.69 -22.32
C VAL D 25 -22.33 43.58 -22.27
N ASP D 26 -22.96 44.40 -21.46
CA ASP D 26 -24.41 44.47 -21.40
C ASP D 26 -24.86 45.67 -22.21
N VAL D 27 -25.73 45.41 -23.18
CA VAL D 27 -26.16 46.38 -24.18
C VAL D 27 -27.66 46.57 -24.02
N GLN D 28 -28.10 47.83 -23.93
CA GLN D 28 -29.51 48.15 -23.74
C GLN D 28 -30.11 48.62 -25.05
N PHE D 29 -31.26 48.05 -25.41
CA PHE D 29 -31.94 48.37 -26.65
C PHE D 29 -33.26 49.06 -26.37
N ASP D 30 -33.60 50.02 -27.24
CA ASP D 30 -34.90 50.66 -27.20
C ASP D 30 -35.82 50.17 -28.31
N GLU D 31 -35.24 49.76 -29.44
CA GLU D 31 -35.97 49.13 -30.53
C GLU D 31 -36.18 47.66 -30.18
N GLY D 32 -36.50 46.83 -31.16
CA GLY D 32 -36.65 45.42 -30.89
C GLY D 32 -35.33 44.77 -30.55
N LEU D 33 -35.35 43.90 -29.54
CA LEU D 33 -34.15 43.19 -29.13
C LEU D 33 -33.67 42.28 -30.25
N PRO D 34 -32.38 41.98 -30.31
CA PRO D 34 -31.88 41.00 -31.24
C PRO D 34 -31.95 39.61 -30.64
N PRO D 35 -32.40 38.61 -31.38
CA PRO D 35 -32.50 37.26 -30.81
C PRO D 35 -31.16 36.80 -30.28
N ILE D 36 -31.19 35.73 -29.49
CA ILE D 36 -29.94 35.19 -28.96
C ILE D 36 -29.09 34.68 -30.11
N LEU D 37 -27.78 34.74 -29.93
CA LEU D 37 -26.74 34.32 -30.86
C LEU D 37 -26.51 35.30 -31.99
N ASN D 38 -27.29 36.37 -32.13
CA ASN D 38 -26.99 37.34 -33.16
C ASN D 38 -25.60 37.91 -32.94
N ALA D 39 -25.13 38.66 -33.94
CA ALA D 39 -23.87 39.36 -33.88
C ALA D 39 -24.14 40.86 -33.84
N LEU D 40 -23.45 41.56 -32.95
CA LEU D 40 -23.58 42.98 -32.79
C LEU D 40 -22.24 43.63 -33.09
N GLU D 41 -22.25 44.69 -33.89
CA GLU D 41 -21.04 45.40 -34.25
C GLU D 41 -20.96 46.65 -33.40
N VAL D 42 -19.92 46.74 -32.57
CA VAL D 42 -19.69 47.94 -31.78
C VAL D 42 -19.09 49.00 -32.69
N GLN D 43 -19.66 50.19 -32.68
CA GLN D 43 -19.28 51.24 -33.61
C GLN D 43 -18.11 52.04 -33.07
N GLY D 44 -17.31 52.57 -33.98
CA GLY D 44 -16.20 53.42 -33.60
C GLY D 44 -15.01 52.68 -33.05
N ARG D 45 -14.69 51.51 -33.59
CA ARG D 45 -13.56 50.71 -33.16
C ARG D 45 -12.60 50.55 -34.32
N GLU D 46 -11.32 50.76 -34.05
CA GLU D 46 -10.32 50.61 -35.11
C GLU D 46 -10.37 49.21 -35.71
N THR D 47 -10.43 48.19 -34.87
CA THR D 47 -10.57 46.81 -35.31
C THR D 47 -11.99 46.35 -35.02
N ARG D 48 -12.62 45.74 -36.01
CA ARG D 48 -13.98 45.25 -35.87
C ARG D 48 -14.14 44.49 -34.56
N LEU D 49 -15.04 44.97 -33.71
CA LEU D 49 -15.40 44.28 -32.48
C LEU D 49 -16.80 43.75 -32.62
N VAL D 50 -16.96 42.43 -32.46
CA VAL D 50 -18.23 41.75 -32.67
C VAL D 50 -18.61 41.07 -31.37
N LEU D 51 -19.74 41.46 -30.81
CA LEU D 51 -20.31 40.78 -29.65
C LEU D 51 -21.33 39.75 -30.13
N GLU D 52 -21.53 38.71 -29.33
CA GLU D 52 -22.66 37.81 -29.51
C GLU D 52 -23.57 37.89 -28.32
N VAL D 53 -24.86 38.03 -28.59
CA VAL D 53 -25.87 37.98 -27.54
C VAL D 53 -25.91 36.58 -26.94
N ALA D 54 -26.07 36.51 -25.63
CA ALA D 54 -26.14 35.23 -24.95
C ALA D 54 -27.23 35.20 -23.89
N GLN D 55 -27.93 36.29 -23.65
CA GLN D 55 -29.01 36.33 -22.67
C GLN D 55 -29.93 37.48 -23.01
N HIS D 56 -31.07 37.53 -22.31
CA HIS D 56 -31.98 38.67 -22.35
C HIS D 56 -32.30 38.99 -20.90
N LEU D 57 -31.54 39.90 -20.32
CA LEU D 57 -31.63 40.18 -18.90
C LEU D 57 -32.97 40.78 -18.48
N GLY D 58 -33.89 41.00 -19.39
CA GLY D 58 -35.11 41.68 -19.03
C GLY D 58 -34.89 43.17 -18.87
N GLU D 59 -35.97 43.92 -19.04
CA GLU D 59 -35.91 45.39 -19.08
C GLU D 59 -35.26 45.87 -20.36
N SER D 60 -35.46 45.13 -21.46
CA SER D 60 -34.99 45.53 -22.78
C SER D 60 -33.47 45.59 -22.83
N THR D 61 -32.80 44.75 -22.07
CA THR D 61 -31.35 44.63 -22.08
C THR D 61 -30.96 43.30 -22.72
N VAL D 62 -29.69 43.18 -23.07
CA VAL D 62 -29.10 41.92 -23.49
C VAL D 62 -27.69 41.89 -22.94
N ARG D 63 -27.16 40.69 -22.77
CA ARG D 63 -25.81 40.50 -22.29
C ARG D 63 -25.05 39.71 -23.34
N THR D 64 -23.85 40.18 -23.67
CA THR D 64 -23.13 39.70 -24.84
C THR D 64 -21.69 39.41 -24.48
N ILE D 65 -21.13 38.37 -25.08
CA ILE D 65 -19.72 38.05 -24.93
C ILE D 65 -18.97 38.62 -26.12
N ALA D 66 -17.85 39.27 -25.86
CA ALA D 66 -17.11 39.99 -26.90
C ALA D 66 -16.01 39.11 -27.46
N MET D 67 -15.84 39.18 -28.78
CA MET D 67 -14.86 38.36 -29.49
C MET D 67 -13.50 39.03 -29.62
N ASP D 68 -13.34 40.24 -29.08
CA ASP D 68 -12.06 40.92 -29.06
C ASP D 68 -11.93 41.64 -27.74
N GLY D 69 -10.72 42.12 -27.46
CA GLY D 69 -10.50 42.82 -26.22
C GLY D 69 -11.46 43.97 -26.04
N THR D 70 -11.93 44.20 -24.82
CA THR D 70 -12.86 45.29 -24.53
C THR D 70 -12.16 46.56 -24.08
N GLU D 71 -10.96 46.82 -24.57
CA GLU D 71 -10.28 48.07 -24.27
C GLU D 71 -10.95 49.20 -25.01
N GLY D 72 -11.06 50.35 -24.35
CA GLY D 72 -11.60 51.53 -24.99
C GLY D 72 -13.10 51.59 -25.07
N LEU D 73 -13.81 50.52 -24.72
CA LEU D 73 -15.26 50.57 -24.72
C LEU D 73 -15.71 51.62 -23.70
N VAL D 74 -16.65 52.47 -24.12
CA VAL D 74 -17.14 53.57 -23.30
C VAL D 74 -18.62 53.33 -23.08
N ARG D 75 -19.06 53.44 -21.82
CA ARG D 75 -20.47 53.28 -21.51
C ARG D 75 -21.29 54.24 -22.36
N GLY D 76 -22.07 53.71 -23.29
CA GLY D 76 -22.88 54.52 -24.18
C GLY D 76 -22.55 54.38 -25.64
N GLN D 77 -21.50 53.65 -26.01
CA GLN D 77 -21.18 53.46 -27.41
C GLN D 77 -22.37 52.83 -28.12
N LYS D 78 -22.62 53.28 -29.35
CA LYS D 78 -23.72 52.75 -30.13
C LYS D 78 -23.31 51.42 -30.75
N VAL D 79 -24.25 50.48 -30.78
CA VAL D 79 -24.00 49.11 -31.21
C VAL D 79 -25.06 48.72 -32.23
N LEU D 80 -24.63 48.21 -33.38
CA LEU D 80 -25.51 47.89 -34.49
C LEU D 80 -25.82 46.40 -34.50
N ASP D 81 -27.09 46.06 -34.53
CA ASP D 81 -27.51 44.67 -34.67
C ASP D 81 -27.27 44.21 -36.10
N SER D 82 -26.42 43.20 -36.28
CA SER D 82 -26.16 42.69 -37.62
C SER D 82 -27.43 42.13 -38.25
N GLY D 83 -28.12 41.23 -37.54
CA GLY D 83 -29.33 40.64 -38.05
C GLY D 83 -29.32 39.13 -37.98
N ALA D 84 -28.17 38.52 -38.20
CA ALA D 84 -28.02 37.08 -38.20
C ALA D 84 -26.73 36.71 -37.47
N PRO D 85 -26.62 35.48 -36.99
CA PRO D 85 -25.43 35.11 -36.22
C PRO D 85 -24.16 35.42 -37.00
N ILE D 86 -23.03 35.25 -36.34
CA ILE D 86 -21.75 35.48 -36.98
C ILE D 86 -21.73 34.70 -38.28
N ARG D 87 -21.55 35.40 -39.40
CA ARG D 87 -21.47 34.78 -40.71
C ARG D 87 -20.05 34.88 -41.22
N ILE D 88 -19.55 33.78 -41.77
CA ILE D 88 -18.16 33.68 -42.19
C ILE D 88 -18.11 33.26 -43.65
N PRO D 89 -17.06 33.59 -44.39
CA PRO D 89 -16.93 33.07 -45.74
C PRO D 89 -16.69 31.57 -45.72
N VAL D 90 -17.19 30.90 -46.76
CA VAL D 90 -16.91 29.49 -46.97
C VAL D 90 -16.87 29.25 -48.47
N GLY D 91 -16.47 28.04 -48.85
CA GLY D 91 -16.27 27.70 -50.23
C GLY D 91 -14.83 27.32 -50.49
N PRO D 92 -14.52 26.95 -51.72
CA PRO D 92 -13.12 26.62 -52.07
C PRO D 92 -12.22 27.85 -52.19
N GLU D 93 -12.70 29.02 -51.83
CA GLU D 93 -11.88 30.22 -51.81
C GLU D 93 -11.28 30.50 -50.44
N THR D 94 -11.61 29.67 -49.44
CA THR D 94 -11.00 29.72 -48.13
C THR D 94 -10.00 28.60 -47.92
N LEU D 95 -9.39 28.12 -48.99
CA LEU D 95 -8.43 27.04 -48.91
C LEU D 95 -7.03 27.64 -48.91
N GLY D 96 -6.24 27.33 -47.89
CA GLY D 96 -4.96 27.96 -47.73
C GLY D 96 -5.04 29.36 -47.16
N ARG D 97 -6.17 29.73 -46.57
CA ARG D 97 -6.36 31.05 -45.98
C ARG D 97 -6.63 30.89 -44.50
N ILE D 98 -5.75 31.47 -43.68
CA ILE D 98 -5.99 31.49 -42.25
C ILE D 98 -7.15 32.43 -41.95
N MET D 99 -7.90 32.14 -40.90
CA MET D 99 -9.09 32.91 -40.59
C MET D 99 -9.22 33.13 -39.09
N ASN D 100 -9.91 34.21 -38.74
CA ASN D 100 -10.24 34.51 -37.37
C ASN D 100 -11.45 33.70 -36.93
N VAL D 101 -11.88 33.92 -35.68
CA VAL D 101 -13.14 33.36 -35.23
C VAL D 101 -14.31 33.88 -36.07
N ILE D 102 -14.16 35.06 -36.65
CA ILE D 102 -15.22 35.69 -37.42
C ILE D 102 -14.90 35.70 -38.91
N GLY D 103 -14.07 34.78 -39.37
CA GLY D 103 -13.77 34.69 -40.78
C GLY D 103 -13.34 36.02 -41.37
N GLU D 104 -12.17 36.50 -40.97
CA GLU D 104 -11.55 37.62 -41.63
C GLU D 104 -10.07 37.28 -41.69
N PRO D 105 -9.45 37.37 -42.87
CA PRO D 105 -8.11 36.81 -43.03
C PRO D 105 -7.12 37.43 -42.06
N ILE D 106 -6.26 36.59 -41.49
CA ILE D 106 -5.16 37.05 -40.66
C ILE D 106 -3.81 36.66 -41.26
N ASP D 107 -3.77 36.42 -42.57
CA ASP D 107 -2.53 36.08 -43.26
C ASP D 107 -2.03 37.22 -44.13
N GLU D 108 -2.59 38.40 -44.00
CA GLU D 108 -2.16 39.57 -44.77
C GLU D 108 -2.04 39.21 -46.26
N ARG D 109 -3.16 38.78 -46.81
CA ARG D 109 -3.23 38.48 -48.24
C ARG D 109 -4.52 38.98 -48.86
N GLY D 110 -5.29 39.82 -48.17
CA GLY D 110 -6.43 40.45 -48.77
C GLY D 110 -7.70 39.66 -48.56
N PRO D 111 -8.85 40.32 -48.73
CA PRO D 111 -10.13 39.69 -48.41
C PRO D 111 -10.30 38.30 -48.98
N ILE D 112 -11.24 37.55 -48.42
CA ILE D 112 -11.57 36.22 -48.90
C ILE D 112 -12.74 36.38 -49.86
N LYS D 113 -12.45 36.38 -51.16
CA LYS D 113 -13.46 36.60 -52.17
C LYS D 113 -14.26 35.31 -52.35
N THR D 114 -15.46 35.27 -51.78
CA THR D 114 -16.33 34.11 -51.82
C THR D 114 -17.69 34.52 -52.36
N LYS D 115 -18.58 33.53 -52.47
CA LYS D 115 -19.96 33.76 -52.88
C LYS D 115 -20.97 33.37 -51.83
N GLN D 116 -20.68 32.37 -51.00
CA GLN D 116 -21.60 31.90 -49.97
C GLN D 116 -21.03 32.19 -48.60
N PHE D 117 -21.83 32.83 -47.76
CA PHE D 117 -21.52 32.98 -46.35
C PHE D 117 -22.33 31.96 -45.56
N ALA D 118 -21.77 31.51 -44.45
CA ALA D 118 -22.45 30.54 -43.60
C ALA D 118 -22.46 31.03 -42.16
N ALA D 119 -23.52 30.70 -41.44
CA ALA D 119 -23.66 31.11 -40.05
C ALA D 119 -23.20 29.99 -39.14
N ILE D 120 -22.36 30.32 -38.16
CA ILE D 120 -21.63 29.28 -37.44
C ILE D 120 -22.54 28.46 -36.54
N HIS D 121 -23.66 29.00 -36.10
CA HIS D 121 -24.56 28.31 -35.16
C HIS D 121 -25.64 27.61 -35.97
N ALA D 122 -25.37 26.37 -36.36
CA ALA D 122 -26.30 25.54 -37.10
C ALA D 122 -26.83 24.44 -36.20
N GLU D 123 -27.57 23.51 -36.78
CA GLU D 123 -28.13 22.39 -36.05
C GLU D 123 -27.42 21.09 -36.44
N ALA D 124 -27.53 20.11 -35.57
CA ALA D 124 -26.92 18.83 -35.84
C ALA D 124 -27.72 18.05 -36.87
N PRO D 125 -27.08 17.17 -37.63
CA PRO D 125 -27.86 16.25 -38.46
C PRO D 125 -28.74 15.37 -37.60
N GLU D 126 -29.94 15.08 -38.09
CA GLU D 126 -30.93 14.35 -37.32
C GLU D 126 -30.77 12.85 -37.53
N PHE D 127 -31.50 12.09 -36.75
CA PHE D 127 -31.27 10.65 -36.71
C PHE D 127 -31.49 10.00 -38.06
N VAL D 128 -32.46 10.49 -38.84
CA VAL D 128 -32.74 9.89 -40.14
C VAL D 128 -31.60 10.08 -41.13
N GLU D 129 -30.63 10.96 -40.82
CA GLU D 129 -29.53 11.23 -41.72
C GLU D 129 -28.24 10.52 -41.35
N MET D 130 -28.18 9.90 -40.17
CA MET D 130 -26.93 9.30 -39.73
C MET D 130 -26.54 8.15 -40.65
N SER D 131 -25.25 8.02 -40.88
CA SER D 131 -24.68 6.94 -41.67
C SER D 131 -24.08 5.91 -40.74
N VAL D 132 -24.40 4.63 -40.98
CA VAL D 132 -24.10 3.56 -40.05
C VAL D 132 -22.95 2.69 -40.52
N GLU D 133 -22.26 3.08 -41.59
CA GLU D 133 -21.13 2.31 -42.08
C GLU D 133 -19.84 2.73 -41.39
N GLN D 134 -18.90 1.79 -41.32
CA GLN D 134 -17.61 2.07 -40.70
C GLN D 134 -16.60 1.08 -41.22
N GLU D 135 -15.42 1.58 -41.61
CA GLU D 135 -14.38 0.73 -42.17
C GLU D 135 -13.02 1.30 -41.81
N ILE D 136 -12.08 0.41 -41.51
CA ILE D 136 -10.81 0.83 -40.92
C ILE D 136 -10.14 1.89 -41.77
N LEU D 137 -9.32 2.71 -41.11
CA LEU D 137 -8.46 3.69 -41.73
C LEU D 137 -7.02 3.35 -41.39
N VAL D 138 -6.12 3.57 -42.33
CA VAL D 138 -4.72 3.19 -42.19
C VAL D 138 -3.90 4.45 -42.01
N THR D 139 -3.44 4.68 -40.78
CA THR D 139 -2.62 5.83 -40.45
C THR D 139 -1.13 5.55 -40.53
N GLY D 140 -0.75 4.31 -40.81
CA GLY D 140 0.67 3.99 -40.85
C GLY D 140 1.36 4.16 -39.53
N ILE D 141 0.68 3.89 -38.43
CA ILE D 141 1.26 3.94 -37.09
C ILE D 141 0.97 2.61 -36.42
N LYS D 142 2.01 1.96 -35.92
CA LYS D 142 1.85 0.59 -35.44
C LYS D 142 0.80 0.50 -34.34
N VAL D 143 1.00 1.21 -33.23
CA VAL D 143 0.11 1.05 -32.09
C VAL D 143 -1.31 1.44 -32.46
N VAL D 144 -1.46 2.58 -33.13
CA VAL D 144 -2.80 3.07 -33.47
C VAL D 144 -3.49 2.09 -34.41
N ASP D 145 -2.81 1.68 -35.47
CA ASP D 145 -3.44 0.77 -36.44
C ASP D 145 -3.67 -0.61 -35.87
N LEU D 146 -3.01 -0.98 -34.78
CA LEU D 146 -3.17 -2.32 -34.25
C LEU D 146 -4.24 -2.37 -33.17
N LEU D 147 -4.03 -1.65 -32.07
CA LEU D 147 -4.91 -1.79 -30.90
C LEU D 147 -6.11 -0.87 -30.93
N ALA D 148 -6.14 0.11 -31.81
CA ALA D 148 -7.20 1.10 -31.81
C ALA D 148 -7.45 1.59 -33.23
N PRO D 149 -7.82 0.71 -34.15
CA PRO D 149 -7.94 1.13 -35.55
C PRO D 149 -8.94 2.26 -35.69
N TYR D 150 -8.61 3.22 -36.56
CA TYR D 150 -9.39 4.43 -36.70
C TYR D 150 -10.44 4.25 -37.78
N ALA D 151 -11.70 4.41 -37.41
CA ALA D 151 -12.77 4.32 -38.39
C ALA D 151 -12.67 5.47 -39.36
N LYS D 152 -12.85 5.17 -40.63
CA LYS D 152 -12.93 6.24 -41.62
C LYS D 152 -14.22 7.00 -41.45
N GLY D 153 -14.13 8.33 -41.49
CA GLY D 153 -15.30 9.14 -41.30
C GLY D 153 -15.93 8.92 -39.94
N GLY D 154 -15.10 8.92 -38.90
CA GLY D 154 -15.59 8.76 -37.55
C GLY D 154 -14.81 9.57 -36.56
N LYS D 155 -15.49 10.11 -35.55
CA LYS D 155 -14.83 11.00 -34.60
C LYS D 155 -13.74 10.29 -33.84
N ILE D 156 -12.60 10.94 -33.70
CA ILE D 156 -11.40 10.39 -33.08
C ILE D 156 -10.95 11.37 -32.00
N GLY D 157 -10.14 10.89 -31.07
CA GLY D 157 -9.68 11.75 -30.00
C GLY D 157 -8.32 11.35 -29.49
N LEU D 158 -7.49 12.32 -29.14
CA LEU D 158 -6.12 12.08 -28.71
C LEU D 158 -5.97 12.67 -27.31
N PHE D 159 -6.34 11.90 -26.29
CA PHE D 159 -6.29 12.42 -24.94
C PHE D 159 -4.85 12.52 -24.49
N GLY D 160 -4.65 12.86 -23.23
CA GLY D 160 -3.31 12.90 -22.67
C GLY D 160 -2.93 14.28 -22.20
N GLY D 161 -2.11 14.36 -21.16
CA GLY D 161 -1.85 15.63 -20.51
C GLY D 161 -1.02 16.53 -21.39
N ALA D 162 -0.14 17.33 -20.79
CA ALA D 162 0.74 18.22 -21.52
C ALA D 162 2.09 17.56 -21.75
N GLY D 163 2.65 17.79 -22.93
CA GLY D 163 4.00 17.34 -23.21
C GLY D 163 4.13 15.85 -23.43
N VAL D 164 3.06 15.17 -23.83
CA VAL D 164 3.13 13.74 -24.08
C VAL D 164 3.28 13.47 -25.56
N GLY D 165 2.77 14.37 -26.40
CA GLY D 165 2.91 14.19 -27.83
C GLY D 165 1.65 14.35 -28.65
N LYS D 166 0.65 15.05 -28.13
CA LYS D 166 -0.58 15.24 -28.90
C LYS D 166 -0.32 16.00 -30.18
N THR D 167 0.43 17.10 -30.10
CA THR D 167 0.64 17.92 -31.29
C THR D 167 1.52 17.21 -32.30
N VAL D 168 2.55 16.50 -31.84
CA VAL D 168 3.38 15.75 -32.78
C VAL D 168 2.54 14.68 -33.46
N LEU D 169 1.67 14.01 -32.71
CA LEU D 169 0.85 12.96 -33.30
C LEU D 169 -0.12 13.53 -34.33
N ILE D 170 -0.72 14.69 -34.04
CA ILE D 170 -1.58 15.32 -35.05
C ILE D 170 -0.76 15.77 -36.24
N MET D 171 0.48 16.20 -36.02
CA MET D 171 1.33 16.55 -37.15
C MET D 171 1.55 15.33 -38.03
N GLU D 172 1.73 14.17 -37.42
CA GLU D 172 1.89 12.94 -38.19
C GLU D 172 0.63 12.61 -38.97
N LEU D 173 -0.51 12.68 -38.30
CA LEU D 173 -1.75 12.35 -38.98
C LEU D 173 -2.00 13.30 -40.15
N ILE D 174 -1.70 14.58 -39.97
CA ILE D 174 -1.78 15.50 -41.11
C ILE D 174 -0.84 15.03 -42.20
N ASN D 175 0.45 15.04 -41.92
CA ASN D 175 1.47 14.65 -42.89
C ASN D 175 1.05 13.44 -43.71
N ASN D 176 0.51 12.41 -43.07
CA ASN D 176 0.15 11.21 -43.80
C ASN D 176 -1.18 11.36 -44.51
N VAL D 177 -2.26 11.46 -43.75
CA VAL D 177 -3.59 11.33 -44.34
C VAL D 177 -3.89 12.51 -45.24
N ALA D 178 -3.58 13.73 -44.80
CA ALA D 178 -3.92 14.91 -45.58
C ALA D 178 -3.50 14.75 -47.03
N LYS D 179 -2.19 14.62 -47.27
CA LYS D 179 -1.72 14.44 -48.64
C LYS D 179 -2.26 13.15 -49.25
N ALA D 180 -2.25 12.06 -48.48
CA ALA D 180 -2.77 10.80 -49.03
C ALA D 180 -4.30 10.80 -49.15
N HIS D 181 -4.95 11.94 -48.93
CA HIS D 181 -6.40 12.04 -48.93
C HIS D 181 -6.82 12.94 -50.09
N GLY D 182 -7.84 12.51 -50.82
CA GLY D 182 -8.26 13.27 -51.98
C GLY D 182 -8.98 14.55 -51.59
N GLY D 183 -10.08 14.41 -50.86
CA GLY D 183 -10.91 15.54 -50.52
C GLY D 183 -10.17 16.56 -49.67
N TYR D 184 -10.87 17.66 -49.41
CA TYR D 184 -10.27 18.80 -48.76
C TYR D 184 -9.93 18.48 -47.32
N SER D 185 -9.48 19.49 -46.58
CA SER D 185 -9.15 19.32 -45.18
C SER D 185 -9.24 20.67 -44.49
N VAL D 186 -9.38 20.63 -43.18
CA VAL D 186 -9.49 21.84 -42.36
C VAL D 186 -8.76 21.62 -41.06
N PHE D 187 -8.04 22.63 -40.60
CA PHE D 187 -7.38 22.57 -39.30
C PHE D 187 -7.82 23.77 -38.49
N ALA D 188 -8.55 23.52 -37.40
CA ALA D 188 -9.17 24.57 -36.61
C ALA D 188 -8.51 24.61 -35.24
N GLY D 189 -7.36 25.28 -35.17
CA GLY D 189 -6.65 25.39 -33.92
C GLY D 189 -7.42 26.26 -32.94
N VAL D 190 -7.80 25.70 -31.80
CA VAL D 190 -8.57 26.38 -30.78
C VAL D 190 -7.67 26.56 -29.58
N GLY D 191 -7.34 27.80 -29.25
CA GLY D 191 -6.70 28.08 -28.00
C GLY D 191 -5.43 27.31 -27.75
N GLU D 192 -4.56 27.22 -28.75
CA GLU D 192 -3.22 26.66 -28.58
C GLU D 192 -2.19 27.66 -29.07
N ARG D 193 -0.92 27.34 -28.85
CA ARG D 193 0.15 28.30 -29.07
C ARG D 193 0.06 28.92 -30.45
N THR D 194 0.63 30.11 -30.59
CA THR D 194 0.72 30.76 -31.89
C THR D 194 1.97 30.32 -32.63
N ARG D 195 3.05 30.05 -31.88
CA ARG D 195 4.24 29.47 -32.46
C ARG D 195 3.88 28.25 -33.29
N GLU D 196 3.09 27.35 -32.71
CA GLU D 196 2.63 26.19 -33.47
C GLU D 196 1.77 26.61 -34.64
N GLY D 197 1.04 27.71 -34.51
CA GLY D 197 0.26 28.18 -35.63
C GLY D 197 1.13 28.41 -36.85
N ASN D 198 2.15 29.24 -36.72
CA ASN D 198 2.94 29.49 -37.92
C ASN D 198 3.84 28.32 -38.26
N ASP D 199 4.20 27.47 -37.30
CA ASP D 199 4.96 26.28 -37.63
C ASP D 199 4.16 25.37 -38.55
N LEU D 200 2.88 25.18 -38.23
CA LEU D 200 1.99 24.44 -39.12
C LEU D 200 1.87 25.13 -40.46
N TYR D 201 1.69 26.45 -40.46
CA TYR D 201 1.56 27.18 -41.72
C TYR D 201 2.75 26.95 -42.62
N HIS D 202 3.96 27.12 -42.08
CA HIS D 202 5.17 26.97 -42.88
C HIS D 202 5.36 25.51 -43.32
N GLU D 203 5.12 24.56 -42.42
CA GLU D 203 5.26 23.17 -42.80
C GLU D 203 4.33 22.82 -43.95
N MET D 204 3.11 23.37 -43.93
CA MET D 204 2.15 23.06 -44.97
C MET D 204 2.50 23.74 -46.28
N ILE D 205 3.05 24.96 -46.21
CA ILE D 205 3.56 25.57 -47.44
C ILE D 205 4.67 24.72 -48.03
N GLU D 206 5.59 24.25 -47.19
CA GLU D 206 6.66 23.39 -47.68
C GLU D 206 6.10 22.14 -48.35
N SER D 207 5.18 21.45 -47.68
CA SER D 207 4.60 20.25 -48.27
C SER D 207 3.86 20.55 -49.55
N GLY D 208 3.47 21.79 -49.77
CA GLY D 208 2.72 22.16 -50.95
C GLY D 208 1.21 22.04 -50.82
N VAL D 209 0.71 21.53 -49.70
CA VAL D 209 -0.74 21.45 -49.53
C VAL D 209 -1.35 22.85 -49.58
N ILE D 210 -0.60 23.86 -49.15
CA ILE D 210 -1.00 25.25 -49.32
C ILE D 210 -0.07 25.86 -50.35
N ASN D 211 -0.65 26.50 -51.37
CA ASN D 211 0.12 27.21 -52.38
C ASN D 211 -0.32 28.66 -52.40
N LEU D 212 0.66 29.55 -52.46
CA LEU D 212 0.41 30.98 -52.49
C LEU D 212 0.47 31.56 -53.89
N LYS D 213 0.48 30.69 -54.91
CA LYS D 213 0.52 31.12 -56.31
C LYS D 213 -0.72 30.67 -57.07
N ASP D 214 -1.10 29.41 -56.96
CA ASP D 214 -2.25 28.85 -57.65
C ASP D 214 -3.37 28.56 -56.67
N ALA D 215 -4.52 28.21 -57.22
CA ALA D 215 -5.66 27.72 -56.43
C ALA D 215 -5.66 26.20 -56.41
N THR D 216 -4.61 25.63 -55.82
CA THR D 216 -4.46 24.19 -55.67
C THR D 216 -4.26 23.79 -54.22
N SER D 217 -4.58 24.67 -53.29
CA SER D 217 -4.45 24.33 -51.88
C SER D 217 -5.50 23.30 -51.50
N LYS D 218 -5.20 22.51 -50.48
CA LYS D 218 -6.11 21.49 -50.01
C LYS D 218 -6.57 21.69 -48.59
N VAL D 219 -5.91 22.54 -47.81
CA VAL D 219 -6.20 22.68 -46.39
C VAL D 219 -6.62 24.11 -46.11
N ALA D 220 -7.79 24.27 -45.49
CA ALA D 220 -8.15 25.53 -44.90
C ALA D 220 -7.70 25.56 -43.45
N LEU D 221 -7.44 26.75 -42.94
CA LEU D 221 -6.95 26.93 -41.59
C LEU D 221 -7.85 27.89 -40.85
N VAL D 222 -8.00 27.67 -39.55
CA VAL D 222 -8.75 28.56 -38.67
C VAL D 222 -8.00 28.61 -37.36
N TYR D 223 -7.89 29.79 -36.76
CA TYR D 223 -7.00 29.97 -35.63
C TYR D 223 -7.63 30.89 -34.59
N GLY D 224 -7.79 30.37 -33.38
CA GLY D 224 -8.21 31.17 -32.24
C GLY D 224 -7.18 31.07 -31.13
N GLN D 225 -5.91 31.09 -31.52
CA GLN D 225 -4.82 30.77 -30.62
C GLN D 225 -4.95 31.53 -29.30
N MET D 226 -4.35 30.99 -28.25
CA MET D 226 -4.73 31.31 -26.89
C MET D 226 -4.42 32.71 -26.49
N ASN D 227 -3.96 33.63 -27.33
CA ASN D 227 -3.87 35.02 -26.89
C ASN D 227 -5.18 35.77 -27.06
N GLU D 228 -6.19 35.14 -27.65
CA GLU D 228 -7.48 35.79 -27.89
C GLU D 228 -8.34 35.74 -26.63
N PRO D 229 -9.31 36.63 -26.51
CA PRO D 229 -10.16 36.65 -25.33
C PRO D 229 -10.99 35.38 -25.23
N PRO D 230 -11.46 35.02 -24.05
CA PRO D 230 -12.21 33.77 -23.93
C PRO D 230 -13.44 33.72 -24.80
N GLY D 231 -14.07 34.86 -25.06
CA GLY D 231 -15.23 34.85 -25.92
C GLY D 231 -14.92 34.35 -27.31
N ALA D 232 -13.69 34.55 -27.78
CA ALA D 232 -13.28 34.17 -29.13
C ALA D 232 -12.56 32.85 -29.18
N ARG D 233 -12.43 32.14 -28.07
CA ARG D 233 -11.95 30.77 -28.09
C ARG D 233 -13.05 29.75 -27.94
N ALA D 234 -14.21 30.17 -27.44
CA ALA D 234 -15.37 29.29 -27.39
C ALA D 234 -16.08 29.18 -28.72
N ARG D 235 -15.70 30.00 -29.71
CA ARG D 235 -16.40 30.04 -30.98
C ARG D 235 -15.53 29.68 -32.17
N VAL D 236 -14.21 29.83 -32.09
CA VAL D 236 -13.38 29.48 -33.23
C VAL D 236 -13.56 28.02 -33.60
N ALA D 237 -13.82 27.18 -32.60
CA ALA D 237 -14.17 25.79 -32.90
C ALA D 237 -15.35 25.75 -33.85
N LEU D 238 -16.35 26.60 -33.62
CA LEU D 238 -17.53 26.59 -34.47
C LEU D 238 -17.23 27.16 -35.84
N THR D 239 -16.28 28.08 -35.95
CA THR D 239 -15.88 28.58 -37.27
C THR D 239 -15.24 27.48 -38.11
N GLY D 240 -14.24 26.80 -37.55
CA GLY D 240 -13.65 25.70 -38.29
C GLY D 240 -14.68 24.63 -38.61
N LEU D 241 -15.55 24.36 -37.65
CA LEU D 241 -16.57 23.35 -37.85
C LEU D 241 -17.52 23.75 -38.97
N THR D 242 -17.83 25.04 -39.07
CA THR D 242 -18.69 25.53 -40.15
C THR D 242 -18.03 25.34 -41.51
N VAL D 243 -16.75 25.69 -41.61
CA VAL D 243 -16.07 25.53 -42.89
C VAL D 243 -16.10 24.07 -43.32
N ALA D 244 -15.79 23.16 -42.39
CA ALA D 244 -15.79 21.75 -42.74
C ALA D 244 -17.19 21.25 -43.03
N GLU D 245 -18.18 21.76 -42.32
CA GLU D 245 -19.56 21.35 -42.56
C GLU D 245 -19.99 21.75 -43.97
N TYR D 246 -19.54 22.91 -44.44
CA TYR D 246 -19.83 23.27 -45.82
C TYR D 246 -19.14 22.34 -46.79
N PHE D 247 -17.85 22.06 -46.58
CA PHE D 247 -17.18 21.15 -47.50
C PHE D 247 -17.81 19.77 -47.49
N ARG D 248 -18.51 19.39 -46.43
CA ARG D 248 -19.22 18.12 -46.43
C ARG D 248 -20.55 18.23 -47.17
N ASP D 249 -21.39 19.17 -46.76
CA ASP D 249 -22.74 19.23 -47.32
C ASP D 249 -22.73 19.71 -48.76
N GLN D 250 -22.36 20.97 -48.98
CA GLN D 250 -22.59 21.58 -50.28
C GLN D 250 -21.65 21.05 -51.35
N GLU D 251 -20.41 20.74 -50.99
CA GLU D 251 -19.43 20.27 -51.96
C GLU D 251 -19.45 18.76 -52.12
N GLY D 252 -20.26 18.04 -51.35
CA GLY D 252 -20.39 16.60 -51.51
C GLY D 252 -19.05 15.90 -51.55
N GLN D 253 -18.17 16.26 -50.62
CA GLN D 253 -16.78 15.83 -50.64
C GLN D 253 -16.49 15.03 -49.38
N ASP D 254 -15.23 14.59 -49.26
CA ASP D 254 -14.71 13.98 -48.05
C ASP D 254 -13.81 14.98 -47.37
N VAL D 255 -14.03 15.19 -46.07
CA VAL D 255 -13.34 16.23 -45.34
C VAL D 255 -12.59 15.62 -44.17
N LEU D 256 -11.38 16.13 -43.93
CA LEU D 256 -10.63 15.85 -42.71
C LEU D 256 -10.69 17.09 -41.84
N LEU D 257 -11.10 16.93 -40.59
CA LEU D 257 -11.25 18.06 -39.69
C LEU D 257 -10.36 17.82 -38.49
N PHE D 258 -9.30 18.60 -38.37
CA PHE D 258 -8.38 18.51 -37.25
C PHE D 258 -8.66 19.65 -36.29
N ILE D 259 -8.84 19.32 -35.02
CA ILE D 259 -9.07 20.32 -33.99
C ILE D 259 -8.03 20.11 -32.90
N ASP D 260 -7.46 21.20 -32.39
CA ASP D 260 -6.41 21.07 -31.40
C ASP D 260 -6.20 22.42 -30.72
N ASN D 261 -6.50 22.54 -29.43
CA ASN D 261 -7.22 21.57 -28.60
C ASN D 261 -8.70 21.73 -28.77
N ILE D 262 -9.47 20.81 -28.22
CA ILE D 262 -10.90 20.99 -28.05
C ILE D 262 -11.30 20.94 -26.58
N PHE D 263 -10.31 21.07 -25.71
CA PHE D 263 -10.57 21.35 -24.31
C PHE D 263 -10.50 22.84 -24.01
N ARG D 264 -9.73 23.57 -24.80
CA ARG D 264 -9.74 25.02 -24.66
C ARG D 264 -11.11 25.60 -24.95
N PHE D 265 -11.94 24.88 -25.72
CA PHE D 265 -13.30 25.33 -25.95
C PHE D 265 -14.11 25.34 -24.66
N THR D 266 -14.09 24.21 -23.93
CA THR D 266 -14.83 24.16 -22.67
C THR D 266 -14.20 25.07 -21.63
N GLN D 267 -12.88 25.17 -21.63
CA GLN D 267 -12.23 26.06 -20.68
C GLN D 267 -12.61 27.51 -20.94
N ALA D 268 -12.66 27.93 -22.20
CA ALA D 268 -13.02 29.29 -22.53
C ALA D 268 -14.48 29.56 -22.23
N GLY D 269 -15.34 28.54 -22.32
CA GLY D 269 -16.69 28.70 -21.82
C GLY D 269 -16.71 28.91 -20.32
N SER D 270 -15.94 28.09 -19.59
CA SER D 270 -15.87 28.20 -18.15
C SER D 270 -15.38 29.57 -17.70
N GLU D 271 -14.52 30.19 -18.49
CA GLU D 271 -13.94 31.46 -18.08
C GLU D 271 -15.00 32.56 -18.00
N VAL D 272 -15.96 32.55 -18.92
CA VAL D 272 -16.98 33.59 -18.95
C VAL D 272 -18.27 33.19 -18.27
N SER D 273 -18.47 31.90 -17.97
CA SER D 273 -19.76 31.50 -17.40
C SER D 273 -20.07 32.29 -16.14
N ALA D 274 -19.09 32.46 -15.26
CA ALA D 274 -19.36 33.08 -13.96
C ALA D 274 -19.87 34.51 -14.14
N LEU D 275 -19.28 35.25 -15.07
CA LEU D 275 -19.72 36.63 -15.30
C LEU D 275 -21.13 36.70 -15.86
N LEU D 276 -21.56 35.67 -16.57
CA LEU D 276 -22.93 35.57 -17.02
C LEU D 276 -23.88 35.23 -15.91
N GLY D 277 -23.43 35.23 -14.66
CA GLY D 277 -24.33 34.96 -13.55
C GLY D 277 -24.84 33.53 -13.56
N ARG D 278 -23.96 32.58 -13.35
CA ARG D 278 -24.32 31.17 -13.31
C ARG D 278 -23.63 30.52 -12.12
N ILE D 279 -24.37 29.71 -11.37
CA ILE D 279 -23.69 29.01 -10.28
C ILE D 279 -22.63 28.10 -10.87
N PRO D 280 -21.47 27.93 -10.25
CA PRO D 280 -20.44 27.08 -10.86
C PRO D 280 -20.60 25.61 -10.47
N SER D 281 -20.42 24.76 -11.46
CA SER D 281 -20.67 23.33 -11.32
C SER D 281 -19.50 22.62 -10.65
N ALA D 282 -19.42 21.31 -10.83
CA ALA D 282 -18.55 20.45 -10.05
C ALA D 282 -17.19 21.07 -9.75
N VAL D 283 -16.37 21.27 -10.78
CA VAL D 283 -14.96 21.57 -10.57
C VAL D 283 -14.68 22.97 -11.07
N GLY D 284 -15.65 23.87 -10.94
CA GLY D 284 -15.54 25.19 -11.47
C GLY D 284 -16.01 25.32 -12.91
N TYR D 285 -16.28 24.21 -13.57
CA TYR D 285 -16.79 24.26 -14.93
C TYR D 285 -18.20 24.84 -14.95
N GLN D 286 -18.59 25.39 -16.09
CA GLN D 286 -19.90 25.99 -16.19
C GLN D 286 -20.96 24.92 -15.96
N PRO D 287 -22.15 25.30 -15.48
CA PRO D 287 -23.19 24.29 -15.28
C PRO D 287 -23.58 23.61 -16.56
N THR D 288 -23.44 24.27 -17.70
CA THR D 288 -23.91 23.76 -18.98
C THR D 288 -22.80 23.10 -19.79
N LEU D 289 -21.90 22.39 -19.13
CA LEU D 289 -20.76 21.80 -19.83
C LEU D 289 -21.20 20.76 -20.83
N ALA D 290 -22.01 19.80 -20.38
CA ALA D 290 -22.32 18.65 -21.22
C ALA D 290 -23.08 19.05 -22.46
N THR D 291 -24.08 19.92 -22.32
CA THR D 291 -24.89 20.28 -23.49
C THR D 291 -24.18 21.25 -24.41
N ASP D 292 -23.37 22.15 -23.86
CA ASP D 292 -22.57 23.01 -24.73
C ASP D 292 -21.59 22.19 -25.54
N MET D 293 -21.08 21.10 -24.99
CA MET D 293 -20.23 20.21 -25.77
C MET D 293 -21.03 19.35 -26.72
N GLY D 294 -22.25 18.98 -26.34
CA GLY D 294 -23.07 18.17 -27.23
C GLY D 294 -23.53 18.93 -28.46
N THR D 295 -23.93 20.19 -28.29
CA THR D 295 -24.39 20.96 -29.43
C THR D 295 -23.28 21.28 -30.41
N MET D 296 -22.03 21.05 -30.04
CA MET D 296 -20.90 21.23 -30.94
C MET D 296 -20.40 19.90 -31.50
N GLN D 297 -20.16 18.94 -30.65
CA GLN D 297 -19.66 17.65 -31.08
C GLN D 297 -20.68 16.85 -31.79
N GLU D 298 -21.87 17.34 -32.08
CA GLU D 298 -22.79 16.62 -32.95
C GLU D 298 -23.09 17.36 -34.24
N ARG D 299 -22.28 18.34 -34.60
CA ARG D 299 -22.22 18.83 -35.96
C ARG D 299 -20.99 18.31 -36.68
N ILE D 300 -20.30 17.34 -36.09
CA ILE D 300 -19.08 16.78 -36.66
C ILE D 300 -19.27 15.36 -37.15
N THR D 301 -20.40 14.74 -36.87
CA THR D 301 -20.59 13.35 -37.27
C THR D 301 -20.68 13.23 -38.79
N THR D 302 -20.27 12.07 -39.29
CA THR D 302 -20.52 11.73 -40.68
C THR D 302 -22.01 11.51 -40.91
N THR D 303 -22.49 11.93 -42.07
CA THR D 303 -23.90 11.73 -42.40
C THR D 303 -24.04 11.04 -43.73
N LYS D 304 -25.26 10.96 -44.24
CA LYS D 304 -25.51 10.36 -45.55
C LYS D 304 -25.17 11.31 -46.69
N LYS D 305 -24.90 12.58 -46.39
CA LYS D 305 -24.58 13.55 -47.42
C LYS D 305 -23.08 13.67 -47.66
N GLY D 306 -22.28 13.46 -46.62
CA GLY D 306 -20.84 13.53 -46.77
C GLY D 306 -20.16 12.94 -45.56
N SER D 307 -18.84 12.92 -45.61
CA SER D 307 -18.02 12.24 -44.60
C SER D 307 -17.02 13.21 -44.02
N ILE D 308 -16.92 13.24 -42.69
CA ILE D 308 -15.92 14.03 -41.99
C ILE D 308 -15.14 13.09 -41.08
N THR D 309 -13.84 13.01 -41.29
CA THR D 309 -12.95 12.30 -40.38
C THR D 309 -12.34 13.32 -39.45
N SER D 310 -12.77 13.30 -38.19
CA SER D 310 -12.47 14.37 -37.26
C SER D 310 -11.48 13.87 -36.22
N VAL D 311 -10.29 14.46 -36.20
CA VAL D 311 -9.27 14.14 -35.22
C VAL D 311 -9.15 15.32 -34.29
N GLN D 312 -9.37 15.08 -33.00
CA GLN D 312 -9.40 16.14 -32.00
C GLN D 312 -8.37 15.84 -30.93
N ALA D 313 -7.55 16.82 -30.61
CA ALA D 313 -6.55 16.69 -29.55
C ALA D 313 -7.14 17.24 -28.26
N ILE D 314 -7.44 16.35 -27.32
CA ILE D 314 -8.12 16.73 -26.09
C ILE D 314 -7.11 16.79 -24.97
N TYR D 315 -6.90 17.97 -24.42
CA TYR D 315 -6.10 18.13 -23.23
C TYR D 315 -6.69 17.30 -22.10
N VAL D 316 -5.92 17.13 -21.04
CA VAL D 316 -6.39 16.43 -19.84
C VAL D 316 -5.71 17.07 -18.63
N PRO D 317 -6.37 17.97 -17.91
CA PRO D 317 -5.67 18.74 -16.88
C PRO D 317 -5.03 17.84 -15.84
N ALA D 318 -3.71 17.97 -15.70
CA ALA D 318 -2.96 17.21 -14.71
C ALA D 318 -3.08 15.71 -14.96
N ASP D 319 -3.27 15.32 -16.21
CA ASP D 319 -3.31 13.91 -16.59
C ASP D 319 -4.40 13.16 -15.83
N ASP D 320 -5.45 13.86 -15.45
CA ASP D 320 -6.58 13.27 -14.74
C ASP D 320 -7.70 13.02 -15.76
N LEU D 321 -7.86 11.76 -16.16
CA LEU D 321 -8.89 11.40 -17.11
C LEU D 321 -10.29 11.41 -16.50
N THR D 322 -10.39 11.59 -15.19
CA THR D 322 -11.68 11.67 -14.53
C THR D 322 -12.24 13.08 -14.50
N ASP D 323 -11.46 14.07 -14.93
CA ASP D 323 -11.92 15.44 -14.89
C ASP D 323 -13.18 15.58 -15.74
N PRO D 324 -14.10 16.46 -15.38
CA PRO D 324 -15.35 16.56 -16.14
C PRO D 324 -15.15 16.82 -17.62
N ALA D 325 -14.13 17.56 -18.02
CA ALA D 325 -14.00 17.84 -19.45
C ALA D 325 -13.73 16.57 -20.23
N PRO D 326 -12.58 15.90 -20.05
CA PRO D 326 -12.37 14.64 -20.77
C PRO D 326 -13.39 13.57 -20.41
N ALA D 327 -13.82 13.52 -19.15
CA ALA D 327 -14.79 12.51 -18.76
C ALA D 327 -16.07 12.64 -19.56
N THR D 328 -16.48 13.86 -19.86
CA THR D 328 -17.64 14.05 -20.72
C THR D 328 -17.29 13.77 -22.17
N THR D 329 -16.12 14.22 -22.63
CA THR D 329 -15.80 14.07 -24.04
C THR D 329 -15.68 12.60 -24.45
N PHE D 330 -15.43 11.71 -23.50
CA PHE D 330 -15.27 10.31 -23.87
C PHE D 330 -16.49 9.73 -24.57
N ALA D 331 -17.66 10.31 -24.36
CA ALA D 331 -18.89 9.76 -24.94
C ALA D 331 -19.10 10.19 -26.38
N HIS D 332 -18.26 11.08 -26.90
CA HIS D 332 -18.44 11.66 -28.22
C HIS D 332 -17.38 11.21 -29.20
N LEU D 333 -16.84 10.01 -29.04
CA LEU D 333 -15.74 9.57 -29.88
C LEU D 333 -15.96 8.13 -30.31
N ASP D 334 -15.41 7.79 -31.46
CA ASP D 334 -15.32 6.40 -31.90
C ASP D 334 -14.05 5.76 -31.36
N ALA D 335 -12.90 6.34 -31.69
CA ALA D 335 -11.61 5.83 -31.28
C ALA D 335 -10.96 6.82 -30.33
N THR D 336 -10.64 6.37 -29.13
CA THR D 336 -9.98 7.19 -28.13
C THR D 336 -8.59 6.64 -27.90
N THR D 337 -7.57 7.44 -28.15
CA THR D 337 -6.18 7.00 -28.09
C THR D 337 -5.46 7.74 -26.98
N VAL D 338 -5.52 7.20 -25.76
CA VAL D 338 -5.12 7.91 -24.56
C VAL D 338 -3.60 7.86 -24.44
N LEU D 339 -2.94 8.95 -24.82
CA LEU D 339 -1.51 9.05 -24.55
C LEU D 339 -1.28 9.10 -23.05
N SER D 340 -0.15 8.57 -22.62
CA SER D 340 0.20 8.46 -21.22
C SER D 340 1.59 9.02 -21.00
N ARG D 341 1.80 9.64 -19.85
CA ARG D 341 3.13 10.14 -19.51
C ARG D 341 3.99 9.10 -18.83
N ALA D 342 3.38 8.10 -18.20
CA ALA D 342 4.15 7.00 -17.65
C ALA D 342 4.88 6.24 -18.75
N ILE D 343 4.29 6.20 -19.94
CA ILE D 343 4.88 5.48 -21.06
C ILE D 343 5.72 6.40 -21.95
N ALA D 344 5.50 7.70 -21.89
CA ALA D 344 6.30 8.63 -22.66
C ALA D 344 7.64 8.91 -22.00
N GLU D 345 7.77 8.61 -20.72
CA GLU D 345 9.03 8.79 -20.01
C GLU D 345 9.89 7.54 -20.01
N LEU D 346 9.43 6.47 -20.67
CA LEU D 346 10.27 5.34 -21.00
C LEU D 346 10.86 5.46 -22.39
N GLY D 347 10.60 6.57 -23.08
CA GLY D 347 11.08 6.73 -24.43
C GLY D 347 10.21 6.08 -25.48
N ILE D 348 9.04 5.59 -25.12
CA ILE D 348 8.17 4.88 -26.07
C ILE D 348 7.30 5.94 -26.72
N TYR D 349 7.86 6.62 -27.71
CA TYR D 349 7.08 7.60 -28.47
C TYR D 349 6.62 6.98 -29.78
N PRO D 350 5.33 7.04 -30.15
CA PRO D 350 4.21 7.72 -29.52
C PRO D 350 3.90 7.14 -28.18
N ALA D 351 3.43 8.00 -27.27
CA ALA D 351 3.25 7.61 -25.89
C ALA D 351 2.01 6.77 -25.66
N VAL D 352 1.31 6.37 -26.72
CA VAL D 352 -0.03 5.81 -26.56
C VAL D 352 0.00 4.76 -25.47
N ASP D 353 -1.10 4.70 -24.71
CA ASP D 353 -1.28 3.66 -23.72
C ASP D 353 -2.02 2.50 -24.39
N PRO D 354 -1.41 1.33 -24.55
CA PRO D 354 -2.07 0.27 -25.31
C PRO D 354 -3.30 -0.29 -24.63
N LEU D 355 -3.51 0.01 -23.35
CA LEU D 355 -4.65 -0.50 -22.60
C LEU D 355 -5.78 0.50 -22.45
N ASP D 356 -5.48 1.79 -22.28
CA ASP D 356 -6.55 2.77 -22.27
C ASP D 356 -7.11 3.03 -23.66
N SER D 357 -6.29 2.90 -24.69
CA SER D 357 -6.76 3.14 -26.04
C SER D 357 -7.89 2.19 -26.40
N THR D 358 -8.87 2.68 -27.16
CA THR D 358 -10.04 1.89 -27.49
C THR D 358 -10.53 2.32 -28.86
N SER D 359 -11.30 1.44 -29.50
CA SER D 359 -11.93 1.78 -30.75
C SER D 359 -13.24 1.03 -30.90
N ARG D 360 -14.13 1.59 -31.70
CA ARG D 360 -15.43 0.98 -31.93
C ARG D 360 -15.37 -0.09 -33.00
N ILE D 361 -14.42 -0.01 -33.92
CA ILE D 361 -14.29 -0.97 -35.00
C ILE D 361 -13.31 -2.08 -34.65
N MET D 362 -13.07 -2.30 -33.37
CA MET D 362 -12.28 -3.45 -32.93
C MET D 362 -13.19 -4.63 -32.62
N ASP D 363 -13.94 -5.05 -33.62
CA ASP D 363 -14.74 -6.25 -33.56
C ASP D 363 -14.33 -7.16 -34.71
N PRO D 364 -14.10 -8.45 -34.46
CA PRO D 364 -13.53 -9.30 -35.52
C PRO D 364 -14.29 -9.25 -36.82
N ASN D 365 -15.57 -8.88 -36.80
CA ASN D 365 -16.32 -8.74 -38.04
C ASN D 365 -15.82 -7.58 -38.89
N ILE D 366 -15.05 -6.67 -38.31
CA ILE D 366 -14.59 -5.48 -39.03
C ILE D 366 -13.08 -5.42 -39.19
N VAL D 367 -12.33 -6.32 -38.57
CA VAL D 367 -10.88 -6.38 -38.75
C VAL D 367 -10.45 -7.82 -39.00
N GLY D 368 -11.32 -8.78 -38.72
CA GLY D 368 -11.01 -10.16 -38.99
C GLY D 368 -10.30 -10.83 -37.83
N SER D 369 -10.32 -12.16 -37.85
CA SER D 369 -9.83 -12.93 -36.71
C SER D 369 -8.35 -12.73 -36.49
N GLU D 370 -7.56 -12.67 -37.57
CA GLU D 370 -6.12 -12.52 -37.40
C GLU D 370 -5.80 -11.25 -36.63
N HIS D 371 -6.30 -10.11 -37.09
CA HIS D 371 -5.97 -8.84 -36.47
C HIS D 371 -6.55 -8.76 -35.06
N TYR D 372 -7.80 -9.17 -34.90
CA TYR D 372 -8.42 -9.09 -33.58
C TYR D 372 -7.65 -9.92 -32.56
N ASP D 373 -7.30 -11.15 -32.92
CA ASP D 373 -6.64 -12.00 -31.94
C ASP D 373 -5.20 -11.58 -31.71
N VAL D 374 -4.53 -11.02 -32.72
CA VAL D 374 -3.20 -10.45 -32.46
C VAL D 374 -3.30 -9.34 -31.43
N ALA D 375 -4.25 -8.43 -31.62
CA ALA D 375 -4.38 -7.31 -30.71
C ALA D 375 -4.75 -7.77 -29.30
N ARG D 376 -5.68 -8.71 -29.20
CA ARG D 376 -6.06 -9.16 -27.87
C ARG D 376 -4.95 -9.94 -27.19
N GLY D 377 -4.13 -10.66 -27.95
CA GLY D 377 -2.95 -11.26 -27.35
C GLY D 377 -2.00 -10.21 -26.82
N VAL D 378 -1.81 -9.13 -27.59
CA VAL D 378 -0.93 -8.06 -27.13
C VAL D 378 -1.44 -7.48 -25.82
N GLN D 379 -2.73 -7.18 -25.76
CA GLN D 379 -3.28 -6.59 -24.55
C GLN D 379 -3.19 -7.56 -23.37
N LYS D 380 -3.49 -8.82 -23.59
CA LYS D 380 -3.37 -9.79 -22.51
C LYS D 380 -1.95 -9.84 -21.98
N ILE D 381 -0.95 -9.84 -22.87
CA ILE D 381 0.42 -9.97 -22.40
C ILE D 381 0.84 -8.72 -21.65
N LEU D 382 0.43 -7.54 -22.12
CA LEU D 382 0.81 -6.32 -21.42
C LEU D 382 0.18 -6.28 -20.03
N GLN D 383 -1.08 -6.70 -19.91
CA GLN D 383 -1.71 -6.70 -18.60
C GLN D 383 -1.06 -7.72 -17.68
N ASP D 384 -0.71 -8.89 -18.19
CA ASP D 384 -0.02 -9.87 -17.36
C ASP D 384 1.33 -9.35 -16.90
N TYR D 385 2.01 -8.61 -17.77
CA TYR D 385 3.27 -7.98 -17.37
C TYR D 385 3.05 -6.99 -16.24
N LYS D 386 1.99 -6.20 -16.32
CA LYS D 386 1.68 -5.30 -15.21
C LYS D 386 1.43 -6.07 -13.93
N SER D 387 0.73 -7.20 -14.03
CA SER D 387 0.48 -8.00 -12.84
C SER D 387 1.79 -8.49 -12.22
N LEU D 388 2.72 -8.94 -13.06
CA LEU D 388 3.99 -9.43 -12.51
C LEU D 388 4.82 -8.31 -11.90
N GLN D 389 4.76 -7.11 -12.46
CA GLN D 389 5.60 -6.04 -11.94
C GLN D 389 5.40 -5.85 -10.45
N ASP D 390 4.20 -6.15 -9.95
CA ASP D 390 3.98 -6.09 -8.51
C ASP D 390 4.89 -7.06 -7.77
N ILE D 391 5.20 -8.19 -8.39
CA ILE D 391 6.01 -9.23 -7.74
C ILE D 391 7.49 -8.96 -7.93
N ILE D 392 7.91 -8.63 -9.14
CA ILE D 392 9.32 -8.37 -9.39
C ILE D 392 9.87 -7.31 -8.45
N ALA D 393 9.01 -6.52 -7.82
CA ALA D 393 9.47 -5.44 -6.97
C ALA D 393 9.83 -5.91 -5.56
N ILE D 394 9.43 -7.11 -5.18
CA ILE D 394 9.79 -7.68 -3.89
C ILE D 394 10.89 -8.71 -4.11
N LEU D 395 10.56 -9.75 -4.87
CA LEU D 395 11.54 -10.78 -5.19
C LEU D 395 12.80 -10.19 -5.80
N GLY D 396 12.64 -9.58 -6.96
CA GLY D 396 13.71 -9.48 -7.93
C GLY D 396 13.51 -10.46 -9.06
N MET D 397 14.02 -10.11 -10.22
CA MET D 397 13.69 -10.87 -11.41
C MET D 397 14.18 -12.31 -11.32
N ASP D 398 15.28 -12.54 -10.62
CA ASP D 398 15.87 -13.88 -10.63
C ASP D 398 14.93 -14.91 -10.03
N GLU D 399 14.31 -14.59 -8.89
CA GLU D 399 13.49 -15.56 -8.18
C GLU D 399 12.17 -15.87 -8.88
N LEU D 400 11.89 -15.25 -10.03
CA LEU D 400 10.64 -15.52 -10.73
C LEU D 400 10.57 -16.97 -11.17
N SER D 401 9.43 -17.37 -11.72
CA SER D 401 9.32 -18.66 -12.39
C SER D 401 10.18 -18.66 -13.65
N GLU D 402 10.15 -19.79 -14.36
CA GLU D 402 10.86 -19.89 -15.63
C GLU D 402 9.94 -19.67 -16.82
N GLU D 403 8.64 -19.91 -16.66
CA GLU D 403 7.68 -19.56 -17.70
C GLU D 403 7.32 -18.09 -17.64
N ASP D 404 7.57 -17.42 -16.52
CA ASP D 404 7.23 -16.01 -16.42
C ASP D 404 8.25 -15.13 -17.13
N LYS D 405 9.53 -15.26 -16.78
CA LYS D 405 10.55 -14.48 -17.43
C LYS D 405 10.35 -14.45 -18.94
N LEU D 406 9.81 -15.53 -19.51
CA LEU D 406 9.44 -15.51 -20.91
C LEU D 406 8.38 -14.46 -21.18
N THR D 407 7.32 -14.43 -20.36
CA THR D 407 6.25 -13.47 -20.59
C THR D 407 6.73 -12.04 -20.37
N VAL D 408 7.59 -11.82 -19.38
CA VAL D 408 8.08 -10.48 -19.15
C VAL D 408 8.96 -10.03 -20.30
N SER D 409 9.81 -10.93 -20.80
CA SER D 409 10.65 -10.57 -21.95
C SER D 409 9.81 -10.30 -23.18
N ARG D 410 8.77 -11.10 -23.41
CA ARG D 410 7.89 -10.85 -24.54
C ARG D 410 7.16 -9.53 -24.39
N ALA D 411 6.69 -9.22 -23.18
CA ALA D 411 6.00 -7.96 -22.97
C ALA D 411 6.93 -6.79 -23.19
N ARG D 412 8.16 -6.88 -22.71
CA ARG D 412 9.12 -5.81 -22.98
C ARG D 412 9.39 -5.67 -24.46
N LYS D 413 9.53 -6.78 -25.16
CA LYS D 413 9.75 -6.72 -26.61
C LYS D 413 8.60 -6.02 -27.30
N ILE D 414 7.36 -6.40 -26.96
CA ILE D 414 6.20 -5.79 -27.59
C ILE D 414 6.12 -4.31 -27.25
N GLN D 415 6.34 -3.97 -25.99
CA GLN D 415 6.25 -2.59 -25.55
C GLN D 415 7.24 -1.72 -26.30
N ARG D 416 8.45 -2.21 -26.50
CA ARG D 416 9.41 -1.45 -27.29
C ARG D 416 9.01 -1.44 -28.76
N PHE D 417 8.43 -2.53 -29.25
CA PHE D 417 8.10 -2.61 -30.67
C PHE D 417 6.98 -1.65 -31.05
N LEU D 418 6.12 -1.29 -30.10
CA LEU D 418 5.04 -0.37 -30.42
C LEU D 418 5.52 1.06 -30.65
N SER D 419 6.75 1.40 -30.29
CA SER D 419 7.29 2.70 -30.60
C SER D 419 7.58 2.80 -32.10
N GLN D 420 7.90 4.01 -32.54
CA GLN D 420 8.07 4.23 -33.97
C GLN D 420 8.67 5.61 -34.23
N PRO D 421 9.57 5.74 -35.21
CA PRO D 421 10.12 7.06 -35.51
C PRO D 421 9.28 7.81 -36.51
N PHE D 422 8.81 9.00 -36.13
CA PHE D 422 7.86 9.74 -36.93
C PHE D 422 8.56 10.65 -37.93
N GLN D 423 7.85 10.94 -39.02
CA GLN D 423 8.42 11.79 -40.06
C GLN D 423 8.63 13.21 -39.58
N VAL D 424 7.81 13.68 -38.64
CA VAL D 424 7.98 15.03 -38.10
C VAL D 424 8.90 15.06 -36.89
N ALA D 425 9.25 13.90 -36.34
CA ALA D 425 10.16 13.83 -35.20
C ALA D 425 11.60 13.63 -35.64
N GLU D 426 11.92 13.88 -36.91
CA GLU D 426 13.30 13.81 -37.36
C GLU D 426 14.19 14.80 -36.62
N VAL D 427 13.60 15.86 -36.06
CA VAL D 427 14.39 16.87 -35.36
C VAL D 427 14.56 16.56 -33.88
N PHE D 428 13.69 15.74 -33.30
CA PHE D 428 13.85 15.35 -31.90
C PHE D 428 14.84 14.20 -31.77
N THR D 429 14.53 13.07 -32.39
CA THR D 429 15.36 11.88 -32.25
C THR D 429 16.48 11.79 -33.27
N GLY D 430 16.41 12.55 -34.36
CA GLY D 430 17.37 12.42 -35.43
C GLY D 430 17.19 11.20 -36.30
N HIS D 431 16.06 10.50 -36.17
CA HIS D 431 15.81 9.28 -36.91
C HIS D 431 15.16 9.61 -38.24
N LEU D 432 14.78 8.58 -39.00
CA LEU D 432 14.10 8.73 -40.27
C LEU D 432 12.68 8.23 -40.13
N GLY D 433 11.73 8.97 -40.70
CA GLY D 433 10.34 8.61 -40.56
C GLY D 433 10.05 7.24 -41.14
N LYS D 434 9.15 6.52 -40.47
CA LYS D 434 8.77 5.18 -40.90
C LYS D 434 7.26 5.07 -40.98
N LEU D 435 6.78 4.38 -42.00
CA LEU D 435 5.39 3.96 -42.10
C LEU D 435 5.34 2.45 -42.13
N VAL D 436 4.23 1.89 -41.66
CA VAL D 436 4.12 0.44 -41.56
C VAL D 436 2.74 0.02 -42.03
N PRO D 437 2.60 -0.64 -43.18
CA PRO D 437 1.28 -1.09 -43.62
C PRO D 437 0.71 -2.09 -42.63
N LEU D 438 -0.62 -2.05 -42.48
CA LEU D 438 -1.28 -2.79 -41.41
C LEU D 438 -0.84 -4.25 -41.39
N LYS D 439 -0.82 -4.90 -42.56
CA LYS D 439 -0.50 -6.31 -42.61
C LYS D 439 0.86 -6.57 -41.97
N GLU D 440 1.80 -5.64 -42.14
CA GLU D 440 3.12 -5.87 -41.59
C GLU D 440 3.11 -5.74 -40.07
N THR D 441 2.36 -4.79 -39.53
CA THR D 441 2.24 -4.71 -38.08
C THR D 441 1.68 -6.01 -37.53
N ILE D 442 0.65 -6.56 -38.18
CA ILE D 442 0.08 -7.80 -37.71
C ILE D 442 1.12 -8.92 -37.79
N LYS D 443 1.87 -8.98 -38.88
CA LYS D 443 2.91 -10.00 -39.00
C LYS D 443 3.90 -9.89 -37.86
N GLY D 444 4.39 -8.68 -37.60
CA GLY D 444 5.41 -8.51 -36.60
C GLY D 444 4.94 -8.90 -35.22
N PHE D 445 3.72 -8.50 -34.86
CA PHE D 445 3.25 -8.83 -33.52
C PHE D 445 2.89 -10.30 -33.40
N GLN D 446 2.38 -10.92 -34.46
CA GLN D 446 2.20 -12.37 -34.45
C GLN D 446 3.52 -13.05 -34.15
N GLN D 447 4.57 -12.67 -34.88
CA GLN D 447 5.85 -13.32 -34.69
C GLN D 447 6.37 -13.10 -33.27
N ILE D 448 6.27 -11.88 -32.74
CA ILE D 448 6.79 -11.62 -31.41
C ILE D 448 6.04 -12.45 -30.38
N LEU D 449 4.72 -12.50 -30.47
CA LEU D 449 3.93 -13.26 -29.50
C LEU D 449 4.19 -14.75 -29.62
N ALA D 450 4.43 -15.24 -30.84
CA ALA D 450 4.66 -16.67 -31.02
C ALA D 450 6.03 -17.10 -30.52
N GLY D 451 6.94 -16.16 -30.32
CA GLY D 451 8.27 -16.47 -29.84
C GLY D 451 9.32 -16.59 -30.92
N GLU D 452 8.99 -16.25 -32.17
CA GLU D 452 9.95 -16.42 -33.24
C GLU D 452 11.14 -15.48 -33.12
N TYR D 453 11.04 -14.45 -32.28
CA TYR D 453 12.15 -13.54 -32.07
C TYR D 453 12.62 -13.56 -30.61
N ASP D 454 12.33 -14.63 -29.90
CA ASP D 454 12.63 -14.66 -28.47
C ASP D 454 14.12 -14.66 -28.22
N HIS D 455 14.95 -14.84 -29.24
CA HIS D 455 16.40 -14.84 -29.07
C HIS D 455 17.01 -13.46 -29.20
N LEU D 456 16.32 -12.50 -29.82
CA LEU D 456 16.89 -11.19 -30.06
C LEU D 456 16.88 -10.34 -28.81
N PRO D 457 17.77 -9.36 -28.70
CA PRO D 457 17.72 -8.42 -27.58
C PRO D 457 16.53 -7.50 -27.68
N GLU D 458 16.16 -6.91 -26.54
CA GLU D 458 15.04 -6.00 -26.49
C GLU D 458 15.33 -4.71 -27.24
N GLN D 459 16.49 -4.12 -27.02
CA GLN D 459 16.84 -2.88 -27.69
C GLN D 459 16.90 -3.01 -29.20
N ALA D 460 16.68 -4.20 -29.75
CA ALA D 460 16.56 -4.35 -31.19
C ALA D 460 15.22 -3.83 -31.71
N PHE D 461 14.21 -3.73 -30.86
CA PHE D 461 12.87 -3.35 -31.27
C PHE D 461 12.55 -1.89 -30.96
N TYR D 462 13.52 -1.12 -30.48
CA TYR D 462 13.26 0.25 -30.06
C TYR D 462 13.39 1.18 -31.25
N MET D 463 12.29 1.86 -31.59
CA MET D 463 12.29 2.89 -32.63
C MET D 463 12.64 2.31 -34.00
N VAL D 464 11.93 1.26 -34.38
CA VAL D 464 12.09 0.64 -35.69
C VAL D 464 10.71 0.46 -36.32
N GLY D 465 10.69 0.51 -37.64
CA GLY D 465 9.47 0.28 -38.37
C GLY D 465 9.21 -1.21 -38.45
N PRO D 466 8.91 -1.73 -39.65
CA PRO D 466 8.56 -3.16 -39.75
C PRO D 466 9.57 -4.06 -39.05
N ILE D 467 9.16 -5.29 -38.76
CA ILE D 467 9.97 -6.18 -37.94
C ILE D 467 11.31 -6.49 -38.60
N GLU D 468 11.34 -6.57 -39.93
CA GLU D 468 12.60 -6.83 -40.61
C GLU D 468 13.65 -5.82 -40.20
N GLU D 469 13.25 -4.56 -40.01
CA GLU D 469 14.19 -3.58 -39.46
C GLU D 469 14.63 -3.98 -38.06
N ALA D 470 13.77 -4.67 -37.31
CA ALA D 470 14.18 -5.14 -36.00
C ALA D 470 15.31 -6.13 -36.12
N VAL D 471 15.22 -7.07 -37.06
CA VAL D 471 16.29 -8.06 -37.19
C VAL D 471 17.58 -7.40 -37.70
N ALA D 472 17.45 -6.46 -38.64
CA ALA D 472 18.64 -5.74 -39.11
C ALA D 472 19.31 -4.99 -37.96
N LYS D 473 18.50 -4.34 -37.11
CA LYS D 473 19.06 -3.62 -35.97
C LYS D 473 19.71 -4.58 -34.99
N ALA D 474 19.13 -5.75 -34.79
CA ALA D 474 19.75 -6.74 -33.91
C ALA D 474 21.12 -7.12 -34.43
N ASP D 475 21.22 -7.37 -35.74
CA ASP D 475 22.54 -7.61 -36.32
C ASP D 475 23.48 -6.46 -36.00
N LYS D 476 23.16 -5.26 -36.48
CA LYS D 476 24.08 -4.15 -36.36
C LYS D 476 24.45 -3.87 -34.90
N LEU D 477 23.59 -4.25 -33.96
CA LEU D 477 23.92 -4.11 -32.55
C LEU D 477 24.87 -5.21 -32.09
N ALA D 478 24.73 -6.43 -32.61
CA ALA D 478 25.62 -7.51 -32.22
C ALA D 478 26.99 -7.39 -32.87
N GLU D 479 27.08 -6.73 -34.03
CA GLU D 479 28.38 -6.55 -34.66
C GLU D 479 29.30 -5.69 -33.78
N GLU D 480 28.81 -4.52 -33.36
CA GLU D 480 29.62 -3.63 -32.56
C GLU D 480 29.83 -4.12 -31.14
N HIS D 481 29.13 -5.17 -30.72
CA HIS D 481 29.19 -5.68 -29.35
C HIS D 481 30.61 -5.72 -28.82
N THR E 13 -57.76 28.44 9.88
CA THR E 13 -57.14 29.47 9.06
C THR E 13 -56.67 28.93 7.73
N THR E 14 -56.95 29.68 6.66
CA THR E 14 -56.69 29.26 5.30
C THR E 14 -55.72 30.23 4.65
N GLY E 15 -54.51 29.78 4.39
CA GLY E 15 -53.56 30.52 3.58
C GLY E 15 -53.64 30.08 2.13
N ARG E 16 -52.76 30.66 1.33
CA ARG E 16 -52.71 30.32 -0.08
C ARG E 16 -51.27 30.03 -0.46
N ILE E 17 -51.07 29.08 -1.36
CA ILE E 17 -49.75 28.82 -1.89
C ILE E 17 -49.29 30.02 -2.69
N VAL E 18 -47.99 30.33 -2.63
CA VAL E 18 -47.46 31.41 -3.44
C VAL E 18 -46.22 30.97 -4.18
N ALA E 19 -45.63 29.85 -3.80
CA ALA E 19 -44.54 29.34 -4.59
C ALA E 19 -44.44 27.84 -4.46
N VAL E 20 -43.99 27.18 -5.51
CA VAL E 20 -43.76 25.74 -5.51
C VAL E 20 -42.43 25.51 -6.19
N ILE E 21 -41.34 25.51 -5.42
CA ILE E 21 -40.01 25.34 -5.96
C ILE E 21 -39.60 23.91 -5.65
N GLY E 22 -39.69 23.03 -6.63
CA GLY E 22 -39.35 21.65 -6.39
C GLY E 22 -40.30 21.06 -5.36
N ALA E 23 -39.73 20.54 -4.27
CA ALA E 23 -40.51 19.96 -3.19
C ALA E 23 -40.63 20.91 -2.00
N VAL E 24 -40.39 22.20 -2.22
CA VAL E 24 -40.50 23.21 -1.17
C VAL E 24 -41.60 24.17 -1.57
N VAL E 25 -42.68 24.17 -0.80
CA VAL E 25 -43.81 25.04 -1.08
C VAL E 25 -43.68 26.26 -0.17
N ASP E 26 -44.30 27.36 -0.57
CA ASP E 26 -44.32 28.58 0.22
C ASP E 26 -45.74 29.10 0.23
N VAL E 27 -46.31 29.22 1.43
CA VAL E 27 -47.72 29.53 1.64
C VAL E 27 -47.84 30.89 2.29
N GLN E 28 -48.82 31.66 1.87
CA GLN E 28 -48.98 33.04 2.32
C GLN E 28 -50.27 33.17 3.11
N PHE E 29 -50.18 32.97 4.42
CA PHE E 29 -51.31 33.24 5.30
C PHE E 29 -51.47 34.75 5.47
N ASP E 30 -52.66 35.15 5.93
CA ASP E 30 -52.89 36.54 6.29
C ASP E 30 -53.30 36.72 7.74
N GLU E 31 -54.35 36.03 8.19
CA GLU E 31 -54.94 36.33 9.49
C GLU E 31 -53.99 35.99 10.62
N GLY E 32 -53.38 34.82 10.59
CA GLY E 32 -52.47 34.41 11.64
C GLY E 32 -51.66 33.19 11.25
N LEU E 33 -50.34 33.27 11.42
CA LEU E 33 -49.45 32.25 10.93
C LEU E 33 -49.49 31.00 11.81
N PRO E 34 -49.11 29.85 11.26
CA PRO E 34 -48.96 28.67 12.07
C PRO E 34 -47.56 28.57 12.63
N PRO E 35 -47.39 28.24 13.90
CA PRO E 35 -46.04 28.09 14.43
C PRO E 35 -45.29 26.97 13.72
N ILE E 36 -43.97 27.10 13.68
CA ILE E 36 -43.14 26.15 12.94
C ILE E 36 -43.53 24.73 13.32
N LEU E 37 -43.44 23.82 12.37
CA LEU E 37 -43.72 22.39 12.48
C LEU E 37 -45.19 22.04 12.40
N ASN E 38 -46.11 23.00 12.28
CA ASN E 38 -47.50 22.65 12.05
C ASN E 38 -47.68 22.00 10.70
N ALA E 39 -48.64 21.10 10.63
CA ALA E 39 -48.99 20.41 9.40
C ALA E 39 -50.14 21.13 8.74
N LEU E 40 -50.00 21.44 7.46
CA LEU E 40 -51.03 22.08 6.67
C LEU E 40 -51.55 21.09 5.63
N GLU E 41 -52.85 21.09 5.43
CA GLU E 41 -53.50 20.27 4.41
C GLU E 41 -53.67 21.11 3.15
N VAL E 42 -53.16 20.62 2.02
CA VAL E 42 -53.35 21.33 0.77
C VAL E 42 -54.71 20.96 0.20
N GLN E 43 -55.59 21.95 0.07
CA GLN E 43 -56.94 21.72 -0.39
C GLN E 43 -56.98 21.59 -1.91
N GLY E 44 -57.73 20.63 -2.40
CA GLY E 44 -57.94 20.47 -3.83
C GLY E 44 -57.20 19.33 -4.47
N ARG E 45 -56.46 18.53 -3.70
CA ARG E 45 -55.86 17.31 -4.21
C ARG E 45 -56.80 16.13 -3.97
N GLU E 46 -56.45 14.99 -4.56
CA GLU E 46 -57.13 13.74 -4.26
C GLU E 46 -56.36 12.89 -3.26
N THR E 47 -55.05 12.75 -3.47
CA THR E 47 -54.21 12.19 -2.44
C THR E 47 -53.92 13.26 -1.40
N ARG E 48 -53.91 12.85 -0.14
CA ARG E 48 -53.73 13.80 0.97
C ARG E 48 -52.32 14.35 0.91
N LEU E 49 -52.17 15.60 0.46
CA LEU E 49 -50.89 16.28 0.51
C LEU E 49 -50.79 17.08 1.79
N VAL E 50 -49.72 16.85 2.54
CA VAL E 50 -49.52 17.48 3.84
C VAL E 50 -48.17 18.20 3.81
N LEU E 51 -48.19 19.49 4.03
CA LEU E 51 -46.97 20.28 4.16
C LEU E 51 -46.66 20.45 5.64
N GLU E 52 -45.39 20.71 5.93
CA GLU E 52 -44.96 20.94 7.30
C GLU E 52 -44.12 22.21 7.32
N VAL E 53 -44.54 23.20 8.11
CA VAL E 53 -43.83 24.46 8.12
C VAL E 53 -42.38 24.23 8.54
N ALA E 54 -41.49 25.09 8.06
CA ALA E 54 -40.10 25.02 8.48
C ALA E 54 -39.47 26.38 8.72
N GLN E 55 -40.10 27.48 8.30
CA GLN E 55 -39.56 28.80 8.53
C GLN E 55 -40.68 29.81 8.51
N HIS E 56 -40.36 31.02 8.94
CA HIS E 56 -41.20 32.18 8.71
C HIS E 56 -40.36 33.20 7.97
N LEU E 57 -40.81 33.62 6.80
CA LEU E 57 -40.03 34.50 5.94
C LEU E 57 -40.50 35.94 6.02
N GLY E 58 -41.31 36.29 7.02
CA GLY E 58 -41.83 37.63 7.12
C GLY E 58 -42.85 37.88 6.04
N GLU E 59 -43.78 38.81 6.29
CA GLU E 59 -44.87 39.09 5.37
C GLU E 59 -45.90 37.98 5.38
N SER E 60 -46.15 37.39 6.54
CA SER E 60 -47.20 36.41 6.70
C SER E 60 -47.06 35.29 5.69
N THR E 61 -45.82 34.86 5.44
CA THR E 61 -45.55 33.74 4.57
C THR E 61 -44.65 32.76 5.30
N VAL E 62 -44.89 31.48 5.05
CA VAL E 62 -44.18 30.39 5.72
C VAL E 62 -43.69 29.42 4.66
N ARG E 63 -42.45 28.97 4.81
CA ARG E 63 -41.86 28.04 3.86
C ARG E 63 -42.05 26.63 4.39
N THR E 64 -42.88 25.86 3.71
CA THR E 64 -43.25 24.53 4.14
C THR E 64 -42.56 23.50 3.28
N ILE E 65 -42.14 22.40 3.90
CA ILE E 65 -41.57 21.26 3.19
C ILE E 65 -42.70 20.27 2.96
N ALA E 66 -42.86 19.82 1.72
CA ALA E 66 -43.99 19.00 1.34
C ALA E 66 -43.70 17.53 1.59
N MET E 67 -44.72 16.81 2.06
CA MET E 67 -44.60 15.40 2.41
C MET E 67 -45.10 14.47 1.31
N ASP E 68 -45.21 14.96 0.09
CA ASP E 68 -45.66 14.14 -1.03
C ASP E 68 -45.45 14.94 -2.31
N GLY E 69 -45.55 14.25 -3.43
CA GLY E 69 -45.27 14.87 -4.71
C GLY E 69 -46.02 16.16 -4.93
N THR E 70 -45.32 17.20 -5.35
CA THR E 70 -45.90 18.54 -5.52
C THR E 70 -46.01 18.91 -6.98
N GLU E 71 -46.42 17.98 -7.83
CA GLU E 71 -46.74 18.28 -9.22
C GLU E 71 -48.24 18.47 -9.33
N GLY E 72 -48.66 19.54 -9.98
CA GLY E 72 -50.06 19.90 -10.05
C GLY E 72 -50.48 20.99 -9.09
N LEU E 73 -49.59 21.47 -8.23
CA LEU E 73 -49.95 22.57 -7.35
C LEU E 73 -49.98 23.87 -8.13
N VAL E 74 -50.99 24.69 -7.85
CA VAL E 74 -51.21 25.95 -8.56
C VAL E 74 -51.03 27.08 -7.59
N ARG E 75 -50.21 28.06 -7.95
CA ARG E 75 -50.13 29.28 -7.16
C ARG E 75 -51.54 29.79 -6.90
N GLY E 76 -51.92 29.80 -5.63
CA GLY E 76 -53.24 30.24 -5.24
C GLY E 76 -54.12 29.17 -4.63
N GLN E 77 -53.76 27.89 -4.71
CA GLN E 77 -54.57 26.89 -4.03
C GLN E 77 -54.71 27.25 -2.57
N LYS E 78 -55.71 26.71 -1.91
CA LYS E 78 -55.97 27.00 -0.51
C LYS E 78 -55.31 25.94 0.36
N VAL E 79 -54.56 26.39 1.35
CA VAL E 79 -53.86 25.52 2.29
C VAL E 79 -54.45 25.77 3.66
N LEU E 80 -54.99 24.74 4.28
CA LEU E 80 -55.74 24.88 5.52
C LEU E 80 -54.87 24.38 6.66
N ASP E 81 -54.68 25.24 7.67
CA ASP E 81 -53.77 24.93 8.77
C ASP E 81 -54.46 24.01 9.76
N SER E 82 -53.85 22.84 10.01
CA SER E 82 -54.47 21.86 10.89
C SER E 82 -54.50 22.37 12.33
N GLY E 83 -53.38 22.86 12.83
CA GLY E 83 -53.32 23.43 14.16
C GLY E 83 -52.19 22.90 15.01
N ALA E 84 -51.84 21.64 14.83
CA ALA E 84 -50.79 20.99 15.60
C ALA E 84 -49.93 20.18 14.65
N PRO E 85 -48.70 19.84 15.04
CA PRO E 85 -47.80 19.14 14.14
C PRO E 85 -48.45 17.87 13.60
N ILE E 86 -47.77 17.24 12.65
CA ILE E 86 -48.29 16.05 12.01
C ILE E 86 -48.80 15.13 13.10
N ARG E 87 -50.07 14.72 13.01
CA ARG E 87 -50.70 13.91 14.04
C ARG E 87 -51.01 12.52 13.48
N ILE E 88 -50.83 11.50 14.31
CA ILE E 88 -51.01 10.13 13.87
C ILE E 88 -51.83 9.38 14.90
N PRO E 89 -52.48 8.29 14.50
CA PRO E 89 -53.13 7.42 15.47
C PRO E 89 -52.13 6.53 16.19
N VAL E 90 -52.33 6.36 17.50
CA VAL E 90 -51.32 5.70 18.32
C VAL E 90 -51.90 4.66 19.27
N GLY E 91 -53.14 4.24 19.05
CA GLY E 91 -53.74 3.26 19.93
C GLY E 91 -52.98 1.94 19.90
N PRO E 92 -53.54 0.91 20.52
CA PRO E 92 -53.04 -0.44 20.28
C PRO E 92 -53.52 -1.04 18.98
N GLU E 93 -54.43 -0.37 18.29
CA GLU E 93 -54.93 -0.83 17.00
C GLU E 93 -53.97 -0.51 15.87
N THR E 94 -52.88 0.21 16.14
CA THR E 94 -51.81 0.40 15.18
C THR E 94 -50.84 -0.74 15.18
N LEU E 95 -51.21 -1.88 15.73
CA LEU E 95 -50.35 -3.04 15.82
C LEU E 95 -50.68 -3.99 14.68
N GLY E 96 -49.65 -4.45 13.98
CA GLY E 96 -49.87 -5.29 12.84
C GLY E 96 -50.31 -4.54 11.61
N ARG E 97 -50.32 -3.22 11.64
CA ARG E 97 -50.68 -2.39 10.51
C ARG E 97 -49.44 -1.75 9.92
N ILE E 98 -49.56 -1.32 8.68
CA ILE E 98 -48.56 -0.50 8.02
C ILE E 98 -49.15 0.88 7.84
N MET E 99 -48.36 1.91 8.11
CA MET E 99 -48.84 3.27 7.95
C MET E 99 -47.70 4.16 7.53
N ASN E 100 -47.96 5.04 6.57
CA ASN E 100 -46.93 5.93 6.05
C ASN E 100 -46.69 7.05 7.07
N VAL E 101 -45.87 8.02 6.68
CA VAL E 101 -45.35 8.98 7.66
C VAL E 101 -46.48 9.73 8.34
N ILE E 102 -47.50 10.16 7.58
CA ILE E 102 -48.55 10.99 8.15
C ILE E 102 -49.60 10.19 8.90
N GLY E 103 -49.42 8.88 9.03
CA GLY E 103 -50.34 8.05 9.77
C GLY E 103 -51.46 7.45 8.97
N GLU E 104 -51.40 7.50 7.64
CA GLU E 104 -52.44 6.93 6.80
C GLU E 104 -52.09 5.48 6.48
N PRO E 105 -52.96 4.52 6.78
CA PRO E 105 -52.60 3.12 6.52
C PRO E 105 -52.35 2.88 5.05
N ILE E 106 -51.37 2.02 4.76
CA ILE E 106 -51.09 1.63 3.38
C ILE E 106 -51.06 0.12 3.27
N ASP E 107 -51.82 -0.57 4.13
CA ASP E 107 -51.95 -2.01 4.07
C ASP E 107 -53.24 -2.45 3.38
N GLU E 108 -54.03 -1.52 2.88
CA GLU E 108 -55.28 -1.84 2.21
C GLU E 108 -56.12 -2.76 3.09
N ARG E 109 -56.24 -2.39 4.36
CA ARG E 109 -57.10 -3.08 5.30
C ARG E 109 -58.11 -2.16 5.96
N GLY E 110 -58.12 -0.89 5.62
CA GLY E 110 -59.10 0.04 6.14
C GLY E 110 -58.49 1.07 7.06
N PRO E 111 -59.34 1.91 7.66
CA PRO E 111 -58.84 2.93 8.57
C PRO E 111 -58.24 2.32 9.83
N ILE E 112 -57.29 3.05 10.42
CA ILE E 112 -56.71 2.67 11.71
C ILE E 112 -57.61 3.30 12.77
N LYS E 113 -58.62 2.56 13.19
CA LYS E 113 -59.60 3.08 14.14
C LYS E 113 -58.99 3.13 15.52
N THR E 114 -58.63 4.33 15.95
CA THR E 114 -58.07 4.57 17.27
C THR E 114 -58.74 5.78 17.88
N LYS E 115 -58.77 5.82 19.21
CA LYS E 115 -59.36 6.96 19.90
C LYS E 115 -58.34 8.02 20.28
N GLN E 116 -57.06 7.69 20.26
CA GLN E 116 -56.00 8.65 20.57
C GLN E 116 -55.36 9.16 19.29
N PHE E 117 -54.75 10.33 19.41
CA PHE E 117 -53.87 10.85 18.39
C PHE E 117 -52.69 11.50 19.09
N ALA E 118 -51.52 11.43 18.45
CA ALA E 118 -50.30 11.98 19.02
C ALA E 118 -49.56 12.76 17.96
N ALA E 119 -48.96 13.88 18.37
CA ALA E 119 -48.15 14.67 17.47
C ALA E 119 -46.75 14.08 17.39
N ILE E 120 -46.19 14.04 16.19
CA ILE E 120 -44.89 13.40 16.03
C ILE E 120 -43.75 14.25 16.56
N HIS E 121 -44.00 15.51 16.86
CA HIS E 121 -42.96 16.43 17.34
C HIS E 121 -43.21 16.73 18.82
N ALA E 122 -42.70 15.87 19.68
CA ALA E 122 -42.81 16.04 21.12
C ALA E 122 -41.42 16.01 21.73
N GLU E 123 -41.18 16.92 22.67
CA GLU E 123 -39.85 17.10 23.22
C GLU E 123 -39.45 15.92 24.08
N ALA E 124 -38.14 15.76 24.27
CA ALA E 124 -37.62 14.60 24.97
C ALA E 124 -38.02 14.63 26.44
N PRO E 125 -38.00 13.49 27.12
CA PRO E 125 -38.34 13.47 28.54
C PRO E 125 -37.46 14.40 29.35
N GLU E 126 -38.07 15.12 30.28
CA GLU E 126 -37.32 16.06 31.09
C GLU E 126 -36.31 15.31 31.95
N PHE E 127 -35.43 16.08 32.59
CA PHE E 127 -34.33 15.47 33.32
C PHE E 127 -34.81 14.72 34.55
N VAL E 128 -35.89 15.19 35.18
CA VAL E 128 -36.40 14.51 36.37
C VAL E 128 -36.97 13.14 36.00
N GLU E 129 -37.58 13.03 34.82
CA GLU E 129 -38.17 11.76 34.42
C GLU E 129 -37.12 10.68 34.22
N MET E 130 -35.93 11.05 33.77
CA MET E 130 -34.95 10.05 33.36
C MET E 130 -34.63 9.12 34.52
N SER E 131 -34.53 7.83 34.21
CA SER E 131 -34.23 6.81 35.20
C SER E 131 -32.73 6.60 35.29
N VAL E 132 -32.24 6.51 36.54
CA VAL E 132 -30.83 6.63 36.82
C VAL E 132 -30.12 5.28 36.92
N GLU E 133 -30.84 4.18 36.79
CA GLU E 133 -30.29 2.85 36.98
C GLU E 133 -30.21 2.15 35.62
N GLN E 134 -28.99 1.78 35.23
CA GLN E 134 -28.75 1.14 33.94
C GLN E 134 -29.04 -0.35 34.07
N GLU E 135 -30.19 -0.78 33.55
CA GLU E 135 -30.60 -2.17 33.61
C GLU E 135 -30.04 -2.93 32.42
N ILE E 136 -30.45 -4.18 32.27
CA ILE E 136 -30.07 -5.01 31.13
C ILE E 136 -31.33 -5.62 30.55
N LEU E 137 -31.51 -5.49 29.25
CA LEU E 137 -32.66 -6.03 28.55
C LEU E 137 -32.34 -7.46 28.17
N VAL E 138 -33.08 -8.41 28.74
CA VAL E 138 -32.84 -9.83 28.48
C VAL E 138 -33.54 -10.16 27.16
N THR E 139 -32.75 -10.26 26.09
CA THR E 139 -33.32 -10.58 24.78
C THR E 139 -33.63 -12.04 24.60
N GLY E 140 -33.03 -12.92 25.40
CA GLY E 140 -33.22 -14.34 25.23
C GLY E 140 -32.33 -14.96 24.18
N ILE E 141 -31.32 -14.24 23.69
CA ILE E 141 -30.37 -14.76 22.72
C ILE E 141 -29.02 -14.89 23.43
N LYS E 142 -28.43 -16.08 23.36
CA LYS E 142 -27.25 -16.35 24.18
C LYS E 142 -26.12 -15.38 23.88
N VAL E 143 -25.75 -15.27 22.61
CA VAL E 143 -24.59 -14.43 22.26
C VAL E 143 -24.86 -12.98 22.63
N VAL E 144 -26.05 -12.48 22.30
CA VAL E 144 -26.38 -11.09 22.57
C VAL E 144 -26.41 -10.83 24.07
N ASP E 145 -27.13 -11.68 24.81
CA ASP E 145 -27.27 -11.44 26.25
C ASP E 145 -25.99 -11.76 27.02
N LEU E 146 -25.00 -12.37 26.39
CA LEU E 146 -23.77 -12.70 27.09
C LEU E 146 -22.65 -11.70 26.79
N LEU E 147 -22.29 -11.54 25.52
CA LEU E 147 -21.12 -10.75 25.18
C LEU E 147 -21.44 -9.29 24.92
N ALA E 148 -22.61 -8.99 24.36
CA ALA E 148 -23.00 -7.63 24.02
C ALA E 148 -24.39 -7.38 24.58
N PRO E 149 -24.54 -7.36 25.89
CA PRO E 149 -25.88 -7.23 26.47
C PRO E 149 -26.56 -5.94 26.02
N TYR E 150 -27.83 -6.05 25.70
CA TYR E 150 -28.65 -4.91 25.31
C TYR E 150 -29.18 -4.23 26.57
N ALA E 151 -29.10 -2.91 26.60
CA ALA E 151 -29.49 -2.14 27.76
C ALA E 151 -30.87 -1.56 27.56
N LYS E 152 -31.67 -1.51 28.63
CA LYS E 152 -32.98 -0.90 28.54
C LYS E 152 -32.83 0.58 28.20
N GLY E 153 -33.62 1.05 27.23
CA GLY E 153 -33.53 2.44 26.84
C GLY E 153 -32.14 2.79 26.34
N GLY E 154 -31.51 1.88 25.62
CA GLY E 154 -30.22 2.14 25.03
C GLY E 154 -30.31 1.95 23.53
N LYS E 155 -29.54 2.75 22.81
CA LYS E 155 -29.60 2.75 21.34
C LYS E 155 -28.61 1.71 20.82
N ILE E 156 -29.07 0.48 20.66
CA ILE E 156 -28.20 -0.52 20.08
C ILE E 156 -27.96 -0.19 18.61
N GLY E 157 -26.91 -0.77 18.04
CA GLY E 157 -26.62 -0.58 16.64
C GLY E 157 -26.24 -1.87 15.98
N LEU E 158 -26.93 -2.22 14.91
CA LEU E 158 -26.84 -3.55 14.31
C LEU E 158 -26.12 -3.44 12.98
N PHE E 159 -24.83 -3.77 12.97
CA PHE E 159 -24.03 -3.68 11.77
C PHE E 159 -24.32 -4.88 10.88
N GLY E 160 -23.50 -5.08 9.86
CA GLY E 160 -23.68 -6.24 9.00
C GLY E 160 -24.66 -5.96 7.87
N GLY E 161 -24.44 -6.65 6.76
CA GLY E 161 -25.20 -6.45 5.55
C GLY E 161 -26.33 -7.45 5.40
N ALA E 162 -26.69 -7.73 4.15
CA ALA E 162 -27.76 -8.66 3.83
C ALA E 162 -27.19 -10.05 3.61
N GLY E 163 -28.08 -11.03 3.65
CA GLY E 163 -27.69 -12.42 3.49
C GLY E 163 -27.15 -13.07 4.74
N VAL E 164 -27.05 -12.33 5.85
CA VAL E 164 -26.45 -12.83 7.08
C VAL E 164 -27.48 -12.98 8.19
N GLY E 165 -28.76 -12.90 7.86
CA GLY E 165 -29.78 -13.12 8.87
C GLY E 165 -30.00 -11.90 9.73
N LYS E 166 -30.39 -10.79 9.11
CA LYS E 166 -30.75 -9.58 9.83
C LYS E 166 -32.25 -9.47 10.05
N THR E 167 -33.06 -9.74 9.02
CA THR E 167 -34.50 -9.74 9.21
C THR E 167 -34.92 -10.81 10.19
N VAL E 168 -34.29 -11.98 10.12
CA VAL E 168 -34.63 -13.04 11.07
C VAL E 168 -34.30 -12.61 12.48
N LEU E 169 -33.16 -11.95 12.67
CA LEU E 169 -32.81 -11.49 14.01
C LEU E 169 -33.80 -10.43 14.49
N ILE E 170 -34.25 -9.55 13.61
CA ILE E 170 -35.26 -8.57 13.99
C ILE E 170 -36.53 -9.27 14.44
N MET E 171 -37.02 -10.22 13.65
CA MET E 171 -38.25 -10.91 14.04
C MET E 171 -38.07 -11.67 15.34
N GLU E 172 -36.91 -12.28 15.53
CA GLU E 172 -36.67 -12.99 16.79
C GLU E 172 -36.64 -12.05 17.97
N LEU E 173 -35.98 -10.90 17.84
CA LEU E 173 -35.99 -9.96 18.95
C LEU E 173 -37.40 -9.52 19.26
N ILE E 174 -38.20 -9.28 18.22
CA ILE E 174 -39.59 -8.88 18.44
C ILE E 174 -40.33 -9.95 19.23
N ASN E 175 -40.23 -11.20 18.77
CA ASN E 175 -40.96 -12.27 19.42
C ASN E 175 -40.50 -12.47 20.86
N ASN E 176 -39.19 -12.51 21.07
CA ASN E 176 -38.66 -12.75 22.40
C ASN E 176 -39.05 -11.64 23.36
N VAL E 177 -39.00 -10.39 22.91
CA VAL E 177 -39.41 -9.30 23.79
C VAL E 177 -40.89 -9.37 24.07
N ALA E 178 -41.70 -9.76 23.07
CA ALA E 178 -43.13 -9.84 23.30
C ALA E 178 -43.47 -10.94 24.30
N LYS E 179 -42.69 -12.02 24.31
CA LYS E 179 -42.96 -13.11 25.24
C LYS E 179 -42.38 -12.82 26.63
N ALA E 180 -41.07 -12.58 26.70
CA ALA E 180 -40.42 -12.40 27.98
C ALA E 180 -40.96 -11.18 28.71
N HIS E 181 -40.72 -9.99 28.17
CA HIS E 181 -41.04 -8.75 28.86
C HIS E 181 -42.47 -8.31 28.65
N GLY E 182 -43.23 -8.99 27.81
CA GLY E 182 -44.61 -8.60 27.56
C GLY E 182 -44.74 -7.20 27.03
N GLY E 183 -43.80 -6.79 26.18
CA GLY E 183 -43.82 -5.45 25.59
C GLY E 183 -43.87 -5.54 24.08
N TYR E 184 -44.63 -4.64 23.48
CA TYR E 184 -44.83 -4.66 22.04
C TYR E 184 -43.58 -4.10 21.35
N SER E 185 -43.70 -3.77 20.07
CA SER E 185 -42.55 -3.33 19.30
C SER E 185 -43.02 -2.39 18.21
N VAL E 186 -42.06 -1.85 17.46
CA VAL E 186 -42.36 -0.96 16.35
C VAL E 186 -41.28 -1.17 15.30
N PHE E 187 -41.50 -0.68 14.10
CA PHE E 187 -40.53 -0.84 13.02
C PHE E 187 -40.65 0.36 12.10
N ALA E 188 -39.79 1.35 12.29
CA ALA E 188 -39.80 2.55 11.48
C ALA E 188 -38.88 2.34 10.29
N GLY E 189 -39.46 2.19 9.11
CA GLY E 189 -38.69 1.90 7.92
C GLY E 189 -38.21 3.14 7.20
N VAL E 190 -37.20 3.81 7.75
CA VAL E 190 -36.68 5.00 7.09
C VAL E 190 -36.14 4.62 5.73
N GLY E 191 -36.65 5.26 4.69
CA GLY E 191 -36.20 4.97 3.34
C GLY E 191 -36.15 3.48 3.08
N GLU E 192 -37.31 2.84 3.04
CA GLU E 192 -37.40 1.38 2.96
C GLU E 192 -37.82 1.00 1.55
N ARG E 193 -36.92 0.34 0.82
CA ARG E 193 -37.24 -0.14 -0.52
C ARG E 193 -38.61 -0.77 -0.53
N THR E 194 -39.40 -0.45 -1.56
CA THR E 194 -40.75 -0.98 -1.61
C THR E 194 -40.75 -2.51 -1.71
N ARG E 195 -39.84 -3.06 -2.51
CA ARG E 195 -39.75 -4.51 -2.63
C ARG E 195 -39.41 -5.14 -1.29
N GLU E 196 -38.39 -4.62 -0.61
CA GLU E 196 -38.02 -5.16 0.68
C GLU E 196 -39.09 -4.87 1.73
N GLY E 197 -39.83 -3.77 1.57
CA GLY E 197 -40.94 -3.53 2.48
C GLY E 197 -41.99 -4.61 2.38
N ASN E 198 -42.36 -4.97 1.15
CA ASN E 198 -43.33 -6.04 0.97
C ASN E 198 -42.79 -7.37 1.47
N ASP E 199 -41.52 -7.65 1.19
CA ASP E 199 -40.93 -8.90 1.67
C ASP E 199 -40.94 -8.97 3.18
N LEU E 200 -40.61 -7.87 3.87
CA LEU E 200 -40.64 -7.88 5.32
C LEU E 200 -42.04 -8.07 5.83
N TYR E 201 -43.03 -7.41 5.22
CA TYR E 201 -44.40 -7.61 5.62
C TYR E 201 -44.78 -9.08 5.56
N HIS E 202 -44.45 -9.74 4.45
CA HIS E 202 -44.87 -11.13 4.30
C HIS E 202 -44.04 -12.07 5.15
N GLU E 203 -42.77 -11.74 5.40
CA GLU E 203 -41.98 -12.52 6.34
C GLU E 203 -42.60 -12.49 7.72
N MET E 204 -43.00 -11.31 8.18
CA MET E 204 -43.64 -11.24 9.49
C MET E 204 -44.97 -11.98 9.49
N ILE E 205 -45.77 -11.87 8.43
CA ILE E 205 -47.02 -12.61 8.40
C ILE E 205 -46.75 -14.11 8.49
N GLU E 206 -45.71 -14.59 7.81
CA GLU E 206 -45.33 -15.99 7.93
C GLU E 206 -44.96 -16.32 9.37
N SER E 207 -43.90 -15.70 9.88
CA SER E 207 -43.36 -16.04 11.18
C SER E 207 -44.37 -15.83 12.30
N GLY E 208 -45.39 -15.00 12.08
CA GLY E 208 -46.47 -14.87 13.01
C GLY E 208 -46.40 -13.72 13.98
N VAL E 209 -45.42 -12.82 13.81
CA VAL E 209 -45.39 -11.62 14.66
C VAL E 209 -46.55 -10.70 14.29
N ILE E 210 -46.85 -10.58 13.01
CA ILE E 210 -48.07 -9.94 12.54
C ILE E 210 -49.10 -11.02 12.33
N ASN E 211 -50.36 -10.70 12.62
CA ASN E 211 -51.43 -11.68 12.53
C ASN E 211 -52.67 -10.96 12.03
N LEU E 212 -53.15 -11.34 10.84
CA LEU E 212 -54.24 -10.64 10.20
C LEU E 212 -55.62 -11.05 10.69
N LYS E 213 -55.71 -12.07 11.54
CA LYS E 213 -56.98 -12.70 11.84
C LYS E 213 -57.57 -12.30 13.19
N ASP E 214 -56.74 -12.12 14.22
CA ASP E 214 -57.25 -12.05 15.59
C ASP E 214 -56.86 -10.78 16.34
N ALA E 215 -56.04 -9.92 15.76
CA ALA E 215 -55.61 -8.69 16.44
C ALA E 215 -54.72 -9.00 17.64
N THR E 216 -53.73 -9.86 17.42
CA THR E 216 -52.72 -10.20 18.41
C THR E 216 -51.33 -10.07 17.79
N SER E 217 -51.10 -8.94 17.12
CA SER E 217 -49.84 -8.67 16.46
C SER E 217 -48.90 -7.97 17.42
N LYS E 218 -47.60 -8.16 17.19
CA LYS E 218 -46.58 -7.61 18.07
C LYS E 218 -45.74 -6.52 17.42
N VAL E 219 -46.07 -6.09 16.21
CA VAL E 219 -45.29 -5.10 15.49
C VAL E 219 -46.22 -4.07 14.92
N ALA E 220 -45.77 -2.82 14.88
CA ALA E 220 -46.54 -1.73 14.29
C ALA E 220 -45.66 -1.12 13.20
N LEU E 221 -45.71 -1.70 12.01
CA LEU E 221 -44.80 -1.26 10.96
C LEU E 221 -45.09 0.18 10.58
N VAL E 222 -44.06 0.88 10.13
CA VAL E 222 -44.17 2.25 9.65
C VAL E 222 -43.16 2.41 8.52
N TYR E 223 -43.64 2.79 7.33
CA TYR E 223 -42.81 2.78 6.13
C TYR E 223 -42.81 4.16 5.50
N GLY E 224 -41.64 4.78 5.43
CA GLY E 224 -41.44 5.91 4.56
C GLY E 224 -40.67 5.46 3.34
N GLN E 225 -41.36 5.21 2.24
CA GLN E 225 -40.75 4.53 1.12
C GLN E 225 -39.55 5.33 0.60
N MET E 226 -38.77 4.68 -0.25
CA MET E 226 -37.57 5.30 -0.79
C MET E 226 -37.88 6.30 -1.89
N ASN E 227 -39.13 6.39 -2.33
CA ASN E 227 -39.51 7.28 -3.41
C ASN E 227 -40.32 8.48 -2.92
N GLU E 228 -40.71 8.50 -1.67
CA GLU E 228 -41.46 9.61 -1.13
C GLU E 228 -40.53 10.80 -0.93
N PRO E 229 -41.00 12.03 -1.14
CA PRO E 229 -40.09 13.16 -1.21
C PRO E 229 -39.31 13.31 0.07
N PRO E 230 -38.13 13.93 0.03
CA PRO E 230 -37.22 13.89 1.18
C PRO E 230 -37.84 14.40 2.46
N GLY E 231 -38.75 15.37 2.37
CA GLY E 231 -39.36 15.88 3.58
C GLY E 231 -40.15 14.84 4.33
N ALA E 232 -40.47 13.71 3.71
CA ALA E 232 -41.26 12.66 4.32
C ALA E 232 -40.48 11.39 4.53
N ARG E 233 -39.15 11.44 4.43
CA ARG E 233 -38.30 10.38 4.91
C ARG E 233 -37.53 10.78 6.16
N ALA E 234 -37.45 12.08 6.45
CA ALA E 234 -36.89 12.51 7.72
C ALA E 234 -37.87 12.33 8.86
N ARG E 235 -39.16 12.51 8.61
CA ARG E 235 -40.17 12.50 9.65
C ARG E 235 -40.85 11.16 9.80
N VAL E 236 -40.20 10.06 9.40
CA VAL E 236 -40.78 8.74 9.57
C VAL E 236 -40.24 8.07 10.84
N ALA E 237 -38.96 8.25 11.13
CA ALA E 237 -38.46 7.81 12.43
C ALA E 237 -39.20 8.48 13.56
N LEU E 238 -39.64 9.72 13.36
CA LEU E 238 -40.43 10.38 14.39
C LEU E 238 -41.81 9.73 14.51
N THR E 239 -42.38 9.28 13.41
CA THR E 239 -43.65 8.56 13.48
C THR E 239 -43.48 7.29 14.29
N GLY E 240 -42.42 6.53 14.03
CA GLY E 240 -42.16 5.35 14.83
C GLY E 240 -41.97 5.68 16.29
N LEU E 241 -41.21 6.74 16.57
CA LEU E 241 -40.99 7.14 17.95
C LEU E 241 -42.29 7.49 18.64
N THR E 242 -43.23 8.10 17.94
CA THR E 242 -44.49 8.45 18.59
C THR E 242 -45.34 7.22 18.84
N VAL E 243 -45.42 6.33 17.86
CA VAL E 243 -46.16 5.10 18.06
C VAL E 243 -45.61 4.33 19.25
N ALA E 244 -44.30 4.39 19.47
CA ALA E 244 -43.71 3.67 20.59
C ALA E 244 -43.78 4.47 21.89
N GLU E 245 -43.76 5.79 21.81
CA GLU E 245 -43.92 6.60 23.00
C GLU E 245 -45.30 6.40 23.60
N TYR E 246 -46.31 6.11 22.77
CA TYR E 246 -47.60 5.79 23.34
C TYR E 246 -47.51 4.55 24.22
N PHE E 247 -46.85 3.49 23.74
CA PHE E 247 -46.77 2.27 24.52
C PHE E 247 -45.93 2.47 25.77
N ARG E 248 -44.84 3.24 25.68
CA ARG E 248 -44.05 3.49 26.88
C ARG E 248 -44.85 4.29 27.90
N ASP E 249 -45.47 5.39 27.47
CA ASP E 249 -46.08 6.33 28.41
C ASP E 249 -47.47 5.88 28.82
N GLN E 250 -48.34 5.60 27.85
CA GLN E 250 -49.74 5.33 28.15
C GLN E 250 -50.00 3.88 28.54
N GLU E 251 -48.99 3.02 28.49
CA GLU E 251 -49.16 1.64 28.93
C GLU E 251 -47.97 1.11 29.73
N GLY E 252 -46.98 1.93 30.04
CA GLY E 252 -45.89 1.54 30.89
C GLY E 252 -45.31 0.16 30.63
N GLN E 253 -44.68 -0.03 29.47
CA GLN E 253 -44.06 -1.31 29.16
C GLN E 253 -42.83 -1.08 28.30
N ASP E 254 -41.94 -2.07 28.31
CA ASP E 254 -40.78 -2.01 27.46
C ASP E 254 -41.19 -2.11 25.99
N VAL E 255 -40.32 -1.62 25.12
CA VAL E 255 -40.63 -1.52 23.70
C VAL E 255 -39.33 -1.68 22.93
N LEU E 256 -39.44 -2.22 21.74
CA LEU E 256 -38.36 -2.18 20.76
C LEU E 256 -38.66 -1.11 19.74
N LEU E 257 -37.65 -0.75 18.96
CA LEU E 257 -37.84 0.23 17.90
C LEU E 257 -36.71 0.00 16.91
N PHE E 258 -37.02 -0.62 15.78
CA PHE E 258 -36.03 -0.86 14.76
C PHE E 258 -36.11 0.25 13.73
N ILE E 259 -35.00 0.93 13.51
CA ILE E 259 -34.95 1.99 12.52
C ILE E 259 -34.02 1.55 11.41
N ASP E 260 -34.56 0.85 10.42
CA ASP E 260 -33.79 0.43 9.25
C ASP E 260 -34.14 1.37 8.12
N ASN E 261 -33.21 2.26 7.72
CA ASN E 261 -31.84 2.37 8.20
C ASN E 261 -31.67 3.70 8.89
N ILE E 262 -30.58 3.89 9.63
CA ILE E 262 -30.33 5.15 10.32
C ILE E 262 -29.30 6.01 9.60
N PHE E 263 -28.84 5.57 8.44
CA PHE E 263 -28.09 6.47 7.56
C PHE E 263 -29.01 7.21 6.62
N ARG E 264 -30.14 6.61 6.26
CA ARG E 264 -31.09 7.29 5.40
C ARG E 264 -31.89 8.32 6.16
N PHE E 265 -31.92 8.25 7.49
CA PHE E 265 -32.44 9.37 8.27
C PHE E 265 -31.58 10.61 8.08
N THR E 266 -30.25 10.47 8.21
CA THR E 266 -29.38 11.61 8.00
C THR E 266 -29.40 12.05 6.54
N GLN E 267 -29.52 11.11 5.61
CA GLN E 267 -29.61 11.49 4.21
C GLN E 267 -30.85 12.33 3.95
N ALA E 268 -32.00 11.91 4.47
CA ALA E 268 -33.21 12.70 4.28
C ALA E 268 -33.07 14.07 4.92
N GLY E 269 -32.50 14.12 6.12
CA GLY E 269 -32.28 15.41 6.74
C GLY E 269 -31.39 16.30 5.91
N SER E 270 -30.32 15.74 5.34
CA SER E 270 -29.41 16.54 4.53
C SER E 270 -30.10 17.08 3.30
N GLU E 271 -30.92 16.26 2.65
CA GLU E 271 -31.64 16.73 1.47
C GLU E 271 -32.59 17.85 1.83
N VAL E 272 -33.32 17.71 2.94
CA VAL E 272 -34.23 18.78 3.36
C VAL E 272 -33.46 20.05 3.65
N SER E 273 -32.35 19.95 4.38
CA SER E 273 -31.57 21.13 4.70
C SER E 273 -31.09 21.81 3.45
N ALA E 274 -30.62 21.04 2.47
CA ALA E 274 -30.19 21.65 1.22
C ALA E 274 -31.34 22.37 0.53
N LEU E 275 -32.53 21.74 0.52
CA LEU E 275 -33.67 22.38 -0.13
C LEU E 275 -34.02 23.70 0.54
N LEU E 276 -34.01 23.74 1.87
CA LEU E 276 -34.28 25.01 2.52
C LEU E 276 -33.16 26.01 2.34
N GLY E 277 -32.12 25.69 1.58
CA GLY E 277 -31.10 26.65 1.23
C GLY E 277 -29.97 26.78 2.22
N ARG E 278 -29.99 26.03 3.31
CA ARG E 278 -28.97 26.18 4.34
C ARG E 278 -27.60 25.76 3.81
N ILE E 279 -26.58 26.44 4.28
CA ILE E 279 -25.22 26.13 3.83
C ILE E 279 -24.86 24.71 4.23
N PRO E 280 -24.28 23.89 3.37
CA PRO E 280 -23.85 22.57 3.79
C PRO E 280 -22.69 22.62 4.76
N SER E 281 -22.60 21.59 5.59
CA SER E 281 -21.63 21.45 6.66
C SER E 281 -20.42 20.66 6.18
N ALA E 282 -19.68 20.07 7.11
CA ALA E 282 -18.40 19.45 6.85
C ALA E 282 -18.31 18.71 5.52
N VAL E 283 -19.14 17.69 5.33
CA VAL E 283 -18.98 16.81 4.17
C VAL E 283 -20.21 16.89 3.29
N GLY E 284 -20.87 18.03 3.30
CA GLY E 284 -22.13 18.16 2.61
C GLY E 284 -23.34 17.84 3.45
N TYR E 285 -23.15 17.40 4.68
CA TYR E 285 -24.27 17.14 5.55
C TYR E 285 -24.87 18.45 6.03
N GLN E 286 -26.04 18.37 6.63
CA GLN E 286 -26.72 19.58 7.04
C GLN E 286 -25.96 20.24 8.17
N PRO E 287 -26.06 21.56 8.31
CA PRO E 287 -25.40 22.22 9.43
C PRO E 287 -25.92 21.77 10.77
N THR E 288 -27.14 21.25 10.84
CA THR E 288 -27.75 20.82 12.10
C THR E 288 -27.66 19.32 12.29
N LEU E 289 -26.63 18.67 11.76
CA LEU E 289 -26.58 17.21 11.81
C LEU E 289 -26.68 16.71 13.24
N ALA E 290 -25.82 17.24 14.11
CA ALA E 290 -25.75 16.73 15.48
C ALA E 290 -27.06 16.95 16.21
N THR E 291 -27.67 18.13 16.07
CA THR E 291 -28.91 18.40 16.78
C THR E 291 -30.08 17.66 16.16
N ASP E 292 -30.08 17.49 14.84
CA ASP E 292 -31.14 16.72 14.21
C ASP E 292 -31.12 15.28 14.71
N MET E 293 -29.93 14.71 14.85
CA MET E 293 -29.84 13.36 15.41
C MET E 293 -30.18 13.36 16.90
N GLY E 294 -29.79 14.40 17.62
CA GLY E 294 -30.05 14.43 19.05
C GLY E 294 -31.53 14.51 19.38
N THR E 295 -32.25 15.41 18.71
CA THR E 295 -33.66 15.59 19.03
C THR E 295 -34.51 14.40 18.61
N MET E 296 -33.91 13.36 18.06
CA MET E 296 -34.61 12.11 17.77
C MET E 296 -34.05 10.93 18.55
N GLN E 297 -32.76 10.92 18.85
CA GLN E 297 -32.18 9.88 19.68
C GLN E 297 -32.39 10.14 21.16
N GLU E 298 -32.91 11.30 21.52
CA GLU E 298 -33.08 11.65 22.92
C GLU E 298 -34.45 11.34 23.47
N ARG E 299 -35.38 10.91 22.63
CA ARG E 299 -36.63 10.36 23.11
C ARG E 299 -36.55 8.86 23.33
N ILE E 300 -35.46 8.23 22.92
CA ILE E 300 -35.27 6.79 23.09
C ILE E 300 -34.53 6.63 24.41
N THR E 301 -35.28 6.66 25.50
CA THR E 301 -34.67 6.54 26.82
C THR E 301 -35.66 5.89 27.77
N THR E 302 -35.14 5.51 28.93
CA THR E 302 -35.91 4.82 29.96
C THR E 302 -36.37 5.85 30.98
N THR E 303 -37.63 6.26 30.87
CA THR E 303 -38.24 7.06 31.92
C THR E 303 -38.69 6.13 33.03
N LYS E 304 -39.51 6.62 33.95
CA LYS E 304 -40.02 5.80 35.03
C LYS E 304 -41.29 5.04 34.65
N LYS E 305 -42.02 5.51 33.65
CA LYS E 305 -43.21 4.80 33.19
C LYS E 305 -42.83 3.52 32.46
N GLY E 306 -41.84 3.58 31.58
CA GLY E 306 -41.44 2.45 30.78
C GLY E 306 -40.11 2.68 30.12
N SER E 307 -39.88 2.11 28.94
CA SER E 307 -38.60 2.30 28.26
C SER E 307 -38.77 1.99 26.79
N ILE E 308 -37.93 2.59 25.97
CA ILE E 308 -37.92 2.34 24.53
C ILE E 308 -36.51 1.94 24.17
N THR E 309 -36.24 0.64 24.10
CA THR E 309 -35.00 0.21 23.50
C THR E 309 -35.06 0.51 22.01
N SER E 310 -33.92 0.38 21.33
CA SER E 310 -33.90 0.71 19.91
C SER E 310 -32.75 -0.01 19.24
N VAL E 311 -33.03 -0.75 18.19
CA VAL E 311 -32.02 -1.48 17.44
C VAL E 311 -31.96 -0.84 16.05
N GLN E 312 -30.93 -0.03 15.82
CA GLN E 312 -30.83 0.81 14.64
C GLN E 312 -29.79 0.24 13.70
N ALA E 313 -30.22 -0.13 12.50
CA ALA E 313 -29.26 -0.56 11.50
C ALA E 313 -28.42 0.63 11.08
N ILE E 314 -27.14 0.39 10.82
CA ILE E 314 -26.20 1.45 10.49
C ILE E 314 -25.46 1.09 9.22
N TYR E 315 -25.43 2.02 8.27
CA TYR E 315 -24.59 1.94 7.10
C TYR E 315 -23.43 2.91 7.28
N VAL E 316 -22.21 2.43 7.06
CA VAL E 316 -21.03 3.25 7.26
C VAL E 316 -20.47 3.62 5.89
N PRO E 317 -20.71 4.84 5.40
CA PRO E 317 -20.43 5.11 3.98
C PRO E 317 -18.94 5.05 3.67
N ALA E 318 -18.58 4.22 2.71
CA ALA E 318 -17.20 4.06 2.27
C ALA E 318 -16.31 3.52 3.37
N ASP E 319 -16.88 2.78 4.33
CA ASP E 319 -16.16 2.29 5.50
C ASP E 319 -15.46 3.42 6.25
N ASP E 320 -16.00 4.62 6.19
CA ASP E 320 -15.48 5.75 6.95
C ASP E 320 -16.20 5.75 8.29
N LEU E 321 -15.50 5.32 9.33
CA LEU E 321 -16.05 5.45 10.66
C LEU E 321 -15.81 6.84 11.24
N THR E 322 -15.12 7.71 10.51
CA THR E 322 -15.01 9.11 10.86
C THR E 322 -16.05 9.97 10.16
N ASP E 323 -16.77 9.42 9.20
CA ASP E 323 -17.68 10.23 8.41
C ASP E 323 -18.68 10.89 9.35
N PRO E 324 -19.11 12.12 9.10
CA PRO E 324 -19.94 12.81 10.10
C PRO E 324 -21.22 12.08 10.45
N ALA E 325 -21.81 11.30 9.55
CA ALA E 325 -23.05 10.60 9.89
C ALA E 325 -22.80 9.42 10.83
N PRO E 326 -21.94 8.46 10.49
CA PRO E 326 -21.62 7.40 11.46
C PRO E 326 -20.76 7.87 12.61
N ALA E 327 -20.25 9.09 12.57
CA ALA E 327 -19.57 9.67 13.71
C ALA E 327 -20.52 10.39 14.65
N THR E 328 -21.66 10.84 14.13
CA THR E 328 -22.69 11.42 14.97
C THR E 328 -23.63 10.38 15.53
N THR E 329 -23.78 9.25 14.83
CA THR E 329 -24.60 8.17 15.37
C THR E 329 -23.90 7.48 16.53
N PHE E 330 -22.61 7.18 16.38
CA PHE E 330 -21.91 6.42 17.40
C PHE E 330 -21.82 7.16 18.72
N ALA E 331 -22.04 8.47 18.73
CA ALA E 331 -22.04 9.18 19.99
C ALA E 331 -23.26 8.84 20.82
N HIS E 332 -24.22 8.12 20.26
CA HIS E 332 -25.42 7.72 20.98
C HIS E 332 -25.52 6.23 21.21
N LEU E 333 -24.91 5.40 20.37
CA LEU E 333 -25.03 3.96 20.50
C LEU E 333 -24.56 3.49 21.87
N ASP E 334 -25.33 2.60 22.46
CA ASP E 334 -25.01 1.97 23.73
C ASP E 334 -24.70 0.49 23.58
N ALA E 335 -24.45 0.01 22.37
CA ALA E 335 -24.20 -1.39 22.14
C ALA E 335 -23.70 -1.55 20.71
N THR E 336 -23.65 -2.79 20.25
CA THR E 336 -23.32 -3.07 18.86
C THR E 336 -23.53 -4.57 18.64
N THR E 337 -23.83 -4.92 17.40
CA THR E 337 -24.14 -6.32 17.09
C THR E 337 -23.68 -6.56 15.65
N VAL E 338 -22.44 -6.96 15.48
CA VAL E 338 -21.82 -7.01 14.16
C VAL E 338 -22.15 -8.38 13.57
N LEU E 339 -23.33 -8.49 12.96
CA LEU E 339 -23.60 -9.64 12.11
C LEU E 339 -22.51 -9.73 11.06
N SER E 340 -21.99 -10.93 10.85
CA SER E 340 -20.90 -11.13 9.90
C SER E 340 -21.21 -12.31 9.01
N ARG E 341 -20.71 -12.24 7.78
CA ARG E 341 -20.91 -13.34 6.85
C ARG E 341 -19.98 -14.50 7.16
N ALA E 342 -18.76 -14.21 7.61
CA ALA E 342 -17.80 -15.28 7.83
C ALA E 342 -18.28 -16.27 8.88
N ILE E 343 -19.16 -15.82 9.78
CA ILE E 343 -19.71 -16.72 10.80
C ILE E 343 -20.98 -17.39 10.34
N ALA E 344 -21.50 -17.04 9.17
CA ALA E 344 -22.66 -17.71 8.60
C ALA E 344 -22.28 -18.90 7.75
N GLU E 345 -21.06 -18.92 7.19
CA GLU E 345 -20.59 -20.10 6.47
C GLU E 345 -20.49 -21.29 7.40
N LEU E 346 -19.98 -21.08 8.62
CA LEU E 346 -19.92 -22.17 9.58
C LEU E 346 -21.31 -22.66 9.96
N GLY E 347 -22.34 -21.88 9.68
CA GLY E 347 -23.69 -22.22 10.07
C GLY E 347 -24.09 -21.75 11.45
N ILE E 348 -23.17 -21.15 12.21
CA ILE E 348 -23.49 -20.61 13.53
C ILE E 348 -24.49 -19.48 13.32
N TYR E 349 -25.74 -19.72 13.70
CA TYR E 349 -26.82 -18.75 13.55
C TYR E 349 -27.43 -18.45 14.91
N PRO E 350 -27.56 -17.18 15.31
CA PRO E 350 -27.35 -15.96 14.52
C PRO E 350 -25.89 -15.76 14.21
N ALA E 351 -25.61 -15.06 13.12
CA ALA E 351 -24.24 -14.85 12.69
C ALA E 351 -23.49 -13.90 13.60
N VAL E 352 -24.13 -13.39 14.65
CA VAL E 352 -23.53 -12.37 15.49
C VAL E 352 -22.09 -12.71 15.78
N ASP E 353 -21.21 -11.80 15.46
CA ASP E 353 -19.80 -11.95 15.76
C ASP E 353 -19.56 -11.71 17.25
N PRO E 354 -18.81 -12.57 17.94
CA PRO E 354 -18.62 -12.36 19.39
C PRO E 354 -17.48 -11.43 19.73
N LEU E 355 -16.50 -11.26 18.84
CA LEU E 355 -15.32 -10.47 19.15
C LEU E 355 -15.43 -9.02 18.69
N ASP E 356 -16.33 -8.71 17.77
CA ASP E 356 -16.59 -7.33 17.38
C ASP E 356 -17.71 -6.69 18.18
N SER E 357 -18.73 -7.46 18.53
CA SER E 357 -19.88 -6.93 19.25
C SER E 357 -19.45 -6.28 20.55
N THR E 358 -19.59 -4.97 20.64
CA THR E 358 -19.24 -4.21 21.84
C THR E 358 -20.48 -4.07 22.71
N SER E 359 -20.30 -3.50 23.89
CA SER E 359 -21.43 -2.98 24.65
C SER E 359 -20.95 -2.13 25.81
N ARG E 360 -21.53 -0.94 25.96
CA ARG E 360 -21.07 -0.03 27.00
C ARG E 360 -21.38 -0.53 28.40
N ILE E 361 -22.41 -1.35 28.57
CA ILE E 361 -22.78 -1.81 29.90
C ILE E 361 -22.05 -3.09 30.29
N MET E 362 -21.18 -3.60 29.45
CA MET E 362 -20.39 -4.79 29.78
C MET E 362 -19.32 -4.39 30.79
N ASP E 363 -19.78 -4.00 31.98
CA ASP E 363 -18.92 -3.54 33.05
C ASP E 363 -19.41 -4.16 34.35
N PRO E 364 -18.51 -4.67 35.19
CA PRO E 364 -18.95 -5.40 36.38
C PRO E 364 -19.72 -4.56 37.38
N ASN E 365 -19.77 -3.25 37.20
CA ASN E 365 -20.62 -2.43 38.06
C ASN E 365 -22.10 -2.58 37.72
N ILE E 366 -22.42 -3.01 36.51
CA ILE E 366 -23.78 -3.04 36.01
C ILE E 366 -24.29 -4.48 35.88
N VAL E 367 -23.65 -5.28 35.03
CA VAL E 367 -24.11 -6.64 34.81
C VAL E 367 -23.90 -7.51 36.04
N GLY E 368 -22.83 -7.27 36.77
CA GLY E 368 -22.46 -8.11 37.90
C GLY E 368 -21.12 -8.77 37.65
N SER E 369 -20.43 -9.08 38.74
CA SER E 369 -19.09 -9.64 38.62
C SER E 369 -19.10 -10.98 37.90
N GLU E 370 -20.08 -11.84 38.22
CA GLU E 370 -20.15 -13.15 37.58
C GLU E 370 -20.31 -13.02 36.08
N HIS E 371 -21.30 -12.23 35.65
CA HIS E 371 -21.53 -12.00 34.23
C HIS E 371 -20.26 -11.49 33.55
N TYR E 372 -19.60 -10.51 34.17
CA TYR E 372 -18.45 -9.88 33.53
C TYR E 372 -17.27 -10.83 33.44
N ASP E 373 -16.99 -11.56 34.52
CA ASP E 373 -15.88 -12.51 34.47
C ASP E 373 -16.14 -13.58 33.44
N VAL E 374 -17.37 -14.08 33.37
CA VAL E 374 -17.69 -15.12 32.39
C VAL E 374 -17.51 -14.59 30.98
N ALA E 375 -18.07 -13.40 30.70
CA ALA E 375 -17.99 -12.85 29.36
C ALA E 375 -16.56 -12.55 28.96
N ARG E 376 -15.77 -12.00 29.89
CA ARG E 376 -14.39 -11.71 29.57
C ARG E 376 -13.59 -12.98 29.34
N GLY E 377 -13.88 -14.04 30.11
CA GLY E 377 -13.22 -15.31 29.87
C GLY E 377 -13.55 -15.88 28.50
N VAL E 378 -14.83 -15.79 28.12
CA VAL E 378 -15.23 -16.26 26.79
C VAL E 378 -14.50 -15.47 25.72
N GLN E 379 -14.42 -14.15 25.88
CA GLN E 379 -13.74 -13.33 24.88
C GLN E 379 -12.28 -13.70 24.80
N LYS E 380 -11.61 -13.88 25.94
CA LYS E 380 -10.19 -14.20 25.93
C LYS E 380 -9.93 -15.56 25.28
N ILE E 381 -10.76 -16.56 25.62
CA ILE E 381 -10.54 -17.88 25.02
C ILE E 381 -10.78 -17.82 23.53
N LEU E 382 -11.79 -17.06 23.09
CA LEU E 382 -12.06 -16.97 21.66
C LEU E 382 -10.94 -16.23 20.93
N GLN E 383 -10.37 -15.19 21.55
CA GLN E 383 -9.22 -14.53 20.94
C GLN E 383 -8.03 -15.47 20.84
N ASP E 384 -7.75 -16.20 21.90
CA ASP E 384 -6.63 -17.14 21.87
C ASP E 384 -6.84 -18.20 20.81
N TYR E 385 -8.07 -18.70 20.66
CA TYR E 385 -8.33 -19.68 19.63
C TYR E 385 -8.17 -19.07 18.25
N LYS E 386 -8.62 -17.84 18.06
CA LYS E 386 -8.45 -17.20 16.76
C LYS E 386 -6.97 -17.10 16.43
N SER E 387 -6.14 -16.78 17.42
CA SER E 387 -4.70 -16.71 17.19
C SER E 387 -4.13 -18.08 16.85
N LEU E 388 -4.43 -19.10 17.67
CA LEU E 388 -3.94 -20.44 17.38
C LEU E 388 -4.43 -20.95 16.04
N GLN E 389 -5.55 -20.43 15.54
CA GLN E 389 -6.02 -20.80 14.22
C GLN E 389 -4.94 -20.54 13.18
N ASP E 390 -4.27 -19.39 13.30
CA ASP E 390 -3.22 -19.06 12.33
C ASP E 390 -2.08 -20.06 12.41
N ILE E 391 -1.63 -20.40 13.61
CA ILE E 391 -0.51 -21.34 13.75
C ILE E 391 -0.90 -22.69 13.18
N ILE E 392 -2.11 -23.16 13.49
CA ILE E 392 -2.57 -24.45 12.97
C ILE E 392 -2.63 -24.42 11.46
N ALA E 393 -3.17 -23.35 10.88
CA ALA E 393 -3.30 -23.27 9.44
C ALA E 393 -1.93 -23.27 8.76
N ILE E 394 -0.98 -22.54 9.34
CA ILE E 394 0.34 -22.43 8.72
C ILE E 394 1.12 -23.73 8.88
N LEU E 395 1.39 -24.12 10.13
CA LEU E 395 2.29 -25.22 10.42
C LEU E 395 1.58 -26.56 10.57
N GLY E 396 0.52 -26.61 11.37
CA GLY E 396 -0.23 -27.84 11.54
C GLY E 396 -0.56 -28.11 12.98
N MET E 397 -1.55 -28.96 13.23
CA MET E 397 -1.98 -29.23 14.60
C MET E 397 -0.84 -29.74 15.45
N ASP E 398 0.11 -30.47 14.84
CA ASP E 398 1.26 -30.98 15.58
C ASP E 398 1.96 -29.88 16.34
N GLU E 399 2.10 -28.70 15.73
CA GLU E 399 2.87 -27.61 16.32
C GLU E 399 2.33 -27.17 17.68
N LEU E 400 1.13 -27.61 18.06
CA LEU E 400 0.52 -27.17 19.30
C LEU E 400 0.63 -28.24 20.38
N SER E 401 0.90 -27.78 21.60
CA SER E 401 0.87 -28.63 22.78
C SER E 401 -0.56 -28.84 23.22
N GLU E 402 -0.76 -29.67 24.26
CA GLU E 402 -2.10 -29.84 24.79
C GLU E 402 -2.54 -28.65 25.64
N GLU E 403 -1.60 -27.89 26.19
CA GLU E 403 -1.96 -26.66 26.87
C GLU E 403 -2.68 -25.70 25.95
N ASP E 404 -2.50 -25.86 24.64
CA ASP E 404 -3.21 -25.10 23.62
C ASP E 404 -4.37 -25.88 23.03
N LYS E 405 -4.21 -27.18 22.81
CA LYS E 405 -5.30 -27.95 22.24
C LYS E 405 -6.51 -27.99 23.15
N LEU E 406 -6.32 -27.88 24.46
CA LEU E 406 -7.47 -27.80 25.34
C LEU E 406 -8.23 -26.50 25.13
N THR E 407 -7.53 -25.38 25.00
CA THR E 407 -8.20 -24.12 24.69
C THR E 407 -8.89 -24.20 23.35
N VAL E 408 -8.27 -24.87 22.37
CA VAL E 408 -8.89 -25.01 21.06
C VAL E 408 -10.19 -25.79 21.17
N SER E 409 -10.18 -26.89 21.92
CA SER E 409 -11.40 -27.67 22.09
C SER E 409 -12.48 -26.86 22.79
N ARG E 410 -12.10 -26.14 23.85
CA ARG E 410 -13.06 -25.32 24.55
C ARG E 410 -13.61 -24.22 23.65
N ALA E 411 -12.76 -23.61 22.84
CA ALA E 411 -13.21 -22.54 21.95
C ALA E 411 -14.17 -23.07 20.91
N ARG E 412 -13.89 -24.24 20.34
CA ARG E 412 -14.83 -24.82 19.39
C ARG E 412 -16.16 -25.12 20.06
N LYS E 413 -16.12 -25.63 21.29
CA LYS E 413 -17.37 -25.89 22.00
C LYS E 413 -18.14 -24.60 22.25
N ILE E 414 -17.44 -23.51 22.59
CA ILE E 414 -18.12 -22.26 22.86
C ILE E 414 -18.72 -21.67 21.59
N GLN E 415 -17.92 -21.64 20.52
CA GLN E 415 -18.44 -21.18 19.23
C GLN E 415 -19.68 -21.95 18.84
N ARG E 416 -19.71 -23.25 19.13
CA ARG E 416 -20.93 -24.01 18.90
C ARG E 416 -22.05 -23.53 19.80
N PHE E 417 -21.78 -23.42 21.09
CA PHE E 417 -22.84 -23.16 22.04
C PHE E 417 -23.47 -21.79 21.85
N LEU E 418 -22.77 -20.87 21.19
CA LEU E 418 -23.36 -19.55 20.96
C LEU E 418 -24.51 -19.61 19.96
N SER E 419 -24.47 -20.54 19.00
CA SER E 419 -25.58 -20.70 18.09
C SER E 419 -26.83 -21.11 18.85
N GLN E 420 -27.97 -20.60 18.40
CA GLN E 420 -29.25 -20.85 19.05
C GLN E 420 -30.30 -21.08 17.99
N PRO E 421 -31.31 -21.92 18.27
CA PRO E 421 -32.40 -22.07 17.31
C PRO E 421 -33.53 -21.09 17.58
N PHE E 422 -33.76 -20.17 16.65
CA PHE E 422 -34.82 -19.19 16.82
C PHE E 422 -36.17 -19.84 16.56
N GLN E 423 -37.20 -19.28 17.19
CA GLN E 423 -38.55 -19.80 16.98
C GLN E 423 -39.04 -19.47 15.59
N VAL E 424 -38.85 -18.23 15.15
CA VAL E 424 -39.36 -17.82 13.84
C VAL E 424 -38.64 -18.59 12.73
N ALA E 425 -37.41 -19.02 12.99
CA ALA E 425 -36.62 -19.74 12.00
C ALA E 425 -36.93 -21.24 11.97
N GLU E 426 -38.08 -21.64 12.50
CA GLU E 426 -38.46 -23.05 12.43
C GLU E 426 -38.57 -23.54 10.99
N VAL E 427 -38.94 -22.65 10.06
CA VAL E 427 -39.10 -23.06 8.68
C VAL E 427 -37.79 -23.56 8.09
N PHE E 428 -36.66 -23.03 8.55
CA PHE E 428 -35.38 -23.45 8.00
C PHE E 428 -34.91 -24.76 8.64
N THR E 429 -34.66 -24.74 9.95
CA THR E 429 -33.97 -25.85 10.60
C THR E 429 -34.91 -26.85 11.26
N GLY E 430 -36.17 -26.50 11.46
CA GLY E 430 -37.11 -27.43 12.05
C GLY E 430 -37.03 -27.48 13.56
N HIS E 431 -35.83 -27.26 14.11
CA HIS E 431 -35.66 -27.23 15.55
C HIS E 431 -36.65 -26.27 16.19
N LEU E 432 -36.85 -26.41 17.49
CA LEU E 432 -37.80 -25.61 18.23
C LEU E 432 -37.13 -24.34 18.76
N GLY E 433 -37.90 -23.27 18.83
CA GLY E 433 -37.36 -22.02 19.35
C GLY E 433 -37.10 -22.13 20.85
N LYS E 434 -35.89 -21.74 21.26
CA LYS E 434 -35.48 -21.81 22.65
C LYS E 434 -35.20 -20.41 23.16
N LEU E 435 -35.97 -19.97 24.15
CA LEU E 435 -35.78 -18.66 24.77
C LEU E 435 -35.02 -18.89 26.08
N VAL E 436 -33.71 -19.13 25.95
CA VAL E 436 -32.87 -19.42 27.10
C VAL E 436 -32.75 -18.18 27.97
N PRO E 437 -33.18 -18.21 29.23
CA PRO E 437 -33.02 -17.02 30.09
C PRO E 437 -31.56 -16.74 30.39
N LEU E 438 -31.33 -15.56 30.96
CA LEU E 438 -29.97 -15.07 31.15
C LEU E 438 -29.17 -16.00 32.04
N LYS E 439 -29.76 -16.44 33.16
CA LYS E 439 -29.02 -17.25 34.11
C LYS E 439 -28.54 -18.54 33.47
N GLU E 440 -29.39 -19.15 32.64
CA GLU E 440 -29.00 -20.40 32.00
C GLU E 440 -27.83 -20.19 31.05
N THR E 441 -27.80 -19.09 30.31
CA THR E 441 -26.66 -18.80 29.46
C THR E 441 -25.39 -18.66 30.30
N ILE E 442 -25.48 -17.90 31.40
CA ILE E 442 -24.30 -17.68 32.22
C ILE E 442 -23.79 -19.00 32.76
N LYS E 443 -24.68 -19.82 33.30
CA LYS E 443 -24.24 -21.10 33.86
C LYS E 443 -23.63 -21.98 32.79
N GLY E 444 -24.28 -22.06 31.62
CA GLY E 444 -23.75 -22.90 30.56
C GLY E 444 -22.34 -22.52 30.18
N PHE E 445 -22.08 -21.22 30.01
CA PHE E 445 -20.76 -20.82 29.56
C PHE E 445 -19.74 -20.91 30.69
N GLN E 446 -20.13 -20.54 31.90
CA GLN E 446 -19.23 -20.69 33.04
C GLN E 446 -18.81 -22.13 33.23
N GLN E 447 -19.69 -23.08 32.87
CA GLN E 447 -19.35 -24.48 33.01
C GLN E 447 -18.52 -24.99 31.84
N ILE E 448 -18.91 -24.65 30.61
CA ILE E 448 -18.10 -25.07 29.47
C ILE E 448 -16.68 -24.55 29.60
N LEU E 449 -16.50 -23.40 30.26
CA LEU E 449 -15.15 -22.89 30.47
C LEU E 449 -14.44 -23.65 31.58
N ALA E 450 -15.18 -24.10 32.59
CA ALA E 450 -14.60 -24.88 33.68
C ALA E 450 -14.30 -26.32 33.28
N GLY E 451 -14.28 -26.62 31.99
CA GLY E 451 -13.93 -27.93 31.51
C GLY E 451 -14.93 -29.01 31.83
N GLU E 452 -16.05 -28.67 32.46
CA GLU E 452 -16.96 -29.70 32.95
C GLU E 452 -17.51 -30.56 31.82
N TYR E 453 -17.44 -30.11 30.57
CA TYR E 453 -17.98 -30.84 29.45
C TYR E 453 -16.96 -31.00 28.33
N ASP E 454 -15.69 -31.17 28.67
CA ASP E 454 -14.67 -31.26 27.65
C ASP E 454 -14.72 -32.57 26.87
N HIS E 455 -15.54 -33.53 27.29
CA HIS E 455 -15.61 -34.82 26.61
C HIS E 455 -16.76 -34.92 25.61
N LEU E 456 -17.86 -34.21 25.83
CA LEU E 456 -18.99 -34.32 24.92
C LEU E 456 -18.56 -33.90 23.52
N PRO E 457 -19.03 -34.58 22.47
CA PRO E 457 -18.75 -34.09 21.12
C PRO E 457 -19.30 -32.70 20.91
N GLU E 458 -18.55 -31.90 20.14
CA GLU E 458 -18.95 -30.52 19.91
C GLU E 458 -20.41 -30.43 19.43
N GLN E 459 -20.80 -31.33 18.54
CA GLN E 459 -22.16 -31.31 18.01
C GLN E 459 -23.20 -31.54 19.10
N ALA E 460 -22.79 -31.81 20.33
CA ALA E 460 -23.73 -31.82 21.45
C ALA E 460 -24.35 -30.45 21.65
N PHE E 461 -23.55 -29.39 21.49
CA PHE E 461 -24.01 -28.03 21.76
C PHE E 461 -24.59 -27.35 20.53
N TYR E 462 -24.13 -27.70 19.34
CA TYR E 462 -24.55 -27.02 18.13
C TYR E 462 -26.06 -26.91 18.07
N MET E 463 -26.56 -25.66 18.04
CA MET E 463 -27.98 -25.38 17.90
C MET E 463 -28.79 -26.01 19.03
N VAL E 464 -28.51 -25.54 20.25
CA VAL E 464 -29.28 -25.93 21.43
C VAL E 464 -29.59 -24.68 22.23
N GLY E 465 -30.43 -24.85 23.25
CA GLY E 465 -30.78 -23.77 24.13
C GLY E 465 -29.87 -23.78 25.35
N PRO E 466 -30.37 -24.22 26.50
CA PRO E 466 -29.50 -24.31 27.68
C PRO E 466 -28.39 -25.33 27.49
N ILE E 467 -27.58 -25.55 28.53
CA ILE E 467 -26.54 -26.57 28.45
C ILE E 467 -27.12 -27.96 28.67
N GLU E 468 -28.21 -28.06 29.43
CA GLU E 468 -28.80 -29.35 29.74
C GLU E 468 -29.27 -30.04 28.48
N GLU E 469 -29.89 -29.28 27.57
CA GLU E 469 -30.25 -29.83 26.28
C GLU E 469 -29.02 -30.29 25.51
N ALA E 470 -27.88 -29.62 25.68
CA ALA E 470 -26.66 -30.08 25.05
C ALA E 470 -26.23 -31.43 25.60
N VAL E 471 -26.35 -31.62 26.91
CA VAL E 471 -26.07 -32.93 27.51
C VAL E 471 -26.97 -33.98 26.91
N ALA E 472 -28.27 -33.70 26.82
CA ALA E 472 -29.21 -34.66 26.28
C ALA E 472 -28.88 -34.99 24.83
N LYS E 473 -28.53 -34.00 24.04
CA LYS E 473 -28.17 -34.24 22.65
C LYS E 473 -26.92 -35.10 22.54
N ALA E 474 -25.93 -34.86 23.43
CA ALA E 474 -24.74 -35.70 23.43
C ALA E 474 -25.12 -37.15 23.70
N ASP E 475 -25.98 -37.37 24.70
CA ASP E 475 -26.40 -38.73 25.00
C ASP E 475 -27.09 -39.36 23.81
N LYS E 476 -27.99 -38.62 23.15
CA LYS E 476 -28.71 -39.17 22.02
C LYS E 476 -27.76 -39.55 20.89
N LEU E 477 -26.91 -38.62 20.46
CA LEU E 477 -26.07 -38.89 19.30
C LEU E 477 -24.87 -39.77 19.63
N ALA E 478 -24.64 -40.07 20.90
CA ALA E 478 -23.53 -40.93 21.30
C ALA E 478 -23.92 -42.40 21.38
N GLU E 479 -25.14 -42.75 21.03
CA GLU E 479 -25.60 -44.13 21.12
C GLU E 479 -26.05 -44.63 19.75
N THR F 13 -15.44 66.07 14.55
CA THR F 13 -16.89 66.07 14.63
C THR F 13 -17.40 64.80 15.30
N THR F 14 -18.71 64.69 15.43
CA THR F 14 -19.35 63.62 16.19
C THR F 14 -20.23 62.79 15.28
N GLY F 15 -20.11 61.47 15.38
CA GLY F 15 -20.95 60.56 14.64
C GLY F 15 -21.72 59.66 15.59
N ARG F 16 -22.63 58.87 15.02
CA ARG F 16 -23.50 58.00 15.79
C ARG F 16 -23.34 56.57 15.30
N ILE F 17 -23.20 55.63 16.23
CA ILE F 17 -23.15 54.23 15.87
C ILE F 17 -24.46 53.87 15.20
N VAL F 18 -24.40 53.38 13.97
CA VAL F 18 -25.59 53.06 13.21
C VAL F 18 -25.82 51.56 13.21
N ALA F 19 -24.75 50.77 13.32
CA ALA F 19 -24.93 49.33 13.40
C ALA F 19 -23.74 48.71 14.11
N VAL F 20 -23.93 47.50 14.61
CA VAL F 20 -22.90 46.77 15.34
C VAL F 20 -23.03 45.29 15.03
N ILE F 21 -21.93 44.66 14.66
CA ILE F 21 -21.93 43.24 14.33
C ILE F 21 -20.68 42.61 14.91
N GLY F 22 -20.83 41.86 15.99
CA GLY F 22 -19.66 41.26 16.60
C GLY F 22 -18.65 42.32 16.97
N ALA F 23 -17.55 42.39 16.22
CA ALA F 23 -16.49 43.37 16.45
C ALA F 23 -16.29 44.24 15.22
N VAL F 24 -17.39 44.67 14.61
CA VAL F 24 -17.35 45.59 13.47
C VAL F 24 -18.51 46.55 13.63
N VAL F 25 -18.22 47.84 13.73
CA VAL F 25 -19.20 48.85 14.07
C VAL F 25 -19.32 49.83 12.92
N ASP F 26 -20.54 50.02 12.42
CA ASP F 26 -20.82 51.02 11.40
C ASP F 26 -21.25 52.30 12.09
N VAL F 27 -20.56 53.38 11.76
CA VAL F 27 -20.82 54.70 12.35
C VAL F 27 -21.28 55.63 11.25
N GLN F 28 -22.11 56.61 11.60
CA GLN F 28 -22.68 57.53 10.64
C GLN F 28 -22.33 58.96 11.03
N PHE F 29 -21.48 59.61 10.25
CA PHE F 29 -21.05 60.96 10.50
C PHE F 29 -21.91 61.93 9.70
N ASP F 30 -22.68 62.77 10.39
CA ASP F 30 -23.50 63.75 9.69
C ASP F 30 -22.62 64.79 9.00
N GLU F 31 -21.59 65.27 9.68
CA GLU F 31 -20.64 66.21 9.10
C GLU F 31 -19.57 65.43 8.33
N GLY F 32 -18.42 66.05 8.10
CA GLY F 32 -17.35 65.42 7.36
C GLY F 32 -16.89 64.10 7.97
N LEU F 33 -16.55 63.13 7.11
CA LEU F 33 -16.10 61.83 7.54
C LEU F 33 -14.62 61.89 7.93
N PRO F 34 -14.14 60.89 8.66
CA PRO F 34 -12.72 60.79 8.94
C PRO F 34 -12.03 59.93 7.90
N PRO F 35 -10.82 60.28 7.50
CA PRO F 35 -10.11 59.42 6.55
C PRO F 35 -9.85 58.05 7.14
N ILE F 36 -9.41 57.14 6.28
CA ILE F 36 -9.29 55.74 6.66
C ILE F 36 -8.11 55.57 7.61
N LEU F 37 -8.23 54.61 8.51
CA LEU F 37 -7.28 54.28 9.57
C LEU F 37 -7.37 55.21 10.76
N ASN F 38 -8.27 56.19 10.77
CA ASN F 38 -8.42 57.03 11.94
C ASN F 38 -8.90 56.22 13.12
N ALA F 39 -8.63 56.77 14.31
CA ALA F 39 -9.07 56.18 15.56
C ALA F 39 -10.24 57.00 16.07
N LEU F 40 -11.35 56.34 16.33
CA LEU F 40 -12.57 56.96 16.80
C LEU F 40 -12.78 56.54 18.25
N GLU F 41 -13.16 57.50 19.10
CA GLU F 41 -13.35 57.25 20.51
C GLU F 41 -14.84 57.16 20.80
N VAL F 42 -15.30 56.01 21.27
CA VAL F 42 -16.71 55.86 21.61
C VAL F 42 -16.97 56.60 22.92
N GLN F 43 -18.14 57.20 23.03
CA GLN F 43 -18.51 58.02 24.17
C GLN F 43 -19.50 57.29 25.04
N GLY F 44 -19.25 57.27 26.35
CA GLY F 44 -20.17 56.67 27.29
C GLY F 44 -19.82 55.25 27.64
N ARG F 45 -18.57 55.01 28.00
CA ARG F 45 -18.09 53.68 28.34
C ARG F 45 -17.31 53.73 29.63
N GLU F 46 -17.29 52.61 30.35
CA GLU F 46 -16.49 52.52 31.56
C GLU F 46 -15.01 52.60 31.23
N THR F 47 -14.61 52.11 30.08
CA THR F 47 -13.21 52.11 29.65
C THR F 47 -13.09 52.85 28.32
N ARG F 48 -11.95 52.72 27.65
CA ARG F 48 -11.72 53.41 26.39
C ARG F 48 -11.86 52.41 25.24
N LEU F 49 -12.96 52.50 24.51
CA LEU F 49 -13.13 51.73 23.29
C LEU F 49 -12.67 52.58 22.12
N VAL F 50 -11.75 52.05 21.34
CA VAL F 50 -11.16 52.76 20.22
C VAL F 50 -11.54 52.01 18.95
N LEU F 51 -12.56 52.49 18.26
CA LEU F 51 -12.83 51.98 16.94
C LEU F 51 -11.76 52.49 15.98
N GLU F 52 -11.59 51.82 14.86
CA GLU F 52 -10.63 52.27 13.87
C GLU F 52 -11.21 52.08 12.48
N VAL F 53 -11.25 53.15 11.69
CA VAL F 53 -11.92 53.09 10.40
C VAL F 53 -11.21 52.10 9.49
N ALA F 54 -11.98 51.46 8.61
CA ALA F 54 -11.46 50.58 7.59
C ALA F 54 -12.09 50.76 6.23
N GLN F 55 -13.29 51.33 6.14
CA GLN F 55 -13.93 51.52 4.85
C GLN F 55 -14.88 52.70 4.95
N HIS F 56 -15.21 53.26 3.79
CA HIS F 56 -16.28 54.23 3.63
C HIS F 56 -17.36 53.59 2.78
N LEU F 57 -18.56 53.47 3.34
CA LEU F 57 -19.67 52.82 2.66
C LEU F 57 -20.52 53.79 1.87
N GLY F 58 -20.12 55.04 1.77
CA GLY F 58 -20.97 56.04 1.17
C GLY F 58 -22.12 56.33 2.12
N GLU F 59 -22.97 57.25 1.68
CA GLU F 59 -24.06 57.73 2.53
C GLU F 59 -23.52 58.18 3.87
N SER F 60 -22.30 58.71 3.87
CA SER F 60 -21.63 59.30 5.02
C SER F 60 -21.21 58.25 6.05
N THR F 61 -21.52 56.99 5.84
CA THR F 61 -21.17 55.96 6.80
C THR F 61 -19.69 55.61 6.72
N VAL F 62 -19.16 55.07 7.81
CA VAL F 62 -17.87 54.42 7.81
C VAL F 62 -18.03 53.11 8.57
N ARG F 63 -17.13 52.17 8.29
CA ARG F 63 -17.14 50.86 8.91
C ARG F 63 -15.82 50.67 9.65
N THR F 64 -15.90 50.29 10.92
CA THR F 64 -14.77 50.38 11.82
C THR F 64 -14.58 49.07 12.56
N ILE F 65 -13.35 48.81 12.96
CA ILE F 65 -13.00 47.64 13.75
C ILE F 65 -12.78 48.08 15.18
N ALA F 66 -13.48 47.44 16.12
CA ALA F 66 -13.45 47.85 17.51
C ALA F 66 -12.31 47.16 18.24
N MET F 67 -11.57 47.92 19.03
CA MET F 67 -10.34 47.46 19.65
C MET F 67 -10.56 46.83 21.02
N ASP F 68 -11.82 46.67 21.43
CA ASP F 68 -12.15 46.01 22.68
C ASP F 68 -13.53 45.39 22.52
N GLY F 69 -14.13 44.95 23.62
CA GLY F 69 -15.44 44.34 23.54
C GLY F 69 -16.49 45.36 23.13
N THR F 70 -17.33 44.99 22.20
CA THR F 70 -18.46 45.83 21.80
C THR F 70 -19.71 45.54 22.61
N GLU F 71 -19.64 44.67 23.61
CA GLU F 71 -20.79 44.44 24.46
C GLU F 71 -21.24 45.76 25.08
N GLY F 72 -22.52 46.06 24.99
CA GLY F 72 -23.05 47.25 25.58
C GLY F 72 -23.22 48.41 24.60
N LEU F 73 -22.61 48.34 23.42
CA LEU F 73 -22.80 49.39 22.44
C LEU F 73 -24.26 49.45 22.04
N VAL F 74 -24.82 50.65 22.01
CA VAL F 74 -26.23 50.86 21.73
C VAL F 74 -26.35 51.63 20.43
N ARG F 75 -27.15 51.11 19.51
CA ARG F 75 -27.44 51.84 18.28
C ARG F 75 -27.83 53.26 18.62
N GLY F 76 -27.01 54.21 18.19
CA GLY F 76 -27.22 55.61 18.50
C GLY F 76 -26.20 56.22 19.43
N GLN F 77 -25.27 55.43 19.96
CA GLN F 77 -24.22 55.99 20.78
C GLN F 77 -23.45 57.03 20.00
N LYS F 78 -22.59 57.77 20.70
CA LYS F 78 -21.81 58.85 20.10
C LYS F 78 -20.36 58.42 19.94
N VAL F 79 -19.70 59.00 18.95
CA VAL F 79 -18.34 58.64 18.60
C VAL F 79 -17.62 59.90 18.15
N LEU F 80 -16.46 60.18 18.73
CA LEU F 80 -15.69 61.37 18.45
C LEU F 80 -14.49 61.01 17.59
N ASP F 81 -14.31 61.72 16.48
CA ASP F 81 -13.19 61.44 15.60
C ASP F 81 -11.92 61.97 16.22
N SER F 82 -11.08 61.07 16.74
CA SER F 82 -9.86 61.50 17.40
C SER F 82 -8.91 62.21 16.44
N GLY F 83 -9.10 62.05 15.13
CA GLY F 83 -8.44 62.87 14.16
C GLY F 83 -7.12 62.35 13.65
N ALA F 84 -6.53 61.37 14.30
CA ALA F 84 -5.27 60.78 13.86
C ALA F 84 -5.32 59.29 14.13
N PRO F 85 -4.50 58.50 13.43
CA PRO F 85 -4.49 57.06 13.67
C PRO F 85 -4.19 56.77 15.13
N ILE F 86 -4.26 55.49 15.49
CA ILE F 86 -3.88 55.11 16.83
C ILE F 86 -2.47 55.63 17.06
N ARG F 87 -2.29 56.41 18.11
CA ARG F 87 -0.99 56.96 18.46
C ARG F 87 -0.56 56.35 19.79
N ILE F 88 0.64 55.78 19.81
CA ILE F 88 1.12 55.04 20.96
C ILE F 88 2.33 55.78 21.53
N PRO F 89 2.62 55.61 22.82
CA PRO F 89 3.82 56.22 23.41
C PRO F 89 5.05 55.42 23.03
N VAL F 90 5.98 56.06 22.33
CA VAL F 90 7.26 55.43 22.02
C VAL F 90 8.35 56.19 22.75
N GLY F 91 9.59 55.74 22.61
CA GLY F 91 10.69 56.40 23.25
C GLY F 91 11.55 55.41 23.99
N PRO F 92 12.55 55.90 24.72
CA PRO F 92 13.31 55.05 25.64
C PRO F 92 12.67 54.89 26.99
N GLU F 93 11.51 55.52 27.23
CA GLU F 93 10.78 55.38 28.47
C GLU F 93 9.70 54.32 28.39
N THR F 94 9.56 53.63 27.25
CA THR F 94 8.71 52.45 27.19
C THR F 94 9.44 51.20 27.64
N LEU F 95 10.76 51.22 27.62
CA LEU F 95 11.53 50.04 28.00
C LEU F 95 11.16 49.60 29.40
N GLY F 96 10.99 48.28 29.57
CA GLY F 96 10.65 47.73 30.86
C GLY F 96 9.18 47.80 31.20
N ARG F 97 8.34 48.32 30.33
CA ARG F 97 6.92 48.44 30.59
C ARG F 97 6.18 47.40 29.78
N ILE F 98 4.85 47.44 29.88
CA ILE F 98 3.97 46.61 29.07
C ILE F 98 2.91 47.52 28.47
N MET F 99 2.46 47.17 27.28
CA MET F 99 1.45 47.96 26.59
C MET F 99 0.46 47.01 25.96
N ASN F 100 -0.75 47.49 25.74
CA ASN F 100 -1.71 46.79 24.92
C ASN F 100 -1.74 47.45 23.55
N VAL F 101 -2.68 47.04 22.70
CA VAL F 101 -2.68 47.50 21.32
C VAL F 101 -2.71 49.02 21.25
N ILE F 102 -3.60 49.64 22.00
CA ILE F 102 -3.85 51.07 21.85
C ILE F 102 -2.83 51.88 22.65
N GLY F 103 -1.80 51.23 23.18
CA GLY F 103 -0.70 51.93 23.78
C GLY F 103 -0.83 52.22 25.26
N GLU F 104 -1.95 51.86 25.88
CA GLU F 104 -2.06 52.04 27.31
C GLU F 104 -1.14 51.05 28.03
N PRO F 105 -0.71 51.37 29.24
CA PRO F 105 0.04 50.39 30.03
C PRO F 105 -0.90 49.42 30.72
N ILE F 106 -0.41 48.20 30.90
CA ILE F 106 -1.17 47.18 31.61
C ILE F 106 -0.30 46.49 32.64
N ASP F 107 0.73 47.18 33.13
CA ASP F 107 1.56 46.67 34.20
C ASP F 107 1.22 47.29 35.55
N GLU F 108 0.25 48.20 35.60
CA GLU F 108 -0.17 48.83 36.85
C GLU F 108 1.00 49.58 37.50
N ARG F 109 1.59 50.50 36.72
CA ARG F 109 2.73 51.25 37.21
C ARG F 109 2.68 52.72 36.83
N GLY F 110 1.59 53.20 36.25
CA GLY F 110 1.44 54.60 35.93
C GLY F 110 1.76 54.90 34.49
N PRO F 111 1.22 56.01 33.98
CA PRO F 111 1.30 56.25 32.54
C PRO F 111 2.73 56.32 32.06
N ILE F 112 2.96 55.82 30.85
CA ILE F 112 4.25 55.99 30.20
C ILE F 112 4.42 57.45 29.87
N LYS F 113 5.48 58.07 30.38
CA LYS F 113 5.72 59.50 30.22
C LYS F 113 6.73 59.68 29.10
N THR F 114 6.24 59.89 27.89
CA THR F 114 7.07 60.10 26.72
C THR F 114 6.58 61.32 25.95
N LYS F 115 7.53 62.02 25.34
CA LYS F 115 7.21 63.16 24.48
C LYS F 115 7.08 62.77 23.02
N GLN F 116 7.47 61.55 22.65
CA GLN F 116 7.41 61.09 21.28
C GLN F 116 6.25 60.12 21.14
N PHE F 117 5.19 60.57 20.46
CA PHE F 117 4.05 59.72 20.13
C PHE F 117 4.13 59.31 18.68
N ALA F 118 3.87 58.04 18.40
CA ALA F 118 4.02 57.50 17.05
C ALA F 118 2.73 56.86 16.58
N ALA F 119 2.39 57.06 15.32
CA ALA F 119 1.20 56.48 14.72
C ALA F 119 1.53 55.12 14.14
N ILE F 120 0.72 54.12 14.48
CA ILE F 120 1.10 52.73 14.20
C ILE F 120 0.94 52.33 12.75
N HIS F 121 0.56 53.26 11.87
CA HIS F 121 0.27 52.91 10.49
C HIS F 121 1.18 53.64 9.51
N ALA F 122 2.47 53.67 9.79
CA ALA F 122 3.40 54.27 8.85
C ALA F 122 3.67 53.33 7.68
N GLU F 123 4.34 53.84 6.66
CA GLU F 123 4.58 53.11 5.44
C GLU F 123 5.96 52.47 5.46
N ALA F 124 6.15 51.52 4.54
CA ALA F 124 7.36 50.73 4.54
C ALA F 124 8.57 51.55 4.07
N PRO F 125 9.77 51.19 4.51
CA PRO F 125 10.95 51.93 4.06
C PRO F 125 11.07 51.89 2.55
N GLU F 126 11.48 53.01 1.96
CA GLU F 126 11.65 53.07 0.52
C GLU F 126 12.74 52.12 0.07
N PHE F 127 12.82 51.93 -1.24
CA PHE F 127 13.80 51.00 -1.78
C PHE F 127 15.23 51.48 -1.56
N VAL F 128 15.43 52.81 -1.53
CA VAL F 128 16.77 53.36 -1.45
C VAL F 128 17.35 53.33 -0.04
N GLU F 129 16.64 52.72 0.91
CA GLU F 129 17.12 52.63 2.28
C GLU F 129 17.66 51.26 2.64
N MET F 130 17.23 50.20 1.97
CA MET F 130 17.57 48.86 2.40
C MET F 130 19.07 48.66 2.46
N SER F 131 19.53 47.98 3.50
CA SER F 131 20.92 47.57 3.64
C SER F 131 21.04 46.12 3.22
N VAL F 132 22.15 45.79 2.57
CA VAL F 132 22.30 44.53 1.88
C VAL F 132 23.32 43.61 2.52
N GLU F 133 23.96 44.04 3.60
CA GLU F 133 25.01 43.24 4.23
C GLU F 133 24.38 42.13 5.05
N GLN F 134 24.89 40.91 4.86
CA GLN F 134 24.45 39.74 5.61
C GLN F 134 25.65 39.16 6.34
N GLU F 135 25.50 38.99 7.66
CA GLU F 135 26.55 38.44 8.49
C GLU F 135 25.94 37.46 9.47
N ILE F 136 26.62 36.33 9.68
CA ILE F 136 26.05 35.25 10.45
C ILE F 136 25.83 35.69 11.90
N LEU F 137 24.75 35.20 12.49
CA LEU F 137 24.45 35.38 13.90
C LEU F 137 24.50 34.01 14.55
N VAL F 138 25.30 33.86 15.59
CA VAL F 138 25.52 32.56 16.22
C VAL F 138 24.63 32.46 17.45
N THR F 139 23.72 31.49 17.43
CA THR F 139 22.75 31.30 18.49
C THR F 139 23.16 30.24 19.50
N GLY F 140 24.06 29.34 19.14
CA GLY F 140 24.45 28.26 19.99
C GLY F 140 23.69 26.97 19.75
N ILE F 141 22.54 27.04 19.10
CA ILE F 141 21.81 25.83 18.76
C ILE F 141 22.53 25.12 17.63
N LYS F 142 22.74 23.81 17.78
CA LYS F 142 23.52 23.08 16.80
C LYS F 142 22.86 23.09 15.42
N VAL F 143 21.63 22.58 15.34
CA VAL F 143 21.00 22.41 14.03
C VAL F 143 20.83 23.75 13.34
N VAL F 144 20.37 24.78 14.07
CA VAL F 144 20.16 26.08 13.45
C VAL F 144 21.49 26.67 13.01
N ASP F 145 22.52 26.57 13.83
CA ASP F 145 23.81 27.14 13.47
C ASP F 145 24.48 26.38 12.34
N LEU F 146 24.06 25.16 12.06
CA LEU F 146 24.74 24.34 11.06
C LEU F 146 24.01 24.32 9.72
N LEU F 147 22.73 23.97 9.72
CA LEU F 147 22.02 23.79 8.46
C LEU F 147 21.33 25.06 7.99
N ALA F 148 20.81 25.88 8.90
CA ALA F 148 20.06 27.08 8.56
C ALA F 148 20.54 28.24 9.41
N PRO F 149 21.78 28.68 9.21
CA PRO F 149 22.31 29.74 10.06
C PRO F 149 21.48 31.01 9.96
N TYR F 150 21.38 31.72 11.08
CA TYR F 150 20.61 32.94 11.16
C TYR F 150 21.48 34.13 10.81
N ALA F 151 20.85 35.17 10.27
CA ALA F 151 21.55 36.34 9.76
C ALA F 151 21.26 37.54 10.64
N LYS F 152 22.30 38.29 11.00
CA LYS F 152 22.09 39.50 11.76
C LYS F 152 21.22 40.46 10.97
N GLY F 153 20.21 41.02 11.63
CA GLY F 153 19.34 41.96 10.97
C GLY F 153 18.62 41.35 9.79
N GLY F 154 18.07 40.17 9.97
CA GLY F 154 17.35 39.52 8.89
C GLY F 154 16.21 38.67 9.40
N LYS F 155 15.07 38.71 8.71
CA LYS F 155 13.87 38.09 9.23
C LYS F 155 14.02 36.58 9.33
N ILE F 156 13.51 36.04 10.42
CA ILE F 156 13.66 34.65 10.80
C ILE F 156 12.29 34.12 11.19
N GLY F 157 11.99 32.91 10.79
CA GLY F 157 10.69 32.32 11.07
C GLY F 157 10.84 30.97 11.71
N LEU F 158 9.94 30.66 12.64
CA LEU F 158 9.93 29.39 13.35
C LEU F 158 8.60 28.73 13.09
N PHE F 159 8.49 27.98 12.00
CA PHE F 159 7.22 27.35 11.69
C PHE F 159 7.00 26.18 12.63
N GLY F 160 5.91 25.46 12.43
CA GLY F 160 5.62 24.29 13.25
C GLY F 160 4.25 24.34 13.87
N GLY F 161 3.63 23.17 13.98
CA GLY F 161 2.25 23.10 14.41
C GLY F 161 2.10 23.46 15.86
N ALA F 162 1.09 22.89 16.52
CA ALA F 162 0.86 23.14 17.93
C ALA F 162 1.66 22.15 18.77
N GLY F 163 2.31 22.69 19.81
CA GLY F 163 3.05 21.84 20.73
C GLY F 163 4.27 21.16 20.15
N VAL F 164 5.08 21.88 19.38
CA VAL F 164 6.32 21.32 18.85
C VAL F 164 7.56 22.07 19.32
N GLY F 165 7.45 23.26 19.87
CA GLY F 165 8.60 23.91 20.45
C GLY F 165 8.87 25.34 20.02
N LYS F 166 7.92 25.99 19.36
CA LYS F 166 8.16 27.36 18.93
C LYS F 166 8.40 28.27 20.11
N THR F 167 7.59 28.14 21.15
CA THR F 167 7.75 28.99 22.32
C THR F 167 9.03 28.66 23.07
N VAL F 168 9.27 27.39 23.33
CA VAL F 168 10.52 27.01 23.99
C VAL F 168 11.70 27.48 23.17
N LEU F 169 11.59 27.41 21.85
CA LEU F 169 12.72 27.78 21.01
C LEU F 169 12.95 29.27 21.01
N ILE F 170 11.89 30.08 21.00
CA ILE F 170 12.13 31.52 21.07
C ILE F 170 12.58 31.92 22.47
N MET F 171 12.18 31.17 23.49
CA MET F 171 12.73 31.46 24.82
C MET F 171 14.22 31.15 24.85
N GLU F 172 14.63 30.04 24.24
CA GLU F 172 16.06 29.74 24.17
C GLU F 172 16.79 30.81 23.39
N LEU F 173 16.23 31.26 22.28
CA LEU F 173 16.88 32.31 21.50
C LEU F 173 16.94 33.62 22.29
N ILE F 174 15.86 33.96 22.99
CA ILE F 174 15.87 35.13 23.85
C ILE F 174 17.04 35.05 24.81
N ASN F 175 17.08 34.00 25.62
CA ASN F 175 18.19 33.81 26.52
C ASN F 175 19.52 34.00 25.79
N ASN F 176 19.81 33.12 24.83
CA ASN F 176 21.12 33.07 24.21
C ASN F 176 21.54 34.42 23.63
N VAL F 177 20.69 35.03 22.82
CA VAL F 177 21.06 36.24 22.10
C VAL F 177 20.75 37.46 22.95
N ALA F 178 19.49 37.67 23.27
CA ALA F 178 19.10 38.88 23.97
C ALA F 178 19.60 38.95 25.40
N LYS F 179 20.40 37.98 25.87
CA LYS F 179 21.17 38.26 27.08
C LYS F 179 22.48 38.95 26.75
N ALA F 180 23.01 38.75 25.55
CA ALA F 180 24.28 39.31 25.13
C ALA F 180 24.11 40.49 24.17
N HIS F 181 22.89 40.86 23.84
CA HIS F 181 22.67 41.93 22.87
C HIS F 181 22.80 43.28 23.56
N GLY F 182 23.71 44.10 23.06
CA GLY F 182 23.86 45.44 23.62
C GLY F 182 22.66 46.32 23.36
N GLY F 183 22.13 46.29 22.15
CA GLY F 183 21.03 47.15 21.79
C GLY F 183 19.76 46.84 22.58
N TYR F 184 18.67 47.50 22.22
CA TYR F 184 17.41 47.32 22.92
C TYR F 184 16.76 46.03 22.43
N SER F 185 15.48 45.85 22.75
CA SER F 185 14.77 44.64 22.35
C SER F 185 13.29 44.84 22.58
N VAL F 186 12.48 44.13 21.81
CA VAL F 186 11.03 44.19 21.92
C VAL F 186 10.48 42.78 21.90
N PHE F 187 9.30 42.61 22.47
CA PHE F 187 8.62 41.32 22.44
C PHE F 187 7.13 41.60 22.28
N ALA F 188 6.60 41.32 21.09
CA ALA F 188 5.21 41.61 20.79
C ALA F 188 4.43 40.31 20.77
N GLY F 189 4.00 39.87 21.95
CA GLY F 189 3.24 38.65 22.05
C GLY F 189 1.84 38.81 21.51
N VAL F 190 1.58 38.22 20.34
CA VAL F 190 0.28 38.28 19.69
C VAL F 190 -0.47 36.99 19.94
N GLY F 191 -1.74 37.09 20.30
CA GLY F 191 -2.61 35.95 20.40
C GLY F 191 -1.99 34.68 20.97
N GLU F 192 -1.34 34.76 22.12
CA GLU F 192 -0.74 33.60 22.75
C GLU F 192 -1.05 33.60 24.24
N ARG F 193 -0.76 32.46 24.88
CA ARG F 193 -1.17 32.23 26.25
C ARG F 193 -0.86 33.44 27.12
N THR F 194 -1.79 33.77 28.02
CA THR F 194 -1.57 34.88 28.93
C THR F 194 -0.61 34.49 30.05
N ARG F 195 -0.70 33.25 30.52
CA ARG F 195 0.24 32.80 31.54
C ARG F 195 1.66 32.81 31.02
N GLU F 196 1.85 32.61 29.71
CA GLU F 196 3.20 32.69 29.15
C GLU F 196 3.71 34.11 29.14
N GLY F 197 2.85 35.09 28.83
CA GLY F 197 3.27 36.47 28.94
C GLY F 197 3.64 36.84 30.36
N ASN F 198 2.84 36.38 31.32
CA ASN F 198 3.19 36.62 32.72
C ASN F 198 4.51 35.96 33.10
N ASP F 199 4.73 34.73 32.63
CA ASP F 199 5.97 34.03 32.92
C ASP F 199 7.16 34.78 32.35
N LEU F 200 7.04 35.27 31.12
CA LEU F 200 8.13 36.03 30.52
C LEU F 200 8.40 37.29 31.31
N TYR F 201 7.34 38.03 31.66
CA TYR F 201 7.53 39.24 32.45
C TYR F 201 8.28 38.95 33.74
N HIS F 202 7.80 37.98 34.52
CA HIS F 202 8.40 37.73 35.83
C HIS F 202 9.80 37.15 35.70
N GLU F 203 10.03 36.29 34.72
CA GLU F 203 11.38 35.78 34.51
C GLU F 203 12.34 36.89 34.16
N MET F 204 11.94 37.79 33.26
CA MET F 204 12.81 38.91 32.93
C MET F 204 13.04 39.79 34.15
N ILE F 205 12.01 40.05 34.93
CA ILE F 205 12.17 40.86 36.14
C ILE F 205 13.24 40.23 37.03
N GLU F 206 13.10 38.94 37.30
CA GLU F 206 14.01 38.25 38.20
C GLU F 206 15.25 37.74 37.50
N SER F 207 15.52 38.20 36.28
CA SER F 207 16.74 37.87 35.57
C SER F 207 17.56 39.09 35.20
N GLY F 208 17.20 40.26 35.70
CA GLY F 208 17.99 41.45 35.51
C GLY F 208 17.76 42.20 34.22
N VAL F 209 16.90 41.68 33.33
CA VAL F 209 16.64 42.38 32.07
C VAL F 209 15.59 43.47 32.22
N ILE F 210 14.87 43.50 33.34
CA ILE F 210 13.94 44.57 33.65
C ILE F 210 14.22 45.01 35.08
N ASN F 211 14.09 46.31 35.33
CA ASN F 211 14.26 46.87 36.67
C ASN F 211 13.02 47.67 37.00
N LEU F 212 12.32 47.28 38.05
CA LEU F 212 11.07 47.96 38.41
C LEU F 212 11.33 49.35 38.95
N LYS F 213 12.45 49.54 39.65
CA LYS F 213 12.79 50.79 40.33
C LYS F 213 14.13 51.30 39.84
N ASP F 214 14.27 51.32 38.52
CA ASP F 214 15.44 51.85 37.85
C ASP F 214 15.01 52.39 36.51
N ALA F 215 15.97 52.62 35.62
CA ALA F 215 15.67 53.07 34.27
C ALA F 215 16.45 52.28 33.22
N THR F 216 17.07 51.16 33.61
CA THR F 216 18.02 50.46 32.76
C THR F 216 17.44 49.16 32.19
N SER F 217 16.12 49.02 32.14
CA SER F 217 15.55 47.85 31.52
C SER F 217 15.84 47.87 30.03
N LYS F 218 16.02 46.68 29.46
CA LYS F 218 16.43 46.54 28.05
C LYS F 218 15.45 45.68 27.29
N VAL F 219 14.16 45.79 27.59
CA VAL F 219 13.14 45.04 26.86
C VAL F 219 11.83 45.79 26.97
N ALA F 220 11.20 46.04 25.84
CA ALA F 220 9.82 46.51 25.80
C ALA F 220 8.92 45.33 25.51
N LEU F 221 7.76 45.31 26.12
CA LEU F 221 6.81 44.22 25.95
C LEU F 221 5.49 44.78 25.47
N VAL F 222 4.87 44.09 24.52
CA VAL F 222 3.55 44.43 24.03
C VAL F 222 2.75 43.13 24.00
N TYR F 223 1.46 43.20 24.31
CA TYR F 223 0.71 41.97 24.51
C TYR F 223 -0.72 42.12 24.02
N GLY F 224 -1.08 41.31 23.02
CA GLY F 224 -2.44 41.19 22.56
C GLY F 224 -2.94 39.78 22.76
N GLN F 225 -2.68 39.22 23.93
CA GLN F 225 -2.79 37.79 24.15
C GLN F 225 -4.17 37.28 23.76
N MET F 226 -4.29 35.96 23.71
CA MET F 226 -5.35 35.29 22.97
C MET F 226 -6.72 35.49 23.54
N ASN F 227 -6.90 36.26 24.61
CA ASN F 227 -8.24 36.55 25.10
C ASN F 227 -8.81 37.83 24.50
N GLU F 228 -8.07 38.50 23.60
CA GLU F 228 -8.44 39.78 23.04
C GLU F 228 -9.31 39.61 21.80
N PRO F 229 -10.31 40.45 21.61
CA PRO F 229 -11.18 40.31 20.44
C PRO F 229 -10.40 40.56 19.16
N PRO F 230 -10.86 40.00 18.04
CA PRO F 230 -10.03 40.02 16.82
C PRO F 230 -9.56 41.40 16.41
N GLY F 231 -10.39 42.42 16.55
CA GLY F 231 -9.94 43.75 16.19
C GLY F 231 -8.69 44.16 16.92
N ALA F 232 -8.49 43.63 18.12
CA ALA F 232 -7.35 43.99 18.95
C ALA F 232 -6.19 43.03 18.84
N ARG F 233 -6.36 41.90 18.16
CA ARG F 233 -5.25 41.01 17.87
C ARG F 233 -4.63 41.29 16.51
N ALA F 234 -5.32 42.05 15.67
CA ALA F 234 -4.82 42.33 14.33
C ALA F 234 -3.87 43.51 14.27
N ARG F 235 -3.71 44.27 15.35
CA ARG F 235 -2.84 45.43 15.34
C ARG F 235 -1.67 45.33 16.28
N VAL F 236 -1.82 44.67 17.42
CA VAL F 236 -0.72 44.59 18.39
C VAL F 236 0.58 44.23 17.70
N ALA F 237 0.50 43.46 16.62
CA ALA F 237 1.68 43.26 15.79
C ALA F 237 2.20 44.60 15.31
N LEU F 238 1.31 45.46 14.80
CA LEU F 238 1.75 46.78 14.34
C LEU F 238 2.27 47.63 15.49
N THR F 239 1.78 47.42 16.71
CA THR F 239 2.33 48.16 17.84
C THR F 239 3.77 47.77 18.11
N GLY F 240 4.05 46.47 18.10
CA GLY F 240 5.45 46.06 18.20
C GLY F 240 6.27 46.61 17.06
N LEU F 241 5.74 46.55 15.85
CA LEU F 241 6.40 47.16 14.71
C LEU F 241 6.76 48.61 14.99
N THR F 242 5.83 49.36 15.59
CA THR F 242 6.06 50.79 15.80
C THR F 242 7.13 51.04 16.84
N VAL F 243 7.10 50.30 17.94
CA VAL F 243 8.13 50.50 18.96
C VAL F 243 9.50 50.17 18.39
N ALA F 244 9.61 49.05 17.67
CA ALA F 244 10.90 48.71 17.06
C ALA F 244 11.30 49.74 16.00
N GLU F 245 10.35 50.20 15.20
CA GLU F 245 10.63 51.23 14.22
C GLU F 245 11.23 52.45 14.88
N TYR F 246 10.68 52.86 16.02
CA TYR F 246 11.28 54.00 16.72
C TYR F 246 12.69 53.69 17.17
N PHE F 247 12.88 52.56 17.88
CA PHE F 247 14.21 52.28 18.39
C PHE F 247 15.23 52.13 17.27
N ARG F 248 14.79 51.89 16.04
CA ARG F 248 15.73 51.75 14.93
C ARG F 248 15.96 53.09 14.21
N ASP F 249 14.90 53.65 13.64
CA ASP F 249 15.05 54.77 12.73
C ASP F 249 15.67 55.98 13.42
N GLN F 250 15.13 56.36 14.57
CA GLN F 250 15.59 57.57 15.25
C GLN F 250 16.72 57.29 16.25
N GLU F 251 16.53 56.33 17.16
CA GLU F 251 17.64 56.01 18.05
C GLU F 251 18.83 55.44 17.31
N GLY F 252 18.62 54.88 16.11
CA GLY F 252 19.71 54.32 15.34
C GLY F 252 20.46 53.26 16.10
N GLN F 253 19.82 52.11 16.35
CA GLN F 253 20.41 51.11 17.21
C GLN F 253 19.95 49.72 16.77
N ASP F 254 20.84 48.75 16.94
CA ASP F 254 20.47 47.36 16.68
C ASP F 254 19.34 46.95 17.61
N VAL F 255 18.34 46.28 17.05
CA VAL F 255 17.15 45.90 17.81
C VAL F 255 16.88 44.43 17.57
N LEU F 256 16.25 43.79 18.54
CA LEU F 256 15.68 42.47 18.37
C LEU F 256 14.18 42.57 18.56
N LEU F 257 13.43 41.93 17.67
CA LEU F 257 11.97 42.02 17.68
C LEU F 257 11.44 40.60 17.64
N PHE F 258 11.03 40.08 18.78
CA PHE F 258 10.49 38.75 18.87
C PHE F 258 8.97 38.84 18.78
N ILE F 259 8.39 38.12 17.84
CA ILE F 259 6.95 38.06 17.68
C ILE F 259 6.52 36.63 17.84
N ASP F 260 5.49 36.42 18.66
CA ASP F 260 4.97 35.08 18.91
C ASP F 260 3.56 35.28 19.45
N ASN F 261 2.53 35.00 18.66
CA ASN F 261 2.53 34.23 17.43
C ASN F 261 2.03 35.09 16.27
N ILE F 262 2.75 35.12 15.15
CA ILE F 262 2.42 36.06 14.07
C ILE F 262 1.58 35.37 13.01
N PHE F 263 0.92 34.29 13.36
CA PHE F 263 -0.17 33.79 12.55
C PHE F 263 -1.51 34.22 13.09
N ARG F 264 -1.58 34.59 14.37
CA ARG F 264 -2.80 35.14 14.89
C ARG F 264 -3.14 36.46 14.24
N PHE F 265 -2.15 37.12 13.64
CA PHE F 265 -2.44 38.34 12.89
C PHE F 265 -3.34 38.05 11.70
N THR F 266 -2.95 37.08 10.85
CA THR F 266 -3.78 36.75 9.72
C THR F 266 -5.05 36.04 10.14
N GLN F 267 -5.00 35.26 11.22
CA GLN F 267 -6.21 34.62 11.70
C GLN F 267 -7.23 35.66 12.15
N ALA F 268 -6.79 36.70 12.86
CA ALA F 268 -7.69 37.76 13.26
C ALA F 268 -8.21 38.52 12.06
N GLY F 269 -7.35 38.74 11.06
CA GLY F 269 -7.85 39.34 9.83
C GLY F 269 -8.98 38.54 9.22
N SER F 270 -8.82 37.22 9.14
CA SER F 270 -9.87 36.39 8.57
C SER F 270 -11.11 36.39 9.45
N GLU F 271 -10.92 36.44 10.76
CA GLU F 271 -12.06 36.49 11.67
C GLU F 271 -12.89 37.73 11.45
N VAL F 272 -12.24 38.88 11.27
CA VAL F 272 -12.93 40.15 11.15
C VAL F 272 -13.07 40.58 9.70
N SER F 273 -12.86 39.68 8.75
CA SER F 273 -13.07 39.98 7.35
C SER F 273 -14.35 39.40 6.80
N ALA F 274 -15.02 38.52 7.52
CA ALA F 274 -16.34 38.09 7.10
C ALA F 274 -17.39 39.14 7.43
N LEU F 275 -17.21 39.85 8.54
CA LEU F 275 -18.17 40.87 8.95
C LEU F 275 -18.11 42.09 8.05
N LEU F 276 -16.92 42.44 7.56
CA LEU F 276 -16.80 43.52 6.59
C LEU F 276 -17.42 43.18 5.26
N GLY F 277 -18.02 42.00 5.12
CA GLY F 277 -18.75 41.65 3.91
C GLY F 277 -17.89 41.52 2.67
N ARG F 278 -16.75 40.86 2.78
CA ARG F 278 -15.89 40.58 1.64
C ARG F 278 -16.07 39.13 1.22
N ILE F 279 -16.04 38.88 -0.08
CA ILE F 279 -16.13 37.48 -0.52
C ILE F 279 -14.92 36.75 0.04
N PRO F 280 -15.05 35.50 0.48
CA PRO F 280 -13.91 34.83 1.09
C PRO F 280 -12.99 34.19 0.07
N SER F 281 -11.73 34.10 0.43
CA SER F 281 -10.66 33.64 -0.43
C SER F 281 -10.46 32.13 -0.25
N ALA F 282 -9.27 31.64 -0.62
CA ALA F 282 -9.00 30.22 -0.73
C ALA F 282 -9.66 29.35 0.35
N VAL F 283 -9.26 29.52 1.60
CA VAL F 283 -9.68 28.60 2.65
C VAL F 283 -10.52 29.34 3.66
N GLY F 284 -11.32 30.28 3.19
CA GLY F 284 -12.05 31.15 4.08
C GLY F 284 -11.25 32.33 4.56
N TYR F 285 -10.01 32.46 4.12
CA TYR F 285 -9.18 33.58 4.51
C TYR F 285 -9.66 34.85 3.82
N GLN F 286 -9.19 35.97 4.33
CA GLN F 286 -9.56 37.23 3.72
C GLN F 286 -9.05 37.26 2.28
N PRO F 287 -9.75 37.94 1.38
CA PRO F 287 -9.19 38.13 0.04
C PRO F 287 -7.91 38.94 0.07
N THR F 288 -7.68 39.70 1.13
CA THR F 288 -6.53 40.58 1.26
C THR F 288 -5.43 39.98 2.12
N LEU F 289 -5.15 38.69 2.01
CA LEU F 289 -4.17 38.09 2.91
C LEU F 289 -2.76 38.55 2.58
N ALA F 290 -2.34 38.36 1.33
CA ALA F 290 -0.95 38.59 0.98
C ALA F 290 -0.54 40.03 1.23
N THR F 291 -1.40 40.99 0.88
CA THR F 291 -1.03 42.39 1.02
C THR F 291 -1.19 42.87 2.46
N ASP F 292 -2.22 42.44 3.16
CA ASP F 292 -2.32 42.78 4.57
C ASP F 292 -1.11 42.29 5.33
N MET F 293 -0.53 41.17 4.91
CA MET F 293 0.66 40.66 5.57
C MET F 293 1.91 41.35 5.06
N GLY F 294 1.94 41.74 3.79
CA GLY F 294 3.11 42.44 3.27
C GLY F 294 3.29 43.81 3.88
N THR F 295 2.21 44.57 4.01
CA THR F 295 2.36 45.93 4.55
C THR F 295 2.85 45.91 5.99
N MET F 296 2.72 44.80 6.70
CA MET F 296 3.21 44.68 8.07
C MET F 296 4.55 43.99 8.18
N GLN F 297 4.84 43.04 7.28
CA GLN F 297 6.14 42.38 7.30
C GLN F 297 7.22 43.15 6.57
N GLU F 298 6.86 44.17 5.80
CA GLU F 298 7.84 44.94 5.05
C GLU F 298 8.36 46.13 5.82
N ARG F 299 7.87 46.36 7.03
CA ARG F 299 8.42 47.39 7.89
C ARG F 299 9.51 46.85 8.80
N ILE F 300 9.70 45.54 8.84
CA ILE F 300 10.75 44.91 9.63
C ILE F 300 11.93 44.70 8.69
N THR F 301 12.70 45.75 8.47
CA THR F 301 13.83 45.66 7.56
C THR F 301 15.02 46.41 8.13
N THR F 302 16.19 46.04 7.65
CA THR F 302 17.45 46.57 8.13
C THR F 302 17.84 47.74 7.23
N THR F 303 17.12 48.85 7.37
CA THR F 303 17.45 50.03 6.60
C THR F 303 18.87 50.50 6.93
N LYS F 304 19.30 51.55 6.24
CA LYS F 304 20.64 52.05 6.47
C LYS F 304 20.78 52.73 7.83
N LYS F 305 19.67 53.16 8.43
CA LYS F 305 19.73 53.89 9.70
C LYS F 305 19.96 52.97 10.88
N GLY F 306 19.45 51.75 10.83
CA GLY F 306 19.61 50.83 11.94
C GLY F 306 18.98 49.50 11.59
N SER F 307 19.41 48.47 12.31
CA SER F 307 19.11 47.09 11.95
C SER F 307 18.17 46.46 12.96
N ILE F 308 17.22 45.66 12.45
CA ILE F 308 16.31 44.88 13.26
C ILE F 308 16.55 43.41 12.97
N THR F 309 16.79 42.63 14.01
CA THR F 309 16.79 41.17 13.92
C THR F 309 15.44 40.70 14.41
N SER F 310 14.63 40.19 13.49
CA SER F 310 13.27 39.80 13.80
C SER F 310 13.18 38.29 13.89
N VAL F 311 12.68 37.79 15.02
CA VAL F 311 12.47 36.36 15.21
C VAL F 311 10.98 36.15 15.38
N GLN F 312 10.36 35.49 14.42
CA GLN F 312 8.92 35.37 14.36
C GLN F 312 8.54 33.91 14.49
N ALA F 313 7.58 33.61 15.37
CA ALA F 313 7.14 32.25 15.58
C ALA F 313 5.84 32.05 14.79
N ILE F 314 6.00 31.80 13.50
CA ILE F 314 4.85 31.51 12.67
C ILE F 314 4.24 30.18 13.09
N TYR F 315 2.96 30.03 12.79
CA TYR F 315 2.17 28.87 13.17
C TYR F 315 1.78 28.14 11.89
N VAL F 316 1.35 26.89 12.03
CA VAL F 316 0.97 26.10 10.87
C VAL F 316 -0.30 25.33 11.19
N PRO F 317 -1.46 25.75 10.70
CA PRO F 317 -2.70 25.10 11.11
C PRO F 317 -2.77 23.66 10.66
N ALA F 318 -3.23 22.79 11.55
CA ALA F 318 -3.39 21.38 11.24
C ALA F 318 -2.13 20.80 10.62
N ASP F 319 -0.98 21.22 11.13
CA ASP F 319 0.32 20.73 10.67
C ASP F 319 0.39 20.71 9.15
N ASP F 320 -0.05 21.81 8.54
CA ASP F 320 -0.17 21.93 7.08
C ASP F 320 0.67 23.11 6.60
N LEU F 321 1.83 22.83 6.00
CA LEU F 321 2.68 23.89 5.45
C LEU F 321 2.17 24.42 4.13
N THR F 322 1.13 23.82 3.56
CA THR F 322 0.52 24.33 2.35
C THR F 322 -0.63 25.28 2.63
N ASP F 323 -0.94 25.53 3.90
CA ASP F 323 -2.01 26.43 4.25
C ASP F 323 -1.67 27.82 3.71
N PRO F 324 -2.66 28.62 3.31
CA PRO F 324 -2.33 29.92 2.72
C PRO F 324 -1.53 30.83 3.63
N ALA F 325 -1.71 30.75 4.94
CA ALA F 325 -1.02 31.67 5.83
C ALA F 325 0.48 31.44 5.80
N PRO F 326 0.99 30.29 6.27
CA PRO F 326 2.43 30.04 6.14
C PRO F 326 2.89 30.04 4.70
N ALA F 327 2.04 29.60 3.78
CA ALA F 327 2.43 29.59 2.38
C ALA F 327 2.80 30.99 1.91
N THR F 328 2.06 32.00 2.33
CA THR F 328 2.45 33.36 1.98
C THR F 328 3.62 33.84 2.81
N THR F 329 3.67 33.46 4.09
CA THR F 329 4.70 33.99 4.96
C THR F 329 6.09 33.49 4.61
N PHE F 330 6.20 32.41 3.86
CA PHE F 330 7.52 31.91 3.50
C PHE F 330 8.30 32.91 2.66
N ALA F 331 7.64 33.86 2.02
CA ALA F 331 8.32 34.78 1.12
C ALA F 331 8.96 35.96 1.82
N HIS F 332 8.65 36.19 3.09
CA HIS F 332 9.10 37.37 3.81
C HIS F 332 10.17 37.05 4.83
N LEU F 333 10.83 35.89 4.72
CA LEU F 333 11.78 35.44 5.73
C LEU F 333 13.16 35.27 5.11
N ASP F 334 14.18 35.52 5.92
CA ASP F 334 15.56 35.27 5.53
C ASP F 334 16.15 34.05 6.20
N ALA F 335 15.40 33.37 7.06
CA ALA F 335 15.84 32.07 7.54
C ALA F 335 14.67 31.35 8.18
N THR F 336 14.24 30.24 7.59
CA THR F 336 13.07 29.51 8.05
C THR F 336 13.51 28.24 8.77
N THR F 337 12.96 28.02 9.95
CA THR F 337 13.23 26.84 10.75
C THR F 337 11.90 26.12 10.93
N VAL F 338 11.72 25.02 10.23
CA VAL F 338 10.43 24.34 10.19
C VAL F 338 10.49 23.22 11.22
N LEU F 339 10.04 23.52 12.44
CA LEU F 339 9.89 22.49 13.44
C LEU F 339 8.87 21.47 12.99
N SER F 340 9.12 20.20 13.28
CA SER F 340 8.28 19.12 12.81
C SER F 340 7.73 18.33 13.99
N ARG F 341 6.58 17.71 13.80
CA ARG F 341 6.00 16.86 14.83
C ARG F 341 6.41 15.41 14.66
N ALA F 342 6.65 14.97 13.44
CA ALA F 342 7.17 13.63 13.24
C ALA F 342 8.48 13.46 13.98
N ILE F 343 9.37 14.46 13.87
CA ILE F 343 10.65 14.40 14.57
C ILE F 343 10.44 14.54 16.06
N ALA F 344 9.59 15.48 16.47
CA ALA F 344 9.38 15.69 17.90
C ALA F 344 8.88 14.43 18.58
N GLU F 345 8.10 13.62 17.87
CA GLU F 345 7.61 12.38 18.45
C GLU F 345 8.71 11.35 18.63
N LEU F 346 9.89 11.59 18.08
CA LEU F 346 11.05 10.74 18.35
C LEU F 346 11.88 11.24 19.52
N GLY F 347 11.53 12.39 20.09
CA GLY F 347 12.31 12.97 21.16
C GLY F 347 13.50 13.76 20.72
N ILE F 348 13.60 14.10 19.43
CA ILE F 348 14.71 14.88 18.91
C ILE F 348 14.32 16.35 19.09
N TYR F 349 14.59 16.89 20.26
CA TYR F 349 14.28 18.28 20.57
C TYR F 349 15.54 19.11 20.55
N PRO F 350 15.56 20.28 19.87
CA PRO F 350 14.46 20.93 19.19
C PRO F 350 14.07 20.15 17.98
N ALA F 351 12.79 20.19 17.62
CA ALA F 351 12.28 19.30 16.60
C ALA F 351 12.61 19.77 15.21
N VAL F 352 13.51 20.74 15.07
CA VAL F 352 13.78 21.33 13.76
C VAL F 352 13.89 20.23 12.73
N ASP F 353 13.36 20.50 11.54
CA ASP F 353 13.43 19.56 10.44
C ASP F 353 14.63 19.90 9.59
N PRO F 354 15.68 19.08 9.54
CA PRO F 354 16.91 19.49 8.87
C PRO F 354 16.83 19.54 7.36
N LEU F 355 15.68 19.25 6.77
CA LEU F 355 15.53 19.30 5.31
C LEU F 355 14.53 20.33 4.83
N ASP F 356 13.68 20.86 5.70
CA ASP F 356 12.90 22.05 5.38
C ASP F 356 13.61 23.32 5.80
N SER F 357 14.37 23.27 6.88
CA SER F 357 15.10 24.43 7.34
C SER F 357 16.05 24.92 6.26
N THR F 358 16.12 26.23 6.09
CA THR F 358 16.93 26.80 5.02
C THR F 358 17.17 28.26 5.31
N SER F 359 18.35 28.75 4.92
CA SER F 359 18.74 30.12 5.15
C SER F 359 19.33 30.71 3.88
N ARG F 360 19.26 32.04 3.78
CA ARG F 360 19.78 32.73 2.61
C ARG F 360 21.26 33.07 2.74
N ILE F 361 21.87 32.84 3.90
CA ILE F 361 23.30 33.07 4.07
C ILE F 361 24.05 31.75 4.13
N MET F 362 23.51 30.69 3.55
CA MET F 362 24.26 29.46 3.36
C MET F 362 24.92 29.48 1.97
N ASP F 363 25.67 30.50 1.76
CA ASP F 363 26.51 30.68 0.60
C ASP F 363 27.94 30.36 1.01
N PRO F 364 28.70 29.58 0.26
CA PRO F 364 30.04 29.21 0.74
C PRO F 364 30.89 30.41 1.07
N ASN F 365 30.64 31.55 0.44
CA ASN F 365 31.42 32.74 0.72
C ASN F 365 31.11 33.29 2.12
N ILE F 366 29.84 33.24 2.52
CA ILE F 366 29.42 33.95 3.73
C ILE F 366 29.64 33.15 5.01
N VAL F 367 29.90 31.85 4.90
CA VAL F 367 30.11 31.02 6.07
C VAL F 367 31.38 30.20 5.90
N GLY F 368 32.10 30.44 4.81
CA GLY F 368 33.31 29.70 4.54
C GLY F 368 33.03 28.38 3.84
N SER F 369 34.09 27.81 3.27
CA SER F 369 33.95 26.57 2.53
C SER F 369 33.78 25.37 3.44
N GLU F 370 34.42 25.36 4.61
CA GLU F 370 34.35 24.21 5.49
C GLU F 370 32.96 24.05 6.09
N HIS F 371 32.40 25.15 6.59
CA HIS F 371 31.06 25.10 7.17
C HIS F 371 30.04 24.68 6.13
N TYR F 372 30.14 25.25 4.93
CA TYR F 372 29.21 24.90 3.87
C TYR F 372 29.36 23.44 3.48
N ASP F 373 30.60 22.95 3.39
CA ASP F 373 30.80 21.55 3.02
C ASP F 373 30.20 20.62 4.06
N VAL F 374 30.37 20.95 5.34
CA VAL F 374 29.83 20.10 6.39
C VAL F 374 28.31 20.10 6.33
N ALA F 375 27.71 21.27 6.18
CA ALA F 375 26.26 21.34 6.13
C ALA F 375 25.72 20.56 4.95
N ARG F 376 26.37 20.69 3.79
CA ARG F 376 25.88 19.97 2.63
C ARG F 376 26.07 18.47 2.77
N GLY F 377 27.16 18.03 3.39
CA GLY F 377 27.31 16.62 3.66
C GLY F 377 26.21 16.09 4.56
N VAL F 378 25.90 16.84 5.62
CA VAL F 378 24.85 16.39 6.54
C VAL F 378 23.53 16.28 5.82
N GLN F 379 23.19 17.30 5.03
CA GLN F 379 21.91 17.27 4.33
C GLN F 379 21.89 16.14 3.31
N LYS F 380 23.00 15.89 2.63
CA LYS F 380 23.06 14.81 1.65
C LYS F 380 22.79 13.47 2.32
N ILE F 381 23.42 13.22 3.47
CA ILE F 381 23.26 11.92 4.11
C ILE F 381 21.86 11.78 4.68
N LEU F 382 21.32 12.86 5.24
CA LEU F 382 19.96 12.81 5.77
C LEU F 382 18.95 12.58 4.67
N GLN F 383 19.16 13.15 3.49
CA GLN F 383 18.25 12.91 2.37
C GLN F 383 18.36 11.46 1.88
N ASP F 384 19.58 10.92 1.83
CA ASP F 384 19.72 9.52 1.46
C ASP F 384 18.93 8.64 2.42
N TYR F 385 19.06 8.91 3.72
CA TYR F 385 18.30 8.14 4.70
C TYR F 385 16.80 8.31 4.49
N LYS F 386 16.35 9.55 4.25
CA LYS F 386 14.92 9.79 4.07
C LYS F 386 14.40 9.05 2.85
N SER F 387 15.26 8.78 1.88
CA SER F 387 14.83 8.00 0.73
C SER F 387 14.80 6.51 1.04
N LEU F 388 15.78 5.99 1.77
CA LEU F 388 15.74 4.59 2.15
C LEU F 388 14.63 4.28 3.13
N GLN F 389 14.07 5.30 3.79
CA GLN F 389 13.06 5.08 4.81
C GLN F 389 11.91 4.22 4.28
N ASP F 390 11.52 4.42 3.03
CA ASP F 390 10.35 3.70 2.51
C ASP F 390 10.60 2.20 2.49
N ILE F 391 11.83 1.78 2.20
CA ILE F 391 12.15 0.36 2.15
C ILE F 391 12.45 -0.18 3.53
N ILE F 392 13.31 0.51 4.28
CA ILE F 392 13.61 0.07 5.64
C ILE F 392 12.34 -0.21 6.42
N ALA F 393 11.27 0.54 6.13
CA ALA F 393 10.04 0.38 6.88
C ALA F 393 9.43 -1.00 6.68
N ILE F 394 9.42 -1.50 5.45
CA ILE F 394 8.73 -2.75 5.15
C ILE F 394 9.70 -3.92 5.19
N LEU F 395 10.65 -3.95 4.26
CA LEU F 395 11.51 -5.12 4.14
C LEU F 395 12.36 -5.32 5.39
N GLY F 396 13.06 -4.27 5.81
CA GLY F 396 13.92 -4.36 6.97
C GLY F 396 15.36 -4.05 6.63
N MET F 397 16.13 -3.60 7.62
CA MET F 397 17.48 -3.15 7.37
C MET F 397 18.38 -4.27 6.84
N ASP F 398 17.96 -5.52 6.99
CA ASP F 398 18.76 -6.64 6.51
C ASP F 398 18.75 -6.76 5.00
N GLU F 399 17.85 -6.07 4.31
CA GLU F 399 17.76 -6.15 2.85
C GLU F 399 18.35 -4.93 2.17
N LEU F 400 19.43 -4.39 2.71
CA LEU F 400 20.16 -3.30 2.09
C LEU F 400 21.61 -3.71 1.89
N SER F 401 22.23 -3.15 0.86
CA SER F 401 23.65 -3.34 0.66
C SER F 401 24.41 -2.73 1.83
N GLU F 402 25.74 -2.79 1.78
CA GLU F 402 26.50 -2.38 2.96
C GLU F 402 26.69 -0.87 3.01
N GLU F 403 27.01 -0.23 1.89
CA GLU F 403 27.13 1.22 1.91
C GLU F 403 25.83 1.87 2.36
N ASP F 404 24.70 1.26 2.00
CA ASP F 404 23.42 1.78 2.48
C ASP F 404 23.28 1.66 3.98
N LYS F 405 23.77 0.56 4.55
CA LYS F 405 23.75 0.43 6.01
C LYS F 405 24.65 1.47 6.65
N LEU F 406 25.77 1.79 6.01
CA LEU F 406 26.63 2.84 6.53
C LEU F 406 25.89 4.17 6.55
N THR F 407 25.20 4.51 5.46
CA THR F 407 24.45 5.75 5.44
C THR F 407 23.35 5.75 6.50
N VAL F 408 22.65 4.63 6.66
CA VAL F 408 21.59 4.58 7.66
C VAL F 408 22.16 4.80 9.06
N SER F 409 23.25 4.11 9.38
CA SER F 409 23.83 4.25 10.72
C SER F 409 24.31 5.68 10.95
N ARG F 410 25.02 6.25 9.97
CA ARG F 410 25.49 7.62 10.13
C ARG F 410 24.33 8.58 10.23
N ALA F 411 23.28 8.38 9.44
CA ALA F 411 22.17 9.33 9.44
C ALA F 411 21.42 9.26 10.76
N ARG F 412 21.28 8.08 11.34
CA ARG F 412 20.68 8.01 12.66
C ARG F 412 21.56 8.68 13.70
N LYS F 413 22.88 8.50 13.60
CA LYS F 413 23.77 9.20 14.50
C LYS F 413 23.62 10.70 14.39
N ILE F 414 23.50 11.21 13.16
CA ILE F 414 23.41 12.65 12.94
C ILE F 414 22.07 13.19 13.44
N GLN F 415 20.97 12.52 13.10
CA GLN F 415 19.68 12.91 13.64
C GLN F 415 19.75 13.02 15.16
N ARG F 416 20.34 12.03 15.82
CA ARG F 416 20.47 12.11 17.27
C ARG F 416 21.33 13.29 17.65
N PHE F 417 22.43 13.52 16.94
CA PHE F 417 23.38 14.53 17.39
C PHE F 417 22.79 15.92 17.30
N LEU F 418 22.00 16.20 16.28
CA LEU F 418 21.40 17.53 16.17
C LEU F 418 20.52 17.85 17.37
N SER F 419 20.05 16.84 18.10
CA SER F 419 19.33 17.08 19.34
C SER F 419 20.24 17.75 20.36
N GLN F 420 19.66 18.62 21.18
CA GLN F 420 20.43 19.38 22.16
C GLN F 420 19.52 19.73 23.32
N PRO F 421 20.07 19.83 24.53
CA PRO F 421 19.26 20.29 25.67
C PRO F 421 19.41 21.78 25.93
N PHE F 422 18.28 22.44 26.13
CA PHE F 422 18.24 23.90 26.31
C PHE F 422 18.20 24.25 27.78
N GLN F 423 18.76 25.42 28.10
CA GLN F 423 18.69 25.89 29.48
C GLN F 423 17.24 26.06 29.92
N VAL F 424 16.41 26.64 29.06
CA VAL F 424 15.01 26.85 29.39
C VAL F 424 14.29 25.53 29.60
N ALA F 425 14.83 24.44 29.08
CA ALA F 425 14.26 23.12 29.28
C ALA F 425 14.94 22.36 30.40
N GLU F 426 15.69 23.05 31.26
CA GLU F 426 16.23 22.40 32.45
C GLU F 426 15.16 21.99 33.43
N VAL F 427 13.94 22.51 33.31
CA VAL F 427 12.87 22.13 34.22
C VAL F 427 12.06 20.96 33.67
N PHE F 428 11.87 20.88 32.36
CA PHE F 428 11.18 19.72 31.80
C PHE F 428 11.99 18.45 32.04
N THR F 429 13.27 18.48 31.65
CA THR F 429 14.03 17.25 31.48
C THR F 429 15.20 17.09 32.44
N GLY F 430 15.63 18.16 33.11
CA GLY F 430 16.76 18.09 34.00
C GLY F 430 18.11 18.08 33.31
N HIS F 431 18.20 17.65 32.05
CA HIS F 431 19.44 17.80 31.30
C HIS F 431 19.96 19.22 31.43
N LEU F 432 21.19 19.35 31.91
CA LEU F 432 21.81 20.65 32.00
C LEU F 432 21.88 21.28 30.62
N GLY F 433 21.53 22.56 30.53
CA GLY F 433 21.53 23.23 29.24
C GLY F 433 22.93 23.41 28.70
N LYS F 434 23.03 23.43 27.37
CA LYS F 434 24.31 23.52 26.68
C LYS F 434 24.24 24.53 25.57
N LEU F 435 25.32 25.29 25.39
CA LEU F 435 25.59 26.03 24.17
C LEU F 435 26.77 25.38 23.47
N VAL F 436 26.70 25.31 22.15
CA VAL F 436 27.73 24.68 21.34
C VAL F 436 28.34 25.75 20.44
N PRO F 437 29.55 26.22 20.74
CA PRO F 437 30.20 27.19 19.86
C PRO F 437 30.38 26.61 18.47
N LEU F 438 30.25 27.48 17.47
CA LEU F 438 30.12 27.01 16.09
C LEU F 438 31.25 26.06 15.73
N LYS F 439 32.45 26.32 16.22
CA LYS F 439 33.58 25.47 15.88
C LYS F 439 33.34 24.03 16.31
N GLU F 440 32.77 23.86 17.50
CA GLU F 440 32.48 22.51 17.98
C GLU F 440 31.42 21.83 17.13
N THR F 441 30.41 22.57 16.71
CA THR F 441 29.42 22.01 15.80
C THR F 441 30.09 21.48 14.54
N ILE F 442 30.92 22.32 13.91
CA ILE F 442 31.55 21.92 12.66
C ILE F 442 32.46 20.72 12.86
N LYS F 443 33.26 20.74 13.93
CA LYS F 443 34.15 19.61 14.19
C LYS F 443 33.36 18.34 14.42
N GLY F 444 32.29 18.43 15.21
CA GLY F 444 31.52 17.24 15.52
C GLY F 444 30.93 16.61 14.27
N PHE F 445 30.36 17.42 13.40
CA PHE F 445 29.73 16.82 12.23
C PHE F 445 30.77 16.39 11.20
N GLN F 446 31.89 17.11 11.07
CA GLN F 446 32.98 16.59 10.27
C GLN F 446 33.36 15.19 10.72
N GLN F 447 33.57 15.02 12.02
CA GLN F 447 34.02 13.74 12.54
C GLN F 447 32.95 12.66 12.34
N ILE F 448 31.69 12.99 12.56
CA ILE F 448 30.64 11.98 12.40
C ILE F 448 30.53 11.55 10.95
N LEU F 449 30.65 12.50 10.02
CA LEU F 449 30.56 12.15 8.60
C LEU F 449 31.80 11.44 8.10
N ALA F 450 32.94 11.65 8.74
CA ALA F 450 34.16 10.98 8.34
C ALA F 450 34.24 9.55 8.85
N GLY F 451 33.12 8.99 9.33
CA GLY F 451 33.15 7.63 9.82
C GLY F 451 34.07 7.43 11.00
N GLU F 452 34.44 8.50 11.68
CA GLU F 452 35.38 8.40 12.79
C GLU F 452 34.72 7.89 14.07
N TYR F 453 33.38 7.80 14.11
CA TYR F 453 32.67 7.42 15.32
C TYR F 453 31.74 6.25 15.07
N ASP F 454 32.09 5.35 14.16
CA ASP F 454 31.26 4.17 13.92
C ASP F 454 31.51 3.05 14.92
N HIS F 455 32.13 3.34 16.05
CA HIS F 455 32.30 2.36 17.12
C HIS F 455 31.47 2.71 18.35
N LEU F 456 30.41 3.49 18.18
CA LEU F 456 29.60 3.99 19.28
C LEU F 456 28.14 3.64 19.05
N PRO F 457 27.35 3.56 20.11
CA PRO F 457 25.91 3.36 19.94
C PRO F 457 25.25 4.64 19.46
N GLU F 458 23.99 4.50 19.03
CA GLU F 458 23.22 5.67 18.61
C GLU F 458 22.95 6.58 19.80
N GLN F 459 22.42 6.02 20.88
CA GLN F 459 21.98 6.83 21.99
C GLN F 459 23.12 7.46 22.76
N ALA F 460 24.35 7.35 22.30
CA ALA F 460 25.44 8.10 22.88
C ALA F 460 25.42 9.56 22.46
N PHE F 461 24.76 9.88 21.36
CA PHE F 461 24.67 11.24 20.85
C PHE F 461 23.38 11.94 21.22
N TYR F 462 22.48 11.29 21.96
CA TYR F 462 21.16 11.84 22.19
C TYR F 462 21.24 12.86 23.33
N MET F 463 20.85 14.09 23.05
CA MET F 463 20.82 15.16 24.05
C MET F 463 22.20 15.37 24.65
N VAL F 464 23.13 15.83 23.82
CA VAL F 464 24.45 16.21 24.27
C VAL F 464 24.90 17.44 23.50
N GLY F 465 25.77 18.22 24.13
CA GLY F 465 26.35 19.38 23.51
C GLY F 465 27.52 18.97 22.65
N PRO F 466 28.68 19.60 22.83
CA PRO F 466 29.80 19.29 21.95
C PRO F 466 30.09 17.80 21.91
N ILE F 467 30.83 17.36 20.88
CA ILE F 467 30.92 15.93 20.63
C ILE F 467 31.71 15.20 21.72
N GLU F 468 32.67 15.88 22.34
CA GLU F 468 33.44 15.22 23.39
C GLU F 468 32.52 14.69 24.48
N GLU F 469 31.47 15.45 24.81
CA GLU F 469 30.49 14.96 25.75
C GLU F 469 29.76 13.75 25.20
N ALA F 470 29.58 13.69 23.88
CA ALA F 470 28.97 12.50 23.28
C ALA F 470 29.85 11.28 23.51
N VAL F 471 31.16 11.42 23.34
CA VAL F 471 32.05 10.30 23.58
C VAL F 471 32.04 9.89 25.04
N ALA F 472 32.08 10.87 25.95
CA ALA F 472 32.08 10.54 27.37
C ALA F 472 30.80 9.84 27.77
N LYS F 473 29.65 10.29 27.27
CA LYS F 473 28.40 9.60 27.52
C LYS F 473 28.41 8.22 26.91
N ALA F 474 29.09 8.04 25.77
CA ALA F 474 29.21 6.71 25.19
C ALA F 474 29.96 5.78 26.12
N ASP F 475 31.03 6.30 26.73
CA ASP F 475 31.78 5.50 27.71
C ASP F 475 30.91 5.14 28.90
N LYS F 476 30.25 6.12 29.49
CA LYS F 476 29.39 5.83 30.64
C LYS F 476 28.34 4.79 30.28
N LEU F 477 27.75 4.90 29.09
CA LEU F 477 26.73 3.96 28.67
C LEU F 477 27.32 2.59 28.35
N ALA F 478 28.60 2.53 27.99
CA ALA F 478 29.22 1.24 27.70
C ALA F 478 29.43 0.42 28.97
N GLU F 479 29.75 1.10 30.07
CA GLU F 479 29.91 0.42 31.36
C GLU F 479 28.83 0.89 32.34
N ALA G 1 -0.32 14.47 1.18
CA ALA G 1 -0.21 14.96 -0.22
C ALA G 1 -1.61 15.08 -0.84
N THR G 2 -1.64 15.34 -2.14
CA THR G 2 -2.91 15.40 -2.85
C THR G 2 -3.67 14.10 -2.66
N LEU G 3 -4.97 14.14 -2.91
CA LEU G 3 -5.79 12.95 -2.74
C LEU G 3 -5.28 11.81 -3.61
N LYS G 4 -4.89 12.12 -4.85
CA LYS G 4 -4.52 11.04 -5.77
C LYS G 4 -3.16 10.45 -5.44
N ASP G 5 -2.23 11.25 -4.89
CA ASP G 5 -0.99 10.65 -4.41
C ASP G 5 -1.26 9.65 -3.30
N ILE G 6 -2.14 10.00 -2.36
CA ILE G 6 -2.46 9.07 -1.28
C ILE G 6 -3.14 7.83 -1.83
N THR G 7 -4.01 8.00 -2.82
CA THR G 7 -4.66 6.83 -3.41
C THR G 7 -3.64 5.91 -4.07
N ARG G 8 -2.70 6.48 -4.82
CA ARG G 8 -1.68 5.67 -5.47
C ARG G 8 -0.83 4.94 -4.45
N ARG G 9 -0.45 5.63 -3.38
CA ARG G 9 0.37 4.99 -2.36
C ARG G 9 -0.39 3.86 -1.68
N LEU G 10 -1.67 4.07 -1.38
CA LEU G 10 -2.48 2.96 -0.85
C LEU G 10 -2.46 1.77 -1.78
N LYS G 11 -2.72 2.00 -3.06
CA LYS G 11 -2.78 0.87 -3.97
C LYS G 11 -1.47 0.10 -3.94
N SER G 12 -0.35 0.82 -3.97
CA SER G 12 0.94 0.15 -3.97
C SER G 12 1.14 -0.67 -2.70
N ILE G 13 0.86 -0.08 -1.54
CA ILE G 13 1.14 -0.78 -0.30
C ILE G 13 0.23 -1.99 -0.16
N LYS G 14 -1.03 -1.87 -0.60
CA LYS G 14 -1.91 -3.03 -0.55
C LYS G 14 -1.40 -4.14 -1.42
N ASN G 15 -0.92 -3.82 -2.63
CA ASN G 15 -0.36 -4.86 -3.47
C ASN G 15 0.81 -5.55 -2.79
N ILE G 16 1.71 -4.75 -2.21
CA ILE G 16 2.90 -5.33 -1.58
C ILE G 16 2.51 -6.18 -0.37
N GLN G 17 1.51 -5.75 0.38
CA GLN G 17 1.07 -6.50 1.55
C GLN G 17 0.46 -7.84 1.15
N LYS G 18 -0.35 -7.85 0.09
CA LYS G 18 -0.90 -9.11 -0.38
C LYS G 18 0.22 -10.03 -0.86
N ILE G 19 1.21 -9.48 -1.56
CA ILE G 19 2.30 -10.32 -2.04
C ILE G 19 3.06 -10.93 -0.88
N THR G 20 3.32 -10.15 0.16
CA THR G 20 4.09 -10.70 1.28
C THR G 20 3.29 -11.75 2.03
N LYS G 21 1.97 -11.59 2.15
CA LYS G 21 1.20 -12.69 2.75
C LYS G 21 1.28 -13.94 1.90
N SER G 22 1.13 -13.80 0.59
CA SER G 22 1.31 -14.93 -0.31
C SER G 22 2.63 -15.64 -0.06
N MET G 23 3.70 -14.86 0.04
CA MET G 23 5.03 -15.45 0.12
C MET G 23 5.31 -16.01 1.50
N LYS G 24 4.68 -15.47 2.53
CA LYS G 24 4.72 -16.13 3.83
C LYS G 24 4.07 -17.50 3.77
N MET G 25 2.92 -17.62 3.12
CA MET G 25 2.29 -18.94 2.98
C MET G 25 3.21 -19.90 2.25
N VAL G 26 3.79 -19.45 1.13
CA VAL G 26 4.66 -20.34 0.35
C VAL G 26 5.85 -20.77 1.19
N ALA G 27 6.50 -19.82 1.86
CA ALA G 27 7.68 -20.14 2.65
C ALA G 27 7.33 -21.07 3.80
N ALA G 28 6.16 -20.89 4.41
CA ALA G 28 5.78 -21.78 5.51
C ALA G 28 5.56 -23.19 5.01
N ALA G 29 4.94 -23.36 3.84
CA ALA G 29 4.80 -24.70 3.28
C ALA G 29 6.17 -25.33 3.05
N LYS G 30 7.06 -24.58 2.40
CA LYS G 30 8.39 -25.12 2.13
C LYS G 30 9.10 -25.48 3.41
N TYR G 31 8.96 -24.65 4.45
CA TYR G 31 9.65 -24.94 5.70
C TYR G 31 9.08 -26.16 6.39
N ALA G 32 7.76 -26.34 6.34
CA ALA G 32 7.19 -27.56 6.90
C ALA G 32 7.81 -28.79 6.25
N ARG G 33 7.83 -28.79 4.92
CA ARG G 33 8.43 -29.93 4.22
C ARG G 33 9.90 -30.07 4.60
N ALA G 34 10.62 -28.95 4.69
CA ALA G 34 12.06 -29.02 4.88
C ALA G 34 12.42 -29.52 6.27
N GLU G 35 11.64 -29.16 7.30
CA GLU G 35 11.95 -29.71 8.61
C GLU G 35 11.51 -31.15 8.73
N ARG G 36 10.39 -31.52 8.10
CA ARG G 36 10.02 -32.93 8.07
C ARG G 36 11.11 -33.76 7.42
N GLU G 37 11.79 -33.21 6.41
CA GLU G 37 12.91 -33.92 5.81
C GLU G 37 14.16 -33.88 6.69
N LEU G 38 14.40 -32.76 7.37
CA LEU G 38 15.58 -32.67 8.21
C LEU G 38 15.51 -33.63 9.38
N LYS G 39 14.31 -34.01 9.80
CA LYS G 39 14.19 -34.82 11.01
C LYS G 39 15.10 -36.05 10.99
N PRO G 40 15.15 -36.86 9.94
CA PRO G 40 16.10 -37.97 9.90
C PRO G 40 17.54 -37.57 9.58
N ALA G 41 17.70 -36.57 8.70
CA ALA G 41 19.04 -36.16 8.30
C ALA G 41 19.85 -35.68 9.48
N ARG G 42 19.21 -35.19 10.54
CA ARG G 42 19.96 -34.78 11.72
C ARG G 42 20.60 -35.97 12.41
N VAL G 43 19.83 -37.05 12.61
CA VAL G 43 20.39 -38.26 13.20
C VAL G 43 21.48 -38.82 12.30
N TYR G 44 21.26 -38.76 10.99
CA TYR G 44 22.28 -39.24 10.04
C TYR G 44 23.58 -38.45 10.15
N GLY G 45 23.50 -37.13 10.14
CA GLY G 45 24.70 -36.32 10.26
C GLY G 45 25.40 -36.51 11.59
N VAL G 46 24.63 -36.65 12.67
CA VAL G 46 25.24 -36.89 13.97
C VAL G 46 25.92 -38.25 13.99
N GLY G 47 25.30 -39.25 13.37
CA GLY G 47 25.95 -40.53 13.25
C GLY G 47 27.29 -40.41 12.54
N SER G 48 27.34 -39.63 11.46
CA SER G 48 28.62 -39.42 10.79
C SER G 48 29.62 -38.79 11.73
N LEU G 49 29.23 -37.71 12.40
CA LEU G 49 30.17 -36.97 13.22
C LEU G 49 30.57 -37.71 14.49
N ALA G 50 29.90 -38.83 14.83
CA ALA G 50 30.22 -39.54 16.06
C ALA G 50 31.71 -39.82 16.20
N LEU G 51 32.36 -40.24 15.11
CA LEU G 51 33.77 -40.63 15.22
C LEU G 51 34.60 -39.50 15.80
N TYR G 52 34.43 -38.29 15.28
CA TYR G 52 35.20 -37.16 15.80
C TYR G 52 34.66 -36.69 17.14
N GLU G 53 33.36 -36.86 17.38
CA GLU G 53 32.82 -36.53 18.69
C GLU G 53 33.47 -37.36 19.78
N LYS G 54 33.93 -38.56 19.45
CA LYS G 54 34.56 -39.43 20.45
C LYS G 54 36.06 -39.17 20.49
N ALA G 55 36.71 -39.41 19.35
CA ALA G 55 38.16 -39.42 19.30
C ALA G 55 38.71 -38.00 19.37
N ASP G 56 39.82 -37.84 20.08
CA ASP G 56 40.41 -36.54 20.30
C ASP G 56 41.37 -36.20 19.17
N ILE G 57 40.83 -36.15 17.95
CA ILE G 57 41.64 -35.76 16.80
C ILE G 57 42.07 -34.30 16.96
N LYS G 58 43.26 -34.00 16.48
CA LYS G 58 43.82 -32.67 16.53
C LYS G 58 44.18 -32.25 15.11
N THR G 59 44.92 -31.16 14.99
CA THR G 59 45.32 -30.67 13.70
C THR G 59 46.84 -30.55 13.64
N PRO G 60 47.43 -30.67 12.45
CA PRO G 60 48.90 -30.64 12.34
C PRO G 60 49.46 -29.24 12.51
N GLU G 61 49.79 -28.86 13.74
CA GLU G 61 50.17 -27.50 14.10
C GLU G 61 51.01 -26.82 13.03
N ASP G 62 51.89 -27.56 12.37
CA ASP G 62 52.83 -26.99 11.41
C ASP G 62 52.28 -26.90 9.98
N LYS G 63 51.01 -27.24 9.76
CA LYS G 63 50.44 -27.31 8.43
C LYS G 63 49.73 -26.01 8.08
N LYS G 64 50.06 -25.46 6.91
CA LYS G 64 49.57 -24.13 6.53
C LYS G 64 48.16 -24.19 5.97
N LYS G 65 47.99 -24.88 4.85
CA LYS G 65 46.77 -24.72 4.06
C LYS G 65 45.52 -24.98 4.89
N HIS G 66 44.44 -24.30 4.53
CA HIS G 66 43.18 -24.38 5.25
C HIS G 66 42.06 -24.12 4.26
N LEU G 67 40.85 -24.56 4.62
CA LEU G 67 39.71 -24.45 3.74
C LEU G 67 38.49 -23.99 4.52
N ILE G 68 37.58 -23.31 3.82
CA ILE G 68 36.33 -22.84 4.40
C ILE G 68 35.23 -23.01 3.36
N ILE G 69 34.15 -23.68 3.74
CA ILE G 69 33.04 -23.97 2.83
C ILE G 69 31.79 -23.39 3.48
N GLY G 70 31.39 -22.18 3.07
CA GLY G 70 30.20 -21.56 3.60
C GLY G 70 28.98 -21.97 2.78
N VAL G 71 27.95 -22.43 3.48
CA VAL G 71 26.75 -22.94 2.85
C VAL G 71 25.63 -21.93 3.02
N SER G 72 24.95 -21.62 1.92
CA SER G 72 23.85 -20.67 1.91
C SER G 72 22.99 -20.99 0.69
N SER G 73 22.12 -20.05 0.33
CA SER G 73 21.32 -20.18 -0.88
C SER G 73 21.44 -18.89 -1.67
N ASP G 74 20.87 -18.90 -2.86
CA ASP G 74 20.94 -17.74 -3.76
C ASP G 74 19.71 -16.85 -3.69
N ARG G 75 18.66 -17.28 -3.00
CA ARG G 75 17.45 -16.48 -2.84
C ARG G 75 17.45 -15.86 -1.45
N GLY G 76 17.33 -14.54 -1.38
CA GLY G 76 17.75 -13.83 -0.20
C GLY G 76 16.80 -12.83 0.44
N LEU G 77 15.51 -13.15 0.52
CA LEU G 77 14.61 -12.35 1.31
C LEU G 77 14.56 -12.79 2.76
N CYS G 78 15.38 -13.77 3.15
CA CYS G 78 15.45 -14.22 4.53
C CYS G 78 16.19 -13.23 5.41
N GLY G 79 17.12 -12.47 4.84
CA GLY G 79 17.76 -11.41 5.59
C GLY G 79 19.05 -11.81 6.28
N ALA G 80 18.95 -12.12 7.56
CA ALA G 80 20.14 -12.22 8.39
C ALA G 80 21.08 -13.31 7.92
N ILE G 81 20.55 -14.47 7.51
CA ILE G 81 21.34 -15.69 7.51
C ILE G 81 22.59 -15.54 6.63
N HIS G 82 22.42 -15.01 5.42
CA HIS G 82 23.57 -14.86 4.54
C HIS G 82 24.60 -13.93 5.14
N SER G 83 24.15 -12.83 5.74
CA SER G 83 25.08 -11.92 6.38
C SER G 83 25.82 -12.60 7.52
N SER G 84 25.11 -13.41 8.30
CA SER G 84 25.75 -14.10 9.41
C SER G 84 26.86 -15.01 8.91
N VAL G 85 26.57 -15.86 7.92
CA VAL G 85 27.60 -16.80 7.46
C VAL G 85 28.74 -16.05 6.78
N ALA G 86 28.42 -14.98 6.03
CA ALA G 86 29.49 -14.23 5.37
C ALA G 86 30.39 -13.56 6.39
N LYS G 87 29.81 -13.05 7.47
CA LYS G 87 30.62 -12.50 8.55
C LYS G 87 31.52 -13.58 9.14
N GLN G 88 30.97 -14.77 9.36
CA GLN G 88 31.78 -15.84 9.95
C GLN G 88 32.94 -16.19 9.02
N MET G 89 32.68 -16.30 7.72
CA MET G 89 33.74 -16.61 6.78
C MET G 89 34.80 -15.51 6.78
N LYS G 90 34.36 -14.24 6.76
CA LYS G 90 35.31 -13.14 6.83
C LYS G 90 36.19 -13.27 8.06
N SER G 91 35.59 -13.50 9.22
CA SER G 91 36.34 -13.55 10.47
C SER G 91 37.35 -14.69 10.47
N GLU G 92 36.90 -15.90 10.11
CA GLU G 92 37.81 -17.04 10.11
C GLU G 92 38.94 -16.85 9.11
N ALA G 93 38.62 -16.37 7.90
CA ALA G 93 39.65 -16.18 6.90
C ALA G 93 40.67 -15.15 7.37
N ALA G 94 40.21 -14.06 7.98
CA ALA G 94 41.16 -13.08 8.50
C ALA G 94 42.02 -13.69 9.60
N ASN G 95 41.42 -14.47 10.50
CA ASN G 95 42.19 -15.07 11.58
C ASN G 95 43.28 -15.97 11.01
N LEU G 96 42.93 -16.87 10.09
CA LEU G 96 43.92 -17.77 9.54
C LEU G 96 44.99 -17.01 8.78
N ALA G 97 44.59 -16.12 7.86
CA ALA G 97 45.58 -15.36 7.11
C ALA G 97 46.51 -14.59 8.04
N ALA G 98 46.00 -14.14 9.19
CA ALA G 98 46.88 -13.56 10.19
C ALA G 98 47.81 -14.61 10.78
N ALA G 99 47.34 -15.85 10.91
CA ALA G 99 48.17 -16.95 11.36
C ALA G 99 48.91 -17.63 10.22
N GLY G 100 49.11 -16.95 9.10
CA GLY G 100 49.87 -17.50 8.00
C GLY G 100 49.37 -18.86 7.54
N LYS G 101 48.20 -18.89 6.91
CA LYS G 101 47.59 -20.15 6.45
C LYS G 101 46.83 -19.86 5.16
N GLU G 102 47.42 -20.25 4.03
CA GLU G 102 46.77 -20.02 2.75
C GLU G 102 45.38 -20.65 2.74
N VAL G 103 44.40 -19.91 2.24
CA VAL G 103 43.00 -20.32 2.28
C VAL G 103 42.46 -20.40 0.86
N LYS G 104 41.39 -21.18 0.71
CA LYS G 104 40.61 -21.23 -0.51
C LYS G 104 39.16 -21.46 -0.10
N ILE G 105 38.25 -20.65 -0.62
CA ILE G 105 36.87 -20.62 -0.16
C ILE G 105 35.98 -21.33 -1.17
N ILE G 106 34.98 -22.05 -0.66
CA ILE G 106 33.99 -22.74 -1.48
C ILE G 106 32.63 -22.21 -1.02
N GLY G 107 32.13 -21.18 -1.69
CA GLY G 107 30.85 -20.62 -1.30
C GLY G 107 29.69 -21.29 -2.02
N VAL G 108 28.96 -22.15 -1.32
CA VAL G 108 27.77 -22.78 -1.89
C VAL G 108 26.60 -21.82 -1.77
N GLY G 109 26.37 -21.02 -2.80
CA GLY G 109 25.26 -20.08 -2.80
C GLY G 109 25.65 -18.73 -3.34
N ASP G 110 24.86 -18.21 -4.27
CA ASP G 110 25.22 -16.96 -4.94
C ASP G 110 25.38 -15.82 -3.93
N LYS G 111 24.66 -15.87 -2.83
CA LYS G 111 24.75 -14.77 -1.87
C LYS G 111 26.16 -14.67 -1.29
N ILE G 112 26.77 -15.80 -0.98
CA ILE G 112 28.12 -15.77 -0.44
C ILE G 112 29.12 -15.31 -1.51
N ARG G 113 28.97 -15.82 -2.73
CA ARG G 113 29.82 -15.37 -3.82
C ARG G 113 29.77 -13.86 -3.96
N SER G 114 28.56 -13.30 -4.06
CA SER G 114 28.42 -11.85 -4.21
C SER G 114 29.01 -11.13 -3.02
N ILE G 115 28.48 -11.38 -1.82
CA ILE G 115 28.90 -10.64 -0.64
C ILE G 115 30.40 -10.76 -0.39
N LEU G 116 31.06 -11.75 -0.98
CA LEU G 116 32.50 -11.89 -0.79
C LEU G 116 33.32 -11.46 -2.00
N HIS G 117 32.74 -11.49 -3.21
CA HIS G 117 33.52 -11.18 -4.40
C HIS G 117 34.17 -9.81 -4.29
N ARG G 118 33.56 -8.88 -3.56
CA ARG G 118 34.11 -7.54 -3.45
C ARG G 118 35.48 -7.56 -2.79
N THR G 119 35.68 -8.42 -1.79
CA THR G 119 36.88 -8.42 -0.98
C THR G 119 37.76 -9.66 -1.17
N HIS G 120 37.17 -10.85 -1.14
CA HIS G 120 37.92 -12.10 -1.15
C HIS G 120 37.65 -12.90 -2.42
N SER G 121 37.68 -12.23 -3.57
CA SER G 121 37.57 -12.95 -4.83
C SER G 121 38.81 -13.77 -5.13
N ASP G 122 39.95 -13.44 -4.50
CA ASP G 122 41.17 -14.19 -4.75
C ASP G 122 41.10 -15.58 -4.15
N GLN G 123 40.52 -15.71 -2.96
CA GLN G 123 40.53 -16.96 -2.21
C GLN G 123 39.36 -17.85 -2.57
N PHE G 124 38.79 -17.71 -3.77
CA PHE G 124 37.71 -18.56 -4.23
C PHE G 124 38.29 -19.70 -5.06
N LEU G 125 38.02 -20.93 -4.65
CA LEU G 125 38.42 -22.07 -5.47
C LEU G 125 37.30 -22.43 -6.44
N VAL G 126 36.13 -22.76 -5.93
CA VAL G 126 34.95 -23.01 -6.75
C VAL G 126 33.75 -22.40 -6.05
N THR G 127 32.71 -22.13 -6.82
CA THR G 127 31.47 -21.61 -6.28
C THR G 127 30.31 -22.34 -6.96
N PHE G 128 29.25 -22.57 -6.19
CA PHE G 128 28.10 -23.34 -6.65
C PHE G 128 26.86 -22.47 -6.57
N LYS G 129 26.08 -22.46 -7.63
CA LYS G 129 24.86 -21.66 -7.70
C LYS G 129 23.65 -22.57 -7.87
N GLU G 130 22.48 -21.95 -7.91
CA GLU G 130 21.22 -22.66 -8.07
C GLU G 130 21.06 -23.68 -6.94
N VAL G 131 21.47 -23.28 -5.75
CA VAL G 131 21.27 -24.05 -4.53
C VAL G 131 20.19 -23.37 -3.71
N GLY G 132 19.22 -24.15 -3.24
CA GLY G 132 18.09 -23.63 -2.51
C GLY G 132 16.88 -23.33 -3.37
N ARG G 133 17.07 -23.21 -4.68
CA ARG G 133 15.92 -23.05 -5.57
C ARG G 133 15.04 -24.30 -5.54
N ARG G 134 15.66 -25.46 -5.48
CA ARG G 134 14.98 -26.75 -5.33
C ARG G 134 15.66 -27.49 -4.18
N PRO G 135 14.91 -28.22 -3.37
CA PRO G 135 15.47 -28.73 -2.10
C PRO G 135 16.79 -29.44 -2.32
N PRO G 136 17.60 -29.57 -1.27
CA PRO G 136 18.90 -30.25 -1.40
C PRO G 136 18.79 -31.74 -1.13
N THR G 137 19.61 -32.49 -1.85
CA THR G 137 19.61 -33.94 -1.77
C THR G 137 21.05 -34.44 -1.69
N PHE G 138 21.20 -35.72 -1.34
CA PHE G 138 22.53 -36.29 -1.25
C PHE G 138 23.29 -36.12 -2.56
N GLY G 139 22.60 -36.08 -3.68
CA GLY G 139 23.27 -35.88 -4.95
C GLY G 139 24.03 -34.56 -5.00
N ASP G 140 23.41 -33.50 -4.49
CA ASP G 140 24.06 -32.19 -4.53
C ASP G 140 25.31 -32.17 -3.66
N ALA G 141 25.21 -32.70 -2.45
CA ALA G 141 26.37 -32.74 -1.57
C ALA G 141 27.47 -33.60 -2.16
N SER G 142 27.11 -34.73 -2.78
CA SER G 142 28.11 -35.56 -3.42
C SER G 142 28.78 -34.84 -4.58
N VAL G 143 28.01 -34.05 -5.34
CA VAL G 143 28.59 -33.28 -6.43
C VAL G 143 29.58 -32.27 -5.88
N ILE G 144 29.23 -31.60 -4.78
CA ILE G 144 30.17 -30.67 -4.17
C ILE G 144 31.41 -31.40 -3.69
N ALA G 145 31.23 -32.58 -3.10
CA ALA G 145 32.38 -33.34 -2.62
C ALA G 145 33.31 -33.70 -3.77
N LEU G 146 32.75 -34.16 -4.89
CA LEU G 146 33.56 -34.46 -6.06
C LEU G 146 34.30 -33.22 -6.53
N GLU G 147 33.57 -32.12 -6.73
CA GLU G 147 34.22 -30.91 -7.23
C GLU G 147 35.24 -30.37 -6.25
N LEU G 148 35.20 -30.80 -5.00
CA LEU G 148 36.30 -30.48 -4.10
C LEU G 148 37.48 -31.42 -4.35
N LEU G 149 37.24 -32.73 -4.25
CA LEU G 149 38.33 -33.68 -4.40
C LEU G 149 38.95 -33.61 -5.79
N ASN G 150 38.11 -33.48 -6.82
CA ASN G 150 38.60 -33.37 -8.19
C ASN G 150 39.17 -31.99 -8.50
N SER G 151 39.41 -31.17 -7.48
CA SER G 151 40.13 -29.92 -7.63
C SER G 151 41.58 -30.09 -7.19
N GLY G 152 42.40 -29.09 -7.49
CA GLY G 152 43.81 -29.15 -7.22
C GLY G 152 44.25 -28.66 -5.86
N TYR G 153 43.32 -28.30 -4.97
CA TYR G 153 43.67 -27.79 -3.64
C TYR G 153 43.54 -28.94 -2.65
N GLU G 154 44.63 -29.65 -2.42
CA GLU G 154 44.69 -30.69 -1.40
C GLU G 154 44.95 -29.99 -0.06
N PHE G 155 43.88 -29.83 0.71
CA PHE G 155 43.92 -29.01 1.92
C PHE G 155 44.45 -29.81 3.10
N ASP G 156 45.15 -29.11 3.99
CA ASP G 156 45.57 -29.70 5.24
C ASP G 156 44.46 -29.71 6.27
N GLU G 157 43.40 -28.94 6.05
CA GLU G 157 42.25 -28.90 6.95
C GLU G 157 41.23 -27.95 6.33
N GLY G 158 40.00 -28.01 6.82
CA GLY G 158 38.96 -27.10 6.38
C GLY G 158 37.91 -26.96 7.44
N SER G 159 36.94 -26.09 7.17
CA SER G 159 35.84 -25.87 8.10
C SER G 159 34.62 -25.43 7.33
N ILE G 160 33.56 -26.22 7.41
CA ILE G 160 32.28 -25.86 6.80
C ILE G 160 31.56 -24.90 7.74
N ILE G 161 30.78 -23.99 7.18
CA ILE G 161 30.04 -23.00 7.97
C ILE G 161 28.61 -22.95 7.46
N PHE G 162 27.65 -23.10 8.37
CA PHE G 162 26.25 -23.11 8.00
C PHE G 162 25.45 -22.53 9.15
N ASN G 163 24.13 -22.59 9.05
CA ASN G 163 23.21 -22.03 10.04
C ASN G 163 22.33 -23.16 10.56
N ARG G 164 22.67 -23.72 11.73
CA ARG G 164 21.90 -24.84 12.22
C ARG G 164 20.58 -24.37 12.82
N PHE G 165 19.51 -25.05 12.44
CA PHE G 165 18.16 -24.71 12.86
C PHE G 165 17.90 -25.21 14.27
N ARG G 166 17.18 -24.41 15.06
CA ARG G 166 16.79 -24.80 16.41
C ARG G 166 15.31 -24.62 16.68
N SER G 167 14.70 -23.57 16.13
CA SER G 167 13.27 -23.36 16.23
C SER G 167 12.87 -22.44 15.09
N VAL G 168 11.56 -22.41 14.81
CA VAL G 168 11.07 -21.57 13.71
C VAL G 168 11.69 -20.18 13.76
N ILE G 169 11.95 -19.67 14.96
CA ILE G 169 12.54 -18.35 15.12
C ILE G 169 14.03 -18.41 15.37
N SER G 170 14.59 -19.58 15.68
CA SER G 170 15.95 -19.72 16.18
C SER G 170 16.81 -20.45 15.18
N TYR G 171 17.89 -19.80 14.75
CA TYR G 171 18.93 -20.47 14.00
C TYR G 171 20.26 -19.92 14.48
N LYS G 172 21.21 -20.80 14.77
CA LYS G 172 22.51 -20.39 15.26
C LYS G 172 23.56 -20.79 14.25
N THR G 173 24.43 -19.85 13.89
CA THR G 173 25.49 -20.16 12.96
C THR G 173 26.49 -21.11 13.60
N GLU G 174 27.01 -22.04 12.80
CA GLU G 174 27.92 -23.05 13.29
C GLU G 174 29.00 -23.26 12.25
N GLU G 175 30.15 -23.73 12.73
CA GLU G 175 31.27 -24.12 11.89
C GLU G 175 31.81 -25.45 12.40
N LYS G 176 32.01 -26.38 11.48
CA LYS G 176 32.46 -27.72 11.83
C LYS G 176 33.70 -28.08 11.05
N PRO G 177 34.54 -28.97 11.58
CA PRO G 177 35.85 -29.22 10.96
C PRO G 177 35.85 -30.33 9.94
N ILE G 178 36.67 -30.15 8.92
CA ILE G 178 36.95 -31.15 7.90
C ILE G 178 38.43 -31.49 7.99
N PHE G 179 38.74 -32.78 8.10
CA PHE G 179 40.10 -33.24 8.25
C PHE G 179 40.54 -33.99 6.99
N SER G 180 41.79 -33.78 6.60
CA SER G 180 42.33 -34.44 5.42
C SER G 180 42.96 -35.78 5.80
N LEU G 181 43.31 -36.56 4.78
CA LEU G 181 43.85 -37.89 5.01
C LEU G 181 45.17 -37.82 5.77
N ASP G 182 46.04 -36.87 5.41
CA ASP G 182 47.31 -36.75 6.11
C ASP G 182 47.11 -36.40 7.57
N THR G 183 46.14 -35.52 7.87
CA THR G 183 45.91 -35.13 9.25
C THR G 183 45.31 -36.26 10.06
N ILE G 184 44.57 -37.16 9.43
CA ILE G 184 43.77 -38.14 10.16
C ILE G 184 44.51 -39.47 10.28
N SER G 185 45.40 -39.75 9.32
CA SER G 185 46.21 -40.95 9.35
C SER G 185 47.59 -40.70 9.95
N SER G 186 47.73 -39.63 10.72
CA SER G 186 48.99 -39.32 11.40
C SER G 186 48.74 -38.83 12.81
N ALA G 187 47.65 -39.29 13.43
CA ALA G 187 47.29 -38.92 14.79
C ALA G 187 47.34 -40.16 15.66
N GLU G 188 47.95 -40.04 16.84
CA GLU G 188 47.93 -41.14 17.80
C GLU G 188 46.53 -41.39 18.34
N SER G 189 45.65 -40.40 18.26
CA SER G 189 44.35 -40.51 18.91
C SER G 189 43.62 -41.77 18.45
N MET G 190 43.60 -42.02 17.14
CA MET G 190 42.80 -43.09 16.56
C MET G 190 43.63 -44.31 16.20
N SER G 191 44.78 -44.50 16.87
CA SER G 191 45.58 -45.68 16.60
C SER G 191 44.79 -46.95 16.87
N ILE G 192 43.93 -46.94 17.90
CA ILE G 192 43.28 -48.16 18.34
C ILE G 192 42.45 -48.76 17.21
N TYR G 193 41.79 -47.94 16.42
CA TYR G 193 40.89 -48.44 15.39
C TYR G 193 41.59 -49.49 14.55
N ASP G 194 40.94 -50.63 14.38
CA ASP G 194 41.53 -51.81 13.78
C ASP G 194 41.07 -51.97 12.33
N ASP G 195 41.87 -52.69 11.56
CA ASP G 195 41.58 -53.06 10.19
C ASP G 195 41.75 -51.88 9.23
N ILE G 196 42.26 -50.75 9.71
CA ILE G 196 42.26 -49.51 8.93
C ILE G 196 43.52 -49.47 8.09
N ASP G 197 43.43 -50.00 6.87
CA ASP G 197 44.50 -49.80 5.91
C ASP G 197 44.65 -48.30 5.62
N ALA G 198 45.76 -47.94 4.99
CA ALA G 198 45.97 -46.55 4.60
C ALA G 198 45.03 -46.10 3.51
N ASP G 199 44.32 -47.04 2.88
CA ASP G 199 43.37 -46.73 1.81
C ASP G 199 41.95 -46.57 2.32
N VAL G 200 41.52 -47.43 3.24
CA VAL G 200 40.15 -47.32 3.74
C VAL G 200 39.92 -45.98 4.41
N LEU G 201 40.97 -45.35 4.94
CA LEU G 201 40.81 -43.97 5.39
C LEU G 201 40.54 -43.03 4.22
N ARG G 202 41.22 -43.24 3.09
CA ARG G 202 40.92 -42.40 1.94
C ARG G 202 39.44 -42.49 1.58
N ASN G 203 38.90 -43.70 1.51
CA ASN G 203 37.49 -43.85 1.17
C ASN G 203 36.59 -43.26 2.25
N TYR G 204 36.89 -43.56 3.51
CA TYR G 204 36.04 -43.08 4.59
C TYR G 204 36.01 -41.56 4.64
N GLN G 205 37.14 -40.91 4.39
CA GLN G 205 37.15 -39.45 4.37
C GLN G 205 36.46 -38.91 3.13
N GLU G 206 36.69 -39.52 1.98
CA GLU G 206 35.98 -39.09 0.78
C GLU G 206 34.49 -39.11 1.01
N TYR G 207 34.00 -40.09 1.77
CA TYR G 207 32.57 -40.19 2.06
C TYR G 207 32.13 -39.24 3.17
N SER G 208 32.93 -39.08 4.23
CA SER G 208 32.54 -38.19 5.30
C SER G 208 32.49 -36.74 4.86
N LEU G 209 33.30 -36.36 3.88
CA LEU G 209 33.22 -35.00 3.36
C LEU G 209 31.84 -34.74 2.76
N ALA G 210 31.41 -35.60 1.83
CA ALA G 210 30.07 -35.47 1.27
C ALA G 210 29.02 -35.56 2.35
N ASN G 211 29.26 -36.40 3.36
CA ASN G 211 28.28 -36.60 4.40
C ASN G 211 28.06 -35.32 5.21
N ILE G 212 29.14 -34.66 5.62
CA ILE G 212 29.01 -33.43 6.38
C ILE G 212 28.42 -32.34 5.52
N ILE G 213 28.80 -32.28 4.24
CA ILE G 213 28.23 -31.26 3.37
C ILE G 213 26.73 -31.44 3.26
N TYR G 214 26.27 -32.68 3.11
CA TYR G 214 24.84 -32.92 2.99
C TYR G 214 24.11 -32.54 4.27
N TYR G 215 24.69 -32.87 5.42
CA TYR G 215 24.08 -32.47 6.68
C TYR G 215 23.94 -30.97 6.77
N SER G 216 24.99 -30.24 6.42
CA SER G 216 24.92 -28.79 6.46
C SER G 216 23.89 -28.26 5.48
N LEU G 217 23.79 -28.85 4.30
CA LEU G 217 22.80 -28.42 3.33
C LEU G 217 21.41 -28.53 3.93
N LYS G 218 21.09 -29.65 4.55
CA LYS G 218 19.76 -29.81 5.10
C LYS G 218 19.49 -28.80 6.21
N GLU G 219 20.44 -28.64 7.12
CA GLU G 219 20.24 -27.70 8.22
C GLU G 219 20.06 -26.28 7.69
N SER G 220 20.90 -25.88 6.75
CA SER G 220 20.83 -24.53 6.22
C SER G 220 19.53 -24.29 5.47
N THR G 221 19.06 -25.26 4.70
CA THR G 221 17.78 -25.09 4.02
C THR G 221 16.66 -24.89 5.02
N THR G 222 16.62 -25.71 6.07
CA THR G 222 15.54 -25.54 7.04
C THR G 222 15.59 -24.17 7.69
N SER G 223 16.79 -23.75 8.11
CA SER G 223 16.90 -22.47 8.80
C SER G 223 16.53 -21.32 7.87
N GLU G 224 16.95 -21.41 6.61
CA GLU G 224 16.66 -20.36 5.66
C GLU G 224 15.16 -20.24 5.40
N GLN G 225 14.48 -21.37 5.21
CA GLN G 225 13.03 -21.29 4.97
C GLN G 225 12.30 -20.74 6.18
N SER G 226 12.69 -21.16 7.38
CA SER G 226 12.06 -20.60 8.57
C SER G 226 12.31 -19.10 8.66
N ALA G 227 13.53 -18.67 8.33
CA ALA G 227 13.84 -17.25 8.37
C ALA G 227 13.01 -16.48 7.35
N ARG G 228 12.84 -17.02 6.15
CA ARG G 228 12.02 -16.34 5.16
C ARG G 228 10.57 -16.22 5.62
N MET G 229 10.03 -17.30 6.18
CA MET G 229 8.67 -17.21 6.70
C MET G 229 8.56 -16.09 7.71
N THR G 230 9.50 -16.02 8.66
CA THR G 230 9.42 -14.97 9.66
C THR G 230 9.60 -13.59 9.04
N ALA G 231 10.54 -13.45 8.11
CA ALA G 231 10.81 -12.15 7.53
C ALA G 231 9.61 -11.62 6.76
N MET G 232 8.95 -12.49 5.99
CA MET G 232 7.77 -12.02 5.28
C MET G 232 6.56 -11.87 6.18
N ASP G 233 6.49 -12.59 7.29
CA ASP G 233 5.47 -12.25 8.28
C ASP G 233 5.68 -10.86 8.82
N ASN G 234 6.93 -10.50 9.12
CA ASN G 234 7.23 -9.14 9.58
C ASN G 234 6.90 -8.11 8.49
N ALA G 235 7.24 -8.41 7.24
CA ALA G 235 6.94 -7.47 6.17
C ALA G 235 5.44 -7.29 6.01
N SER G 236 4.67 -8.36 6.12
CA SER G 236 3.23 -8.24 6.04
C SER G 236 2.68 -7.41 7.19
N LYS G 237 3.19 -7.62 8.40
CA LYS G 237 2.71 -6.84 9.53
C LYS G 237 3.04 -5.35 9.36
N ASN G 238 4.27 -5.06 8.92
CA ASN G 238 4.65 -3.67 8.68
C ASN G 238 3.75 -3.03 7.63
N ALA G 239 3.51 -3.74 6.53
CA ALA G 239 2.68 -3.20 5.48
C ALA G 239 1.24 -3.01 5.94
N SER G 240 0.75 -3.91 6.80
CA SER G 240 -0.61 -3.76 7.29
C SER G 240 -0.74 -2.55 8.22
N GLU G 241 0.27 -2.30 9.05
CA GLU G 241 0.25 -1.06 9.83
C GLU G 241 0.30 0.16 8.92
N MET G 242 1.18 0.15 7.93
CA MET G 242 1.26 1.28 7.02
C MET G 242 -0.09 1.53 6.36
N ILE G 243 -0.79 0.46 5.99
CA ILE G 243 -2.07 0.61 5.32
C ILE G 243 -3.11 1.13 6.30
N ASP G 244 -3.10 0.67 7.54
CA ASP G 244 -4.08 1.15 8.49
C ASP G 244 -3.84 2.59 8.89
N LYS G 245 -2.65 3.13 8.62
CA LYS G 245 -2.45 4.57 8.79
C LYS G 245 -2.79 5.36 7.53
N LEU G 246 -2.45 4.83 6.37
CA LEU G 246 -2.74 5.54 5.14
C LEU G 246 -4.24 5.58 4.86
N THR G 247 -5.00 4.59 5.30
CA THR G 247 -6.45 4.68 5.13
C THR G 247 -7.02 5.84 5.92
N LEU G 248 -6.55 6.04 7.15
CA LEU G 248 -7.01 7.19 7.93
C LEU G 248 -6.64 8.48 7.22
N THR G 249 -5.40 8.58 6.75
CA THR G 249 -5.01 9.79 6.02
C THR G 249 -5.89 10.00 4.80
N PHE G 250 -6.21 8.93 4.09
CA PHE G 250 -6.97 9.04 2.87
C PHE G 250 -8.41 9.46 3.13
N ASN G 251 -9.02 8.92 4.19
CA ASN G 251 -10.37 9.36 4.55
C ASN G 251 -10.38 10.82 4.93
N ARG G 252 -9.41 11.24 5.73
CA ARG G 252 -9.30 12.66 6.06
C ARG G 252 -9.22 13.50 4.80
N THR G 253 -8.39 13.07 3.85
CA THR G 253 -8.16 13.87 2.67
C THR G 253 -9.38 13.93 1.77
N ARG G 254 -10.09 12.81 1.61
CA ARG G 254 -11.26 12.84 0.73
C ARG G 254 -12.39 13.66 1.34
N GLN G 255 -12.56 13.59 2.66
CA GLN G 255 -13.54 14.46 3.29
C GLN G 255 -13.15 15.92 3.13
N ALA G 256 -11.85 16.22 3.27
CA ALA G 256 -11.40 17.59 3.08
C ALA G 256 -11.66 18.06 1.65
N VAL G 257 -11.48 17.17 0.67
CA VAL G 257 -11.72 17.54 -0.72
C VAL G 257 -13.20 17.80 -0.96
N ILE G 258 -14.08 16.97 -0.42
CA ILE G 258 -15.50 17.21 -0.57
C ILE G 258 -15.88 18.55 0.02
N THR G 259 -15.37 18.84 1.22
CA THR G 259 -15.68 20.11 1.86
C THR G 259 -15.16 21.28 1.04
N LYS G 260 -13.93 21.18 0.52
CA LYS G 260 -13.38 22.29 -0.24
C LYS G 260 -14.22 22.57 -1.48
N GLU G 261 -14.61 21.51 -2.18
CA GLU G 261 -15.42 21.70 -3.38
C GLU G 261 -16.76 22.34 -3.02
N LEU G 262 -17.40 21.88 -1.95
CA LEU G 262 -18.66 22.50 -1.55
C LEU G 262 -18.48 23.96 -1.21
N ILE G 263 -17.42 24.31 -0.50
CA ILE G 263 -17.25 25.70 -0.11
C ILE G 263 -17.01 26.56 -1.34
N GLU G 264 -16.25 26.05 -2.31
CA GLU G 264 -16.07 26.80 -3.55
C GLU G 264 -17.41 27.04 -4.23
N ILE G 265 -18.24 26.00 -4.34
CA ILE G 265 -19.51 26.15 -5.02
C ILE G 265 -20.40 27.14 -4.27
N ILE G 266 -20.42 27.07 -2.95
CA ILE G 266 -21.31 27.92 -2.16
C ILE G 266 -20.86 29.37 -2.22
N SER G 267 -19.55 29.62 -2.19
CA SER G 267 -19.07 30.98 -2.36
C SER G 267 -19.44 31.50 -3.73
N GLY G 268 -19.26 30.67 -4.76
CA GLY G 268 -19.63 31.10 -6.10
C GLY G 268 -21.11 31.40 -6.22
N ALA G 269 -21.95 30.61 -5.56
CA ALA G 269 -23.39 30.80 -5.66
C ALA G 269 -23.85 32.03 -4.89
N ALA G 270 -23.25 32.29 -3.73
CA ALA G 270 -23.66 33.43 -2.93
C ALA G 270 -22.97 34.72 -3.32
N ALA G 271 -21.97 34.68 -4.20
CA ALA G 271 -21.28 35.88 -4.63
C ALA G 271 -21.94 36.54 -5.83
N LEU G 272 -23.09 36.04 -6.26
CA LEU G 272 -23.79 36.58 -7.41
C LEU G 272 -25.27 36.75 -7.10
N MET H 16 25.69 -52.12 23.42
CA MET H 16 25.83 -51.63 22.05
C MET H 16 24.67 -50.73 21.67
N SER H 17 24.99 -49.50 21.28
CA SER H 17 24.01 -48.53 20.80
C SER H 17 24.12 -48.50 19.28
N PHE H 18 23.20 -49.17 18.60
CA PHE H 18 23.20 -49.22 17.15
C PHE H 18 22.44 -48.04 16.58
N THR H 19 22.97 -47.45 15.51
CA THR H 19 22.27 -46.40 14.78
C THR H 19 22.48 -46.63 13.28
N PHE H 20 21.44 -47.13 12.62
CA PHE H 20 21.50 -47.42 11.19
C PHE H 20 20.60 -46.45 10.45
N ALA H 21 21.16 -45.74 9.49
CA ALA H 21 20.48 -44.60 8.88
C ALA H 21 20.86 -44.47 7.42
N SER H 22 20.01 -43.76 6.70
CA SER H 22 20.15 -43.47 5.28
C SER H 22 19.93 -41.97 5.11
N PRO H 23 20.44 -41.38 4.02
CA PRO H 23 20.28 -39.94 3.85
C PRO H 23 18.86 -39.46 4.06
N THR H 24 17.89 -40.34 3.86
CA THR H 24 16.48 -39.97 3.93
C THR H 24 15.77 -40.49 5.17
N GLN H 25 16.04 -41.72 5.60
CA GLN H 25 15.29 -42.34 6.68
C GLN H 25 16.22 -42.97 7.70
N VAL H 26 15.75 -43.04 8.94
CA VAL H 26 16.48 -43.64 10.04
C VAL H 26 15.73 -44.89 10.47
N PHE H 27 16.41 -46.03 10.48
CA PHE H 27 15.81 -47.28 10.92
C PHE H 27 16.01 -47.47 12.42
N PHE H 28 17.26 -47.51 12.86
CA PHE H 28 17.60 -47.70 14.26
C PHE H 28 18.28 -46.43 14.74
N ASN H 29 17.73 -45.83 15.79
CA ASN H 29 18.32 -44.64 16.40
C ASN H 29 18.69 -45.01 17.83
N SER H 30 20.00 -45.13 18.09
CA SER H 30 20.49 -45.54 19.40
C SER H 30 19.77 -46.79 19.88
N ALA H 31 19.34 -47.62 18.95
CA ALA H 31 18.66 -48.86 19.29
C ALA H 31 19.68 -49.92 19.69
N ASN H 32 19.23 -50.85 20.51
CA ASN H 32 20.06 -51.96 20.98
C ASN H 32 19.67 -53.23 20.25
N VAL H 33 20.61 -53.80 19.50
CA VAL H 33 20.43 -55.09 18.87
C VAL H 33 21.65 -55.94 19.20
N ARG H 34 21.46 -57.26 19.27
CA ARG H 34 22.52 -58.09 19.82
C ARG H 34 23.68 -58.21 18.85
N GLN H 35 23.40 -58.61 17.61
CA GLN H 35 24.43 -58.98 16.66
C GLN H 35 24.11 -58.36 15.32
N VAL H 36 25.16 -57.93 14.61
CA VAL H 36 25.00 -57.33 13.29
C VAL H 36 25.93 -58.05 12.33
N ASP H 37 25.52 -58.12 11.07
CA ASP H 37 26.26 -58.81 10.01
C ASP H 37 26.45 -57.81 8.88
N VAL H 38 27.56 -57.10 8.90
CA VAL H 38 27.77 -56.00 7.95
C VAL H 38 28.64 -56.47 6.81
N PRO H 39 28.39 -56.04 5.58
CA PRO H 39 29.40 -56.17 4.53
C PRO H 39 30.41 -55.04 4.67
N THR H 40 31.51 -55.17 3.94
CA THR H 40 32.53 -54.14 3.96
C THR H 40 33.35 -54.25 2.69
N GLN H 41 34.29 -53.32 2.52
CA GLN H 41 35.13 -53.31 1.35
C GLN H 41 36.15 -54.43 1.37
N THR H 42 36.35 -55.09 2.50
CA THR H 42 37.30 -56.18 2.65
C THR H 42 36.59 -57.42 3.18
N GLY H 43 35.46 -57.77 2.57
CA GLY H 43 34.71 -58.93 2.98
C GLY H 43 33.90 -58.69 4.23
N ALA H 44 32.68 -59.20 4.26
CA ALA H 44 31.78 -58.93 5.36
C ALA H 44 32.37 -59.40 6.68
N PHE H 45 31.69 -59.09 7.76
CA PHE H 45 32.03 -59.60 9.07
C PHE H 45 30.85 -59.29 10.00
N GLY H 46 31.07 -59.51 11.29
CA GLY H 46 30.01 -59.32 12.26
C GLY H 46 30.41 -58.37 13.37
N ILE H 47 29.42 -57.90 14.11
CA ILE H 47 29.64 -56.97 15.22
C ILE H 47 28.81 -57.43 16.40
N LEU H 48 29.44 -57.50 17.56
CA LEU H 48 28.76 -57.77 18.83
C LEU H 48 29.11 -56.62 19.77
N ALA H 49 28.64 -56.67 21.01
CA ALA H 49 28.76 -55.53 21.92
C ALA H 49 30.12 -54.84 21.84
N ALA H 50 31.18 -55.54 22.22
CA ALA H 50 32.47 -54.90 22.46
C ALA H 50 33.45 -55.09 21.31
N HIS H 51 32.95 -55.31 20.10
CA HIS H 51 33.81 -55.52 18.94
C HIS H 51 34.91 -54.47 18.90
N VAL H 52 36.07 -54.86 18.38
CA VAL H 52 37.22 -53.95 18.34
C VAL H 52 36.88 -52.77 17.46
N PRO H 53 37.29 -51.54 17.79
CA PRO H 53 36.94 -50.40 16.95
C PRO H 53 37.43 -50.59 15.52
N THR H 54 36.64 -50.12 14.57
CA THR H 54 36.99 -50.22 13.17
C THR H 54 36.38 -49.07 12.40
N LEU H 55 36.97 -48.78 11.24
CA LEU H 55 36.53 -47.74 10.32
C LEU H 55 36.37 -48.32 8.92
N GLN H 56 35.66 -49.43 8.82
CA GLN H 56 35.44 -50.02 7.52
C GLN H 56 34.30 -49.32 6.81
N VAL H 57 34.40 -49.26 5.49
CA VAL H 57 33.33 -48.77 4.65
C VAL H 57 32.53 -49.96 4.15
N LEU H 58 31.42 -49.69 3.48
CA LEU H 58 30.53 -50.75 3.05
C LEU H 58 30.71 -51.07 1.57
N ARG H 59 30.13 -52.20 1.19
CA ARG H 59 30.11 -52.75 -0.16
C ARG H 59 28.68 -53.15 -0.47
N PRO H 60 28.25 -53.06 -1.73
CA PRO H 60 26.87 -53.45 -2.03
C PRO H 60 26.53 -54.80 -1.44
N GLY H 61 25.63 -54.82 -0.48
CA GLY H 61 25.35 -56.06 0.22
C GLY H 61 24.08 -55.91 1.03
N LEU H 62 23.94 -56.78 2.03
CA LEU H 62 22.78 -56.73 2.90
C LEU H 62 23.20 -56.96 4.34
N VAL H 63 22.66 -56.14 5.24
CA VAL H 63 22.94 -56.22 6.66
C VAL H 63 21.74 -56.88 7.32
N VAL H 64 21.96 -58.03 7.94
CA VAL H 64 20.89 -58.74 8.64
C VAL H 64 21.10 -58.44 10.12
N VAL H 65 20.43 -57.40 10.61
CA VAL H 65 20.55 -57.04 12.00
C VAL H 65 19.82 -58.08 12.85
N HIS H 66 20.50 -58.60 13.86
CA HIS H 66 19.93 -59.58 14.77
C HIS H 66 19.41 -58.83 15.98
N ALA H 67 18.09 -58.71 16.06
CA ALA H 67 17.47 -58.06 17.20
C ALA H 67 17.84 -58.79 18.47
N GLU H 68 17.74 -58.08 19.60
CA GLU H 68 18.07 -58.70 20.88
C GLU H 68 17.30 -59.99 21.07
N ASP H 69 16.07 -60.05 20.57
CA ASP H 69 15.26 -61.27 20.59
C ASP H 69 15.50 -62.04 19.29
N GLY H 70 14.63 -63.02 19.01
CA GLY H 70 14.86 -63.90 17.88
C GLY H 70 14.88 -63.17 16.54
N THR H 71 14.03 -62.17 16.36
CA THR H 71 13.84 -61.56 15.05
C THR H 71 15.15 -61.02 14.48
N THR H 72 15.42 -61.35 13.21
CA THR H 72 16.54 -60.80 12.47
C THR H 72 16.01 -60.19 11.19
N SER H 73 16.28 -58.91 10.98
CA SER H 73 15.72 -58.15 9.86
C SER H 73 16.80 -57.77 8.87
N LYS H 74 16.52 -57.96 7.59
CA LYS H 74 17.52 -57.86 6.53
C LYS H 74 17.27 -56.61 5.70
N TYR H 75 18.23 -55.68 5.73
CA TYR H 75 18.14 -54.44 4.98
C TYR H 75 19.28 -54.43 3.96
N PHE H 76 18.95 -54.29 2.69
CA PHE H 76 20.00 -54.13 1.68
C PHE H 76 20.57 -52.72 1.76
N VAL H 77 21.89 -52.63 1.61
CA VAL H 77 22.59 -51.34 1.60
C VAL H 77 23.53 -51.33 0.42
N SER H 78 23.63 -50.17 -0.24
CA SER H 78 24.34 -50.06 -1.50
C SER H 78 25.74 -49.49 -1.36
N SER H 79 26.02 -48.78 -0.28
CA SER H 79 27.32 -48.15 -0.05
C SER H 79 27.22 -47.46 1.30
N GLY H 80 28.34 -46.92 1.75
CA GLY H 80 28.31 -46.11 2.94
C GLY H 80 29.51 -46.26 3.86
N SER H 81 29.23 -46.44 5.14
CA SER H 81 30.29 -46.49 6.13
C SER H 81 29.78 -47.09 7.42
N VAL H 82 30.54 -48.03 7.96
CA VAL H 82 30.27 -48.62 9.26
C VAL H 82 31.39 -48.19 10.19
N THR H 83 31.01 -47.68 11.36
CA THR H 83 31.96 -47.32 12.39
C THR H 83 31.55 -48.06 13.65
N VAL H 84 32.44 -48.89 14.17
CA VAL H 84 32.23 -49.57 15.44
C VAL H 84 32.89 -48.71 16.50
N ASN H 85 32.11 -48.32 17.51
CA ASN H 85 32.55 -47.23 18.34
C ASN H 85 33.47 -47.71 19.46
N ALA H 86 34.18 -46.75 20.06
CA ALA H 86 35.04 -47.06 21.19
C ALA H 86 34.21 -47.55 22.38
N ASP H 87 33.06 -46.92 22.62
CA ASP H 87 32.19 -47.24 23.74
C ASP H 87 31.18 -48.32 23.41
N SER H 88 31.48 -49.18 22.43
CA SER H 88 30.68 -50.34 22.04
C SER H 88 29.53 -49.99 21.12
N SER H 89 29.30 -48.72 20.80
CA SER H 89 28.20 -48.35 19.94
C SER H 89 28.60 -48.52 18.47
N VAL H 90 27.65 -48.28 17.58
CA VAL H 90 27.86 -48.50 16.14
C VAL H 90 27.06 -47.47 15.35
N GLN H 91 27.68 -46.93 14.31
CA GLN H 91 27.00 -46.09 13.33
C GLN H 91 27.11 -46.74 11.96
N LEU H 92 25.97 -47.07 11.38
CA LEU H 92 25.90 -47.71 10.07
C LEU H 92 25.16 -46.76 9.14
N LEU H 93 25.89 -46.00 8.35
CA LEU H 93 25.30 -45.04 7.43
C LEU H 93 25.35 -45.63 6.02
N ALA H 94 24.23 -45.60 5.33
CA ALA H 94 24.13 -46.21 4.01
C ALA H 94 23.52 -45.21 3.04
N GLU H 95 24.20 -44.98 1.92
CA GLU H 95 23.65 -44.06 0.93
C GLU H 95 22.28 -44.50 0.44
N GLU H 96 22.01 -45.81 0.43
CA GLU H 96 20.75 -46.33 -0.09
C GLU H 96 20.40 -47.59 0.71
N ALA H 97 19.60 -47.42 1.75
CA ALA H 97 19.22 -48.52 2.64
C ALA H 97 17.77 -48.88 2.37
N VAL H 98 17.55 -49.96 1.64
CA VAL H 98 16.21 -50.38 1.24
C VAL H 98 15.96 -51.77 1.82
N THR H 99 14.79 -51.93 2.44
CA THR H 99 14.40 -53.27 2.86
C THR H 99 14.12 -54.12 1.64
N LEU H 100 14.27 -55.44 1.79
CA LEU H 100 14.43 -56.31 0.63
C LEU H 100 13.24 -56.23 -0.32
N ASP H 101 12.02 -56.22 0.22
CA ASP H 101 10.84 -56.42 -0.62
C ASP H 101 10.74 -55.37 -1.72
N MET H 102 11.37 -54.21 -1.54
CA MET H 102 11.24 -53.13 -2.50
C MET H 102 12.05 -53.36 -3.77
N LEU H 103 12.61 -54.54 -3.95
CA LEU H 103 13.55 -54.82 -5.02
C LEU H 103 13.00 -55.92 -5.91
N ASP H 104 13.32 -55.84 -7.21
CA ASP H 104 12.87 -56.84 -8.18
C ASP H 104 14.06 -57.70 -8.59
N LEU H 105 14.04 -58.96 -8.15
CA LEU H 105 15.16 -59.86 -8.41
C LEU H 105 15.35 -60.09 -9.90
N GLY H 106 14.24 -60.29 -10.63
CA GLY H 106 14.35 -60.38 -12.08
C GLY H 106 14.99 -59.16 -12.69
N ALA H 107 14.57 -57.97 -12.24
CA ALA H 107 15.19 -56.74 -12.74
C ALA H 107 16.65 -56.68 -12.34
N ALA H 108 17.00 -57.21 -11.16
CA ALA H 108 18.39 -57.22 -10.74
C ALA H 108 19.24 -58.08 -11.69
N LYS H 109 18.77 -59.28 -12.00
CA LYS H 109 19.51 -60.12 -12.93
C LYS H 109 19.58 -59.48 -14.33
N ALA H 110 18.47 -58.91 -14.77
CA ALA H 110 18.47 -58.28 -16.09
C ALA H 110 19.46 -57.13 -16.14
N ASN H 111 19.50 -56.32 -15.09
CA ASN H 111 20.46 -55.23 -15.02
C ASN H 111 21.89 -55.76 -15.02
N LEU H 112 22.14 -56.82 -14.27
CA LEU H 112 23.46 -57.44 -14.28
C LEU H 112 23.85 -57.82 -15.69
N GLU H 113 22.94 -58.49 -16.40
CA GLU H 113 23.24 -58.99 -17.74
C GLU H 113 23.51 -57.83 -18.69
N LYS H 114 22.66 -56.80 -18.67
CA LYS H 114 22.88 -55.65 -19.54
C LYS H 114 24.23 -55.00 -19.23
N ALA H 115 24.45 -54.68 -17.96
CA ALA H 115 25.70 -54.03 -17.56
C ALA H 115 26.90 -54.82 -18.08
N GLN H 116 26.85 -56.15 -17.98
CA GLN H 116 27.88 -56.95 -18.63
C GLN H 116 27.88 -56.71 -20.13
N SER H 117 26.70 -56.57 -20.73
CA SER H 117 26.61 -56.36 -22.17
C SER H 117 27.47 -55.17 -22.59
N GLU H 118 27.31 -54.04 -21.91
CA GLU H 118 28.16 -52.89 -22.20
C GLU H 118 29.53 -52.96 -21.54
N LEU H 119 29.94 -54.13 -21.05
CA LEU H 119 31.27 -54.24 -20.45
C LEU H 119 32.35 -53.90 -21.47
N LEU H 120 32.24 -54.45 -22.68
CA LEU H 120 33.28 -54.27 -23.68
C LEU H 120 33.33 -52.83 -24.16
N GLY H 121 32.18 -52.18 -24.29
CA GLY H 121 32.15 -50.83 -24.82
C GLY H 121 32.70 -49.80 -23.86
N ALA H 122 33.96 -49.99 -23.44
CA ALA H 122 34.61 -49.13 -22.47
C ALA H 122 36.00 -48.79 -23.00
N ALA H 123 36.06 -47.72 -23.81
CA ALA H 123 37.33 -47.33 -24.41
C ALA H 123 38.38 -46.94 -23.38
N ASP H 124 37.96 -46.64 -22.15
CA ASP H 124 38.86 -46.24 -21.09
C ASP H 124 38.81 -47.25 -19.96
N GLU H 125 39.87 -47.25 -19.15
CA GLU H 125 39.91 -48.12 -17.98
C GLU H 125 38.90 -47.67 -16.93
N ALA H 126 38.74 -46.36 -16.76
CA ALA H 126 37.80 -45.86 -15.77
C ALA H 126 36.36 -46.23 -16.13
N THR H 127 36.02 -46.16 -17.42
CA THR H 127 34.71 -46.64 -17.83
C THR H 127 34.54 -48.12 -17.51
N ARG H 128 35.57 -48.91 -17.76
CA ARG H 128 35.51 -50.32 -17.41
C ARG H 128 35.22 -50.50 -15.93
N ALA H 129 35.90 -49.73 -15.08
CA ALA H 129 35.65 -49.81 -13.65
C ALA H 129 34.22 -49.40 -13.32
N GLU H 130 33.68 -48.41 -14.03
CA GLU H 130 32.30 -48.00 -13.81
C GLU H 130 31.35 -49.16 -14.07
N ILE H 131 31.47 -49.80 -15.23
CA ILE H 131 30.59 -50.91 -15.54
C ILE H 131 30.82 -52.07 -14.57
N GLN H 132 32.06 -52.28 -14.14
CA GLN H 132 32.32 -53.33 -13.16
C GLN H 132 31.64 -53.02 -11.82
N ILE H 133 31.63 -51.75 -11.43
CA ILE H 133 30.97 -51.35 -10.20
C ILE H 133 29.48 -51.67 -10.27
N ARG H 134 28.82 -51.22 -11.34
CA ARG H 134 27.40 -51.50 -11.46
C ARG H 134 27.14 -52.99 -11.53
N ILE H 135 27.99 -53.73 -12.24
CA ILE H 135 27.81 -55.17 -12.36
C ILE H 135 27.90 -55.85 -11.00
N GLU H 136 28.93 -55.48 -10.22
CA GLU H 136 29.11 -56.08 -8.90
C GLU H 136 27.93 -55.77 -8.00
N ALA H 137 27.46 -54.52 -8.00
CA ALA H 137 26.31 -54.17 -7.18
C ALA H 137 25.08 -54.96 -7.59
N ASN H 138 24.86 -55.08 -8.91
CA ASN H 138 23.70 -55.81 -9.39
C ASN H 138 23.76 -57.27 -8.99
N GLU H 139 24.94 -57.89 -9.07
CA GLU H 139 25.03 -59.30 -8.74
C GLU H 139 24.85 -59.53 -7.24
N ALA H 140 25.41 -58.64 -6.42
CA ALA H 140 25.18 -58.73 -4.99
C ALA H 140 23.69 -58.59 -4.68
N LEU H 141 23.00 -57.74 -5.44
CA LEU H 141 21.55 -57.69 -5.35
C LEU H 141 20.91 -59.02 -5.70
N VAL H 142 21.32 -59.60 -6.84
CA VAL H 142 20.72 -60.84 -7.30
C VAL H 142 20.83 -61.91 -6.22
N LYS H 143 22.02 -62.02 -5.62
CA LYS H 143 22.18 -62.99 -4.53
C LYS H 143 21.40 -62.57 -3.29
N ALA H 144 21.22 -61.27 -3.08
CA ALA H 144 20.49 -60.82 -1.90
C ALA H 144 19.06 -61.31 -1.92
N LEU H 145 18.41 -61.25 -3.07
CA LEU H 145 17.00 -61.55 -3.19
C LEU H 145 16.70 -63.04 -3.28
N GLU H 146 17.66 -63.89 -2.95
CA GLU H 146 17.44 -65.34 -2.91
C GLU H 146 17.80 -65.88 -1.53
N VAL I 1 43.17 -51.17 -2.31
CA VAL I 1 43.25 -50.36 -3.54
C VAL I 1 42.46 -51.05 -4.65
N ALA I 2 41.13 -51.05 -4.51
CA ALA I 2 40.28 -51.76 -5.45
C ALA I 2 40.46 -51.20 -6.86
N TYR I 3 39.87 -51.90 -7.84
CA TYR I 3 40.14 -51.60 -9.23
C TYR I 3 39.73 -50.17 -9.59
N TRP I 4 38.57 -49.73 -9.11
CA TRP I 4 38.09 -48.40 -9.51
C TRP I 4 38.92 -47.28 -8.91
N ARG I 5 39.74 -47.57 -7.89
CA ARG I 5 40.59 -46.53 -7.31
C ARG I 5 41.71 -46.14 -8.26
N GLN I 6 42.42 -47.13 -8.82
CA GLN I 6 43.45 -46.82 -9.81
C GLN I 6 42.83 -46.31 -11.11
N ALA I 7 41.56 -46.61 -11.35
CA ALA I 7 40.85 -46.00 -12.46
C ALA I 7 40.74 -44.49 -12.28
N GLY I 8 40.76 -44.02 -11.04
CA GLY I 8 40.61 -42.62 -10.72
C GLY I 8 39.26 -42.23 -10.18
N LEU I 9 38.27 -43.11 -10.26
CA LEU I 9 36.94 -42.80 -9.74
C LEU I 9 37.00 -42.62 -8.23
N SER I 10 36.66 -41.43 -7.76
CA SER I 10 36.59 -41.18 -6.33
C SER I 10 35.54 -42.09 -5.70
N TYR I 11 35.71 -42.40 -4.42
CA TYR I 11 34.77 -43.31 -3.77
C TYR I 11 33.35 -42.79 -3.87
N ILE I 12 33.18 -41.48 -3.98
CA ILE I 12 31.84 -40.93 -4.13
C ILE I 12 31.24 -41.34 -5.46
N ARG I 13 32.05 -41.41 -6.52
CA ARG I 13 31.55 -41.93 -7.78
C ARG I 13 31.08 -43.37 -7.62
N TYR I 14 31.85 -44.18 -6.90
CA TYR I 14 31.47 -45.58 -6.68
C TYR I 14 30.16 -45.68 -5.91
N SER I 15 30.02 -44.86 -4.87
CA SER I 15 28.77 -44.88 -4.10
C SER I 15 27.61 -44.39 -4.97
N GLN I 16 27.85 -43.37 -5.79
CA GLN I 16 26.82 -42.89 -6.70
C GLN I 16 26.33 -44.00 -7.61
N ILE I 17 27.27 -44.74 -8.20
CA ILE I 17 26.89 -45.76 -9.17
C ILE I 17 26.20 -46.93 -8.49
N CYS I 18 26.69 -47.35 -7.32
CA CYS I 18 26.02 -48.42 -6.60
C CYS I 18 24.62 -48.02 -6.19
N ALA I 19 24.45 -46.78 -5.70
CA ALA I 19 23.14 -46.32 -5.31
C ALA I 19 22.21 -46.25 -6.51
N LYS I 20 22.70 -45.77 -7.65
CA LYS I 20 21.89 -45.74 -8.86
C LYS I 20 21.46 -47.15 -9.25
N ALA I 21 22.38 -48.12 -9.15
CA ALA I 21 22.04 -49.49 -9.46
C ALA I 21 20.92 -49.98 -8.54
N VAL I 22 21.09 -49.82 -7.23
CA VAL I 22 20.07 -50.29 -6.30
C VAL I 22 18.77 -49.54 -6.47
N ARG I 23 18.81 -48.34 -7.06
CA ARG I 23 17.58 -47.64 -7.37
C ARG I 23 16.90 -48.22 -8.59
N ASP I 24 17.68 -48.62 -9.60
CA ASP I 24 17.10 -49.20 -10.80
C ASP I 24 16.44 -50.54 -10.55
N ALA I 25 16.82 -51.23 -9.47
CA ALA I 25 16.18 -52.48 -9.09
C ALA I 25 14.95 -52.27 -8.23
N LEU I 26 14.60 -51.02 -7.93
CA LEU I 26 13.40 -50.72 -7.18
C LEU I 26 12.17 -50.86 -8.07
N LYS I 27 11.10 -51.41 -7.51
CA LYS I 27 9.85 -51.51 -8.24
C LYS I 27 9.37 -50.10 -8.63
N THR I 28 8.71 -50.02 -9.79
CA THR I 28 8.13 -48.75 -10.19
C THR I 28 7.02 -48.33 -9.23
N GLU I 29 6.53 -49.25 -8.41
CA GLU I 29 5.64 -48.88 -7.32
C GLU I 29 6.34 -47.92 -6.35
N PHE I 30 7.66 -48.09 -6.17
CA PHE I 30 8.44 -47.22 -5.30
C PHE I 30 9.39 -46.30 -6.05
N LYS I 31 9.63 -46.57 -7.33
CA LYS I 31 10.37 -45.61 -8.15
C LYS I 31 9.76 -44.22 -8.07
N ALA I 32 8.49 -44.11 -7.67
CA ALA I 32 7.88 -42.80 -7.48
C ALA I 32 8.70 -41.93 -6.55
N ASN I 33 8.87 -42.36 -5.30
CA ASN I 33 9.67 -41.62 -4.36
C ASN I 33 11.16 -41.89 -4.49
N ALA I 34 11.55 -42.90 -5.26
CA ALA I 34 12.97 -43.10 -5.51
C ALA I 34 13.52 -42.04 -6.47
N MET I 35 12.80 -41.78 -7.56
CA MET I 35 13.29 -40.82 -8.55
C MET I 35 13.37 -39.42 -7.97
N LYS I 36 12.33 -39.00 -7.25
CA LYS I 36 12.40 -37.78 -6.47
C LYS I 36 13.19 -38.06 -5.19
N THR I 37 13.90 -37.05 -4.72
CA THR I 37 14.84 -37.12 -3.61
C THR I 37 16.17 -37.70 -4.06
N SER I 38 16.31 -38.07 -5.33
CA SER I 38 17.52 -38.71 -5.84
C SER I 38 18.35 -37.80 -6.72
N GLY I 39 17.73 -37.15 -7.70
CA GLY I 39 18.49 -36.39 -8.66
C GLY I 39 19.22 -35.22 -8.02
N SER I 40 20.40 -34.92 -8.56
CA SER I 40 21.18 -33.76 -8.17
C SER I 40 20.80 -32.58 -9.04
N THR I 41 20.91 -31.38 -8.45
CA THR I 41 20.40 -30.17 -9.09
C THR I 41 21.43 -29.07 -9.15
N ILE I 42 22.39 -29.07 -8.22
CA ILE I 42 23.36 -27.98 -8.17
C ILE I 42 24.13 -27.94 -9.48
N LYS I 43 24.24 -26.74 -10.05
CA LYS I 43 25.20 -26.46 -11.10
C LYS I 43 26.41 -25.76 -10.49
N ILE I 44 27.50 -25.76 -11.24
CA ILE I 44 28.75 -25.17 -10.79
C ILE I 44 29.01 -23.90 -11.57
N VAL I 45 29.61 -22.92 -10.89
CA VAL I 45 30.11 -21.71 -11.52
C VAL I 45 31.60 -21.61 -11.21
N LYS I 46 32.41 -21.40 -12.25
CA LYS I 46 33.85 -21.39 -12.12
C LYS I 46 34.31 -19.98 -11.70
N VAL I 47 35.61 -19.84 -11.46
CA VAL I 47 36.22 -18.57 -11.13
C VAL I 47 36.70 -17.89 -12.40
N VAL J 8 -13.48 0.97 -0.85
CA VAL J 8 -12.05 1.13 -1.00
C VAL J 8 -11.43 -0.19 -1.46
N ARG J 9 -10.54 -0.11 -2.44
CA ARG J 9 -9.92 -1.31 -3.03
C ARG J 9 -8.58 -0.92 -3.64
N SER J 10 -7.96 -1.88 -4.33
CA SER J 10 -6.66 -1.67 -4.94
C SER J 10 -6.73 -2.03 -6.43
N SER J 11 -5.57 -2.14 -7.08
CA SER J 11 -5.52 -2.44 -8.51
C SER J 11 -4.34 -3.35 -8.78
N ALA J 12 -4.12 -3.64 -10.06
CA ALA J 12 -3.01 -4.48 -10.51
C ALA J 12 -1.98 -3.61 -11.21
N GLY J 13 -0.71 -3.90 -10.95
CA GLY J 13 0.36 -3.10 -11.53
C GLY J 13 0.42 -1.69 -11.02
N ALA J 14 0.26 -1.50 -9.70
CA ALA J 14 0.30 -0.18 -9.11
C ALA J 14 1.60 0.12 -8.39
N VAL J 15 2.39 -0.91 -8.06
CA VAL J 15 3.65 -0.69 -7.39
C VAL J 15 4.60 0.12 -8.25
N ARG J 16 4.37 0.17 -9.55
CA ARG J 16 5.13 1.03 -10.44
C ARG J 16 4.47 2.38 -10.61
N ASP J 17 3.15 2.42 -10.61
CA ASP J 17 2.44 3.69 -10.80
C ASP J 17 2.71 4.63 -9.63
N ALA J 18 2.77 4.11 -8.42
CA ALA J 18 3.02 4.98 -7.27
C ALA J 18 4.35 5.70 -7.41
N GLY J 19 5.29 5.14 -8.15
CA GLY J 19 6.58 5.78 -8.31
C GLY J 19 7.35 5.96 -7.03
N GLY J 20 7.04 5.18 -6.01
CA GLY J 20 7.72 5.28 -4.73
C GLY J 20 9.10 4.70 -4.79
N ALA J 21 9.55 4.15 -3.66
CA ALA J 21 10.84 3.48 -3.65
C ALA J 21 10.80 2.18 -4.43
N PHE J 22 9.78 1.36 -4.18
CA PHE J 22 9.66 0.10 -4.90
C PHE J 22 9.42 0.31 -6.38
N GLY J 23 8.73 1.39 -6.74
CA GLY J 23 8.48 1.65 -8.15
C GLY J 23 9.74 1.84 -8.96
N LYS J 24 10.84 2.21 -8.32
CA LYS J 24 12.11 2.39 -9.02
C LYS J 24 13.08 1.25 -8.77
N ARG J 25 13.06 0.65 -7.58
CA ARG J 25 13.80 -0.58 -7.37
C ARG J 25 13.35 -1.67 -8.33
N GLU J 26 12.06 -1.68 -8.66
CA GLU J 26 11.57 -2.67 -9.63
C GLU J 26 12.19 -2.44 -10.99
N GLN J 27 12.26 -1.19 -11.44
CA GLN J 27 12.95 -0.90 -12.69
C GLN J 27 14.40 -1.35 -12.62
N ALA J 28 15.06 -1.07 -11.50
CA ALA J 28 16.44 -1.50 -11.33
C ALA J 28 16.58 -3.00 -11.54
N GLU J 29 15.69 -3.77 -10.91
CA GLU J 29 15.78 -5.23 -11.00
C GLU J 29 15.55 -5.71 -12.42
N GLU J 30 14.46 -5.26 -13.03
CA GLU J 30 14.16 -5.65 -14.40
C GLU J 30 15.32 -5.31 -15.32
N GLU J 31 15.95 -4.15 -15.10
CA GLU J 31 17.02 -3.74 -15.99
C GLU J 31 18.28 -4.54 -15.74
N ARG J 32 18.61 -4.86 -14.49
CA ARG J 32 19.66 -5.85 -14.26
C ARG J 32 19.46 -7.01 -15.20
N TYR J 33 18.31 -7.66 -15.04
CA TYR J 33 18.12 -8.93 -15.70
C TYR J 33 18.24 -8.77 -17.20
N PHE J 34 17.57 -7.76 -17.76
CA PHE J 34 17.50 -7.72 -19.21
C PHE J 34 18.72 -7.08 -19.84
N ARG J 35 19.47 -6.25 -19.13
CA ARG J 35 20.77 -5.85 -19.66
C ARG J 35 21.72 -7.03 -19.73
N ALA J 36 21.77 -7.84 -18.68
CA ALA J 36 22.64 -9.01 -18.73
C ALA J 36 22.20 -9.98 -19.83
N ARG J 37 20.89 -10.21 -19.95
CA ARG J 37 20.39 -11.09 -21.00
C ARG J 37 20.71 -10.54 -22.38
N ALA J 38 20.58 -9.22 -22.56
CA ALA J 38 20.92 -8.65 -23.85
C ALA J 38 22.40 -8.82 -24.14
N LYS J 39 23.25 -8.72 -23.12
CA LYS J 39 24.67 -8.93 -23.33
C LYS J 39 24.94 -10.35 -23.83
N GLU J 40 24.42 -11.34 -23.12
CA GLU J 40 24.68 -12.72 -23.55
C GLU J 40 24.04 -13.01 -24.90
N GLN J 41 22.88 -12.42 -25.19
CA GLN J 41 22.23 -12.66 -26.47
C GLN J 41 23.01 -12.02 -27.60
N LEU J 42 23.58 -10.84 -27.37
CA LEU J 42 24.43 -10.22 -28.37
C LEU J 42 25.68 -11.06 -28.62
N ALA J 43 26.29 -11.57 -27.55
CA ALA J 43 27.44 -12.44 -27.73
C ALA J 43 27.07 -13.68 -28.52
N ALA J 44 25.92 -14.28 -28.22
CA ALA J 44 25.49 -15.47 -28.95
C ALA J 44 25.22 -15.18 -30.41
N LEU J 45 24.60 -14.04 -30.71
CA LEU J 45 24.32 -13.70 -32.11
C LEU J 45 25.63 -13.43 -32.85
N LYS J 46 26.58 -12.76 -32.20
CA LYS J 46 27.92 -12.65 -32.77
C LYS J 46 28.45 -14.02 -33.11
N LYS J 47 28.70 -14.85 -32.09
CA LYS J 47 29.15 -16.21 -32.29
C LYS J 47 28.46 -16.87 -33.49
N HIS J 48 27.14 -16.70 -33.59
CA HIS J 48 26.40 -17.35 -34.66
C HIS J 48 26.85 -16.84 -36.03
N HIS J 49 26.92 -15.52 -36.20
CA HIS J 49 27.32 -14.99 -37.51
C HIS J 49 28.78 -15.29 -37.80
N GLU J 50 29.64 -15.19 -36.79
CA GLU J 50 31.06 -15.46 -36.96
C GLU J 50 31.34 -16.94 -37.20
N ASN J 51 30.40 -17.82 -36.86
CA ASN J 51 30.48 -19.21 -37.27
C ASN J 51 29.93 -19.42 -38.67
N GLU J 52 28.83 -18.73 -39.00
CA GLU J 52 28.28 -18.79 -40.34
C GLU J 52 29.21 -18.18 -41.38
N ILE J 53 30.24 -17.45 -40.94
CA ILE J 53 31.28 -17.04 -41.88
C ILE J 53 31.92 -18.26 -42.52
N SER J 54 31.91 -19.40 -41.83
CA SER J 54 32.44 -20.64 -42.36
C SER J 54 31.37 -21.37 -43.18
N ASP K 1 75.94 -101.54 31.60
CA ASP K 1 75.28 -102.57 30.74
C ASP K 1 74.83 -101.93 29.43
N ILE K 2 74.66 -102.75 28.40
CA ILE K 2 74.24 -102.23 27.10
C ILE K 2 72.85 -101.61 27.19
N ASP K 3 71.98 -102.18 28.03
CA ASP K 3 70.63 -101.65 28.14
C ASP K 3 70.64 -100.21 28.67
N THR K 4 71.67 -99.83 29.43
CA THR K 4 71.83 -98.43 29.80
C THR K 4 72.15 -97.57 28.58
N ALA K 5 72.94 -98.11 27.65
CA ALA K 5 73.15 -97.42 26.38
C ALA K 5 71.84 -97.25 25.63
N ALA K 6 70.98 -98.27 25.67
CA ALA K 6 69.67 -98.16 25.06
C ALA K 6 68.84 -97.09 25.76
N LYS K 7 68.94 -97.00 27.08
CA LYS K 7 68.24 -95.94 27.80
C LYS K 7 68.72 -94.58 27.33
N PHE K 8 70.03 -94.42 27.14
CA PHE K 8 70.57 -93.15 26.65
C PHE K 8 70.01 -92.83 25.27
N ILE K 9 69.97 -93.84 24.39
CA ILE K 9 69.45 -93.63 23.04
C ILE K 9 68.00 -93.19 23.10
N GLY K 10 67.19 -93.89 23.89
CA GLY K 10 65.78 -93.55 24.00
C GLY K 10 65.57 -92.16 24.57
N ALA K 11 66.31 -91.81 25.61
CA ALA K 11 66.15 -90.49 26.21
C ALA K 11 66.55 -89.39 25.22
N GLY K 12 67.63 -89.59 24.48
CA GLY K 12 68.01 -88.63 23.46
C GLY K 12 66.92 -88.46 22.41
N ALA K 13 66.35 -89.58 21.95
CA ALA K 13 65.27 -89.50 20.97
C ALA K 13 64.06 -88.79 21.56
N ALA K 14 63.72 -89.08 22.81
CA ALA K 14 62.56 -88.45 23.43
C ALA K 14 62.75 -86.95 23.54
N THR K 15 63.97 -86.51 23.90
CA THR K 15 64.23 -85.09 24.10
C THR K 15 63.90 -84.24 22.88
N VAL K 16 63.62 -84.86 21.73
CA VAL K 16 63.16 -84.11 20.58
C VAL K 16 61.77 -83.53 20.81
N GLY K 17 60.98 -84.11 21.73
CA GLY K 17 59.64 -83.61 21.96
C GLY K 17 59.59 -82.18 22.43
N VAL K 18 60.63 -81.74 23.15
CA VAL K 18 60.72 -80.37 23.64
C VAL K 18 60.38 -79.36 22.55
N ALA K 19 60.63 -79.73 21.30
CA ALA K 19 60.44 -78.79 20.19
C ALA K 19 58.99 -78.34 20.09
N GLY K 20 58.06 -79.26 20.32
CA GLY K 20 56.65 -78.91 20.24
C GLY K 20 56.28 -77.81 21.21
N SER K 21 56.69 -77.98 22.47
CA SER K 21 56.41 -76.94 23.45
C SER K 21 57.10 -75.64 23.08
N GLY K 22 58.33 -75.71 22.57
CA GLY K 22 59.01 -74.49 22.19
C GLY K 22 58.26 -73.71 21.13
N ALA K 23 57.87 -74.40 20.05
CA ALA K 23 57.14 -73.73 18.98
C ALA K 23 55.77 -73.24 19.45
N GLY K 24 55.11 -74.04 20.29
CA GLY K 24 53.82 -73.61 20.81
C GLY K 24 53.93 -72.35 21.64
N ILE K 25 54.94 -72.26 22.49
CA ILE K 25 55.14 -71.03 23.25
C ILE K 25 55.42 -69.87 22.32
N GLY K 26 56.28 -70.09 21.33
CA GLY K 26 56.56 -69.03 20.38
C GLY K 26 55.30 -68.46 19.77
N THR K 27 54.45 -69.34 19.23
CA THR K 27 53.26 -68.86 18.54
C THR K 27 52.24 -68.29 19.52
N VAL K 28 52.13 -68.85 20.73
CA VAL K 28 51.18 -68.33 21.70
C VAL K 28 51.57 -66.90 22.07
N PHE K 29 52.85 -66.67 22.35
CA PHE K 29 53.26 -65.32 22.73
C PHE K 29 53.21 -64.38 21.54
N GLY K 30 53.42 -64.88 20.33
CA GLY K 30 53.20 -64.04 19.17
C GLY K 30 51.75 -63.61 19.03
N SER K 31 50.83 -64.54 19.23
CA SER K 31 49.42 -64.19 19.20
C SER K 31 49.06 -63.25 20.34
N LEU K 32 49.74 -63.36 21.48
CA LEU K 32 49.52 -62.40 22.55
C LEU K 32 50.01 -61.02 22.14
N ILE K 33 51.15 -60.94 21.47
CA ILE K 33 51.59 -59.66 20.92
C ILE K 33 50.51 -59.10 20.01
N ILE K 34 49.97 -59.95 19.14
CA ILE K 34 48.94 -59.50 18.19
C ILE K 34 47.72 -58.99 18.92
N GLY K 35 47.22 -59.78 19.89
CA GLY K 35 46.01 -59.43 20.60
C GLY K 35 46.16 -58.27 21.56
N TYR K 36 47.38 -57.97 21.97
CA TYR K 36 47.63 -56.77 22.75
C TYR K 36 47.92 -55.57 21.86
N ALA K 37 48.28 -55.79 20.61
CA ALA K 37 48.48 -54.69 19.67
C ALA K 37 47.16 -54.22 19.08
N ARG K 38 46.36 -55.16 18.57
CA ARG K 38 45.10 -54.79 17.95
C ARG K 38 44.14 -54.19 18.96
N ASN K 39 44.04 -54.78 20.14
CA ASN K 39 43.08 -54.36 21.17
C ASN K 39 43.83 -54.21 22.48
N PRO K 40 44.51 -53.08 22.68
CA PRO K 40 45.28 -52.91 23.93
C PRO K 40 44.44 -53.03 25.19
N SER K 41 43.14 -52.76 25.10
CA SER K 41 42.28 -52.67 26.27
C SER K 41 41.78 -54.03 26.77
N LEU K 42 42.44 -55.12 26.39
CA LEU K 42 42.14 -56.42 26.96
C LEU K 42 43.40 -57.07 27.53
N M3L K 43 44.50 -56.34 27.47
CA M3L K 43 45.78 -56.75 28.02
CB M3L K 43 46.54 -55.52 28.54
CG M3L K 43 47.88 -55.84 29.17
CD M3L K 43 48.46 -54.58 29.73
CE M3L K 43 49.98 -54.75 29.82
NZ M3L K 43 50.73 -53.79 30.69
C M3L K 43 45.72 -57.78 29.13
O M3L K 43 46.34 -58.83 29.12
CM1 M3L K 43 50.60 -54.13 32.14
CM2 M3L K 43 50.28 -52.39 30.45
CM3 M3L K 43 52.18 -53.90 30.30
H M3L K 43 44.58 -55.43 27.05
HA M3L K 43 46.38 -57.22 27.17
HB2 M3L K 43 45.88 -55.02 29.28
HB3 M3L K 43 46.69 -54.80 27.70
HG2 M3L K 43 48.56 -56.29 28.41
HG3 M3L K 43 47.76 -56.59 30.00
HD2 M3L K 43 48.04 -54.40 30.75
HD3 M3L K 43 48.19 -53.71 29.09
HE2 M3L K 43 50.42 -54.67 28.78
HE3 M3L K 43 50.20 -55.80 30.21
HM11 M3L K 43 51.29 -53.48 32.75
HM12 M3L K 43 50.86 -55.20 32.30
HM13 M3L K 43 49.54 -53.94 32.46
HM21 M3L K 43 51.02 -51.68 30.91
HM22 M3L K 43 49.28 -52.23 30.91
HM23 M3L K 43 50.23 -52.19 29.34
HM31 M3L K 43 52.81 -53.45 31.11
HM32 M3L K 43 52.33 -53.34 29.34
HM33 M3L K 43 52.44 -54.98 30.16
N GLN K 44 44.93 -57.45 30.15
CA GLN K 44 44.84 -58.28 31.35
C GLN K 44 44.39 -59.70 31.01
N GLN K 45 43.16 -59.82 30.52
CA GLN K 45 42.59 -61.14 30.24
C GLN K 45 43.37 -61.84 29.14
N LEU K 46 43.85 -61.09 28.15
CA LEU K 46 44.66 -61.69 27.10
C LEU K 46 45.90 -62.34 27.69
N PHE K 47 46.58 -61.64 28.59
CA PHE K 47 47.77 -62.20 29.23
C PHE K 47 47.41 -63.39 30.11
N SER K 48 46.26 -63.34 30.77
CA SER K 48 45.82 -64.48 31.58
C SER K 48 45.71 -65.72 30.72
N TYR K 49 45.02 -65.61 29.58
CA TYR K 49 44.86 -66.77 28.72
C TYR K 49 46.18 -67.15 28.05
N ALA K 50 47.05 -66.19 27.78
CA ALA K 50 48.37 -66.51 27.23
C ALA K 50 49.21 -67.31 28.20
N ILE K 51 49.21 -66.94 29.49
CA ILE K 51 49.94 -67.73 30.46
C ILE K 51 49.27 -69.09 30.64
N LEU K 52 47.95 -69.16 30.54
CA LEU K 52 47.30 -70.47 30.54
C LEU K 52 47.85 -71.35 29.43
N GLY K 53 47.90 -70.83 28.21
CA GLY K 53 48.43 -71.60 27.10
C GLY K 53 49.89 -71.95 27.27
N PHE K 54 50.68 -71.00 27.77
CA PHE K 54 52.06 -71.30 28.11
C PHE K 54 52.15 -72.48 29.05
N ALA K 55 51.31 -72.49 30.09
CA ALA K 55 51.33 -73.60 31.03
C ALA K 55 50.99 -74.90 30.33
N LEU K 56 49.98 -74.89 29.48
CA LEU K 56 49.51 -76.15 28.91
C LEU K 56 50.37 -76.62 27.73
N SER K 57 51.32 -75.81 27.26
CA SER K 57 52.32 -76.27 26.30
C SER K 57 53.64 -76.66 26.98
N GLU K 58 54.10 -75.86 27.94
CA GLU K 58 55.11 -76.33 28.87
C GLU K 58 54.70 -77.65 29.48
N ALA K 59 53.40 -77.95 29.53
CA ALA K 59 52.96 -79.27 29.96
C ALA K 59 53.56 -80.35 29.10
N MET K 60 53.42 -80.23 27.77
CA MET K 60 54.01 -81.22 26.87
C MET K 60 55.53 -81.22 27.00
N GLY K 61 56.14 -80.03 27.06
CA GLY K 61 57.58 -79.96 27.19
C GLY K 61 58.09 -80.70 28.42
N LEU K 62 57.45 -80.43 29.57
CA LEU K 62 57.91 -81.01 30.82
C LEU K 62 57.55 -82.48 30.93
N PHE K 63 56.44 -82.91 30.34
CA PHE K 63 56.13 -84.32 30.38
C PHE K 63 57.10 -85.12 29.51
N CYS K 64 57.49 -84.56 28.36
CA CYS K 64 58.56 -85.18 27.58
C CYS K 64 59.85 -85.23 28.38
N LEU K 65 60.17 -84.14 29.07
CA LEU K 65 61.37 -84.07 29.91
C LEU K 65 61.35 -85.14 31.00
N MET K 66 60.24 -85.22 31.74
CA MET K 66 60.12 -86.16 32.83
C MET K 66 60.16 -87.59 32.33
N VAL K 67 59.51 -87.88 31.20
CA VAL K 67 59.55 -89.24 30.67
C VAL K 67 60.95 -89.58 30.16
N ALA K 68 61.67 -88.59 29.62
CA ALA K 68 63.04 -88.82 29.20
C ALA K 68 63.89 -89.24 30.39
N PHE K 69 63.79 -88.51 31.50
CA PHE K 69 64.51 -88.95 32.71
C PHE K 69 63.93 -90.19 33.36
N LEU K 70 62.66 -90.52 33.11
CA LEU K 70 62.12 -91.75 33.67
C LEU K 70 62.66 -92.98 32.94
N ILE K 71 62.69 -92.93 31.62
CA ILE K 71 63.31 -94.00 30.85
C ILE K 71 64.81 -94.02 31.09
N LEU K 72 65.43 -92.85 31.23
CA LEU K 72 66.86 -92.79 31.51
C LEU K 72 67.15 -93.13 32.96
N PHE K 73 66.28 -92.73 33.89
CA PHE K 73 66.51 -92.91 35.32
C PHE K 73 65.25 -93.44 36.00
N ALA K 74 64.73 -94.55 35.49
CA ALA K 74 63.59 -95.22 36.11
C ALA K 74 63.88 -95.54 37.57
N ASP L 1 83.93 -100.16 23.19
CA ASP L 1 82.82 -99.82 24.13
C ASP L 1 81.57 -99.46 23.34
N ILE L 2 80.41 -99.59 24.00
CA ILE L 2 79.14 -99.25 23.39
C ILE L 2 78.52 -98.01 24.04
N ASP L 3 78.85 -97.70 25.30
CA ASP L 3 78.26 -96.53 25.94
C ASP L 3 78.75 -95.24 25.30
N THR L 4 79.96 -95.22 24.75
CA THR L 4 80.40 -94.04 24.01
C THR L 4 79.51 -93.81 22.80
N ALA L 5 79.20 -94.86 22.05
CA ALA L 5 78.29 -94.71 20.91
C ALA L 5 76.91 -94.29 21.38
N ALA L 6 76.45 -94.83 22.51
CA ALA L 6 75.15 -94.43 23.04
C ALA L 6 75.14 -92.96 23.40
N LYS L 7 76.23 -92.46 23.98
CA LYS L 7 76.31 -91.04 24.32
C LYS L 7 76.33 -90.18 23.06
N PHE L 8 77.03 -90.65 22.02
CA PHE L 8 77.00 -89.92 20.75
C PHE L 8 75.58 -89.84 20.20
N ILE L 9 74.86 -90.96 20.27
CA ILE L 9 73.45 -90.96 19.86
C ILE L 9 72.65 -89.99 20.72
N GLY L 10 72.96 -89.96 22.02
CA GLY L 10 72.24 -89.06 22.91
C GLY L 10 72.41 -87.60 22.53
N ALA L 11 73.65 -87.20 22.24
CA ALA L 11 73.87 -85.85 21.75
C ALA L 11 73.11 -85.61 20.45
N GLY L 12 73.33 -86.49 19.47
CA GLY L 12 72.76 -86.28 18.15
C GLY L 12 71.25 -86.13 18.19
N ALA L 13 70.59 -86.92 19.03
CA ALA L 13 69.14 -86.84 19.15
C ALA L 13 68.72 -85.65 20.00
N ALA L 14 69.22 -85.57 21.23
CA ALA L 14 68.73 -84.59 22.19
C ALA L 14 68.90 -83.16 21.67
N THR L 15 69.95 -82.89 20.89
CA THR L 15 70.10 -81.52 20.40
C THR L 15 69.02 -81.14 19.40
N VAL L 16 68.42 -82.11 18.70
CA VAL L 16 67.48 -81.79 17.63
C VAL L 16 66.28 -81.04 18.19
N GLY L 17 65.82 -81.40 19.37
CA GLY L 17 64.64 -80.79 19.96
C GLY L 17 64.69 -79.28 20.01
N VAL L 18 65.88 -78.70 19.90
CA VAL L 18 66.03 -77.25 19.88
C VAL L 18 65.44 -76.61 18.64
N ALA L 19 65.11 -77.41 17.62
CA ALA L 19 64.47 -76.85 16.43
C ALA L 19 63.16 -76.17 16.79
N GLY L 20 62.38 -76.78 17.69
CA GLY L 20 61.13 -76.15 18.08
C GLY L 20 61.34 -74.82 18.77
N SER L 21 62.33 -74.73 19.64
CA SER L 21 62.61 -73.45 20.28
C SER L 21 63.03 -72.40 19.25
N GLY L 22 63.87 -72.79 18.30
CA GLY L 22 64.26 -71.84 17.25
C GLY L 22 63.07 -71.37 16.44
N ALA L 23 62.21 -72.31 16.04
CA ALA L 23 61.03 -71.94 15.25
C ALA L 23 60.08 -71.07 16.08
N GLY L 24 59.95 -71.36 17.37
CA GLY L 24 59.12 -70.53 18.23
C GLY L 24 59.66 -69.11 18.34
N ILE L 25 60.99 -68.98 18.42
CA ILE L 25 61.59 -67.64 18.38
C ILE L 25 61.23 -66.96 17.08
N GLY L 26 61.32 -67.69 15.96
CA GLY L 26 60.96 -67.11 14.68
C GLY L 26 59.54 -66.61 14.65
N THR L 27 58.61 -67.43 15.12
CA THR L 27 57.20 -67.07 15.07
C THR L 27 56.90 -65.90 16.00
N VAL L 28 57.43 -65.93 17.22
CA VAL L 28 57.17 -64.82 18.14
C VAL L 28 57.74 -63.53 17.58
N PHE L 29 58.88 -63.61 16.89
CA PHE L 29 59.43 -62.37 16.36
C PHE L 29 58.61 -61.88 15.16
N GLY L 30 58.15 -62.79 14.31
CA GLY L 30 57.24 -62.37 13.26
C GLY L 30 56.01 -61.69 13.81
N SER L 31 55.48 -62.21 14.91
CA SER L 31 54.37 -61.56 15.57
C SER L 31 54.77 -60.18 16.08
N LEU L 32 56.00 -60.04 16.58
CA LEU L 32 56.50 -58.70 16.90
C LEU L 32 56.37 -57.78 15.70
N ILE L 33 56.84 -58.24 14.55
CA ILE L 33 56.82 -57.39 13.35
C ILE L 33 55.38 -56.97 13.05
N ILE L 34 54.47 -57.94 13.05
CA ILE L 34 53.08 -57.66 12.71
C ILE L 34 52.48 -56.66 13.68
N GLY L 35 52.62 -56.92 14.98
CA GLY L 35 52.04 -56.02 15.97
C GLY L 35 52.60 -54.63 15.89
N TYR L 36 53.93 -54.52 15.74
CA TYR L 36 54.53 -53.20 15.63
C TYR L 36 54.02 -52.44 14.43
N ALA L 37 53.89 -53.13 13.29
CA ALA L 37 53.30 -52.45 12.15
C ALA L 37 51.86 -52.02 12.44
N ARG L 38 51.09 -52.84 13.15
CA ARG L 38 49.70 -52.55 13.44
C ARG L 38 49.55 -51.42 14.46
N ASN L 39 50.34 -51.46 15.53
CA ASN L 39 50.22 -50.51 16.63
C ASN L 39 51.61 -49.96 16.98
N PRO L 40 52.17 -49.12 16.11
CA PRO L 40 53.52 -48.61 16.37
C PRO L 40 53.66 -47.85 17.67
N SER L 41 52.57 -47.38 18.26
CA SER L 41 52.64 -46.59 19.48
C SER L 41 52.84 -47.44 20.73
N LEU L 42 53.25 -48.69 20.59
CA LEU L 42 53.44 -49.58 21.74
C LEU L 42 54.82 -50.25 21.70
N M3L L 43 55.68 -49.77 20.81
CA M3L L 43 57.02 -50.29 20.63
CB M3L L 43 57.91 -49.16 20.08
CG M3L L 43 59.21 -49.68 19.54
CD M3L L 43 59.81 -48.57 18.69
CE M3L L 43 61.31 -48.77 18.52
NZ M3L L 43 62.21 -47.62 18.89
C M3L L 43 57.73 -50.89 21.84
O M3L L 43 58.33 -51.97 21.83
CM1 M3L L 43 61.99 -47.18 20.31
CM2 M3L L 43 61.99 -46.46 17.97
CM3 M3L L 43 63.62 -48.08 18.77
H M3L L 43 55.50 -49.00 20.19
HA M3L L 43 56.96 -51.10 19.84
HB2 M3L L 43 58.11 -48.46 20.94
HB3 M3L L 43 57.37 -48.59 19.30
HG2 M3L L 43 59.04 -50.60 18.92
HG3 M3L L 43 59.91 -49.94 20.38
HD2 M3L L 43 59.60 -47.59 19.18
HD3 M3L L 43 59.30 -48.56 17.69
HE2 M3L L 43 61.53 -48.99 17.43
HE3 M3L L 43 61.65 -49.65 19.13
HM11 M3L L 43 62.93 -46.75 20.72
HM12 M3L L 43 61.66 -48.06 20.92
HM13 M3L L 43 61.19 -46.39 20.33
HM21 M3L L 43 62.67 -45.63 18.26
HM22 M3L L 43 60.93 -46.12 18.04
HM23 M3L L 43 62.22 -46.78 16.92
HM31 M3L L 43 64.32 -47.22 18.91
HM32 M3L L 43 63.77 -48.51 17.74
HM33 M3L L 43 63.83 -48.87 19.53
N GLN L 44 57.66 -50.15 22.93
CA GLN L 44 58.32 -50.56 24.16
C GLN L 44 57.68 -51.83 24.70
N GLN L 45 56.36 -51.84 24.85
CA GLN L 45 55.70 -53.06 25.33
C GLN L 45 55.88 -54.20 24.35
N LEU L 46 56.01 -53.88 23.06
CA LEU L 46 56.30 -54.93 22.08
C LEU L 46 57.65 -55.59 22.38
N PHE L 47 58.69 -54.79 22.61
CA PHE L 47 59.96 -55.37 23.02
C PHE L 47 59.81 -56.15 24.31
N SER L 48 59.03 -55.61 25.25
CA SER L 48 58.82 -56.32 26.51
C SER L 48 58.34 -57.74 26.27
N TYR L 49 57.18 -57.89 25.63
CA TYR L 49 56.64 -59.21 25.37
C TYR L 49 57.53 -60.04 24.45
N ALA L 50 58.28 -59.39 23.55
CA ALA L 50 59.19 -60.13 22.69
C ALA L 50 60.28 -60.81 23.50
N ILE L 51 60.94 -60.05 24.39
CA ILE L 51 61.99 -60.63 25.21
C ILE L 51 61.42 -61.66 26.16
N LEU L 52 60.20 -61.44 26.64
CA LEU L 52 59.55 -62.44 27.47
C LEU L 52 59.40 -63.76 26.72
N GLY L 53 58.84 -63.71 25.51
CA GLY L 53 58.67 -64.93 24.75
C GLY L 53 59.99 -65.58 24.38
N PHE L 54 60.99 -64.77 24.03
CA PHE L 54 62.31 -65.32 23.79
C PHE L 54 62.89 -66.02 24.99
N ALA L 55 62.75 -65.43 26.17
CA ALA L 55 63.24 -66.12 27.37
C ALA L 55 62.52 -67.44 27.55
N LEU L 56 61.21 -67.44 27.35
CA LEU L 56 60.42 -68.66 27.55
C LEU L 56 60.65 -69.70 26.46
N SER L 57 61.27 -69.33 25.34
CA SER L 57 61.65 -70.31 24.32
C SER L 57 63.08 -70.81 24.52
N GLU L 58 63.99 -69.91 24.87
CA GLU L 58 65.34 -70.33 25.24
C GLU L 58 65.33 -71.22 26.46
N ALA L 59 64.31 -71.13 27.31
CA ALA L 59 64.17 -72.13 28.37
C ALA L 59 64.16 -73.54 27.78
N MET L 60 63.29 -73.77 26.79
CA MET L 60 63.20 -75.08 26.18
C MET L 60 64.49 -75.44 25.46
N GLY L 61 65.04 -74.49 24.70
CA GLY L 61 66.28 -74.76 23.98
C GLY L 61 67.43 -75.14 24.89
N LEU L 62 67.57 -74.42 26.01
CA LEU L 62 68.65 -74.70 26.94
C LEU L 62 68.40 -75.98 27.72
N PHE L 63 67.14 -76.36 27.93
CA PHE L 63 66.88 -77.71 28.44
C PHE L 63 67.38 -78.76 27.45
N CYS L 64 67.14 -78.55 26.15
CA CYS L 64 67.65 -79.49 25.16
C CYS L 64 69.16 -79.62 25.29
N LEU L 65 69.86 -78.48 25.25
CA LEU L 65 71.31 -78.53 25.26
C LEU L 65 71.87 -79.03 26.59
N MET L 66 71.19 -78.73 27.70
CA MET L 66 71.61 -79.26 28.98
C MET L 66 71.48 -80.77 29.02
N VAL L 67 70.39 -81.32 28.48
CA VAL L 67 70.27 -82.78 28.41
C VAL L 67 71.40 -83.34 27.57
N ALA L 68 71.72 -82.69 26.45
CA ALA L 68 72.82 -83.17 25.62
C ALA L 68 74.13 -83.19 26.40
N PHE L 69 74.48 -82.06 27.02
CA PHE L 69 75.75 -81.93 27.72
C PHE L 69 75.78 -82.70 29.03
N LEU L 70 74.64 -83.21 29.50
CA LEU L 70 74.64 -84.08 30.67
C LEU L 70 74.71 -85.55 30.32
N ILE L 71 74.07 -85.97 29.23
CA ILE L 71 74.30 -87.33 28.74
C ILE L 71 75.74 -87.50 28.29
N LEU L 72 76.28 -86.50 27.58
CA LEU L 72 77.59 -86.67 26.95
C LEU L 72 78.72 -86.58 27.97
N PHE L 73 78.86 -85.43 28.61
CA PHE L 73 80.00 -85.16 29.48
C PHE L 73 79.74 -85.50 30.94
N ALA L 74 78.58 -86.06 31.26
CA ALA L 74 78.27 -86.44 32.64
C ALA L 74 77.43 -87.71 32.67
N ASP M 1 85.99 -99.36 13.47
CA ASP M 1 85.35 -99.53 14.80
C ASP M 1 83.97 -98.88 14.83
N ILE M 2 83.13 -99.32 15.76
CA ILE M 2 81.77 -98.79 15.85
C ILE M 2 81.81 -97.31 16.19
N ASP M 3 82.65 -96.92 17.14
CA ASP M 3 82.65 -95.54 17.61
C ASP M 3 83.19 -94.60 16.53
N THR M 4 84.11 -95.07 15.70
CA THR M 4 84.52 -94.28 14.54
C THR M 4 83.35 -94.02 13.60
N ALA M 5 82.27 -94.79 13.73
CA ALA M 5 81.03 -94.53 13.03
C ALA M 5 79.98 -93.89 13.93
N ALA M 6 80.03 -94.16 15.24
CA ALA M 6 79.08 -93.55 16.15
C ALA M 6 79.26 -92.04 16.20
N LYS M 7 80.49 -91.57 16.10
CA LYS M 7 80.71 -90.12 16.06
C LYS M 7 79.91 -89.48 14.94
N PHE M 8 80.03 -90.03 13.73
CA PHE M 8 79.33 -89.46 12.59
C PHE M 8 77.83 -89.67 12.68
N ILE M 9 77.39 -90.80 13.23
CA ILE M 9 75.97 -91.03 13.42
C ILE M 9 75.38 -89.96 14.32
N GLY M 10 76.02 -89.72 15.47
CA GLY M 10 75.54 -88.70 16.38
C GLY M 10 75.56 -87.31 15.77
N ALA M 11 76.62 -86.99 15.02
CA ALA M 11 76.70 -85.68 14.40
C ALA M 11 75.60 -85.49 13.36
N GLY M 12 75.33 -86.51 12.56
CA GLY M 12 74.26 -86.42 11.58
C GLY M 12 72.91 -86.28 12.22
N ALA M 13 72.68 -86.96 13.35
CA ALA M 13 71.45 -86.76 14.09
C ALA M 13 71.38 -85.34 14.65
N ALA M 14 72.52 -84.80 15.08
CA ALA M 14 72.54 -83.47 15.69
C ALA M 14 72.23 -82.39 14.68
N THR M 15 72.76 -82.50 13.46
CA THR M 15 72.67 -81.39 12.52
C THR M 15 71.23 -81.04 12.17
N VAL M 16 70.29 -81.97 12.39
CA VAL M 16 68.90 -81.77 11.96
C VAL M 16 68.16 -80.70 12.73
N GLY M 17 68.68 -80.28 13.89
CA GLY M 17 68.01 -79.21 14.63
C GLY M 17 67.89 -77.93 13.85
N VAL M 18 68.62 -77.81 12.74
CA VAL M 18 68.58 -76.61 11.91
C VAL M 18 67.25 -76.43 11.18
N ALA M 19 66.38 -77.44 11.21
CA ALA M 19 65.05 -77.26 10.65
C ALA M 19 64.31 -76.14 11.37
N GLY M 20 64.44 -76.09 12.69
CA GLY M 20 63.82 -75.01 13.45
C GLY M 20 64.33 -73.64 13.02
N SER M 21 65.65 -73.52 12.83
CA SER M 21 66.21 -72.26 12.38
C SER M 21 65.65 -71.88 11.01
N GLY M 22 65.62 -72.83 10.09
CA GLY M 22 65.10 -72.52 8.76
C GLY M 22 63.65 -72.06 8.80
N ALA M 23 62.82 -72.79 9.54
CA ALA M 23 61.41 -72.41 9.64
C ALA M 23 61.27 -71.03 10.28
N GLY M 24 62.03 -70.76 11.34
CA GLY M 24 61.94 -69.46 11.97
C GLY M 24 62.34 -68.33 11.05
N ILE M 25 63.43 -68.53 10.29
CA ILE M 25 63.89 -67.49 9.38
C ILE M 25 62.83 -67.22 8.32
N GLY M 26 62.25 -68.29 7.76
CA GLY M 26 61.18 -68.09 6.79
C GLY M 26 59.99 -67.35 7.37
N THR M 27 59.60 -67.72 8.59
CA THR M 27 58.46 -67.04 9.22
C THR M 27 58.74 -65.56 9.43
N VAL M 28 59.95 -65.23 9.90
CA VAL M 28 60.27 -63.84 10.17
C VAL M 28 60.34 -63.04 8.88
N PHE M 29 60.87 -63.63 7.81
CA PHE M 29 60.96 -62.92 6.54
C PHE M 29 59.70 -63.05 5.70
N GLY M 30 58.66 -63.67 6.24
CA GLY M 30 57.32 -63.48 5.71
C GLY M 30 56.57 -62.40 6.48
N SER M 31 56.78 -62.39 7.80
CA SER M 31 56.21 -61.33 8.61
C SER M 31 56.73 -59.98 8.16
N LEU M 32 58.00 -59.90 7.80
CA LEU M 32 58.53 -58.69 7.19
C LEU M 32 57.69 -58.30 5.98
N ILE M 33 57.40 -59.26 5.10
CA ILE M 33 56.70 -58.94 3.86
C ILE M 33 55.36 -58.32 4.17
N ILE M 34 54.56 -58.99 5.00
CA ILE M 34 53.20 -58.51 5.21
C ILE M 34 53.19 -57.24 6.06
N GLY M 35 54.08 -57.17 7.07
CA GLY M 35 54.16 -55.94 7.83
C GLY M 35 54.49 -54.74 6.97
N TYR M 36 55.40 -54.90 6.02
CA TYR M 36 55.70 -53.80 5.11
C TYR M 36 54.54 -53.53 4.17
N ALA M 37 53.83 -54.57 3.72
CA ALA M 37 52.69 -54.36 2.84
C ALA M 37 51.61 -53.55 3.51
N ARG M 38 51.31 -53.85 4.77
CA ARG M 38 50.24 -53.16 5.47
C ARG M 38 50.61 -51.70 5.72
N ASN M 39 51.79 -51.45 6.27
CA ASN M 39 52.20 -50.12 6.74
C ASN M 39 53.56 -49.77 6.15
N PRO M 40 53.60 -49.31 4.91
CA PRO M 40 54.89 -49.04 4.27
C PRO M 40 55.70 -47.98 4.99
N SER M 41 55.07 -47.08 5.72
CA SER M 41 55.76 -45.96 6.35
C SER M 41 56.58 -46.35 7.55
N LEU M 42 56.89 -47.62 7.76
CA LEU M 42 57.62 -48.02 8.96
C LEU M 42 58.66 -49.07 8.57
N M3L M 43 59.04 -49.00 7.29
CA M3L M 43 59.94 -49.95 6.67
CB M3L M 43 60.20 -49.54 5.22
CG M3L M 43 60.87 -50.64 4.44
CD M3L M 43 60.92 -50.26 2.97
CE M3L M 43 62.21 -49.51 2.68
NZ M3L M 43 62.36 -48.93 1.29
C M3L M 43 61.30 -50.16 7.31
O M3L M 43 61.80 -51.27 7.49
CM1 M3L M 43 61.23 -48.01 0.95
CM2 M3L M 43 62.45 -50.01 0.27
CM3 M3L M 43 63.62 -48.13 1.25
HA M3L M 43 59.43 -50.96 6.67
HB2 M3L M 43 60.85 -48.62 5.23
HB3 M3L M 43 59.23 -49.26 4.72
HG2 M3L M 43 60.30 -51.60 4.56
HG3 M3L M 43 61.91 -50.80 4.82
HD2 M3L M 43 60.04 -49.61 2.72
HD3 M3L M 43 60.84 -51.18 2.34
HE2 M3L M 43 63.09 -50.20 2.83
HE3 M3L M 43 62.32 -48.66 3.40
HM11 M3L M 43 61.53 -47.34 0.11
HM12 M3L M 43 60.97 -47.39 1.85
HM13 M3L M 43 60.35 -48.63 0.64
HM21 M3L M 43 62.69 -49.56 -0.73
HM22 M3L M 43 61.47 -50.56 0.21
HM23 M3L M 43 63.26 -50.73 0.55
HM31 M3L M 43 63.82 -47.79 0.20
HM32 M3L M 43 64.48 -48.77 1.61
HM33 M3L M 43 63.51 -47.23 1.92
N GLN M 44 61.93 -49.05 7.66
CA GLN M 44 63.28 -49.09 8.20
C GLN M 44 63.28 -49.77 9.56
N GLN M 45 62.32 -49.43 10.42
CA GLN M 45 62.23 -50.11 11.70
C GLN M 45 61.86 -51.57 11.52
N LEU M 46 60.98 -51.87 10.56
CA LEU M 46 60.66 -53.26 10.29
C LEU M 46 61.91 -54.05 9.93
N PHE M 47 62.74 -53.51 9.03
CA PHE M 47 63.94 -54.20 8.61
C PHE M 47 64.96 -54.29 9.74
N SER M 48 65.05 -53.24 10.56
CA SER M 48 65.94 -53.29 11.71
C SER M 48 65.56 -54.41 12.65
N TYR M 49 64.26 -54.61 12.88
CA TYR M 49 63.84 -55.76 13.68
C TYR M 49 64.14 -57.06 12.95
N ALA M 50 63.78 -57.14 11.67
CA ALA M 50 63.96 -58.35 10.88
C ALA M 50 65.39 -58.85 10.96
N ILE M 51 66.37 -57.96 10.87
CA ILE M 51 67.76 -58.40 11.00
C ILE M 51 68.00 -58.94 12.39
N LEU M 52 67.44 -58.30 13.41
CA LEU M 52 67.61 -58.78 14.77
C LEU M 52 67.12 -60.22 14.88
N GLY M 53 65.91 -60.47 14.39
CA GLY M 53 65.35 -61.81 14.47
C GLY M 53 66.12 -62.81 13.65
N PHE M 54 66.49 -62.45 12.42
CA PHE M 54 67.27 -63.35 11.60
C PHE M 54 68.56 -63.75 12.30
N ALA M 55 69.33 -62.77 12.75
CA ALA M 55 70.59 -63.08 13.42
C ALA M 55 70.33 -63.92 14.66
N LEU M 56 69.28 -63.58 15.41
CA LEU M 56 69.07 -64.17 16.71
C LEU M 56 68.58 -65.61 16.61
N SER M 57 67.96 -65.99 15.50
CA SER M 57 67.53 -67.37 15.29
C SER M 57 68.57 -68.19 14.54
N GLU M 58 69.22 -67.62 13.52
CA GLU M 58 70.34 -68.31 12.92
C GLU M 58 71.47 -68.48 13.93
N ALA M 59 71.44 -67.73 15.03
CA ALA M 59 72.38 -67.98 16.11
C ALA M 59 72.17 -69.38 16.70
N MET M 60 70.93 -69.73 17.00
CA MET M 60 70.66 -71.08 17.51
C MET M 60 70.89 -72.11 16.42
N GLY M 61 70.57 -71.76 15.18
CA GLY M 61 70.93 -72.65 14.08
C GLY M 61 72.42 -72.94 14.04
N LEU M 62 73.23 -71.90 14.21
CA LEU M 62 74.68 -72.07 14.20
C LEU M 62 75.17 -72.75 15.47
N PHE M 63 74.43 -72.64 16.57
CA PHE M 63 74.74 -73.46 17.74
C PHE M 63 74.61 -74.94 17.38
N CYS M 64 73.54 -75.30 16.68
CA CYS M 64 73.38 -76.67 16.24
C CYS M 64 74.51 -77.08 15.30
N LEU M 65 74.80 -76.25 14.30
CA LEU M 65 75.85 -76.56 13.34
C LEU M 65 77.21 -76.66 14.02
N MET M 66 77.47 -75.80 15.01
CA MET M 66 78.71 -75.85 15.75
C MET M 66 78.82 -77.12 16.57
N VAL M 67 77.73 -77.54 17.22
CA VAL M 67 77.75 -78.81 17.94
C VAL M 67 78.14 -79.92 16.98
N ALA M 68 77.50 -79.95 15.80
CA ALA M 68 77.80 -80.98 14.82
C ALA M 68 79.28 -80.95 14.45
N PHE M 69 79.80 -79.79 14.06
CA PHE M 69 81.17 -79.74 13.54
C PHE M 69 82.20 -79.92 14.63
N LEU M 70 81.85 -79.61 15.88
CA LEU M 70 82.71 -79.94 17.00
C LEU M 70 82.80 -81.45 17.18
N ILE M 71 81.68 -82.15 17.02
CA ILE M 71 81.74 -83.62 17.03
C ILE M 71 82.59 -84.12 15.87
N LEU M 72 82.38 -83.58 14.67
CA LEU M 72 83.13 -84.02 13.49
C LEU M 72 84.63 -83.81 13.63
N PHE M 73 85.08 -82.56 13.68
CA PHE M 73 86.48 -82.22 13.43
C PHE M 73 87.25 -81.82 14.66
N ALA M 74 86.65 -81.06 15.58
CA ALA M 74 87.36 -80.56 16.75
C ALA M 74 87.37 -81.53 17.92
N MET M 75 86.66 -82.65 17.82
CA MET M 75 86.66 -83.66 18.87
C MET M 75 85.83 -84.86 18.43
N ASP N 1 81.32 -102.40 4.85
CA ASP N 1 82.23 -101.28 5.25
C ASP N 1 81.50 -100.28 6.15
N ILE N 2 81.79 -100.34 7.45
CA ILE N 2 81.12 -99.44 8.38
C ILE N 2 81.43 -97.99 8.05
N ASP N 3 82.55 -97.74 7.38
CA ASP N 3 82.84 -96.39 6.90
C ASP N 3 81.77 -95.94 5.91
N THR N 4 81.47 -96.78 4.91
CA THR N 4 80.44 -96.44 3.94
C THR N 4 79.08 -96.34 4.61
N ALA N 5 78.81 -97.23 5.57
CA ALA N 5 77.55 -97.17 6.30
C ALA N 5 77.40 -95.82 6.99
N ALA N 6 78.45 -95.37 7.67
CA ALA N 6 78.40 -94.06 8.32
C ALA N 6 78.23 -92.95 7.30
N LYS N 7 78.95 -93.02 6.19
CA LYS N 7 78.81 -91.99 5.16
C LYS N 7 77.35 -91.87 4.73
N PHE N 8 76.74 -92.99 4.33
CA PHE N 8 75.40 -92.94 3.77
C PHE N 8 74.37 -92.55 4.83
N ILE N 9 74.48 -93.11 6.03
CA ILE N 9 73.52 -92.78 7.08
C ILE N 9 73.62 -91.32 7.46
N GLY N 10 74.84 -90.80 7.57
CA GLY N 10 75.01 -89.40 7.88
C GLY N 10 74.47 -88.49 6.80
N ALA N 11 74.68 -88.85 5.53
CA ALA N 11 74.10 -88.05 4.45
C ALA N 11 72.59 -88.05 4.53
N GLY N 12 71.99 -89.21 4.81
CA GLY N 12 70.54 -89.29 4.92
C GLY N 12 69.99 -88.51 6.10
N ALA N 13 70.73 -88.48 7.20
CA ALA N 13 70.28 -87.69 8.35
C ALA N 13 70.47 -86.20 8.11
N ALA N 14 71.51 -85.81 7.37
CA ALA N 14 71.76 -84.39 7.12
C ALA N 14 70.76 -83.82 6.13
N THR N 15 70.37 -84.59 5.11
CA THR N 15 69.47 -84.06 4.09
C THR N 15 68.08 -83.77 4.64
N VAL N 16 67.71 -84.32 5.80
CA VAL N 16 66.39 -84.07 6.35
C VAL N 16 66.26 -82.61 6.79
N GLY N 17 67.32 -82.05 7.35
CA GLY N 17 67.28 -80.73 7.93
C GLY N 17 66.66 -79.68 7.03
N VAL N 18 66.60 -79.96 5.72
CA VAL N 18 66.02 -79.03 4.75
C VAL N 18 64.50 -78.97 4.95
N ALA N 19 63.98 -79.68 5.94
CA ALA N 19 62.59 -79.48 6.32
C ALA N 19 62.34 -78.04 6.75
N GLY N 20 63.28 -77.48 7.52
CA GLY N 20 63.19 -76.06 7.85
C GLY N 20 63.20 -75.19 6.62
N SER N 21 64.03 -75.53 5.63
CA SER N 21 64.06 -74.77 4.39
C SER N 21 62.72 -74.84 3.68
N GLY N 22 62.11 -76.03 3.64
CA GLY N 22 60.82 -76.16 2.99
C GLY N 22 59.75 -75.34 3.68
N ALA N 23 59.68 -75.45 5.01
CA ALA N 23 58.70 -74.66 5.75
C ALA N 23 58.93 -73.17 5.57
N GLY N 24 60.20 -72.75 5.58
CA GLY N 24 60.48 -71.34 5.43
C GLY N 24 60.13 -70.80 4.06
N ILE N 25 60.49 -71.54 3.00
CA ILE N 25 60.12 -71.10 1.66
C ILE N 25 58.61 -71.03 1.53
N GLY N 26 57.90 -72.02 2.08
CA GLY N 26 56.45 -72.01 1.99
C GLY N 26 55.83 -70.83 2.71
N THR N 27 56.27 -70.56 3.94
CA THR N 27 55.69 -69.46 4.69
C THR N 27 56.06 -68.12 4.05
N VAL N 28 57.27 -68.01 3.50
CA VAL N 28 57.65 -66.76 2.84
C VAL N 28 56.78 -66.53 1.61
N PHE N 29 56.54 -67.58 0.81
CA PHE N 29 55.70 -67.42 -0.36
C PHE N 29 54.28 -67.06 0.03
N GLY N 30 53.74 -67.70 1.06
CA GLY N 30 52.40 -67.35 1.52
C GLY N 30 52.33 -65.93 2.03
N SER N 31 53.35 -65.51 2.77
CA SER N 31 53.39 -64.13 3.26
C SER N 31 53.41 -63.16 2.09
N LEU N 32 54.17 -63.48 1.03
CA LEU N 32 54.17 -62.61 -0.14
C LEU N 32 52.79 -62.58 -0.78
N ILE N 33 52.11 -63.72 -0.84
CA ILE N 33 50.75 -63.73 -1.39
C ILE N 33 49.87 -62.75 -0.61
N ILE N 34 49.88 -62.86 0.72
CA ILE N 34 49.04 -62.00 1.54
C ILE N 34 49.42 -60.54 1.33
N GLY N 35 50.73 -60.26 1.32
CA GLY N 35 51.17 -58.89 1.19
C GLY N 35 50.79 -58.26 -0.15
N TYR N 36 50.95 -59.02 -1.23
CA TYR N 36 50.53 -58.49 -2.53
C TYR N 36 49.03 -58.26 -2.57
N ALA N 37 48.25 -59.20 -2.03
CA ALA N 37 46.80 -59.01 -2.04
C ALA N 37 46.40 -57.75 -1.28
N ARG N 38 46.87 -57.62 -0.03
CA ARG N 38 46.46 -56.47 0.78
C ARG N 38 46.92 -55.16 0.17
N ASN N 39 48.17 -55.10 -0.28
CA ASN N 39 48.79 -53.88 -0.79
C ASN N 39 49.43 -54.19 -2.13
N PRO N 40 48.64 -54.24 -3.21
CA PRO N 40 49.22 -54.53 -4.53
C PRO N 40 50.21 -53.49 -5.01
N SER N 41 50.21 -52.29 -4.44
CA SER N 41 51.05 -51.23 -4.96
C SER N 41 52.53 -51.58 -4.85
N LEU N 42 52.93 -52.19 -3.73
CA LEU N 42 54.35 -52.45 -3.47
C LEU N 42 54.72 -53.87 -3.86
N M3L N 43 54.14 -54.33 -4.95
CA M3L N 43 54.41 -55.64 -5.49
CB M3L N 43 53.67 -55.81 -6.83
CG M3L N 43 53.96 -57.12 -7.54
CD M3L N 43 53.41 -57.06 -8.95
CE M3L N 43 54.33 -56.19 -9.82
NZ M3L N 43 55.25 -56.87 -10.82
C M3L N 43 55.88 -55.95 -5.68
O M3L N 43 56.41 -56.98 -5.28
CM1 M3L N 43 54.52 -57.86 -11.67
CM2 M3L N 43 56.41 -57.50 -10.15
CM3 M3L N 43 55.76 -55.79 -11.71
H M3L N 43 53.47 -53.84 -5.52
HA M3L N 43 54.00 -56.40 -4.76
HB2 M3L N 43 53.97 -54.94 -7.48
HB3 M3L N 43 52.57 -55.72 -6.66
HG2 M3L N 43 53.48 -57.96 -6.99
HG3 M3L N 43 55.06 -57.32 -7.59
HD2 M3L N 43 52.37 -56.63 -8.93
HD3 M3L N 43 53.33 -58.11 -9.35
HE2 M3L N 43 55.02 -55.61 -9.14
HE3 M3L N 43 53.71 -55.46 -10.39
HM11 M3L N 43 55.04 -57.97 -12.66
HM12 M3L N 43 53.47 -57.51 -11.84
HM13 M3L N 43 54.51 -58.85 -11.15
HM21 M3L N 43 57.08 -57.97 -10.93
HM22 M3L N 43 56.05 -58.30 -9.45
HM23 M3L N 43 56.99 -56.74 -9.58
HM31 M3L N 43 56.56 -56.21 -12.38
HM32 M3L N 43 56.19 -54.97 -11.08
HM33 M3L N 43 54.92 -55.38 -12.34
N GLN N 44 56.57 -55.01 -6.31
CA GLN N 44 57.98 -55.19 -6.66
C GLN N 44 58.85 -55.33 -5.42
N GLN N 45 58.70 -54.39 -4.48
CA GLN N 45 59.50 -54.44 -3.26
C GLN N 45 59.20 -55.71 -2.48
N LEU N 46 57.91 -56.07 -2.38
CA LEU N 46 57.56 -57.28 -1.64
C LEU N 46 58.17 -58.52 -2.30
N PHE N 47 58.13 -58.59 -3.63
CA PHE N 47 58.72 -59.74 -4.32
C PHE N 47 60.23 -59.79 -4.12
N SER N 48 60.88 -58.63 -4.13
CA SER N 48 62.31 -58.61 -3.86
C SER N 48 62.61 -59.17 -2.48
N TYR N 49 61.87 -58.71 -1.47
CA TYR N 49 62.07 -59.23 -0.12
C TYR N 49 61.80 -60.73 -0.05
N ALA N 50 60.76 -61.19 -0.75
CA ALA N 50 60.45 -62.61 -0.76
C ALA N 50 61.57 -63.42 -1.38
N ILE N 51 62.16 -62.94 -2.47
CA ILE N 51 63.31 -63.61 -3.07
C ILE N 51 64.46 -63.65 -2.09
N LEU N 52 64.65 -62.55 -1.34
CA LEU N 52 65.73 -62.51 -0.36
C LEU N 52 65.55 -63.59 0.70
N GLY N 53 64.34 -63.72 1.23
CA GLY N 53 64.08 -64.77 2.21
C GLY N 53 64.21 -66.17 1.63
N PHE N 54 63.64 -66.36 0.44
CA PHE N 54 63.83 -67.57 -0.35
C PHE N 54 65.29 -68.00 -0.37
N ALA N 55 66.16 -67.11 -0.83
CA ALA N 55 67.57 -67.45 -0.96
C ALA N 55 68.23 -67.63 0.40
N LEU N 56 67.86 -66.82 1.39
CA LEU N 56 68.50 -66.90 2.68
C LEU N 56 68.13 -68.15 3.45
N SER N 57 67.04 -68.81 3.07
CA SER N 57 66.74 -70.14 3.59
C SER N 57 67.28 -71.25 2.70
N GLU N 58 67.35 -71.01 1.39
CA GLU N 58 67.94 -71.98 0.48
C GLU N 58 69.41 -72.20 0.80
N ALA N 59 70.11 -71.16 1.25
CA ALA N 59 71.50 -71.32 1.64
C ALA N 59 71.62 -72.23 2.87
N MET N 60 70.73 -72.05 3.86
CA MET N 60 70.78 -72.90 5.04
C MET N 60 70.44 -74.34 4.69
N GLY N 61 69.54 -74.55 3.73
CA GLY N 61 69.33 -75.91 3.23
C GLY N 61 70.56 -76.46 2.51
N LEU N 62 71.17 -75.63 1.67
CA LEU N 62 72.38 -76.03 0.95
C LEU N 62 73.51 -76.37 1.91
N PHE N 63 73.50 -75.84 3.12
CA PHE N 63 74.50 -76.26 4.11
C PHE N 63 74.50 -77.79 4.27
N CYS N 64 73.37 -78.34 4.71
CA CYS N 64 73.26 -79.78 4.89
C CYS N 64 73.39 -80.52 3.56
N LEU N 65 72.82 -79.95 2.50
CA LEU N 65 72.91 -80.61 1.20
C LEU N 65 74.36 -80.77 0.75
N MET N 66 75.16 -79.73 0.92
CA MET N 66 76.56 -79.80 0.55
C MET N 66 77.34 -80.68 1.50
N VAL N 67 76.94 -80.74 2.76
CA VAL N 67 77.52 -81.74 3.67
C VAL N 67 77.36 -83.14 3.08
N ALA N 68 76.13 -83.45 2.66
CA ALA N 68 75.87 -84.76 2.06
C ALA N 68 76.66 -84.96 0.76
N PHE N 69 76.74 -83.91 -0.06
CA PHE N 69 77.46 -84.02 -1.32
C PHE N 69 78.95 -84.28 -1.07
N LEU N 70 79.53 -83.57 -0.11
CA LEU N 70 80.93 -83.77 0.23
C LEU N 70 81.17 -85.18 0.75
N ILE N 71 80.26 -85.68 1.58
CA ILE N 71 80.37 -87.06 2.04
C ILE N 71 80.34 -88.03 0.86
N LEU N 72 79.46 -87.77 -0.11
CA LEU N 72 79.35 -88.65 -1.27
C LEU N 72 80.65 -88.64 -2.08
N PHE N 73 81.22 -87.47 -2.32
CA PHE N 73 82.43 -87.38 -3.11
C PHE N 73 83.67 -87.70 -2.28
N ALA N 74 83.93 -86.89 -1.26
CA ALA N 74 85.05 -87.07 -0.34
C ALA N 74 84.52 -87.43 1.04
N MET N 75 85.42 -87.45 2.02
CA MET N 75 85.02 -87.70 3.40
C MET N 75 86.19 -87.47 4.35
N ASP O 1 67.46 -110.22 11.24
CA ASP O 1 68.76 -110.07 10.51
C ASP O 1 69.23 -108.62 10.50
N ILE O 2 70.52 -108.42 10.23
CA ILE O 2 71.05 -107.07 10.12
C ILE O 2 70.33 -106.32 9.02
N ASP O 3 70.35 -106.87 7.81
CA ASP O 3 69.79 -106.18 6.65
C ASP O 3 68.28 -106.00 6.79
N THR O 4 67.58 -107.03 7.28
CA THR O 4 66.13 -106.92 7.42
C THR O 4 65.75 -105.99 8.57
N ALA O 5 66.53 -106.02 9.66
CA ALA O 5 66.30 -105.05 10.73
C ALA O 5 66.44 -103.63 10.21
N ALA O 6 67.45 -103.39 9.37
CA ALA O 6 67.59 -102.07 8.76
C ALA O 6 66.47 -101.77 7.78
N LYS O 7 65.96 -102.79 7.09
CA LYS O 7 64.77 -102.59 6.28
C LYS O 7 63.64 -102.01 7.11
N PHE O 8 63.37 -102.64 8.26
CA PHE O 8 62.29 -102.18 9.12
C PHE O 8 62.57 -100.77 9.64
N ILE O 9 63.81 -100.51 10.06
CA ILE O 9 64.17 -99.17 10.54
C ILE O 9 63.91 -98.14 9.45
N GLY O 10 64.35 -98.45 8.21
CA GLY O 10 64.18 -97.51 7.13
C GLY O 10 62.72 -97.26 6.80
N ALA O 11 61.89 -98.31 6.85
CA ALA O 11 60.47 -98.13 6.61
C ALA O 11 59.85 -97.22 7.66
N GLY O 12 60.09 -97.53 8.94
CA GLY O 12 59.51 -96.73 10.00
C GLY O 12 59.98 -95.29 9.95
N ALA O 13 61.24 -95.08 9.58
CA ALA O 13 61.76 -93.72 9.45
C ALA O 13 61.12 -93.00 8.27
N ALA O 14 61.05 -93.66 7.12
CA ALA O 14 60.51 -93.01 5.94
C ALA O 14 59.07 -92.59 6.14
N THR O 15 58.30 -93.38 6.90
CA THR O 15 56.89 -93.03 7.09
C THR O 15 56.68 -91.95 8.15
N VAL O 16 57.71 -91.17 8.50
CA VAL O 16 57.52 -90.04 9.39
C VAL O 16 57.11 -88.79 8.62
N GLY O 17 57.66 -88.61 7.43
CA GLY O 17 57.46 -87.40 6.65
C GLY O 17 56.00 -86.96 6.61
N VAL O 18 55.10 -87.92 6.79
CA VAL O 18 53.67 -87.63 6.77
C VAL O 18 53.31 -86.51 7.72
N ALA O 19 54.13 -86.26 8.74
CA ALA O 19 53.81 -85.21 9.70
C ALA O 19 53.66 -83.87 8.98
N GLY O 20 54.60 -83.57 8.09
CA GLY O 20 54.51 -82.31 7.36
C GLY O 20 53.27 -82.20 6.51
N SER O 21 52.93 -83.29 5.80
CA SER O 21 51.74 -83.27 4.96
C SER O 21 50.48 -83.06 5.80
N GLY O 22 50.40 -83.74 6.95
CA GLY O 22 49.24 -83.56 7.81
C GLY O 22 49.12 -82.15 8.34
N ALA O 23 50.24 -81.58 8.81
CA ALA O 23 50.21 -80.22 9.31
C ALA O 23 49.82 -79.24 8.21
N GLY O 24 50.37 -79.43 7.00
CA GLY O 24 50.02 -78.54 5.91
C GLY O 24 48.56 -78.65 5.52
N ILE O 25 48.00 -79.86 5.58
CA ILE O 25 46.58 -80.03 5.30
C ILE O 25 45.76 -79.29 6.35
N GLY O 26 46.13 -79.43 7.61
CA GLY O 26 45.43 -78.68 8.65
C GLY O 26 45.50 -77.18 8.39
N THR O 27 46.66 -76.69 7.97
CA THR O 27 46.80 -75.28 7.64
C THR O 27 45.86 -74.89 6.52
N VAL O 28 45.80 -75.71 5.46
CA VAL O 28 44.95 -75.36 4.32
C VAL O 28 43.50 -75.26 4.76
N PHE O 29 43.04 -76.21 5.58
CA PHE O 29 41.63 -76.18 5.94
C PHE O 29 41.31 -75.10 6.97
N GLY O 30 42.21 -74.84 7.92
CA GLY O 30 42.01 -73.69 8.79
C GLY O 30 41.94 -72.39 7.99
N SER O 31 42.80 -72.26 6.99
CA SER O 31 42.78 -71.07 6.15
C SER O 31 41.48 -70.98 5.36
N LEU O 32 40.95 -72.11 4.89
CA LEU O 32 39.64 -72.06 4.26
C LEU O 32 38.60 -71.54 5.24
N ILE O 33 38.63 -72.03 6.47
CA ILE O 33 37.69 -71.54 7.47
C ILE O 33 37.80 -70.03 7.58
N ILE O 34 39.02 -69.52 7.66
CA ILE O 34 39.23 -68.07 7.82
C ILE O 34 38.69 -67.33 6.61
N GLY O 35 39.25 -67.62 5.44
CA GLY O 35 38.89 -66.89 4.24
C GLY O 35 37.46 -67.05 3.83
N TYR O 36 36.75 -68.04 4.39
CA TYR O 36 35.33 -68.15 4.12
C TYR O 36 34.50 -67.38 5.14
N ALA O 37 34.87 -67.43 6.42
CA ALA O 37 34.20 -66.59 7.40
C ALA O 37 34.37 -65.12 7.05
N ARG O 38 35.44 -64.78 6.34
CA ARG O 38 35.62 -63.41 5.87
C ARG O 38 34.65 -63.07 4.75
N ASN O 39 34.75 -63.79 3.64
CA ASN O 39 34.09 -63.42 2.38
C ASN O 39 33.25 -64.59 1.89
N PRO O 40 32.07 -64.81 2.47
CA PRO O 40 31.29 -66.00 2.12
C PRO O 40 30.64 -65.93 0.74
N SER O 41 31.04 -64.97 -0.09
CA SER O 41 30.49 -64.82 -1.43
C SER O 41 31.41 -65.39 -2.50
N LEU O 42 32.27 -66.33 -2.15
CA LEU O 42 33.11 -67.01 -3.12
C LEU O 42 33.29 -68.48 -2.73
N M3L O 43 32.36 -68.95 -1.90
CA M3L O 43 32.40 -70.29 -1.36
CB M3L O 43 31.01 -70.71 -0.86
CG M3L O 43 31.10 -71.97 -0.04
CD M3L O 43 29.85 -72.16 0.79
CE M3L O 43 28.76 -72.79 -0.07
NZ M3L O 43 27.58 -73.40 0.66
C M3L O 43 32.88 -71.39 -2.31
O M3L O 43 33.68 -72.26 -1.99
CM1 M3L O 43 27.10 -72.51 1.76
CM2 M3L O 43 27.92 -74.75 1.21
CM3 M3L O 43 26.49 -73.58 -0.34
H M3L O 43 31.55 -68.46 -1.57
HA M3L O 43 33.11 -70.29 -0.49
HB2 M3L O 43 30.35 -70.87 -1.76
HB3 M3L O 43 30.56 -69.88 -0.25
HG2 M3L O 43 32.00 -71.92 0.64
HG3 M3L O 43 31.24 -72.85 -0.72
HD2 M3L O 43 29.51 -71.16 1.19
HD3 M3L O 43 30.09 -72.81 1.68
HE2 M3L O 43 29.21 -73.61 -0.70
HE3 M3L O 43 28.34 -72.00 -0.76
HM11 M3L O 43 26.08 -72.85 2.10
HM12 M3L O 43 27.04 -71.46 1.38
HM13 M3L O 43 27.82 -72.56 2.62
HM21 M3L O 43 27.16 -75.03 1.99
HM22 M3L O 43 28.95 -74.72 1.68
HM23 M3L O 43 27.91 -75.50 0.38
HM31 M3L O 43 25.67 -74.20 0.12
HM32 M3L O 43 26.90 -74.10 -1.25
HM33 M3L O 43 26.08 -72.57 -0.63
N GLN O 44 32.35 -71.33 -3.53
CA GLN O 44 32.70 -72.32 -4.54
C GLN O 44 34.19 -72.27 -4.83
N GLN O 45 34.70 -71.08 -5.14
CA GLN O 45 36.12 -70.94 -5.45
C GLN O 45 36.98 -71.31 -4.24
N LEU O 46 36.54 -70.93 -3.04
CA LEU O 46 37.30 -71.25 -1.84
C LEU O 46 37.41 -72.76 -1.65
N PHE O 47 36.30 -73.49 -1.82
CA PHE O 47 36.37 -74.94 -1.74
C PHE O 47 37.23 -75.53 -2.84
N SER O 48 37.16 -74.98 -4.04
CA SER O 48 38.06 -75.44 -5.10
C SER O 48 39.50 -75.36 -4.64
N TYR O 49 39.92 -74.18 -4.15
CA TYR O 49 41.29 -74.01 -3.67
C TYR O 49 41.61 -75.03 -2.58
N ALA O 50 40.76 -75.13 -1.57
CA ALA O 50 41.09 -75.95 -0.40
C ALA O 50 41.20 -77.42 -0.78
N ILE O 51 40.28 -77.93 -1.60
CA ILE O 51 40.35 -79.33 -1.97
C ILE O 51 41.56 -79.60 -2.83
N LEU O 52 41.89 -78.68 -3.75
CA LEU O 52 43.08 -78.88 -4.56
C LEU O 52 44.33 -78.94 -3.67
N GLY O 53 44.39 -78.05 -2.68
CA GLY O 53 45.51 -78.08 -1.76
C GLY O 53 45.56 -79.34 -0.92
N PHE O 54 44.41 -79.78 -0.42
CA PHE O 54 44.36 -81.03 0.32
C PHE O 54 44.90 -82.19 -0.51
N ALA O 55 44.41 -82.30 -1.75
CA ALA O 55 44.89 -83.36 -2.62
C ALA O 55 46.40 -83.27 -2.78
N LEU O 56 46.89 -82.06 -3.04
CA LEU O 56 48.33 -81.89 -3.28
C LEU O 56 49.16 -82.32 -2.06
N SER O 57 48.86 -81.77 -0.90
CA SER O 57 49.68 -82.04 0.28
C SER O 57 49.53 -83.49 0.76
N GLU O 58 48.30 -83.99 0.82
CA GLU O 58 48.11 -85.41 1.09
C GLU O 58 48.93 -86.25 0.13
N ALA O 59 48.94 -85.88 -1.15
CA ALA O 59 49.69 -86.65 -2.14
C ALA O 59 51.18 -86.65 -1.85
N MET O 60 51.71 -85.51 -1.41
CA MET O 60 53.16 -85.46 -1.15
C MET O 60 53.53 -86.27 0.09
N GLY O 61 52.73 -86.19 1.15
CA GLY O 61 52.93 -87.09 2.27
C GLY O 61 52.82 -88.55 1.85
N LEU O 62 51.89 -88.84 0.94
CA LEU O 62 51.75 -90.19 0.43
C LEU O 62 52.96 -90.60 -0.40
N PHE O 63 53.63 -89.65 -1.06
CA PHE O 63 54.88 -89.98 -1.74
C PHE O 63 55.95 -90.37 -0.73
N CYS O 64 56.02 -89.67 0.40
CA CYS O 64 56.92 -90.09 1.46
C CYS O 64 56.62 -91.52 1.89
N LEU O 65 55.35 -91.81 2.19
CA LEU O 65 55.00 -93.17 2.57
C LEU O 65 55.13 -94.15 1.41
N MET O 66 55.13 -93.67 0.18
CA MET O 66 55.42 -94.53 -0.96
C MET O 66 56.86 -94.97 -0.94
N VAL O 67 57.77 -94.05 -0.63
CA VAL O 67 59.16 -94.42 -0.39
C VAL O 67 59.23 -95.44 0.74
N ALA O 68 58.47 -95.22 1.81
CA ALA O 68 58.47 -96.16 2.93
C ALA O 68 58.08 -97.56 2.47
N PHE O 69 56.93 -97.68 1.79
CA PHE O 69 56.40 -98.98 1.39
C PHE O 69 57.08 -99.58 0.17
N LEU O 70 57.95 -98.84 -0.53
CA LEU O 70 58.78 -99.48 -1.54
C LEU O 70 60.09 -99.97 -0.94
N ILE O 71 60.67 -99.23 0.01
CA ILE O 71 61.81 -99.75 0.74
C ILE O 71 61.39 -100.95 1.58
N LEU O 72 60.13 -101.01 1.98
CA LEU O 72 59.67 -102.16 2.74
C LEU O 72 59.88 -103.46 1.97
N PHE O 73 59.51 -103.46 0.69
CA PHE O 73 59.50 -104.68 -0.10
C PHE O 73 60.05 -104.44 -1.49
N ALA O 74 61.14 -103.68 -1.58
CA ALA O 74 61.82 -103.46 -2.86
C ALA O 74 63.12 -102.67 -2.65
N ASP P 1 66.91 -111.33 17.57
CA ASP P 1 66.58 -110.17 18.44
C ASP P 1 66.80 -108.86 17.71
N ILE P 2 67.58 -108.90 16.62
CA ILE P 2 67.84 -107.69 15.86
C ILE P 2 66.56 -107.21 15.16
N ASP P 3 65.83 -108.13 14.52
CA ASP P 3 64.57 -107.76 13.90
C ASP P 3 63.50 -107.41 14.94
N THR P 4 63.51 -108.11 16.08
CA THR P 4 62.55 -107.77 17.11
C THR P 4 62.72 -106.32 17.56
N ALA P 5 63.97 -105.89 17.70
CA ALA P 5 64.22 -104.50 18.08
C ALA P 5 63.88 -103.55 16.94
N ALA P 6 64.26 -103.90 15.71
CA ALA P 6 63.97 -103.03 14.57
C ALA P 6 62.48 -102.81 14.42
N LYS P 7 61.66 -103.81 14.76
CA LYS P 7 60.22 -103.65 14.64
C LYS P 7 59.72 -102.54 15.56
N PHE P 8 60.14 -102.55 16.82
CA PHE P 8 59.72 -101.50 17.74
C PHE P 8 60.28 -100.15 17.34
N ILE P 9 61.52 -100.12 16.86
CA ILE P 9 62.12 -98.86 16.44
C ILE P 9 61.33 -98.25 15.29
N GLY P 10 61.01 -99.09 14.28
CA GLY P 10 60.20 -98.61 13.18
C GLY P 10 58.79 -98.22 13.59
N ALA P 11 58.24 -98.94 14.58
CA ALA P 11 56.93 -98.57 15.10
C ALA P 11 56.97 -97.18 15.71
N GLY P 12 58.02 -96.87 16.47
CA GLY P 12 58.16 -95.52 17.00
C GLY P 12 58.36 -94.50 15.90
N ALA P 13 59.21 -94.81 14.92
CA ALA P 13 59.45 -93.91 13.80
C ALA P 13 58.22 -93.73 12.92
N ALA P 14 57.21 -94.56 13.08
CA ALA P 14 55.94 -94.37 12.39
C ALA P 14 54.90 -93.67 13.26
N THR P 15 54.91 -93.91 14.57
CA THR P 15 53.99 -93.23 15.46
C THR P 15 54.38 -91.78 15.71
N VAL P 16 55.61 -91.41 15.39
CA VAL P 16 55.99 -89.99 15.43
C VAL P 16 55.16 -89.18 14.45
N GLY P 17 54.94 -89.72 13.23
CA GLY P 17 54.43 -88.91 12.14
C GLY P 17 53.13 -88.20 12.43
N VAL P 18 52.28 -88.80 13.27
CA VAL P 18 50.95 -88.22 13.52
C VAL P 18 51.05 -86.91 14.29
N ALA P 19 52.21 -86.60 14.85
CA ALA P 19 52.39 -85.30 15.50
C ALA P 19 52.10 -84.16 14.52
N GLY P 20 52.47 -84.34 13.26
CA GLY P 20 52.20 -83.30 12.28
C GLY P 20 50.71 -83.12 12.03
N SER P 21 49.97 -84.22 11.96
CA SER P 21 48.52 -84.10 11.87
C SER P 21 47.94 -83.44 13.11
N GLY P 22 48.53 -83.70 14.29
CA GLY P 22 48.09 -82.99 15.48
C GLY P 22 48.30 -81.50 15.38
N ALA P 23 49.45 -81.09 14.85
CA ALA P 23 49.69 -79.67 14.62
C ALA P 23 48.67 -79.10 13.64
N GLY P 24 48.37 -79.83 12.57
CA GLY P 24 47.37 -79.36 11.62
C GLY P 24 45.99 -79.23 12.24
N ILE P 25 45.62 -80.17 13.12
CA ILE P 25 44.35 -80.08 13.83
C ILE P 25 44.32 -78.85 14.71
N GLY P 26 45.40 -78.60 15.45
CA GLY P 26 45.46 -77.37 16.22
C GLY P 26 45.27 -76.15 15.35
N THR P 27 45.93 -76.13 14.19
CA THR P 27 45.79 -75.01 13.27
C THR P 27 44.34 -74.82 12.86
N VAL P 28 43.68 -75.89 12.42
CA VAL P 28 42.34 -75.74 11.88
C VAL P 28 41.36 -75.33 12.98
N PHE P 29 41.56 -75.82 14.21
CA PHE P 29 40.62 -75.47 15.26
C PHE P 29 40.84 -74.05 15.77
N GLY P 30 42.09 -73.58 15.84
CA GLY P 30 42.30 -72.17 16.09
C GLY P 30 41.70 -71.31 14.99
N SER P 31 41.78 -71.79 13.74
CA SER P 31 41.18 -71.07 12.64
C SER P 31 39.68 -70.98 12.81
N LEU P 32 39.04 -72.08 13.22
CA LEU P 32 37.62 -72.02 13.58
C LEU P 32 37.39 -70.95 14.62
N ILE P 33 38.24 -70.90 15.64
CA ILE P 33 38.03 -69.96 16.74
C ILE P 33 38.02 -68.53 16.22
N ILE P 34 39.04 -68.15 15.47
CA ILE P 34 39.12 -66.74 15.04
C ILE P 34 38.11 -66.44 13.94
N GLY P 35 37.82 -67.41 13.08
CA GLY P 35 36.79 -67.18 12.07
C GLY P 35 35.43 -66.98 12.69
N TYR P 36 35.15 -67.68 13.78
CA TYR P 36 33.89 -67.44 14.50
C TYR P 36 33.95 -66.15 15.28
N ALA P 37 35.14 -65.74 15.73
CA ALA P 37 35.27 -64.43 16.36
C ALA P 37 34.92 -63.32 15.38
N ARG P 38 35.39 -63.43 14.14
CA ARG P 38 35.10 -62.41 13.14
C ARG P 38 33.63 -62.42 12.75
N ASN P 39 33.11 -63.58 12.36
CA ASN P 39 31.82 -63.68 11.68
C ASN P 39 30.93 -64.69 12.41
N PRO P 40 30.44 -64.34 13.60
CA PRO P 40 29.63 -65.29 14.36
C PRO P 40 28.36 -65.72 13.65
N SER P 41 27.93 -64.99 12.62
CA SER P 41 26.71 -65.34 11.92
C SER P 41 26.83 -66.65 11.16
N LEU P 42 28.04 -67.18 11.00
CA LEU P 42 28.25 -68.42 10.28
C LEU P 42 28.69 -69.55 11.23
N M3L P 43 28.09 -69.60 12.43
CA M3L P 43 28.41 -70.62 13.39
CB M3L P 43 27.53 -70.54 14.64
CG M3L P 43 28.03 -71.43 15.76
CD M3L P 43 26.98 -71.63 16.84
CE M3L P 43 27.19 -70.56 17.91
NZ M3L P 43 26.23 -70.53 19.08
C M3L P 43 28.28 -72.05 12.85
O M3L P 43 29.15 -72.91 12.96
CM1 M3L P 43 26.55 -69.40 20.01
CM2 M3L P 43 26.24 -71.81 19.83
CM3 M3L P 43 24.84 -70.30 18.56
H M3L P 43 27.40 -68.95 12.75
HA M3L P 43 29.49 -70.49 13.69
HB2 M3L P 43 26.48 -70.84 14.34
HB3 M3L P 43 27.48 -69.48 15.00
HG2 M3L P 43 28.95 -70.98 16.21
HG3 M3L P 43 28.32 -72.44 15.36
HD2 M3L P 43 27.08 -72.66 17.26
HD3 M3L P 43 25.96 -71.54 16.37
HE2 M3L P 43 27.14 -69.54 17.43
HE3 M3L P 43 28.22 -70.69 18.35
HM11 M3L P 43 25.88 -69.44 20.90
HM12 M3L P 43 26.41 -68.42 19.47
HM13 M3L P 43 27.62 -69.49 20.35
HM21 M3L P 43 25.55 -71.73 20.72
HM22 M3L P 43 27.28 -72.03 20.19
HM23 M3L P 43 25.88 -72.65 19.17
HM31 M3L P 43 24.16 -70.07 19.42
HM32 M3L P 43 24.49 -71.22 18.03
HM33 M3L P 43 24.85 -69.43 17.84
N GLN P 44 27.11 -72.30 12.26
CA GLN P 44 26.77 -73.63 11.79
C GLN P 44 27.78 -74.10 10.75
N GLN P 45 27.93 -73.30 9.69
CA GLN P 45 28.86 -73.66 8.63
C GLN P 45 30.28 -73.80 9.17
N LEU P 46 30.69 -72.86 10.02
CA LEU P 46 32.06 -72.85 10.54
C LEU P 46 32.35 -74.13 11.31
N PHE P 47 31.49 -74.48 12.28
CA PHE P 47 31.69 -75.69 13.05
C PHE P 47 31.63 -76.93 12.16
N SER P 48 30.68 -76.95 11.23
CA SER P 48 30.47 -78.16 10.44
C SER P 48 31.67 -78.44 9.54
N TYR P 49 32.36 -77.41 9.07
CA TYR P 49 33.54 -77.69 8.26
C TYR P 49 34.84 -77.71 9.06
N ALA P 50 34.86 -77.12 10.25
CA ALA P 50 35.97 -77.36 11.16
C ALA P 50 36.05 -78.83 11.57
N ILE P 51 34.90 -79.43 11.89
CA ILE P 51 34.92 -80.85 12.24
C ILE P 51 35.35 -81.69 11.05
N LEU P 52 34.96 -81.28 9.84
CA LEU P 52 35.39 -81.99 8.65
C LEU P 52 36.91 -81.95 8.51
N GLY P 53 37.51 -80.77 8.72
CA GLY P 53 38.96 -80.70 8.70
C GLY P 53 39.60 -81.57 9.77
N PHE P 54 39.02 -81.56 10.97
CA PHE P 54 39.49 -82.45 12.03
C PHE P 54 39.53 -83.90 11.57
N ALA P 55 38.40 -84.41 11.10
CA ALA P 55 38.34 -85.82 10.71
C ALA P 55 39.28 -86.08 9.54
N LEU P 56 39.41 -85.12 8.63
CA LEU P 56 40.27 -85.29 7.47
C LEU P 56 41.74 -85.42 7.87
N SER P 57 42.18 -84.66 8.88
CA SER P 57 43.56 -84.84 9.37
C SER P 57 43.69 -86.08 10.24
N GLU P 58 42.64 -86.43 10.99
CA GLU P 58 42.61 -87.72 11.66
C GLU P 58 42.82 -88.85 10.67
N ALA P 59 42.39 -88.65 9.43
CA ALA P 59 42.65 -89.65 8.40
C ALA P 59 44.14 -89.94 8.29
N MET P 60 44.95 -88.89 8.17
CA MET P 60 46.39 -89.09 7.98
C MET P 60 47.04 -89.60 9.27
N GLY P 61 46.54 -89.13 10.42
CA GLY P 61 47.05 -89.65 11.68
C GLY P 61 46.82 -91.15 11.82
N LEU P 62 45.60 -91.59 11.55
CA LEU P 62 45.30 -93.02 11.50
C LEU P 62 46.16 -93.71 10.46
N PHE P 63 46.44 -93.02 9.36
CA PHE P 63 47.25 -93.59 8.29
C PHE P 63 48.62 -94.01 8.82
N CYS P 64 49.30 -93.09 9.50
CA CYS P 64 50.60 -93.44 10.09
C CYS P 64 50.47 -94.47 11.21
N LEU P 65 49.46 -94.34 12.08
CA LEU P 65 49.34 -95.28 13.19
C LEU P 65 49.12 -96.70 12.69
N MET P 66 48.25 -96.87 11.70
CA MET P 66 48.02 -98.18 11.12
C MET P 66 49.29 -98.70 10.45
N VAL P 67 50.05 -97.82 9.78
CA VAL P 67 51.33 -98.24 9.22
C VAL P 67 52.21 -98.83 10.32
N ALA P 68 52.28 -98.13 11.46
CA ALA P 68 53.14 -98.58 12.56
C ALA P 68 52.70 -99.95 13.06
N PHE P 69 51.40 -100.12 13.32
CA PHE P 69 50.94 -101.42 13.83
C PHE P 69 51.12 -102.52 12.81
N LEU P 70 50.90 -102.22 11.53
CA LEU P 70 51.13 -103.21 10.49
C LEU P 70 52.57 -103.70 10.52
N ILE P 71 53.53 -102.77 10.57
CA ILE P 71 54.93 -103.18 10.60
C ILE P 71 55.23 -103.95 11.88
N LEU P 72 54.61 -103.56 13.00
CA LEU P 72 54.98 -104.16 14.28
C LEU P 72 54.43 -105.57 14.42
N PHE P 73 53.22 -105.84 13.94
CA PHE P 73 52.56 -107.12 14.18
C PHE P 73 52.45 -108.01 12.95
N ALA P 74 52.21 -107.43 11.77
CA ALA P 74 52.02 -108.22 10.56
C ALA P 74 53.05 -107.88 9.49
N MET P 75 54.32 -107.78 9.90
CA MET P 75 55.41 -107.44 8.99
C MET P 75 55.27 -106.00 8.49
N ASP Q 1 69.13 -106.94 28.68
CA ASP Q 1 68.51 -107.78 27.61
C ASP Q 1 68.27 -106.94 26.37
N ILE Q 2 68.63 -107.48 25.21
CA ILE Q 2 68.55 -106.70 23.98
C ILE Q 2 67.12 -106.28 23.71
N ASP Q 3 66.15 -107.19 23.90
CA ASP Q 3 64.76 -106.82 23.71
C ASP Q 3 64.37 -105.67 24.63
N THR Q 4 64.93 -105.61 25.84
CA THR Q 4 64.67 -104.47 26.70
C THR Q 4 65.32 -103.20 26.18
N ALA Q 5 66.48 -103.33 25.53
CA ALA Q 5 67.06 -102.18 24.85
C ALA Q 5 66.11 -101.65 23.79
N ALA Q 6 65.52 -102.57 23.02
CA ALA Q 6 64.51 -102.16 22.04
C ALA Q 6 63.33 -101.50 22.73
N LYS Q 7 62.90 -102.04 23.85
CA LYS Q 7 61.80 -101.45 24.61
C LYS Q 7 62.09 -99.99 24.90
N PHE Q 8 63.27 -99.72 25.48
CA PHE Q 8 63.61 -98.35 25.87
C PHE Q 8 63.75 -97.46 24.64
N ILE Q 9 64.41 -97.95 23.59
CA ILE Q 9 64.60 -97.15 22.39
C ILE Q 9 63.25 -96.78 21.78
N GLY Q 10 62.36 -97.76 21.65
CA GLY Q 10 61.06 -97.49 21.07
C GLY Q 10 60.23 -96.52 21.89
N ALA Q 11 60.25 -96.69 23.22
CA ALA Q 11 59.51 -95.75 24.07
C ALA Q 11 60.03 -94.34 23.89
N GLY Q 12 61.36 -94.17 23.95
CA GLY Q 12 61.93 -92.84 23.79
C GLY Q 12 61.68 -92.26 22.42
N ALA Q 13 61.61 -93.10 21.39
CA ALA Q 13 61.38 -92.59 20.04
C ALA Q 13 59.93 -92.19 19.85
N ALA Q 14 58.99 -92.94 20.41
CA ALA Q 14 57.58 -92.68 20.19
C ALA Q 14 56.98 -91.70 21.19
N THR Q 15 57.72 -91.30 22.22
CA THR Q 15 57.23 -90.22 23.07
C THR Q 15 57.38 -88.84 22.44
N VAL Q 16 57.92 -88.76 21.22
CA VAL Q 16 58.03 -87.49 20.51
C VAL Q 16 56.70 -86.97 20.02
N GLY Q 17 55.66 -87.81 20.00
CA GLY Q 17 54.37 -87.36 19.49
C GLY Q 17 53.86 -86.12 20.18
N VAL Q 18 54.23 -85.94 21.45
CA VAL Q 18 53.84 -84.75 22.19
C VAL Q 18 54.31 -83.48 21.50
N ALA Q 19 55.32 -83.57 20.63
CA ALA Q 19 55.78 -82.37 19.94
C ALA Q 19 54.68 -81.76 19.09
N GLY Q 20 54.05 -82.58 18.25
CA GLY Q 20 52.97 -82.07 17.42
C GLY Q 20 51.83 -81.51 18.24
N SER Q 21 51.48 -82.19 19.34
CA SER Q 21 50.43 -81.69 20.21
C SER Q 21 50.80 -80.34 20.80
N GLY Q 22 52.05 -80.18 21.24
CA GLY Q 22 52.47 -78.91 21.80
C GLY Q 22 52.37 -77.79 20.78
N ALA Q 23 52.86 -78.04 19.56
CA ALA Q 23 52.80 -77.01 18.52
C ALA Q 23 51.35 -76.67 18.19
N GLY Q 24 50.52 -77.70 17.99
CA GLY Q 24 49.13 -77.46 17.65
C GLY Q 24 48.39 -76.71 18.73
N ILE Q 25 48.63 -77.06 20.00
CA ILE Q 25 47.95 -76.39 21.09
C ILE Q 25 48.42 -74.96 21.23
N GLY Q 26 49.71 -74.71 21.02
CA GLY Q 26 50.18 -73.34 21.01
C GLY Q 26 49.46 -72.52 19.97
N THR Q 27 49.36 -73.06 18.76
CA THR Q 27 48.62 -72.37 17.70
C THR Q 27 47.17 -72.14 18.12
N VAL Q 28 46.54 -73.17 18.72
CA VAL Q 28 45.14 -73.07 19.08
C VAL Q 28 44.92 -71.93 20.05
N PHE Q 29 45.71 -71.87 21.12
CA PHE Q 29 45.44 -70.85 22.11
C PHE Q 29 45.90 -69.47 21.65
N GLY Q 30 46.89 -69.38 20.77
CA GLY Q 30 47.18 -68.09 20.17
C GLY Q 30 46.00 -67.58 19.36
N SER Q 31 45.41 -68.45 18.54
CA SER Q 31 44.20 -68.09 17.82
C SER Q 31 43.08 -67.71 18.78
N LEU Q 32 42.99 -68.38 19.92
CA LEU Q 32 41.99 -68.00 20.92
C LEU Q 32 42.24 -66.59 21.43
N ILE Q 33 43.49 -66.25 21.72
CA ILE Q 33 43.81 -64.89 22.15
C ILE Q 33 43.32 -63.90 21.11
N ILE Q 34 43.66 -64.15 19.84
CA ILE Q 34 43.28 -63.21 18.78
C ILE Q 34 41.76 -63.09 18.69
N GLY Q 35 41.08 -64.24 18.66
CA GLY Q 35 39.64 -64.22 18.45
C GLY Q 35 38.90 -63.57 19.59
N TYR Q 36 39.33 -63.81 20.82
CA TYR Q 36 38.70 -63.13 21.95
C TYR Q 36 39.03 -61.64 21.96
N ALA Q 37 40.23 -61.27 21.50
CA ALA Q 37 40.56 -59.86 21.42
C ALA Q 37 39.63 -59.14 20.45
N ARG Q 38 39.47 -59.70 19.25
CA ARG Q 38 38.65 -59.03 18.26
C ARG Q 38 37.23 -58.84 18.76
N ASN Q 39 36.64 -59.88 19.33
CA ASN Q 39 35.22 -59.89 19.68
C ASN Q 39 35.09 -60.37 21.12
N PRO Q 40 35.38 -59.50 22.08
CA PRO Q 40 35.47 -59.97 23.48
C PRO Q 40 34.18 -60.56 24.03
N SER Q 41 33.01 -60.18 23.50
CA SER Q 41 31.75 -60.66 24.04
C SER Q 41 31.35 -62.01 23.48
N LEU Q 42 32.30 -62.77 22.93
CA LEU Q 42 32.07 -64.17 22.64
C LEU Q 42 33.13 -64.99 23.35
N M3L Q 43 33.61 -64.51 24.49
CA M3L Q 43 34.68 -65.18 25.18
CB M3L Q 43 35.19 -64.38 26.40
CG M3L Q 43 34.12 -64.02 27.41
CD M3L Q 43 34.76 -63.65 28.73
CE M3L Q 43 35.33 -64.92 29.37
NZ M3L Q 43 35.22 -65.11 30.87
C M3L Q 43 34.30 -66.58 25.64
O M3L Q 43 35.07 -67.53 25.59
CM1 M3L Q 43 33.84 -64.87 31.38
CM2 M3L Q 43 36.18 -64.24 31.61
CM3 M3L Q 43 35.60 -66.54 31.15
H M3L Q 43 33.31 -63.68 24.96
HA M3L Q 43 35.54 -65.30 24.46
HB2 M3L Q 43 35.65 -63.44 26.01
HB3 M3L Q 43 36.00 -64.97 26.90
HG2 M3L Q 43 33.39 -64.85 27.56
HG3 M3L Q 43 33.53 -63.14 27.03
HD2 M3L Q 43 34.00 -63.17 29.40
HD3 M3L Q 43 35.57 -62.89 28.56
HE2 M3L Q 43 36.44 -64.97 29.13
HE3 M3L Q 43 34.84 -65.82 28.91
HM11 M3L Q 43 33.65 -65.50 32.28
HM12 M3L Q 43 33.10 -65.15 30.58
HM13 M3L Q 43 33.72 -63.79 31.64
HM21 M3L Q 43 35.86 -64.17 32.68
HM22 M3L Q 43 36.18 -63.22 31.15
HM23 M3L Q 43 37.21 -64.68 31.56
HM31 M3L Q 43 35.69 -66.69 32.25
HM32 M3L Q 43 36.57 -66.77 30.64
HM33 M3L Q 43 34.79 -67.22 30.74
N GLN Q 44 33.05 -66.72 26.06
CA GLN Q 44 32.56 -68.01 26.54
C GLN Q 44 32.45 -69.04 25.43
N GLN Q 45 31.85 -68.66 24.29
CA GLN Q 45 31.80 -69.57 23.16
C GLN Q 45 33.20 -69.88 22.63
N LEU Q 46 34.05 -68.85 22.57
CA LEU Q 46 35.40 -69.04 22.06
C LEU Q 46 36.17 -70.01 22.94
N PHE Q 47 35.99 -69.92 24.26
CA PHE Q 47 36.70 -70.83 25.16
C PHE Q 47 36.07 -72.22 25.13
N SER Q 48 34.76 -72.31 24.90
CA SER Q 48 34.17 -73.62 24.70
C SER Q 48 34.84 -74.33 23.53
N TYR Q 49 34.92 -73.66 22.38
CA TYR Q 49 35.56 -74.26 21.23
C TYR Q 49 37.06 -74.45 21.44
N ALA Q 50 37.70 -73.55 22.19
CA ALA Q 50 39.11 -73.71 22.48
C ALA Q 50 39.38 -74.94 23.33
N ILE Q 51 38.54 -75.18 24.34
CA ILE Q 51 38.69 -76.37 25.16
C ILE Q 51 38.39 -77.61 24.33
N LEU Q 52 37.40 -77.54 23.44
CA LEU Q 52 37.18 -78.65 22.53
C LEU Q 52 38.45 -78.99 21.77
N GLY Q 53 39.07 -77.98 21.16
CA GLY Q 53 40.27 -78.23 20.37
C GLY Q 53 41.43 -78.72 21.21
N PHE Q 54 41.63 -78.12 22.38
CA PHE Q 54 42.66 -78.58 23.30
C PHE Q 54 42.46 -80.06 23.58
N ALA Q 55 41.34 -80.39 24.21
CA ALA Q 55 41.06 -81.78 24.56
C ALA Q 55 41.24 -82.71 23.37
N LEU Q 56 40.77 -82.31 22.19
CA LEU Q 56 40.78 -83.22 21.04
C LEU Q 56 42.08 -83.15 20.23
N SER Q 57 43.06 -82.38 20.68
CA SER Q 57 44.45 -82.54 20.23
C SER Q 57 45.26 -83.38 21.22
N GLU Q 58 45.20 -83.01 22.50
CA GLU Q 58 45.82 -83.84 23.52
C GLU Q 58 45.24 -85.25 23.53
N ALA Q 59 44.03 -85.44 23.00
CA ALA Q 59 43.47 -86.78 22.91
C ALA Q 59 44.33 -87.67 22.02
N MET Q 60 44.61 -87.21 20.80
CA MET Q 60 45.48 -88.00 19.92
C MET Q 60 46.89 -88.06 20.47
N GLY Q 61 47.39 -86.95 21.04
CA GLY Q 61 48.70 -86.96 21.63
C GLY Q 61 48.86 -88.06 22.65
N LEU Q 62 48.05 -88.01 23.70
CA LEU Q 62 48.12 -89.03 24.73
C LEU Q 62 47.65 -90.39 24.24
N PHE Q 63 46.90 -90.45 23.14
CA PHE Q 63 46.61 -91.76 22.53
C PHE Q 63 47.89 -92.41 22.07
N CYS Q 64 48.71 -91.67 21.31
CA CYS Q 64 50.00 -92.19 20.89
C CYS Q 64 50.87 -92.49 22.10
N LEU Q 65 50.86 -91.60 23.09
CA LEU Q 65 51.70 -91.79 24.27
C LEU Q 65 51.27 -93.04 25.04
N MET Q 66 49.97 -93.30 25.12
CA MET Q 66 49.47 -94.47 25.83
C MET Q 66 49.76 -95.76 25.05
N VAL Q 67 49.69 -95.69 23.72
CA VAL Q 67 50.11 -96.86 22.94
C VAL Q 67 51.58 -97.17 23.19
N ALA Q 68 52.42 -96.12 23.20
CA ALA Q 68 53.84 -96.33 23.46
C ALA Q 68 54.07 -96.79 24.88
N PHE Q 69 53.25 -96.35 25.83
CA PHE Q 69 53.40 -96.77 27.22
C PHE Q 69 53.03 -98.24 27.38
N LEU Q 70 51.94 -98.67 26.74
CA LEU Q 70 51.60 -100.08 26.74
C LEU Q 70 52.70 -100.90 26.08
N ILE Q 71 53.32 -100.35 25.03
CA ILE Q 71 54.54 -100.95 24.50
C ILE Q 71 55.57 -101.08 25.61
N LEU Q 72 55.73 -100.03 26.41
CA LEU Q 72 56.78 -100.00 27.43
C LEU Q 72 56.62 -101.13 28.43
N PHE Q 73 55.52 -101.15 29.17
CA PHE Q 73 55.37 -102.07 30.29
C PHE Q 73 54.66 -103.37 29.91
N ALA Q 74 53.41 -103.27 29.47
CA ALA Q 74 52.49 -104.41 29.45
C ALA Q 74 52.16 -104.88 28.03
N MET Q 75 53.13 -104.90 27.14
CA MET Q 75 52.92 -105.47 25.81
C MET Q 75 52.51 -106.93 25.94
N PHE R 1 -48.35 40.82 13.06
CA PHE R 1 -48.56 42.29 12.89
C PHE R 1 -50.01 42.60 12.58
N ALA R 2 -50.33 43.88 12.50
CA ALA R 2 -51.70 44.29 12.24
C ALA R 2 -52.19 43.70 10.93
N LYS R 3 -53.41 43.16 10.95
CA LYS R 3 -54.04 42.70 9.73
C LYS R 3 -54.06 43.82 8.70
N LEU R 4 -53.76 43.47 7.45
CA LEU R 4 -53.80 44.44 6.37
C LEU R 4 -54.62 43.86 5.23
N VAL R 5 -55.31 44.75 4.52
CA VAL R 5 -56.20 44.36 3.43
C VAL R 5 -55.40 44.25 2.16
N ARG R 6 -55.44 43.07 1.54
CA ARG R 6 -54.63 42.85 0.35
C ARG R 6 -55.23 43.55 -0.86
N PRO R 7 -54.41 43.91 -1.84
CA PRO R 7 -54.91 44.53 -3.05
C PRO R 7 -55.69 43.52 -3.88
N PRO R 8 -56.24 43.93 -5.02
CA PRO R 8 -56.88 42.97 -5.91
C PRO R 8 -55.87 42.27 -6.80
N VAL R 9 -54.84 43.01 -7.18
CA VAL R 9 -53.74 42.50 -8.00
C VAL R 9 -52.49 42.55 -7.13
N GLN R 10 -51.56 41.65 -7.42
CA GLN R 10 -50.30 41.55 -6.69
C GLN R 10 -49.17 42.04 -7.59
N ILE R 11 -48.44 43.04 -7.11
CA ILE R 11 -47.23 43.52 -7.79
C ILE R 11 -46.04 43.22 -6.88
N TYR R 12 -44.91 42.93 -7.50
CA TYR R 12 -43.79 42.34 -6.78
C TYR R 12 -42.53 43.15 -7.02
N GLY R 13 -41.63 43.10 -6.04
CA GLY R 13 -40.42 43.90 -6.08
C GLY R 13 -40.51 45.02 -5.05
N ILE R 14 -39.65 46.02 -5.16
CA ILE R 14 -39.73 47.14 -4.22
C ILE R 14 -41.04 47.89 -4.41
N GLU R 15 -41.33 48.29 -5.64
CA GLU R 15 -42.57 49.00 -5.90
C GLU R 15 -43.76 48.16 -5.43
N GLY R 16 -43.67 46.85 -5.56
CA GLY R 16 -44.75 46.02 -5.09
C GLY R 16 -45.00 46.19 -3.62
N ARG R 17 -43.95 46.15 -2.82
CA ARG R 17 -44.10 46.24 -1.37
C ARG R 17 -44.64 47.62 -0.98
N TYR R 18 -44.07 48.67 -1.56
CA TYR R 18 -44.51 50.02 -1.20
C TYR R 18 -45.94 50.26 -1.63
N ALA R 19 -46.31 49.86 -2.84
CA ALA R 19 -47.67 50.05 -3.31
C ALA R 19 -48.64 49.25 -2.48
N THR R 20 -48.30 48.02 -2.11
CA THR R 20 -49.20 47.24 -1.27
C THR R 20 -49.39 47.92 0.08
N ALA R 21 -48.30 48.41 0.68
CA ALA R 21 -48.42 49.10 1.96
C ALA R 21 -49.35 50.30 1.83
N LEU R 22 -49.11 51.13 0.82
CA LEU R 22 -49.91 52.33 0.65
C LEU R 22 -51.36 51.99 0.39
N TYR R 23 -51.63 51.00 -0.46
CA TYR R 23 -52.99 50.63 -0.77
C TYR R 23 -53.72 50.12 0.47
N SER R 24 -53.08 49.27 1.26
CA SER R 24 -53.73 48.77 2.46
C SER R 24 -53.96 49.88 3.46
N ALA R 25 -53.01 50.81 3.59
CA ALA R 25 -53.19 51.90 4.53
C ALA R 25 -54.28 52.86 4.06
N ALA R 26 -54.43 53.04 2.76
CA ALA R 26 -55.45 53.94 2.23
C ALA R 26 -56.83 53.31 2.30
N SER R 27 -56.94 52.01 2.04
CA SER R 27 -58.24 51.35 2.17
C SER R 27 -58.85 51.63 3.53
N LYS R 28 -58.06 51.44 4.59
CA LYS R 28 -58.39 52.06 5.86
C LYS R 28 -58.30 53.57 5.70
N GLN R 29 -59.26 54.29 6.24
CA GLN R 29 -59.45 55.72 6.06
C GLN R 29 -60.08 56.03 4.71
N ASN R 30 -60.26 55.05 3.82
CA ASN R 30 -61.08 55.22 2.62
C ASN R 30 -60.60 56.37 1.74
N LYS R 31 -59.32 56.70 1.79
CA LYS R 31 -58.78 57.82 1.03
C LYS R 31 -58.17 57.39 -0.30
N LEU R 32 -58.71 56.33 -0.91
CA LEU R 32 -58.07 55.77 -2.09
C LEU R 32 -58.05 56.78 -3.24
N GLU R 33 -59.20 57.36 -3.57
CA GLU R 33 -59.27 58.21 -4.75
C GLU R 33 -58.40 59.45 -4.59
N GLN R 34 -58.51 60.13 -3.45
CA GLN R 34 -57.67 61.30 -3.26
C GLN R 34 -56.21 60.91 -3.14
N VAL R 35 -55.92 59.72 -2.63
CA VAL R 35 -54.54 59.25 -2.59
C VAL R 35 -54.00 59.11 -4.01
N GLU R 36 -54.80 58.57 -4.92
CA GLU R 36 -54.35 58.46 -6.30
C GLU R 36 -54.16 59.83 -6.93
N LYS R 37 -55.05 60.76 -6.63
CA LYS R 37 -54.87 62.13 -7.13
C LYS R 37 -53.54 62.70 -6.68
N GLU R 38 -53.24 62.58 -5.38
CA GLU R 38 -51.99 63.12 -4.86
C GLU R 38 -50.80 62.38 -5.44
N LEU R 39 -50.93 61.08 -5.69
CA LEU R 39 -49.84 60.34 -6.31
C LEU R 39 -49.54 60.88 -7.69
N LEU R 40 -50.58 61.12 -8.48
CA LEU R 40 -50.35 61.71 -9.79
C LEU R 40 -49.68 63.06 -9.66
N ARG R 41 -50.09 63.86 -8.67
CA ARG R 41 -49.47 65.17 -8.49
C ARG R 41 -47.98 65.05 -8.20
N VAL R 42 -47.62 64.21 -7.23
CA VAL R 42 -46.21 64.03 -6.91
C VAL R 42 -45.46 63.51 -8.12
N GLY R 43 -46.13 62.77 -9.00
CA GLY R 43 -45.53 62.37 -10.23
C GLY R 43 -44.80 63.52 -10.90
N GLN R 44 -45.53 64.58 -11.23
CA GLN R 44 -44.90 65.74 -11.86
C GLN R 44 -44.00 66.48 -10.89
N ILE R 45 -44.46 66.69 -9.66
CA ILE R 45 -43.67 67.47 -8.71
C ILE R 45 -42.26 66.89 -8.55
N LEU R 46 -42.09 65.59 -8.82
CA LEU R 46 -40.79 64.95 -8.79
C LEU R 46 -40.12 64.90 -10.15
N LYS R 47 -40.62 65.68 -11.13
CA LYS R 47 -40.00 65.76 -12.44
C LYS R 47 -39.51 67.16 -12.77
N GLU R 48 -39.70 68.12 -11.88
CA GLU R 48 -39.12 69.44 -12.10
C GLU R 48 -37.59 69.33 -12.08
N PRO R 49 -36.89 70.09 -12.93
CA PRO R 49 -35.45 69.84 -13.09
C PRO R 49 -34.67 69.93 -11.79
N LYS R 50 -34.98 70.90 -10.93
CA LYS R 50 -34.23 71.05 -9.69
C LYS R 50 -34.50 69.88 -8.75
N MET R 51 -35.77 69.51 -8.60
CA MET R 51 -36.10 68.40 -7.70
C MET R 51 -35.56 67.09 -8.26
N ALA R 52 -35.81 66.81 -9.53
CA ALA R 52 -35.32 65.58 -10.12
C ALA R 52 -33.81 65.54 -10.21
N ALA R 53 -33.14 66.68 -10.05
CA ALA R 53 -31.69 66.71 -10.05
C ALA R 53 -31.10 66.55 -8.65
N SER R 54 -31.76 67.13 -7.65
CA SER R 54 -31.30 67.00 -6.27
C SER R 54 -31.72 65.68 -5.63
N LEU R 55 -32.67 64.97 -6.23
CA LEU R 55 -33.09 63.67 -5.74
C LEU R 55 -32.45 62.52 -6.50
N LEU R 56 -31.34 62.79 -7.17
CA LEU R 56 -30.52 61.75 -7.78
C LEU R 56 -29.08 61.81 -7.29
N ASN R 57 -28.56 63.00 -7.04
CA ASN R 57 -27.24 63.14 -6.45
C ASN R 57 -27.22 62.36 -5.13
N PRO R 58 -26.27 61.46 -4.93
CA PRO R 58 -26.17 60.76 -3.64
C PRO R 58 -25.38 61.50 -2.59
N TYR R 59 -24.85 62.68 -2.91
CA TYR R 59 -24.04 63.46 -1.97
C TYR R 59 -24.85 64.54 -1.28
N VAL R 60 -26.17 64.53 -1.45
CA VAL R 60 -27.06 65.38 -0.67
C VAL R 60 -27.44 64.58 0.57
N LYS R 61 -26.99 65.03 1.73
CA LYS R 61 -27.26 64.30 2.96
C LYS R 61 -28.70 63.83 2.99
N ARG R 62 -28.93 62.62 3.50
CA ARG R 62 -30.26 62.06 3.46
C ARG R 62 -31.26 62.96 4.16
N SER R 63 -30.89 63.46 5.34
CA SER R 63 -31.79 64.34 6.08
C SER R 63 -32.13 65.57 5.26
N VAL R 64 -31.20 66.07 4.44
CA VAL R 64 -31.48 67.21 3.59
C VAL R 64 -32.61 66.88 2.62
N LYS R 65 -32.52 65.71 1.99
CA LYS R 65 -33.58 65.30 1.07
C LYS R 65 -34.90 65.14 1.80
N VAL R 66 -34.88 64.53 2.98
CA VAL R 66 -36.13 64.32 3.71
C VAL R 66 -36.77 65.66 4.05
N LYS R 67 -35.97 66.62 4.51
CA LYS R 67 -36.52 67.91 4.88
C LYS R 67 -37.02 68.67 3.66
N SER R 68 -36.31 68.59 2.54
CA SER R 68 -36.79 69.25 1.33
C SER R 68 -38.11 68.64 0.86
N LEU R 69 -38.23 67.31 0.94
CA LEU R 69 -39.49 66.67 0.60
C LEU R 69 -40.60 67.12 1.52
N SER R 70 -40.31 67.22 2.82
CA SER R 70 -41.33 67.68 3.77
C SER R 70 -41.78 69.09 3.41
N ASP R 71 -40.83 69.98 3.15
CA ASP R 71 -41.19 71.35 2.82
C ASP R 71 -42.03 71.41 1.55
N MET R 72 -41.62 70.66 0.52
CA MET R 72 -42.40 70.64 -0.71
C MET R 72 -43.80 70.09 -0.46
N THR R 73 -43.92 69.11 0.42
CA THR R 73 -45.21 68.48 0.68
C THR R 73 -46.10 69.35 1.55
N ALA R 74 -45.54 70.34 2.25
CA ALA R 74 -46.38 71.33 2.90
C ALA R 74 -47.02 72.25 1.87
N LYS R 75 -46.24 72.73 0.91
CA LYS R 75 -46.77 73.63 -0.11
C LYS R 75 -47.86 72.96 -0.93
N GLU R 76 -47.63 71.72 -1.34
CA GLU R 76 -48.62 70.99 -2.12
C GLU R 76 -49.78 70.48 -1.26
N LYS R 77 -49.64 70.53 0.06
CA LYS R 77 -50.72 70.20 0.98
C LYS R 77 -51.28 68.81 0.68
N PHE R 78 -50.44 67.80 0.86
CA PHE R 78 -50.85 66.43 0.63
C PHE R 78 -51.53 65.85 1.87
N SER R 79 -52.23 64.74 1.66
CA SER R 79 -52.84 64.03 2.77
C SER R 79 -51.73 63.46 3.65
N PRO R 80 -52.03 63.18 4.92
CA PRO R 80 -51.00 62.57 5.77
C PRO R 80 -50.44 61.28 5.19
N LEU R 81 -51.27 60.46 4.55
CA LEU R 81 -50.78 59.21 3.99
C LEU R 81 -49.75 59.46 2.90
N THR R 82 -50.06 60.34 1.96
CA THR R 82 -49.14 60.55 0.85
C THR R 82 -47.86 61.24 1.31
N SER R 83 -47.97 62.20 2.22
CA SER R 83 -46.77 62.83 2.74
C SER R 83 -45.90 61.82 3.48
N ASN R 84 -46.53 60.95 4.29
CA ASN R 84 -45.78 59.93 4.99
C ASN R 84 -45.11 58.97 4.02
N LEU R 85 -45.79 58.62 2.94
CA LEU R 85 -45.19 57.72 1.95
C LEU R 85 -44.01 58.38 1.26
N ILE R 86 -44.13 59.65 0.90
CA ILE R 86 -43.01 60.34 0.27
C ILE R 86 -41.82 60.38 1.23
N ASN R 87 -42.09 60.74 2.48
CA ASN R 87 -41.03 60.70 3.49
C ASN R 87 -40.37 59.33 3.53
N LEU R 88 -41.15 58.31 3.86
CA LEU R 88 -40.70 56.92 3.91
C LEU R 88 -39.78 56.59 2.74
N LEU R 89 -40.27 56.76 1.51
CA LEU R 89 -39.41 56.56 0.35
C LEU R 89 -38.15 57.38 0.46
N ALA R 90 -38.23 58.58 1.03
CA ALA R 90 -37.07 59.46 1.07
C ALA R 90 -35.97 58.89 1.95
N GLU R 91 -36.30 58.50 3.18
CA GLU R 91 -35.24 58.09 4.10
C GLU R 91 -34.81 56.63 3.92
N ASN R 92 -35.65 55.79 3.32
CA ASN R 92 -35.17 54.47 2.94
C ASN R 92 -34.25 54.53 1.72
N GLY R 93 -34.13 55.69 1.09
CA GLY R 93 -33.28 55.83 -0.07
C GLY R 93 -33.87 55.29 -1.34
N ARG R 94 -35.13 54.86 -1.32
CA ARG R 94 -35.75 54.23 -2.48
C ARG R 94 -36.62 55.19 -3.26
N LEU R 95 -36.33 56.49 -3.21
CA LEU R 95 -37.12 57.43 -3.99
C LEU R 95 -36.72 57.44 -5.44
N THR R 96 -35.53 56.91 -5.77
CA THR R 96 -35.11 56.84 -7.16
C THR R 96 -36.08 56.03 -8.01
N ASN R 97 -36.87 55.17 -7.39
CA ASN R 97 -37.88 54.38 -8.07
C ASN R 97 -39.27 54.74 -7.57
N THR R 98 -39.50 56.02 -7.29
CA THR R 98 -40.85 56.48 -7.03
C THR R 98 -41.79 56.28 -8.21
N PRO R 99 -41.41 56.59 -9.45
CA PRO R 99 -42.34 56.33 -10.56
C PRO R 99 -42.80 54.89 -10.65
N ALA R 100 -41.95 53.94 -10.27
CA ALA R 100 -42.39 52.55 -10.24
C ALA R 100 -43.52 52.35 -9.24
N VAL R 101 -43.43 53.01 -8.09
CA VAL R 101 -44.45 52.85 -7.06
C VAL R 101 -45.80 53.32 -7.59
N ILE R 102 -45.89 54.61 -7.94
CA ILE R 102 -47.19 55.17 -8.31
C ILE R 102 -47.78 54.39 -9.47
N SER R 103 -46.96 54.08 -10.48
CA SER R 103 -47.45 53.29 -11.60
C SER R 103 -48.09 52.01 -11.10
N ALA R 104 -47.37 51.26 -10.26
CA ALA R 104 -47.94 50.05 -9.68
C ALA R 104 -49.24 50.37 -8.97
N PHE R 105 -49.25 51.43 -8.15
CA PHE R 105 -50.47 51.77 -7.44
C PHE R 105 -51.61 52.04 -8.39
N SER R 106 -51.32 52.66 -9.54
CA SER R 106 -52.38 52.86 -10.53
C SER R 106 -52.95 51.53 -10.96
N THR R 107 -52.07 50.58 -11.31
CA THR R 107 -52.54 49.23 -11.65
C THR R 107 -53.28 48.61 -10.48
N MET R 108 -52.95 49.00 -9.26
CA MET R 108 -53.64 48.48 -8.10
C MET R 108 -55.02 49.12 -7.93
N MET R 109 -55.17 50.36 -8.40
CA MET R 109 -56.46 51.02 -8.30
C MET R 109 -57.34 50.70 -9.49
N SER R 110 -56.76 50.60 -10.68
CA SER R 110 -57.55 50.27 -11.86
C SER R 110 -58.32 48.98 -11.62
N VAL R 111 -57.63 47.92 -11.19
CA VAL R 111 -58.33 46.67 -10.95
C VAL R 111 -59.31 46.82 -9.79
N HIS R 112 -59.01 47.72 -8.85
CA HIS R 112 -59.95 47.93 -7.74
C HIS R 112 -61.28 48.43 -8.25
N ARG R 113 -61.26 49.38 -9.20
CA ARG R 113 -62.50 49.88 -9.78
C ARG R 113 -62.98 49.01 -10.94
N GLY R 114 -62.18 48.05 -11.39
CA GLY R 114 -62.65 47.04 -12.31
C GLY R 114 -62.61 47.42 -13.76
N GLU R 115 -61.42 47.74 -14.27
CA GLU R 115 -61.23 48.07 -15.68
C GLU R 115 -60.17 47.13 -16.24
N VAL R 116 -60.62 45.97 -16.71
CA VAL R 116 -59.69 44.92 -17.14
C VAL R 116 -58.94 45.39 -18.38
N PRO R 117 -57.62 45.24 -18.43
CA PRO R 117 -56.91 45.59 -19.68
C PRO R 117 -57.40 44.74 -20.83
N CYS R 118 -57.34 45.32 -22.02
CA CYS R 118 -57.68 44.61 -23.24
C CYS R 118 -56.75 45.08 -24.36
N THR R 119 -56.88 44.45 -25.52
CA THR R 119 -56.06 44.85 -26.66
C THR R 119 -56.50 44.08 -27.89
N VAL R 120 -56.50 44.76 -29.03
CA VAL R 120 -56.93 44.18 -30.30
C VAL R 120 -55.90 44.59 -31.35
N THR R 121 -55.00 43.68 -31.68
CA THR R 121 -54.03 43.90 -32.76
C THR R 121 -54.66 43.43 -34.06
N THR R 122 -54.73 44.33 -35.04
CA THR R 122 -55.44 44.11 -36.29
C THR R 122 -54.48 43.89 -37.45
N ALA R 123 -54.97 43.20 -38.47
CA ALA R 123 -54.15 42.92 -39.64
C ALA R 123 -53.68 44.21 -40.31
N SER R 124 -54.54 45.22 -40.34
CA SER R 124 -54.18 46.52 -40.88
C SER R 124 -55.12 47.54 -40.27
N ALA R 125 -55.15 48.74 -40.86
CA ALA R 125 -56.04 49.79 -40.36
C ALA R 125 -57.43 49.21 -40.10
N LEU R 126 -58.15 49.84 -39.18
CA LEU R 126 -59.48 49.38 -38.80
C LEU R 126 -60.44 50.56 -38.78
N ASP R 127 -61.69 50.27 -39.17
CA ASP R 127 -62.77 51.23 -39.04
C ASP R 127 -63.07 51.49 -37.57
N GLU R 128 -63.94 52.47 -37.32
CA GLU R 128 -64.40 52.72 -35.96
C GLU R 128 -65.79 52.14 -35.68
N ALA R 129 -66.60 51.89 -36.71
CA ALA R 129 -67.80 51.08 -36.52
C ALA R 129 -67.42 49.65 -36.18
N THR R 130 -66.41 49.11 -36.85
CA THR R 130 -65.88 47.81 -36.47
C THR R 130 -65.40 47.83 -35.03
N LEU R 131 -64.77 48.92 -34.61
CA LEU R 131 -64.38 49.04 -33.21
C LEU R 131 -65.59 49.05 -32.29
N THR R 132 -66.69 49.64 -32.74
CA THR R 132 -67.91 49.64 -31.94
C THR R 132 -68.41 48.21 -31.73
N GLU R 133 -68.54 47.44 -32.81
CA GLU R 133 -68.96 46.05 -32.66
C GLU R 133 -67.97 45.27 -31.81
N LEU R 134 -66.68 45.55 -31.98
CA LEU R 134 -65.65 44.88 -31.19
C LEU R 134 -65.86 45.10 -29.70
N LYS R 135 -66.01 46.36 -29.29
CA LYS R 135 -66.22 46.64 -27.89
C LYS R 135 -67.50 45.98 -27.40
N THR R 136 -68.57 46.08 -28.18
CA THR R 136 -69.84 45.55 -27.74
C THR R 136 -69.81 44.04 -27.61
N VAL R 137 -68.90 43.37 -28.31
CA VAL R 137 -68.80 41.92 -28.18
C VAL R 137 -67.81 41.52 -27.09
N LEU R 138 -66.72 42.26 -26.95
CA LEU R 138 -65.75 41.95 -25.89
C LEU R 138 -66.37 42.15 -24.52
N LYS R 139 -67.25 43.15 -24.38
CA LYS R 139 -67.98 43.29 -23.13
C LYS R 139 -68.68 42.01 -22.73
N SER R 140 -68.84 41.06 -23.66
CA SER R 140 -69.44 39.78 -23.34
C SER R 140 -68.52 38.88 -22.52
N PHE R 141 -67.23 39.21 -22.42
CA PHE R 141 -66.29 38.39 -21.67
C PHE R 141 -66.18 38.80 -20.20
N LEU R 142 -66.44 40.06 -19.89
CA LEU R 142 -66.22 40.53 -18.53
C LEU R 142 -67.12 39.79 -17.55
N SER R 143 -66.95 40.11 -16.27
CA SER R 143 -67.89 39.69 -15.25
C SER R 143 -68.96 40.77 -15.13
N LYS R 144 -69.78 40.68 -14.08
CA LYS R 144 -70.89 41.61 -13.91
C LYS R 144 -70.39 42.83 -13.16
N GLY R 145 -70.04 43.88 -13.91
CA GLY R 145 -69.62 45.14 -13.31
C GLY R 145 -68.36 45.69 -13.93
N GLN R 146 -67.47 44.82 -14.37
CA GLN R 146 -66.18 45.25 -14.90
C GLN R 146 -66.39 46.23 -16.06
N VAL R 147 -65.28 46.86 -16.47
CA VAL R 147 -65.26 47.82 -17.57
C VAL R 147 -64.14 47.44 -18.51
N LEU R 148 -64.27 47.85 -19.76
CA LEU R 148 -63.30 47.51 -20.80
C LEU R 148 -62.46 48.73 -21.12
N LYS R 149 -61.15 48.54 -21.18
CA LYS R 149 -60.19 49.58 -21.54
C LYS R 149 -59.38 49.05 -22.72
N LEU R 150 -59.92 49.23 -23.91
CA LEU R 150 -59.36 48.64 -25.12
C LEU R 150 -58.36 49.58 -25.75
N GLU R 151 -57.13 49.11 -25.95
CA GLU R 151 -56.08 49.85 -26.61
C GLU R 151 -55.82 49.18 -27.96
N VAL R 152 -56.40 49.75 -29.02
CA VAL R 152 -56.23 49.18 -30.35
C VAL R 152 -54.79 49.36 -30.80
N LYS R 153 -54.36 48.49 -31.71
CA LYS R 153 -53.05 48.60 -32.32
C LYS R 153 -53.12 48.06 -33.73
N ILE R 154 -52.60 48.81 -34.68
CA ILE R 154 -52.52 48.37 -36.07
C ILE R 154 -51.26 47.55 -36.24
N ASP R 155 -51.33 46.49 -37.03
CA ASP R 155 -50.20 45.61 -37.26
C ASP R 155 -50.34 44.97 -38.64
N PRO R 156 -49.57 45.44 -39.63
CA PRO R 156 -49.51 44.72 -40.90
C PRO R 156 -48.53 43.56 -40.88
N SER R 157 -47.70 43.44 -39.83
CA SER R 157 -46.75 42.34 -39.76
C SER R 157 -47.47 41.01 -39.74
N ILE R 158 -48.61 40.93 -39.04
CA ILE R 158 -49.46 39.76 -39.13
C ILE R 158 -50.12 39.80 -40.50
N MET R 159 -50.74 38.69 -40.90
CA MET R 159 -51.31 38.59 -42.25
C MET R 159 -52.76 39.05 -42.27
N GLY R 160 -53.62 38.44 -41.46
CA GLY R 160 -55.02 38.78 -41.43
C GLY R 160 -55.62 38.66 -40.05
N GLY R 161 -56.94 38.63 -39.96
CA GLY R 161 -57.63 38.40 -38.71
C GLY R 161 -57.14 39.34 -37.62
N MET R 162 -57.19 38.86 -36.39
CA MET R 162 -56.78 39.71 -35.27
C MET R 162 -56.35 38.89 -34.07
N ILE R 163 -55.63 39.56 -33.18
CA ILE R 163 -55.17 39.01 -31.91
C ILE R 163 -55.83 39.81 -30.80
N VAL R 164 -56.55 39.13 -29.91
CA VAL R 164 -57.29 39.81 -28.86
C VAL R 164 -56.78 39.33 -27.51
N ARG R 165 -56.29 40.26 -26.70
CA ARG R 165 -55.90 40.01 -25.32
C ARG R 165 -56.94 40.63 -24.40
N ILE R 166 -57.31 39.89 -23.36
CA ILE R 166 -58.25 40.38 -22.35
C ILE R 166 -57.74 39.91 -21.00
N GLY R 167 -57.17 40.82 -20.22
CA GLY R 167 -56.47 40.42 -19.03
C GLY R 167 -55.31 39.52 -19.40
N GLU R 168 -55.44 38.22 -19.10
CA GLU R 168 -54.52 37.21 -19.60
C GLU R 168 -55.06 36.50 -20.84
N LYS R 169 -56.35 36.20 -20.85
CA LYS R 169 -56.94 35.38 -21.91
C LYS R 169 -56.55 35.92 -23.28
N TYR R 170 -55.96 35.05 -24.09
CA TYR R 170 -55.33 35.46 -25.34
C TYR R 170 -55.89 34.59 -26.45
N VAL R 171 -56.60 35.21 -27.39
CA VAL R 171 -57.21 34.50 -28.51
C VAL R 171 -56.58 35.01 -29.78
N ASP R 172 -56.00 34.10 -30.54
CA ASP R 172 -55.20 34.44 -31.72
C ASP R 172 -55.90 33.87 -32.95
N MET R 173 -56.49 34.74 -33.75
CA MET R 173 -57.09 34.37 -35.02
C MET R 173 -56.49 35.23 -36.10
N SER R 174 -55.16 35.26 -36.16
CA SER R 174 -54.45 35.94 -37.21
C SER R 174 -54.08 34.92 -38.28
N ALA R 175 -54.34 35.27 -39.54
CA ALA R 175 -54.09 34.33 -40.62
C ALA R 175 -52.66 33.84 -40.61
N LYS R 176 -51.73 34.65 -40.13
CA LYS R 176 -50.33 34.24 -40.09
C LYS R 176 -50.16 32.94 -39.31
N THR R 177 -50.68 32.90 -38.09
CA THR R 177 -50.58 31.69 -37.28
C THR R 177 -51.34 30.54 -37.92
N LYS R 178 -52.45 30.82 -38.62
CA LYS R 178 -53.13 29.76 -39.34
C LYS R 178 -52.23 29.17 -40.41
N ILE R 179 -51.48 30.01 -41.13
CA ILE R 179 -50.59 29.52 -42.16
C ILE R 179 -49.50 28.65 -41.57
N GLN R 180 -48.83 29.14 -40.51
CA GLN R 180 -47.79 28.31 -39.94
C GLN R 180 -48.35 27.04 -39.31
N LYS R 181 -49.56 27.11 -38.73
CA LYS R 181 -50.17 25.91 -38.18
C LYS R 181 -50.45 24.88 -39.27
N LEU R 182 -51.00 25.34 -40.40
CA LEU R 182 -51.27 24.40 -41.48
C LEU R 182 -50.00 23.79 -42.04
N SER R 183 -48.97 24.63 -42.24
CA SER R 183 -47.70 24.10 -42.75
C SER R 183 -47.11 23.09 -41.78
N ARG R 184 -47.21 23.36 -40.48
CA ARG R 184 -46.77 22.39 -39.48
C ARG R 184 -47.55 21.10 -39.60
N ALA R 185 -48.88 21.20 -39.68
CA ALA R 185 -49.72 20.01 -39.65
C ALA R 185 -49.47 19.14 -40.87
N MET R 186 -49.33 19.73 -42.05
CA MET R 186 -49.18 18.98 -43.27
C MET R 186 -47.72 18.71 -43.65
N ARG R 187 -46.78 19.15 -42.83
CA ARG R 187 -45.39 18.76 -43.01
C ARG R 187 -45.15 17.40 -42.34
N ASN S 163 -38.22 7.00 -54.56
CA ASN S 163 -38.50 7.75 -53.34
C ASN S 163 -37.87 9.13 -53.38
N MET S 164 -36.57 9.18 -53.64
CA MET S 164 -35.84 10.45 -53.59
C MET S 164 -36.53 11.52 -54.44
N MET S 165 -36.94 11.14 -55.65
CA MET S 165 -37.61 12.10 -56.51
C MET S 165 -38.91 12.58 -55.89
N ARG S 166 -39.69 11.66 -55.30
CA ARG S 166 -40.94 12.07 -54.67
C ARG S 166 -40.71 12.98 -53.47
N GLN S 167 -39.68 12.67 -52.67
CA GLN S 167 -39.36 13.53 -51.54
C GLN S 167 -39.01 14.93 -52.02
N LYS S 168 -38.16 15.03 -53.05
CA LYS S 168 -37.82 16.33 -53.61
C LYS S 168 -39.08 17.05 -54.11
N GLU S 169 -39.92 16.31 -54.84
CA GLU S 169 -41.10 16.93 -55.43
C GLU S 169 -41.98 17.52 -54.35
N GLN S 170 -42.34 16.73 -53.34
CA GLN S 170 -43.27 17.21 -52.33
C GLN S 170 -42.66 18.33 -51.50
N GLU S 171 -41.38 18.21 -51.13
CA GLU S 171 -40.77 19.25 -50.32
C GLU S 171 -40.60 20.54 -51.10
N HIS S 172 -40.64 20.49 -52.43
CA HIS S 172 -40.69 21.74 -53.19
C HIS S 172 -42.11 22.24 -53.39
N MET S 173 -43.06 21.33 -53.57
CA MET S 173 -44.46 21.72 -53.71
C MET S 173 -44.92 22.52 -52.50
N ILE S 174 -44.59 22.03 -51.31
CA ILE S 174 -45.04 22.68 -50.08
C ILE S 174 -44.51 24.11 -50.04
N ASN S 175 -43.21 24.29 -50.27
CA ASN S 175 -42.63 25.62 -50.19
C ASN S 175 -43.19 26.53 -51.26
N TRP S 176 -43.33 26.03 -52.49
CA TRP S 176 -43.85 26.87 -53.56
C TRP S 176 -45.24 27.37 -53.24
N VAL S 177 -46.12 26.47 -52.81
CA VAL S 177 -47.50 26.89 -52.61
C VAL S 177 -47.62 27.79 -51.37
N GLU S 178 -46.86 27.50 -50.31
CA GLU S 178 -46.94 28.38 -49.15
C GLU S 178 -46.41 29.77 -49.49
N LYS S 179 -45.36 29.85 -50.31
CA LYS S 179 -44.86 31.16 -50.72
C LYS S 179 -45.86 31.87 -51.62
N ARG S 180 -46.63 31.12 -52.40
CA ARG S 180 -47.72 31.73 -53.17
C ARG S 180 -48.80 32.25 -52.23
N VAL S 181 -49.10 31.51 -51.16
CA VAL S 181 -50.19 31.89 -50.27
C VAL S 181 -49.82 33.14 -49.47
N VAL S 182 -48.58 33.19 -48.95
CA VAL S 182 -48.15 34.33 -48.16
C VAL S 182 -48.15 35.62 -48.96
N GLN S 183 -48.28 35.54 -50.28
CA GLN S 183 -48.52 36.72 -51.11
C GLN S 183 -49.95 36.82 -51.62
N SER S 184 -50.71 35.71 -51.58
CA SER S 184 -52.11 35.75 -51.97
C SER S 184 -52.98 36.38 -50.90
N ILE S 185 -52.57 36.30 -49.64
CA ILE S 185 -53.38 36.84 -48.56
C ILE S 185 -53.47 38.36 -48.61
N SER S 186 -52.59 39.01 -49.37
CA SER S 186 -52.56 40.46 -49.48
C SER S 186 -53.75 41.04 -50.26
N ALA S 187 -54.75 40.23 -50.60
CA ALA S 187 -55.92 40.70 -51.34
C ALA S 187 -56.84 41.44 -50.36
N GLN S 188 -58.08 41.69 -50.78
CA GLN S 188 -58.99 42.59 -50.08
C GLN S 188 -60.18 41.83 -49.50
N GLN S 189 -59.90 40.68 -48.86
CA GLN S 189 -60.93 39.87 -48.22
C GLN S 189 -61.13 40.24 -46.76
N GLU S 190 -60.78 41.46 -46.35
CA GLU S 190 -60.70 41.79 -44.93
C GLU S 190 -62.05 41.65 -44.25
N LYS S 191 -63.12 42.10 -44.90
CA LYS S 191 -64.43 42.13 -44.25
C LYS S 191 -64.88 40.73 -43.87
N GLU S 192 -64.65 39.75 -44.74
CA GLU S 192 -65.03 38.37 -44.43
C GLU S 192 -64.28 37.88 -43.21
N THR S 193 -62.97 38.14 -43.14
CA THR S 193 -62.20 37.71 -41.99
C THR S 193 -62.70 38.36 -40.71
N ILE S 194 -62.95 39.66 -40.75
CA ILE S 194 -63.39 40.36 -39.54
C ILE S 194 -64.73 39.82 -39.07
N ALA S 195 -65.68 39.60 -40.00
CA ALA S 195 -66.96 39.05 -39.61
C ALA S 195 -66.81 37.66 -39.02
N LYS S 196 -65.97 36.83 -39.63
CA LYS S 196 -65.76 35.49 -39.10
C LYS S 196 -65.18 35.53 -37.71
N CYS S 197 -64.22 36.45 -37.48
CA CYS S 197 -63.60 36.54 -36.17
C CYS S 197 -64.58 37.04 -35.12
N ILE S 198 -65.47 37.96 -35.49
CA ILE S 198 -66.47 38.41 -34.54
C ILE S 198 -67.44 37.28 -34.20
N ALA S 199 -67.79 36.45 -35.20
CA ALA S 199 -68.59 35.28 -34.90
C ALA S 199 -67.85 34.33 -33.96
N ASP S 200 -66.55 34.17 -34.18
CA ASP S 200 -65.74 33.32 -33.31
C ASP S 200 -65.75 33.87 -31.89
N LEU S 201 -65.70 35.20 -31.75
CA LEU S 201 -65.85 35.80 -30.44
C LEU S 201 -67.19 35.46 -29.83
N LYS S 202 -68.26 35.52 -30.63
CA LYS S 202 -69.57 35.14 -30.13
C LYS S 202 -69.53 33.74 -29.54
N LEU S 203 -69.00 32.79 -30.31
CA LEU S 203 -68.98 31.40 -29.87
C LEU S 203 -68.07 31.20 -28.66
N LEU S 204 -66.91 31.85 -28.64
CA LEU S 204 -66.00 31.67 -27.51
C LEU S 204 -66.60 32.24 -26.24
N SER S 205 -67.10 33.48 -26.30
CA SER S 205 -67.76 34.05 -25.14
C SER S 205 -68.88 33.14 -24.65
N LYS S 206 -69.69 32.62 -25.57
CA LYS S 206 -70.76 31.73 -25.16
C LYS S 206 -70.22 30.51 -24.44
N LYS S 207 -69.16 29.90 -24.99
CA LYS S 207 -68.62 28.66 -24.46
C LYS S 207 -67.54 28.89 -23.40
N ALA S 208 -67.21 30.14 -23.10
CA ALA S 208 -66.17 30.45 -22.12
C ALA S 208 -66.68 30.56 -20.70
N GLN S 209 -67.99 30.50 -20.48
CA GLN S 209 -68.56 30.64 -19.14
C GLN S 209 -69.23 29.35 -18.70
N ASP T 5 -67.69 24.04 -42.36
CA ASP T 5 -66.89 23.38 -43.39
C ASP T 5 -66.46 24.38 -44.46
N PRO T 6 -67.37 25.28 -44.88
CA PRO T 6 -66.98 26.31 -45.85
C PRO T 6 -66.40 27.56 -45.22
N VAL T 7 -66.43 27.68 -43.89
CA VAL T 7 -66.08 28.93 -43.23
C VAL T 7 -64.61 29.27 -43.40
N GLN T 8 -63.74 28.26 -43.41
CA GLN T 8 -62.30 28.49 -43.34
C GLN T 8 -61.83 29.21 -44.61
N LYS T 9 -61.25 30.39 -44.43
CA LYS T 9 -60.77 31.17 -45.56
C LYS T 9 -59.38 30.70 -46.00
N LEU T 10 -58.39 30.82 -45.11
CA LEU T 10 -57.02 30.52 -45.51
C LEU T 10 -56.79 29.02 -45.71
N PHE T 11 -57.46 28.18 -44.92
CA PHE T 11 -57.35 26.74 -45.11
C PHE T 11 -57.80 26.32 -46.50
N VAL T 12 -59.02 26.73 -46.88
CA VAL T 12 -59.49 26.36 -48.20
C VAL T 12 -58.74 27.14 -49.28
N ASP T 13 -58.13 28.27 -48.94
CA ASP T 13 -57.25 28.95 -49.88
C ASP T 13 -56.05 28.06 -50.19
N LYS T 14 -55.44 27.49 -49.16
CA LYS T 14 -54.36 26.54 -49.37
C LYS T 14 -54.83 25.39 -50.24
N ILE T 15 -56.05 24.90 -49.98
CA ILE T 15 -56.55 23.76 -50.76
C ILE T 15 -56.70 24.15 -52.23
N ARG T 16 -57.27 25.32 -52.50
CA ARG T 16 -57.44 25.76 -53.88
C ARG T 16 -56.10 25.93 -54.57
N GLU T 17 -55.13 26.53 -53.87
CA GLU T 17 -53.80 26.68 -54.43
C GLU T 17 -53.16 25.33 -54.72
N TYR T 18 -53.41 24.33 -53.87
CA TYR T 18 -52.85 23.02 -54.13
C TYR T 18 -53.51 22.35 -55.33
N ARG T 19 -54.82 22.55 -55.51
CA ARG T 19 -55.45 22.06 -56.72
C ARG T 19 -54.85 22.73 -57.95
N THR T 20 -54.65 24.04 -57.89
CA THR T 20 -54.11 24.77 -59.02
C THR T 20 -52.69 24.31 -59.36
N LYS T 21 -51.86 24.10 -58.33
CA LYS T 21 -50.50 23.63 -58.58
C LYS T 21 -50.47 22.16 -58.98
N ARG T 22 -51.48 21.39 -58.59
CA ARG T 22 -51.62 20.02 -59.07
C ARG T 22 -51.85 20.02 -60.58
N GLN T 23 -52.82 20.80 -61.04
CA GLN T 23 -53.07 20.87 -62.48
C GLN T 23 -51.82 21.35 -63.22
N THR T 24 -50.99 22.17 -62.56
CA THR T 24 -49.77 22.67 -63.20
C THR T 24 -48.81 21.54 -63.53
N SER T 25 -48.96 20.38 -62.89
CA SER T 25 -48.12 19.22 -63.17
C SER T 25 -48.79 18.40 -64.27
N GLY T 26 -48.14 18.30 -65.41
CA GLY T 26 -48.68 17.59 -66.55
C GLY T 26 -48.46 18.33 -67.85
N ASP U 1 75.75 -108.58 6.34
CA ASP U 1 76.07 -107.33 5.59
C ASP U 1 75.57 -106.09 6.30
N ILE U 2 76.18 -104.95 5.99
CA ILE U 2 75.73 -103.65 6.49
C ILE U 2 75.56 -102.62 5.39
N ASP U 3 76.11 -102.84 4.19
CA ASP U 3 75.91 -101.90 3.09
C ASP U 3 74.43 -101.72 2.80
N THR U 4 73.70 -102.82 2.58
CA THR U 4 72.28 -102.73 2.32
C THR U 4 71.53 -102.16 3.51
N ALA U 5 71.92 -102.57 4.72
CA ALA U 5 71.30 -102.02 5.91
C ALA U 5 71.52 -100.51 5.98
N ALA U 6 72.74 -100.07 5.66
CA ALA U 6 73.00 -98.64 5.63
C ALA U 6 72.14 -97.93 4.60
N LYS U 7 71.95 -98.54 3.43
CA LYS U 7 71.11 -97.94 2.40
C LYS U 7 69.68 -97.76 2.91
N PHE U 8 69.14 -98.80 3.55
CA PHE U 8 67.78 -98.72 4.05
C PHE U 8 67.65 -97.66 5.14
N ILE U 9 68.61 -97.61 6.06
CA ILE U 9 68.59 -96.59 7.10
C ILE U 9 68.65 -95.20 6.48
N GLY U 10 69.55 -95.02 5.50
CA GLY U 10 69.69 -93.72 4.87
C GLY U 10 68.42 -93.28 4.18
N ALA U 11 67.77 -94.19 3.44
CA ALA U 11 66.50 -93.83 2.80
C ALA U 11 65.46 -93.45 3.85
N GLY U 12 65.38 -94.23 4.93
CA GLY U 12 64.38 -93.96 5.95
C GLY U 12 64.56 -92.61 6.62
N ALA U 13 65.80 -92.24 6.91
CA ALA U 13 66.08 -90.96 7.55
C ALA U 13 66.23 -89.82 6.54
N ALA U 14 66.22 -90.11 5.25
CA ALA U 14 66.36 -89.10 4.22
C ALA U 14 65.01 -88.65 3.66
N THR U 15 64.18 -89.58 3.20
CA THR U 15 62.88 -89.19 2.66
C THR U 15 62.04 -88.40 3.65
N VAL U 16 62.46 -88.31 4.91
CA VAL U 16 61.74 -87.54 5.91
C VAL U 16 61.62 -86.08 5.50
N GLY U 17 62.71 -85.49 5.01
CA GLY U 17 62.81 -84.05 4.83
C GLY U 17 61.65 -83.41 4.09
N VAL U 18 60.87 -84.21 3.36
CA VAL U 18 59.73 -83.69 2.61
C VAL U 18 58.59 -83.23 3.52
N ALA U 19 58.63 -83.56 4.81
CA ALA U 19 57.62 -83.03 5.72
C ALA U 19 57.68 -81.51 5.76
N GLY U 20 58.89 -80.95 5.80
CA GLY U 20 59.01 -79.51 5.80
C GLY U 20 58.40 -78.89 4.55
N SER U 21 58.61 -79.53 3.39
CA SER U 21 57.99 -79.04 2.17
C SER U 21 56.47 -79.16 2.23
N GLY U 22 55.96 -80.20 2.89
CA GLY U 22 54.53 -80.32 3.06
C GLY U 22 53.96 -79.18 3.89
N ALA U 23 54.62 -78.86 5.00
CA ALA U 23 54.21 -77.71 5.79
C ALA U 23 54.31 -76.43 4.96
N GLY U 24 55.34 -76.33 4.13
CA GLY U 24 55.50 -75.14 3.31
C GLY U 24 54.36 -74.96 2.34
N ILE U 25 53.97 -76.03 1.64
CA ILE U 25 52.86 -75.92 0.71
C ILE U 25 51.56 -75.65 1.45
N GLY U 26 51.38 -76.27 2.62
CA GLY U 26 50.19 -75.97 3.40
C GLY U 26 50.09 -74.50 3.72
N THR U 27 51.20 -73.90 4.15
CA THR U 27 51.19 -72.47 4.46
C THR U 27 50.95 -71.66 3.19
N VAL U 28 51.56 -72.06 2.07
CA VAL U 28 51.39 -71.32 0.83
C VAL U 28 49.93 -71.28 0.44
N PHE U 29 49.25 -72.43 0.52
CA PHE U 29 47.86 -72.44 0.09
C PHE U 29 46.95 -71.80 1.11
N GLY U 30 47.28 -71.83 2.39
CA GLY U 30 46.50 -71.07 3.35
C GLY U 30 46.57 -69.58 3.07
N SER U 31 47.77 -69.08 2.83
CA SER U 31 47.92 -67.69 2.43
C SER U 31 47.23 -67.42 1.10
N LEU U 32 47.16 -68.42 0.20
CA LEU U 32 46.39 -68.25 -1.03
C LEU U 32 44.91 -68.04 -0.73
N ILE U 33 44.35 -68.85 0.18
CA ILE U 33 42.95 -68.67 0.53
C ILE U 33 42.73 -67.27 1.08
N ILE U 34 43.61 -66.83 1.98
CA ILE U 34 43.48 -65.50 2.56
C ILE U 34 43.57 -64.43 1.47
N GLY U 35 44.56 -64.56 0.59
CA GLY U 35 44.79 -63.56 -0.43
C GLY U 35 43.63 -63.46 -1.40
N TYR U 36 43.03 -64.59 -1.77
CA TYR U 36 41.86 -64.55 -2.63
C TYR U 36 40.68 -63.92 -1.90
N ALA U 37 40.42 -64.35 -0.67
CA ALA U 37 39.32 -63.76 0.09
C ALA U 37 39.45 -62.26 0.18
N ARG U 38 40.69 -61.75 0.21
CA ARG U 38 40.88 -60.30 0.28
C ARG U 38 40.45 -59.63 -1.02
N ASN U 39 41.13 -59.94 -2.12
CA ASN U 39 40.95 -59.25 -3.40
C ASN U 39 40.73 -60.24 -4.53
N PRO U 40 39.48 -60.60 -4.82
CA PRO U 40 39.22 -61.47 -5.96
C PRO U 40 39.55 -60.83 -7.30
N SER U 41 40.03 -59.59 -7.28
CA SER U 41 40.44 -58.87 -8.48
C SER U 41 41.83 -59.27 -8.95
N LEU U 42 42.47 -60.24 -8.31
CA LEU U 42 43.85 -60.58 -8.62
C LEU U 42 44.04 -62.08 -8.84
N M3L U 43 42.95 -62.79 -9.07
CA M3L U 43 42.97 -64.24 -9.10
CB M3L U 43 41.63 -64.81 -9.59
CG M3L U 43 41.42 -66.21 -9.03
CD M3L U 43 39.96 -66.64 -9.18
CE M3L U 43 39.81 -67.53 -10.42
NZ M3L U 43 38.47 -67.56 -11.10
C M3L U 43 44.05 -64.89 -9.94
O M3L U 43 44.69 -65.87 -9.59
CM1 M3L U 43 38.31 -66.41 -12.05
CM2 M3L U 43 37.34 -67.53 -10.11
CM3 M3L U 43 38.37 -68.83 -11.87
H M3L U 43 42.03 -62.42 -9.25
HA M3L U 43 43.14 -64.60 -8.04
HB2 M3L U 43 41.67 -64.85 -10.71
HB3 M3L U 43 40.79 -64.14 -9.30
HG2 M3L U 43 41.69 -66.22 -7.94
HG3 M3L U 43 42.09 -66.93 -9.55
HD2 M3L U 43 39.31 -65.73 -9.26
HD3 M3L U 43 39.66 -67.20 -8.25
HE2 M3L U 43 40.06 -68.59 -10.13
HE3 M3L U 43 40.57 -67.19 -11.19
HM11 M3L U 43 37.31 -66.47 -12.55
HM12 M3L U 43 39.12 -66.45 -12.82
HM13 M3L U 43 38.37 -65.44 -11.48
HM21 M3L U 43 36.51 -68.18 -10.48
HM22 M3L U 43 36.97 -66.48 -10.00
HM23 M3L U 43 37.69 -67.91 -9.11
HM31 M3L U 43 37.43 -68.84 -12.48
HM32 M3L U 43 38.37 -69.71 -11.16
HM33 M3L U 43 39.26 -68.92 -12.56
N GLN U 44 44.28 -64.30 -11.11
CA GLN U 44 45.27 -64.86 -12.03
C GLN U 44 46.69 -64.71 -11.48
N GLN U 45 47.01 -63.53 -10.94
CA GLN U 45 48.31 -63.33 -10.31
C GLN U 45 48.47 -64.23 -9.09
N LEU U 46 47.40 -64.39 -8.31
CA LEU U 46 47.45 -65.27 -7.15
C LEU U 46 47.74 -66.70 -7.58
N PHE U 47 47.06 -67.18 -8.62
CA PHE U 47 47.35 -68.51 -9.16
C PHE U 47 48.80 -68.61 -9.61
N SER U 48 49.29 -67.60 -10.33
CA SER U 48 50.66 -67.65 -10.83
C SER U 48 51.64 -67.81 -9.69
N TYR U 49 51.57 -66.93 -8.69
CA TYR U 49 52.50 -67.01 -7.58
C TYR U 49 52.33 -68.30 -6.78
N ALA U 50 51.10 -68.80 -6.63
CA ALA U 50 50.89 -70.02 -5.86
C ALA U 50 51.46 -71.25 -6.56
N ILE U 51 51.25 -71.38 -7.87
CA ILE U 51 51.84 -72.52 -8.58
C ILE U 51 53.35 -72.38 -8.61
N LEU U 52 53.86 -71.15 -8.71
CA LEU U 52 55.30 -70.97 -8.60
C LEU U 52 55.80 -71.44 -7.25
N GLY U 53 55.09 -71.10 -6.18
CA GLY U 53 55.49 -71.57 -4.86
C GLY U 53 55.45 -73.07 -4.75
N PHE U 54 54.40 -73.70 -5.29
CA PHE U 54 54.34 -75.15 -5.30
C PHE U 54 55.52 -75.76 -6.05
N ALA U 55 55.82 -75.25 -7.24
CA ALA U 55 56.94 -75.79 -8.01
C ALA U 55 58.23 -75.66 -7.22
N LEU U 56 58.52 -74.46 -6.73
CA LEU U 56 59.79 -74.15 -6.08
C LEU U 56 59.84 -74.61 -4.63
N SER U 57 58.77 -75.23 -4.12
CA SER U 57 58.78 -75.88 -2.82
C SER U 57 58.83 -77.38 -2.91
N GLU U 58 58.05 -77.99 -3.80
CA GLU U 58 58.21 -79.42 -4.03
C GLU U 58 59.56 -79.72 -4.65
N ALA U 59 60.14 -78.77 -5.39
CA ALA U 59 61.51 -78.96 -5.85
C ALA U 59 62.47 -79.07 -4.68
N MET U 60 62.28 -78.22 -3.67
CA MET U 60 63.10 -78.33 -2.46
C MET U 60 62.87 -79.66 -1.75
N GLY U 61 61.61 -80.08 -1.67
CA GLY U 61 61.31 -81.33 -1.00
C GLY U 61 61.94 -82.54 -1.68
N LEU U 62 61.90 -82.56 -3.01
CA LEU U 62 62.25 -83.77 -3.75
C LEU U 62 63.69 -84.19 -3.60
N PHE U 63 64.58 -83.33 -3.10
CA PHE U 63 66.00 -83.69 -3.08
C PHE U 63 66.30 -84.81 -2.11
N CYS U 64 65.61 -84.86 -0.96
CA CYS U 64 65.84 -85.99 -0.07
C CYS U 64 65.37 -87.30 -0.71
N LEU U 65 64.22 -87.26 -1.39
CA LEU U 65 63.76 -88.43 -2.13
C LEU U 65 64.79 -88.84 -3.17
N MET U 66 65.35 -87.87 -3.90
CA MET U 66 66.34 -88.16 -4.92
C MET U 66 67.61 -88.75 -4.30
N VAL U 67 68.03 -88.23 -3.15
CA VAL U 67 69.22 -88.75 -2.49
C VAL U 67 69.00 -90.20 -2.09
N ALA U 68 67.85 -90.49 -1.50
CA ALA U 68 67.55 -91.87 -1.13
C ALA U 68 67.49 -92.77 -2.36
N PHE U 69 66.89 -92.27 -3.45
CA PHE U 69 66.78 -93.04 -4.67
C PHE U 69 68.14 -93.36 -5.27
N LEU U 70 69.03 -92.37 -5.30
CA LEU U 70 70.38 -92.59 -5.82
C LEU U 70 71.15 -93.57 -4.92
N ILE U 71 70.97 -93.45 -3.60
CA ILE U 71 71.62 -94.37 -2.68
C ILE U 71 71.13 -95.80 -2.92
N LEU U 72 69.82 -95.96 -3.13
CA LEU U 72 69.25 -97.29 -3.26
C LEU U 72 69.62 -97.93 -4.60
N PHE U 73 69.21 -97.30 -5.70
CA PHE U 73 69.41 -97.92 -7.01
C PHE U 73 70.89 -98.05 -7.34
N ALA U 74 71.61 -96.93 -7.40
CA ALA U 74 72.98 -96.91 -7.90
C ALA U 74 74.00 -96.53 -6.83
N MET U 75 73.62 -96.58 -5.55
CA MET U 75 74.57 -96.33 -4.47
C MET U 75 75.19 -94.94 -4.60
PG ATP V . -19.24 3.21 -23.25
O1G ATP V . -19.16 3.21 -21.75
O2G ATP V . -20.62 3.44 -23.81
O3G ATP V . -18.15 3.99 -23.91
PB ATP V . -19.65 0.57 -22.72
O1B ATP V . -19.17 0.77 -21.32
O2B ATP V . -21.13 0.60 -23.01
O3B ATP V . -18.94 1.69 -23.61
PA ATP V . -19.53 -1.38 -24.69
O1A ATP V . -20.59 -2.41 -24.46
O2A ATP V . -19.82 -0.20 -25.56
O3A ATP V . -19.06 -0.82 -23.27
O5' ATP V . -18.26 -2.17 -25.23
C5' ATP V . -16.96 -1.59 -25.28
C4' ATP V . -16.05 -2.58 -25.97
O4' ATP V . -15.98 -3.79 -25.21
C3' ATP V . -16.56 -2.94 -27.36
O3' ATP V . -15.71 -2.41 -28.36
C2' ATP V . -16.54 -4.45 -27.40
O2' ATP V . -15.74 -4.88 -28.51
C1' ATP V . -15.92 -4.91 -26.11
N9 ATP V . -16.66 -6.06 -25.56
C8 ATP V . -17.74 -5.98 -24.75
N7 ATP V . -18.17 -7.22 -24.42
C5 ATP V . -17.36 -8.10 -25.01
C6 ATP V . -17.27 -9.55 -25.06
N6 ATP V . -18.16 -10.31 -24.39
N1 ATP V . -16.26 -10.09 -25.78
C2 ATP V . -15.38 -9.34 -26.45
N3 ATP V . -15.41 -8.00 -26.44
C4 ATP V . -16.37 -7.34 -25.76
H5'1 ATP V . -16.61 -1.39 -24.26
H5'2 ATP V . -17.00 -0.65 -25.83
H4' ATP V . -15.04 -2.13 -26.06
H3' ATP V . -17.59 -2.58 -27.47
HO3' ATP V . -16.13 -2.49 -29.23
H2' ATP V . -17.57 -4.83 -27.49
HO2' ATP V . -16.20 -4.70 -29.34
H1' ATP V . -14.87 -5.18 -26.28
H8 ATP V . -18.20 -5.06 -24.43
HN61 ATP V . -18.89 -9.88 -23.86
HN62 ATP V . -18.09 -11.33 -24.43
H2 ATP V . -14.60 -9.83 -27.02
MG MG W . -22.41 2.21 -23.72
PG ATP X . -17.81 8.86 26.10
O1G ATP X . -18.32 8.37 27.42
O2G ATP X . -17.81 10.36 26.01
O3G ATP X . -18.35 8.15 24.90
PB ATP X . -15.64 8.30 27.60
O1B ATP X . -14.15 8.11 27.50
O2B ATP X . -16.20 9.41 28.43
O3B ATP X . -16.26 8.47 26.14
PA ATP X . -16.17 6.55 29.66
O1A ATP X . -15.00 7.30 30.20
O2A ATP X . -17.52 6.72 30.27
O3A ATP X . -16.24 6.91 28.10
O5' ATP X . -15.79 5.00 29.68
C5' ATP X . -16.37 4.06 28.79
C4' ATP X . -16.27 2.69 29.41
O4' ATP X . -14.95 2.49 29.91
C3' ATP X . -17.21 2.55 30.59
O3' ATP X . -17.99 1.36 30.47
C2' ATP X . -16.32 2.45 31.81
O2' ATP X . -16.83 1.53 32.77
C1' ATP X . -15.00 1.98 31.23
N9 ATP X . -13.87 2.48 32.04
C8 ATP X . -13.46 3.76 32.06
N7 ATP X . -12.41 3.90 32.90
C5 ATP X . -12.16 2.70 33.43
C6 ATP X . -11.19 2.15 34.40
N6 ATP X . -10.27 2.95 34.97
N1 ATP X . -11.27 0.85 34.69
C2 ATP X . -12.19 0.05 34.13
N3 ATP X . -13.09 0.48 33.25
C4 ATP X . -13.13 1.78 32.87
H5'1 ATP X . -15.85 4.08 27.82
H5'2 ATP X . -17.42 4.32 28.61
H4' ATP X . -16.51 1.93 28.66
H3' ATP X . -17.85 3.43 30.67
HO3' ATP X . -18.66 1.34 31.16
H2' ATP X . -16.19 3.45 32.25
HO2' ATP X . -17.66 1.88 33.12
H1' ATP X . -14.99 0.88 31.22
H8 ATP X . -13.89 4.55 31.47
HN61 ATP X . -10.23 3.93 34.73
HN62 ATP X . -9.61 2.57 35.63
H2 ATP X . -12.19 -1.00 34.41
MG MG Y . -17.66 10.99 28.10
PG ATP Z . 12.94 31.81 -3.16
O1G ATP Z . 12.93 31.74 -1.66
O2G ATP Z . 12.87 33.17 -3.74
O3G ATP Z . 12.03 30.80 -3.81
PB ATP Z . 14.48 30.51 -4.97
O1B ATP Z . 13.66 29.28 -4.77
O2B ATP Z . 14.15 31.49 -6.05
O3B ATP Z . 14.39 31.32 -3.60
PA ATP Z . 17.24 30.99 -4.69
O1A ATP Z . 16.81 32.02 -3.70
O2A ATP Z . 17.95 31.48 -5.92
O3A ATP Z . 16.02 30.04 -5.05
O5' ATP Z . 18.22 29.95 -3.96
C5' ATP Z . 18.25 29.84 -2.54
C4' ATP Z . 19.62 29.35 -2.11
O4' ATP Z . 20.03 28.25 -2.90
C3' ATP Z . 20.65 30.45 -2.29
O3' ATP Z . 21.10 30.96 -1.04
C2' ATP Z . 21.80 29.81 -3.03
O2' ATP Z . 23.02 29.99 -2.33
C1' ATP Z . 21.45 28.34 -3.12
N9 ATP Z . 21.82 27.87 -4.47
C8 ATP Z . 21.07 28.00 -5.56
N7 ATP Z . 21.72 27.49 -6.64
C5 ATP Z . 22.90 27.03 -6.23
C6 ATP Z . 24.04 26.37 -6.86
N6 ATP Z . 24.04 26.10 -8.17
N1 ATP Z . 25.09 26.05 -6.07
C2 ATP Z . 25.10 26.32 -4.76
N3 ATP Z . 24.08 26.92 -4.13
C4 ATP Z . 22.97 27.29 -4.80
H5'1 ATP Z . 17.48 29.13 -2.22
H5'2 ATP Z . 18.04 30.80 -2.08
H4' ATP Z . 19.58 29.07 -1.05
H3' ATP Z . 20.23 31.26 -2.90
HO3' ATP Z . 21.63 31.75 -1.19
H2' ATP Z . 21.86 30.23 -4.04
HO2' ATP Z . 23.29 30.91 -2.38
H1' ATP Z . 21.99 27.78 -2.34
H8 ATP Z . 20.10 28.45 -5.59
HN61 ATP Z . 23.23 26.35 -8.74
HN62 ATP Z . 24.84 25.65 -8.61
H2 ATP Z . 25.96 26.03 -4.18
MG MG AA . 13.80 33.61 -5.66
PB ADP BA . 1.35 18.42 -26.32
O1B ADP BA . 1.02 17.02 -26.70
O2B ADP BA . 1.02 19.45 -27.36
O3B ADP BA . 0.96 18.80 -24.92
PA ADP BA . 3.74 18.19 -27.63
O1A ADP BA . 3.07 17.07 -28.37
O2A ADP BA . 3.96 19.51 -28.31
O3A ADP BA . 2.94 18.43 -26.28
O5' ADP BA . 5.14 17.65 -27.09
C5' ADP BA . 6.29 17.79 -27.89
C4' ADP BA . 7.44 17.14 -27.15
O4' ADP BA . 7.15 15.76 -26.97
C3' ADP BA . 8.72 17.25 -27.94
O3' ADP BA . 9.59 18.19 -27.33
C2' ADP BA . 9.32 15.86 -27.92
O2' ADP BA . 10.44 15.81 -27.05
C1' ADP BA . 8.25 14.95 -27.38
N9 ADP BA . 7.81 14.02 -28.44
C8 ADP BA . 6.55 13.90 -28.91
N7 ADP BA . 6.49 12.96 -29.87
C5 ADP BA . 7.72 12.45 -30.04
C6 ADP BA . 8.35 11.43 -30.89
N6 ADP BA . 7.62 10.74 -31.79
N1 ADP BA . 9.66 11.22 -30.73
C2 ADP BA . 10.40 11.90 -29.84
N3 ADP BA . 9.88 12.85 -29.04
C4 ADP BA . 8.58 13.16 -29.08
H5'1 ADP BA . 6.50 18.85 -28.05
H5'2 ADP BA . 6.14 17.31 -28.86
H4' ADP BA . 7.57 17.64 -26.18
H3' ADP BA . 8.49 17.54 -28.98
HO3' ADP BA . 10.35 18.34 -27.91
H2' ADP BA . 9.60 15.58 -28.94
HO2' ADP BA . 11.17 16.33 -27.43
H1' ADP BA . 8.65 14.38 -26.52
H8 ADP BA . 5.71 14.49 -28.56
HN61 ADP BA . 6.63 10.92 -31.89
HN62 ADP BA . 8.08 10.04 -32.36
H2 ADP BA . 11.45 11.68 -29.75
MG MG CA . 0.15 21.15 -28.41
PB ADP DA . -31.03 -11.17 5.41
O1B ADP DA . -30.21 -12.17 4.64
O2B ADP DA . -30.82 -9.74 5.02
O3B ADP DA . -31.10 -11.43 6.89
PA ADP DA . -33.26 -12.83 5.40
O1A ADP DA . -33.40 -12.77 6.90
O2A ADP DA . -34.49 -13.02 4.55
O3A ADP DA . -32.52 -11.50 4.91
O5' ADP DA . -32.23 -14.03 5.08
C5' ADP DA . -31.40 -14.57 6.09
C4' ADP DA . -30.99 -15.99 5.75
O4' ADP DA . -30.13 -16.50 6.76
C3' ADP DA . -32.19 -16.94 5.67
O3' ADP DA . -32.49 -17.28 4.31
C2' ADP DA . -31.80 -18.16 6.47
O2' ADP DA . -31.60 -19.28 5.60
C1' ADP DA . -30.51 -17.81 7.18
N9 ADP DA . -30.74 -17.82 8.64
C8 ADP DA . -30.90 -16.73 9.40
N7 ADP DA . -31.09 -17.09 10.70
C5 ADP DA . -31.06 -18.42 10.76
C6 ADP DA . -31.20 -19.44 11.82
N6 ADP DA . -31.42 -19.09 13.12
N1 ADP DA . -31.10 -20.73 11.47
C2 ADP DA . -30.89 -21.10 10.20
N3 ADP DA . -30.75 -20.23 9.19
C4 ADP DA . -30.83 -18.90 9.41
H5'1 ADP DA . -31.92 -14.57 7.04
H5'2 ADP DA . -30.50 -13.95 6.20
H4' ADP DA . -30.47 -15.99 4.77
H3' ADP DA . -33.05 -16.45 6.14
HO3' ADP DA . -33.33 -17.76 4.29
H2' ADP DA . -32.57 -18.38 7.21
HO2' ADP DA . -32.43 -19.55 5.22
H1' ADP DA . -29.74 -18.54 6.90
H8 ADP DA . -30.88 -15.71 9.04
HN61 ADP DA . -31.49 -18.11 13.36
HN62 ADP DA . -31.50 -19.80 13.83
H2 ADP DA . -30.80 -22.16 9.98
PB ADP EA . 4.02 25.70 20.96
O1B ADP EA . 5.33 25.44 20.26
O2B ADP EA . 3.81 27.10 21.44
O3B ADP EA . 2.85 25.10 20.27
PA ADP EA . 5.50 24.82 23.16
O1A ADP EA . 6.67 24.94 22.22
O2A ADP EA . 5.39 25.74 24.33
O3A ADP EA . 4.15 24.85 22.31
O5' ADP EA . 5.50 23.33 23.69
C5' ADP EA . 6.34 23.00 24.79
C4' ADP EA . 6.44 21.50 24.92
O4' ADP EA . 7.32 20.98 23.93
C3' ADP EA . 7.03 21.15 26.27
O3' ADP EA . 6.00 20.66 27.13
C2' ADP EA . 8.06 20.09 25.98
O2' ADP EA . 7.57 18.81 26.35
C1' ADP EA . 8.32 20.13 24.49
N9 ADP EA . 9.66 20.70 24.22
C8 ADP EA . 9.90 21.79 23.49
N7 ADP EA . 11.23 22.05 23.44
C5 ADP EA . 11.85 21.12 24.15
C6 ADP EA . 13.25 20.81 24.52
N6 ADP EA . 14.26 21.56 24.09
N1 ADP EA . 13.46 19.73 25.29
C2 ADP EA . 12.46 18.96 25.74
N3 ADP EA . 11.17 19.18 25.44
C4 ADP EA . 10.81 20.23 24.67
H5'1 ADP EA . 5.92 23.42 25.71
H5'2 ADP EA . 7.33 23.43 24.64
H4' ADP EA . 5.45 21.05 24.82
H3' ADP EA . 7.51 22.03 26.70
HO3' ADP EA . 6.37 20.56 28.02
H2' ADP EA . 8.98 20.33 26.53
HO2' ADP EA . 7.50 18.74 27.30
H1' ADP EA . 8.24 19.12 24.08
H8 ADP EA . 9.14 22.38 22.99
HN61 ADP EA . 14.08 22.37 23.51
HN62 ADP EA . 15.21 21.34 24.35
H2 ADP EA . 12.70 18.10 26.36
MG MG FA . 3.31 29.09 22.19
#